data_4DUW
#
_entry.id   4DUW
#
_cell.length_a   151.826
_cell.length_b   162.635
_cell.length_c   203.692
_cell.angle_alpha   90.00
_cell.angle_beta   90.00
_cell.angle_gamma   90.00
#
_symmetry.space_group_name_H-M   'P 21 21 21'
#
loop_
_entity.id
_entity.type
_entity.pdbx_description
1 polymer Beta-galactosidase
2 branched beta-D-galactopyranose-(1-6)-beta-D-glucopyranose
3 non-polymer 'MAGNESIUM ION'
4 non-polymer 'SODIUM ION'
5 non-polymer 'DIMETHYL SULFOXIDE'
6 water water
#
_entity_poly.entity_id   1
_entity_poly.type   'polypeptide(L)'
_entity_poly.pdbx_seq_one_letter_code
;MGGSHHHHHHGMASMTGGQQMGRDLYDDDDKDPMIDPVVLQRRDWENPGVTQLNRLAAHPPFASWRNSEEARTDRPSQQL
RSLNGEWRFAWFPAPEAVPESWLECDLPEADTVVVPSNWQMHGYDAPIYTNVTYPITVNPPFVPTENPTGCYSLTFNVDE
SWLQEGQTRIIFDGVNSAFHLWCNGRWVGYGQDSRLPSEFDLSAFLRAGENRLAVMVLRWSDGSYLEDQDMWRMSGIFRD
VSLLHKPTTQISDFHVATRFNDDFSRAVLEAEVQMCGELRDYLRVTVSLWQGETQVASGTAPFGGEIIDERGGYADRVTL
RLNVENPKLWSAEIPNLYRAVVELHTADGTLIEAEACDVGFREVRIENGLLLLNGKPLLIRGVNRHEHHPLHGQVMDEQT
MVQDILLMKQNNFNAVRCSHYPNHPLWYTLCDRYGLYVVDEANIETHGMVPMNRLTDDPRWLPAMSERVTRMVQRDRNHP
SVIIWSLGNESGHGANHDALYRWIKSVDPSRPVQYEGGGADTTATDIICPMYARVDEDQPFPAVPKWSIKKWLSLPGETR
PLILCEYAHAMGNSLGGFAKYWQAFRQYPRLQGGFVWDWVDQSLIKYDENGNPWSAYGGDFGDTPNDRQFCMNGLVFADR
TPHPALTEAKHQQQFFQFRLSGQTIEVTSEYLFRHSDNELLHWMVALDGKPLASGEVPLDVAPQGKQLIELPELPQPESA
GQLWLTVRVVQPNATAWSEAGHISAWQQWRLAENLSVTLPAASHAIPHLTTSEMDFCIELGNKRWQFNRQSGFLSQMWIG
DKKQLLTPLRDQFTRAPLDNDIAVSEATRIDPNAWVERWKAAGHYQAEAALLQCTADTLADAVLITTAHAWQHQGKTLFI
SRKTYRIDGSGQMAITVDVEVASDTPHPARIGLNCQLAQVAERVNWLGLGPQENYPDRLTAACFDRWDLPLSDMYTPYVF
PSENGLRCGTRELNYGPHQWRGDFQFNISRYSQQQLMETSHRHLLHAEEGTWLNIDGFHMGIGGDDSWSPSVSAEFQLSA
GRYHYQLVWCQK
;
_entity_poly.pdbx_strand_id   A,B,C,D
#
# COMPACT_ATOMS: atom_id res chain seq x y z
N VAL A 38 -41.17 -40.07 13.10
CA VAL A 38 -40.70 -38.66 12.97
C VAL A 38 -39.90 -38.46 11.68
N VAL A 39 -39.24 -39.53 11.24
CA VAL A 39 -38.30 -39.49 10.13
C VAL A 39 -38.97 -39.16 8.79
N LEU A 40 -40.03 -39.89 8.47
CA LEU A 40 -40.81 -39.63 7.24
C LEU A 40 -41.61 -38.33 7.35
N GLN A 41 -41.87 -37.89 8.58
CA GLN A 41 -42.66 -36.70 8.84
C GLN A 41 -41.83 -35.40 8.79
N ARG A 42 -40.56 -35.49 9.16
CA ARG A 42 -39.69 -34.31 9.16
C ARG A 42 -39.16 -33.94 7.78
N ARG A 43 -38.93 -34.93 6.93
CA ARG A 43 -38.39 -34.71 5.57
C ARG A 43 -37.16 -33.80 5.62
N ASP A 44 -36.08 -34.32 6.22
CA ASP A 44 -34.85 -33.57 6.42
C ASP A 44 -34.09 -33.35 5.11
N TRP A 45 -34.38 -34.18 4.12
CA TRP A 45 -33.79 -34.08 2.78
C TRP A 45 -34.44 -32.99 1.92
N GLU A 46 -35.35 -32.21 2.51
CA GLU A 46 -35.94 -31.06 1.85
C GLU A 46 -35.81 -29.83 2.74
N ASN A 47 -34.72 -29.77 3.49
CA ASN A 47 -34.45 -28.71 4.44
C ASN A 47 -32.95 -28.41 4.41
N PRO A 48 -32.55 -27.27 3.81
CA PRO A 48 -31.12 -26.92 3.77
C PRO A 48 -30.58 -26.52 5.14
N GLY A 49 -31.50 -26.34 6.09
CA GLY A 49 -31.15 -26.05 7.48
C GLY A 49 -30.74 -27.27 8.29
N VAL A 50 -31.05 -28.45 7.74
CA VAL A 50 -30.62 -29.73 8.30
C VAL A 50 -29.73 -30.42 7.27
N THR A 51 -28.44 -30.48 7.58
CA THR A 51 -27.48 -31.13 6.70
C THR A 51 -26.95 -32.39 7.39
N GLN A 52 -27.25 -32.52 8.68
CA GLN A 52 -26.87 -33.69 9.46
C GLN A 52 -27.66 -33.76 10.77
N LEU A 53 -27.67 -34.95 11.38
CA LEU A 53 -28.19 -35.14 12.73
C LEU A 53 -27.32 -36.15 13.45
N ASN A 54 -26.79 -35.75 14.61
CA ASN A 54 -25.89 -36.59 15.42
C ASN A 54 -24.58 -36.97 14.74
N ARG A 55 -24.17 -36.22 13.72
CA ARG A 55 -22.90 -36.48 13.06
C ARG A 55 -21.74 -35.96 13.91
N LEU A 56 -20.66 -36.74 13.98
CA LEU A 56 -19.47 -36.34 14.71
C LEU A 56 -18.69 -35.32 13.89
N ALA A 57 -18.01 -34.42 14.59
CA ALA A 57 -17.10 -33.45 13.99
C ALA A 57 -16.10 -34.07 13.01
N ALA A 58 -15.75 -33.31 11.98
CA ALA A 58 -14.75 -33.73 11.00
C ALA A 58 -13.32 -33.58 11.53
N HIS A 59 -12.40 -34.30 10.93
CA HIS A 59 -11.03 -34.40 11.42
C HIS A 59 -10.16 -35.09 10.37
N PRO A 60 -8.82 -34.98 10.48
CA PRO A 60 -7.90 -35.66 9.58
C PRO A 60 -7.97 -37.19 9.72
N PRO A 61 -7.43 -37.95 8.75
CA PRO A 61 -7.56 -39.42 8.80
C PRO A 61 -7.01 -40.02 10.10
N PHE A 62 -7.84 -40.86 10.73
CA PHE A 62 -7.52 -41.50 12.01
C PHE A 62 -7.48 -43.01 11.86
N ALA A 63 -6.65 -43.66 12.67
CA ALA A 63 -6.61 -45.12 12.72
C ALA A 63 -6.53 -45.66 14.15
N SER A 64 -6.31 -44.75 15.11
CA SER A 64 -6.20 -45.11 16.53
C SER A 64 -5.30 -46.32 16.77
N TRP A 65 -4.04 -46.21 16.35
CA TRP A 65 -3.05 -47.23 16.65
C TRP A 65 -2.86 -47.29 18.17
N ARG A 66 -2.51 -48.49 18.66
CA ARG A 66 -2.21 -48.67 20.07
C ARG A 66 -0.77 -49.12 20.22
N ASN A 67 -0.04 -49.00 19.11
CA ASN A 67 1.38 -49.26 19.06
C ASN A 67 2.01 -48.18 18.18
N SER A 68 3.00 -47.50 18.74
CA SER A 68 3.67 -46.38 18.07
C SER A 68 4.43 -46.78 16.82
N GLU A 69 4.98 -47.99 16.81
CA GLU A 69 5.73 -48.48 15.66
C GLU A 69 4.81 -48.76 14.46
N GLU A 70 3.59 -49.22 14.75
CA GLU A 70 2.60 -49.46 13.70
C GLU A 70 2.13 -48.13 13.10
N ALA A 71 1.95 -47.13 13.95
CA ALA A 71 1.66 -45.76 13.52
C ALA A 71 2.77 -45.24 12.61
N ARG A 72 4.02 -45.41 13.06
CA ARG A 72 5.17 -44.93 12.30
C ARG A 72 5.24 -45.53 10.90
N THR A 73 5.05 -46.85 10.79
CA THR A 73 5.21 -47.56 9.53
C THR A 73 3.98 -47.47 8.62
N ASP A 74 2.89 -46.93 9.15
CA ASP A 74 1.62 -46.81 8.41
C ASP A 74 1.02 -48.19 8.08
N ARG A 75 1.26 -49.15 8.96
CA ARG A 75 0.71 -50.50 8.80
C ARG A 75 -0.75 -50.52 9.26
N PRO A 76 -1.49 -51.62 8.93
CA PRO A 76 -2.90 -51.64 9.32
C PRO A 76 -3.12 -51.54 10.84
N SER A 77 -4.24 -50.93 11.22
CA SER A 77 -4.60 -50.81 12.62
C SER A 77 -5.73 -51.77 12.98
N GLN A 78 -5.57 -52.50 14.08
CA GLN A 78 -6.60 -53.41 14.59
C GLN A 78 -7.85 -52.64 15.02
N GLN A 79 -7.69 -51.34 15.25
CA GLN A 79 -8.80 -50.49 15.68
C GLN A 79 -9.56 -49.85 14.51
N LEU A 80 -9.09 -50.10 13.29
CA LEU A 80 -9.80 -49.64 12.08
C LEU A 80 -10.18 -50.81 11.17
N ARG A 81 -11.47 -51.14 11.17
CA ARG A 81 -12.02 -52.28 10.41
C ARG A 81 -12.79 -51.81 9.20
N SER A 82 -12.55 -52.46 8.07
CA SER A 82 -13.36 -52.23 6.88
C SER A 82 -14.70 -53.00 6.94
N LEU A 83 -15.80 -52.33 6.62
CA LEU A 83 -17.09 -52.99 6.47
C LEU A 83 -17.47 -53.19 5.00
N ASN A 84 -16.48 -53.04 4.11
CA ASN A 84 -16.66 -53.26 2.69
C ASN A 84 -16.90 -54.74 2.40
N GLY A 85 -17.66 -55.02 1.35
CA GLY A 85 -17.90 -56.39 0.91
C GLY A 85 -19.36 -56.59 0.54
N GLU A 86 -19.87 -57.77 0.85
CA GLU A 86 -21.24 -58.13 0.47
C GLU A 86 -22.29 -57.59 1.46
N TRP A 87 -23.13 -56.69 0.96
CA TRP A 87 -24.22 -56.10 1.74
C TRP A 87 -25.56 -56.53 1.17
N ARG A 88 -26.65 -56.10 1.83
CA ARG A 88 -28.00 -56.35 1.34
C ARG A 88 -28.59 -55.05 0.84
N PHE A 89 -29.27 -55.12 -0.29
CA PHE A 89 -29.80 -53.92 -0.94
C PHE A 89 -31.18 -54.12 -1.57
N ALA A 90 -32.05 -53.13 -1.40
CA ALA A 90 -33.35 -53.13 -2.06
C ALA A 90 -33.69 -51.72 -2.54
N TRP A 91 -34.25 -51.62 -3.75
CA TRP A 91 -34.60 -50.34 -4.36
C TRP A 91 -36.09 -49.99 -4.16
N PHE A 92 -36.37 -48.71 -3.95
CA PHE A 92 -37.74 -48.21 -3.79
C PHE A 92 -37.94 -46.88 -4.53
N PRO A 93 -39.17 -46.60 -5.00
CA PRO A 93 -39.41 -45.37 -5.76
C PRO A 93 -39.53 -44.10 -4.91
N ALA A 94 -39.64 -44.27 -3.60
CA ALA A 94 -39.80 -43.17 -2.65
C ALA A 94 -39.50 -43.69 -1.25
N PRO A 95 -39.10 -42.80 -0.32
CA PRO A 95 -38.93 -43.29 1.06
C PRO A 95 -40.24 -43.83 1.65
N GLU A 96 -41.36 -43.23 1.29
CA GLU A 96 -42.70 -43.67 1.76
C GLU A 96 -43.03 -45.13 1.41
N ALA A 97 -42.33 -45.70 0.44
CA ALA A 97 -42.56 -47.08 0.01
C ALA A 97 -41.67 -48.11 0.73
N VAL A 98 -40.88 -47.63 1.68
CA VAL A 98 -40.01 -48.52 2.45
C VAL A 98 -40.77 -49.10 3.65
N PRO A 99 -40.93 -50.43 3.69
CA PRO A 99 -41.65 -51.11 4.76
C PRO A 99 -40.96 -50.98 6.12
N GLU A 100 -41.75 -50.64 7.14
CA GLU A 100 -41.24 -50.43 8.50
C GLU A 100 -40.60 -51.68 9.10
N SER A 101 -40.77 -52.83 8.43
CA SER A 101 -40.18 -54.09 8.88
C SER A 101 -38.68 -54.09 8.64
N TRP A 102 -38.26 -53.42 7.57
CA TRP A 102 -36.86 -53.39 7.12
C TRP A 102 -35.88 -52.91 8.21
N LEU A 103 -36.36 -52.07 9.11
CA LEU A 103 -35.55 -51.58 10.22
C LEU A 103 -35.14 -52.72 11.15
N GLU A 104 -36.10 -53.57 11.49
CA GLU A 104 -35.91 -54.66 12.45
C GLU A 104 -35.16 -55.86 11.86
N CYS A 105 -35.58 -56.31 10.68
CA CYS A 105 -34.91 -57.45 10.03
C CYS A 105 -34.94 -57.36 8.51
N ASP A 106 -34.13 -58.21 7.88
CA ASP A 106 -33.90 -58.23 6.44
C ASP A 106 -35.18 -58.35 5.59
N LEU A 107 -35.11 -57.86 4.35
CA LEU A 107 -36.15 -58.09 3.36
C LEU A 107 -35.68 -59.21 2.45
N PRO A 108 -36.48 -60.28 2.31
CA PRO A 108 -36.07 -61.44 1.50
C PRO A 108 -36.00 -61.15 -0.01
N GLU A 109 -36.75 -60.14 -0.46
CA GLU A 109 -36.73 -59.70 -1.87
C GLU A 109 -35.39 -59.07 -2.24
N ALA A 110 -34.73 -58.47 -1.24
CA ALA A 110 -33.45 -57.79 -1.42
C ALA A 110 -32.36 -58.70 -1.98
N ASP A 111 -31.39 -58.09 -2.65
CA ASP A 111 -30.29 -58.81 -3.27
C ASP A 111 -29.00 -58.59 -2.49
N THR A 112 -27.98 -59.37 -2.82
CA THR A 112 -26.67 -59.24 -2.22
C THR A 112 -25.72 -58.55 -3.21
N VAL A 113 -25.30 -57.34 -2.85
CA VAL A 113 -24.43 -56.51 -3.70
C VAL A 113 -23.11 -56.13 -3.01
N VAL A 114 -22.10 -55.85 -3.83
CA VAL A 114 -20.84 -55.32 -3.34
C VAL A 114 -21.02 -53.84 -2.94
N VAL A 115 -20.49 -53.51 -1.76
CA VAL A 115 -20.37 -52.13 -1.29
C VAL A 115 -18.88 -51.89 -1.02
N PRO A 116 -18.32 -50.77 -1.51
CA PRO A 116 -18.96 -49.61 -2.16
C PRO A 116 -19.41 -49.84 -3.61
N SER A 117 -20.49 -49.16 -3.98
CA SER A 117 -21.04 -49.22 -5.33
C SER A 117 -22.00 -48.06 -5.57
N ASN A 118 -22.23 -47.74 -6.85
CA ASN A 118 -23.37 -46.92 -7.26
C ASN A 118 -24.43 -47.88 -7.77
N TRP A 119 -25.67 -47.71 -7.32
CA TRP A 119 -26.67 -48.71 -7.65
C TRP A 119 -27.13 -48.66 -9.10
N GLN A 120 -26.84 -47.55 -9.78
CA GLN A 120 -27.06 -47.45 -11.21
C GLN A 120 -26.14 -48.40 -11.97
N MET A 121 -24.97 -48.69 -11.39
CA MET A 121 -24.01 -49.61 -11.99
C MET A 121 -24.42 -51.08 -11.78
N HIS A 122 -25.45 -51.29 -10.97
CA HIS A 122 -26.02 -52.63 -10.73
C HIS A 122 -27.36 -52.83 -11.47
N GLY A 123 -27.83 -51.79 -12.14
CA GLY A 123 -29.00 -51.87 -13.00
C GLY A 123 -30.33 -51.50 -12.37
N TYR A 124 -30.31 -51.10 -11.10
CA TYR A 124 -31.56 -50.86 -10.37
C TYR A 124 -32.34 -49.66 -10.88
N ASP A 125 -31.61 -48.63 -11.33
CA ASP A 125 -32.19 -47.56 -12.16
C ASP A 125 -31.09 -46.92 -13.01
N ALA A 126 -31.48 -45.93 -13.80
CA ALA A 126 -30.60 -45.39 -14.83
C ALA A 126 -29.68 -44.27 -14.31
N PRO A 127 -28.40 -44.32 -14.70
CA PRO A 127 -27.57 -43.13 -14.48
C PRO A 127 -28.06 -42.04 -15.44
N ILE A 128 -28.02 -40.78 -14.99
CA ILE A 128 -28.43 -39.66 -15.82
C ILE A 128 -27.23 -38.78 -16.14
N TYR A 129 -27.03 -38.49 -17.42
CA TYR A 129 -26.06 -37.47 -17.76
C TYR A 129 -26.72 -36.15 -18.18
N THR A 130 -26.48 -35.13 -17.38
CA THR A 130 -26.90 -33.77 -17.70
C THR A 130 -25.79 -32.80 -17.29
N ASN A 131 -25.57 -31.79 -18.12
CA ASN A 131 -24.50 -30.83 -17.89
C ASN A 131 -24.95 -29.74 -16.91
N VAL A 132 -25.65 -28.73 -17.41
CA VAL A 132 -26.07 -27.60 -16.61
C VAL A 132 -27.44 -27.82 -15.97
N THR A 133 -28.44 -28.12 -16.80
CA THR A 133 -29.81 -28.24 -16.32
C THR A 133 -29.86 -29.32 -15.24
N TYR A 134 -30.39 -28.96 -14.08
CA TYR A 134 -30.55 -29.89 -12.97
C TYR A 134 -31.33 -31.11 -13.43
N PRO A 135 -31.00 -32.31 -12.90
CA PRO A 135 -31.74 -33.51 -13.27
C PRO A 135 -33.10 -33.60 -12.59
N ILE A 136 -33.42 -32.61 -11.74
CA ILE A 136 -34.74 -32.50 -11.09
C ILE A 136 -35.29 -31.10 -11.33
N THR A 137 -36.60 -30.93 -11.20
CA THR A 137 -37.24 -29.62 -11.31
C THR A 137 -36.61 -28.64 -10.32
N VAL A 138 -36.37 -27.42 -10.76
CA VAL A 138 -35.75 -26.40 -9.91
C VAL A 138 -36.82 -25.75 -9.04
N ASN A 139 -36.94 -26.25 -7.81
CA ASN A 139 -37.91 -25.74 -6.84
C ASN A 139 -37.33 -25.88 -5.44
N PRO A 140 -36.20 -25.19 -5.17
CA PRO A 140 -35.54 -25.33 -3.87
C PRO A 140 -36.46 -24.96 -2.71
N PRO A 141 -36.41 -25.73 -1.61
CA PRO A 141 -35.51 -26.86 -1.36
C PRO A 141 -36.07 -28.23 -1.74
N PHE A 142 -37.17 -28.25 -2.49
CA PHE A 142 -37.93 -29.47 -2.72
C PHE A 142 -37.34 -30.35 -3.80
N VAL A 143 -37.46 -31.66 -3.62
CA VAL A 143 -37.09 -32.64 -4.62
C VAL A 143 -38.35 -33.39 -5.05
N PRO A 144 -38.28 -34.21 -6.13
CA PRO A 144 -39.49 -34.89 -6.58
C PRO A 144 -40.01 -35.87 -5.53
N THR A 145 -41.32 -36.06 -5.52
CA THR A 145 -41.96 -37.03 -4.63
C THR A 145 -41.49 -38.44 -4.98
N GLU A 146 -41.31 -38.69 -6.28
CA GLU A 146 -40.68 -39.91 -6.77
C GLU A 146 -39.15 -39.80 -6.62
N ASN A 147 -38.68 -40.13 -5.43
CA ASN A 147 -37.27 -40.00 -5.09
C ASN A 147 -36.65 -41.37 -4.84
N PRO A 148 -35.97 -41.92 -5.86
CA PRO A 148 -35.38 -43.25 -5.75
C PRO A 148 -34.63 -43.43 -4.44
N THR A 149 -34.86 -44.57 -3.79
CA THR A 149 -34.38 -44.79 -2.43
C THR A 149 -33.65 -46.12 -2.29
N GLY A 150 -32.40 -46.06 -1.83
CA GLY A 150 -31.57 -47.25 -1.69
C GLY A 150 -31.54 -47.73 -0.26
N CYS A 151 -32.04 -48.93 -0.04
CA CYS A 151 -32.07 -49.52 1.29
C CYS A 151 -30.94 -50.52 1.45
N TYR A 152 -29.89 -50.09 2.12
CA TYR A 152 -28.70 -50.90 2.34
C TYR A 152 -28.76 -51.47 3.75
N SER A 153 -28.30 -52.71 3.90
CA SER A 153 -28.18 -53.29 5.23
C SER A 153 -27.02 -54.26 5.30
N LEU A 154 -26.47 -54.41 6.50
CA LEU A 154 -25.36 -55.33 6.73
C LEU A 154 -25.50 -55.96 8.10
N THR A 155 -25.26 -57.26 8.16
CA THR A 155 -25.20 -57.99 9.42
C THR A 155 -23.74 -58.36 9.66
N PHE A 156 -23.24 -57.99 10.83
CA PHE A 156 -21.80 -58.05 11.11
C PHE A 156 -21.51 -58.32 12.58
N ASN A 157 -20.36 -58.97 12.81
CA ASN A 157 -19.86 -59.26 14.14
C ASN A 157 -19.15 -58.04 14.76
N VAL A 158 -19.32 -57.86 16.06
CA VAL A 158 -18.53 -56.92 16.86
C VAL A 158 -17.96 -57.66 18.07
N ASP A 159 -16.64 -57.68 18.16
CA ASP A 159 -15.94 -58.29 19.29
C ASP A 159 -16.27 -57.54 20.59
N GLU A 160 -16.34 -58.27 21.70
CA GLU A 160 -16.76 -57.68 22.98
C GLU A 160 -15.76 -56.67 23.56
N SER A 161 -14.47 -56.86 23.25
CA SER A 161 -13.41 -55.91 23.64
C SER A 161 -13.69 -54.47 23.21
N TRP A 162 -14.40 -54.29 22.09
CA TRP A 162 -14.73 -52.98 21.56
C TRP A 162 -15.81 -52.24 22.35
N LEU A 163 -16.63 -53.00 23.08
CA LEU A 163 -17.77 -52.41 23.79
C LEU A 163 -17.55 -52.28 25.30
N GLN A 164 -16.54 -52.99 25.82
CA GLN A 164 -16.20 -52.93 27.24
C GLN A 164 -15.61 -51.57 27.62
N GLU A 165 -14.68 -51.09 26.81
CA GLU A 165 -14.08 -49.78 27.01
C GLU A 165 -13.96 -49.01 25.69
N GLY A 166 -14.19 -47.70 25.77
CA GLY A 166 -13.92 -46.80 24.64
C GLY A 166 -15.11 -46.51 23.76
N GLN A 167 -14.79 -46.06 22.55
CA GLN A 167 -15.78 -45.51 21.62
C GLN A 167 -15.73 -46.24 20.27
N THR A 168 -16.86 -46.74 19.81
CA THR A 168 -16.94 -47.36 18.50
C THR A 168 -17.75 -46.47 17.57
N ARG A 169 -17.11 -45.99 16.52
CA ARG A 169 -17.79 -45.17 15.51
C ARG A 169 -17.84 -45.85 14.16
N ILE A 170 -18.85 -45.52 13.38
CA ILE A 170 -18.93 -45.93 11.99
C ILE A 170 -18.64 -44.73 11.07
N ILE A 171 -17.86 -44.98 10.01
CA ILE A 171 -17.46 -43.93 9.07
C ILE A 171 -17.96 -44.29 7.67
N PHE A 172 -18.84 -43.45 7.13
CA PHE A 172 -19.24 -43.55 5.74
C PHE A 172 -18.50 -42.50 4.91
N ASP A 173 -17.48 -42.92 4.15
CA ASP A 173 -16.66 -41.96 3.36
C ASP A 173 -17.42 -41.26 2.24
N GLY A 174 -18.44 -41.91 1.69
CA GLY A 174 -19.23 -41.33 0.61
C GLY A 174 -20.58 -41.97 0.42
N VAL A 175 -21.62 -41.16 0.61
CA VAL A 175 -23.00 -41.57 0.41
C VAL A 175 -23.70 -40.48 -0.38
N ASN A 176 -24.24 -40.84 -1.53
CA ASN A 176 -24.83 -39.90 -2.48
C ASN A 176 -26.34 -40.18 -2.55
N SER A 177 -27.20 -39.22 -2.19
CA SER A 177 -26.81 -37.86 -1.78
C SER A 177 -27.19 -37.49 -0.34
N ALA A 178 -27.96 -38.35 0.32
CA ALA A 178 -28.37 -38.16 1.71
C ALA A 178 -28.78 -39.52 2.29
N PHE A 179 -28.76 -39.65 3.61
CA PHE A 179 -29.07 -40.92 4.25
C PHE A 179 -29.46 -40.86 5.72
N HIS A 180 -30.31 -41.79 6.12
CA HIS A 180 -30.60 -42.06 7.52
C HIS A 180 -29.93 -43.36 7.88
N LEU A 181 -29.46 -43.46 9.12
CA LEU A 181 -28.79 -44.66 9.61
C LEU A 181 -29.55 -45.25 10.80
N TRP A 182 -29.70 -46.58 10.79
CA TRP A 182 -30.24 -47.30 11.93
C TRP A 182 -29.25 -48.37 12.36
N CYS A 183 -29.13 -48.55 13.67
CA CYS A 183 -28.35 -49.65 14.21
C CYS A 183 -29.23 -50.48 15.16
N ASN A 184 -29.29 -51.79 14.88
CA ASN A 184 -30.13 -52.73 15.63
C ASN A 184 -31.55 -52.22 15.87
N GLY A 185 -32.12 -51.57 14.85
CA GLY A 185 -33.49 -51.09 14.88
C GLY A 185 -33.66 -49.63 15.25
N ARG A 186 -32.69 -49.09 16.00
CA ARG A 186 -32.77 -47.72 16.52
C ARG A 186 -32.11 -46.71 15.59
N TRP A 187 -32.78 -45.58 15.39
CA TRP A 187 -32.27 -44.47 14.56
C TRP A 187 -31.03 -43.82 15.18
N VAL A 188 -29.94 -43.82 14.40
CA VAL A 188 -28.66 -43.27 14.84
C VAL A 188 -28.52 -41.80 14.41
N GLY A 189 -28.57 -41.57 13.10
CA GLY A 189 -28.46 -40.20 12.59
C GLY A 189 -28.69 -40.01 11.11
N TYR A 190 -28.34 -38.82 10.64
CA TYR A 190 -28.59 -38.36 9.29
C TYR A 190 -27.40 -37.55 8.77
N GLY A 191 -27.11 -37.66 7.48
CA GLY A 191 -26.03 -36.88 6.88
C GLY A 191 -26.24 -36.49 5.43
N GLN A 192 -25.68 -35.36 5.04
CA GLN A 192 -25.63 -34.94 3.64
C GLN A 192 -24.19 -34.66 3.17
N ASP A 193 -24.06 -34.12 1.96
CA ASP A 193 -22.76 -33.94 1.26
C ASP A 193 -22.18 -35.27 0.81
N SER A 194 -22.32 -35.56 -0.48
CA SER A 194 -21.96 -36.85 -1.06
C SER A 194 -20.47 -37.16 -1.05
N ARG A 195 -19.64 -36.16 -0.81
CA ARG A 195 -18.21 -36.31 -1.09
C ARG A 195 -17.26 -36.19 0.11
N LEU A 196 -17.83 -36.14 1.32
CA LEU A 196 -17.05 -36.15 2.57
C LEU A 196 -17.58 -37.18 3.58
N PRO A 197 -16.68 -37.73 4.43
CA PRO A 197 -17.08 -38.76 5.39
C PRO A 197 -18.16 -38.29 6.37
N SER A 198 -19.12 -39.18 6.65
CA SER A 198 -20.09 -38.95 7.72
C SER A 198 -19.85 -39.98 8.81
N GLU A 199 -19.62 -39.51 10.04
CA GLU A 199 -19.24 -40.41 11.13
C GLU A 199 -20.21 -40.36 12.30
N PHE A 200 -20.59 -41.54 12.80
CA PHE A 200 -21.54 -41.66 13.90
C PHE A 200 -21.06 -42.60 15.00
N ASP A 201 -21.33 -42.21 16.24
CA ASP A 201 -20.97 -42.99 17.42
C ASP A 201 -21.97 -44.14 17.63
N LEU A 202 -21.50 -45.36 17.47
CA LEU A 202 -22.37 -46.54 17.63
C LEU A 202 -22.20 -47.22 19.00
N SER A 203 -21.46 -46.59 19.90
CA SER A 203 -21.12 -47.17 21.20
C SER A 203 -22.35 -47.67 21.99
N ALA A 204 -23.41 -46.88 22.00
CA ALA A 204 -24.61 -47.18 22.77
C ALA A 204 -25.63 -48.02 21.98
N PHE A 205 -25.33 -48.29 20.71
CA PHE A 205 -26.27 -48.97 19.81
C PHE A 205 -25.91 -50.43 19.57
N LEU A 206 -24.69 -50.82 19.92
CA LEU A 206 -24.18 -52.14 19.59
C LEU A 206 -24.21 -53.15 20.73
N ARG A 207 -24.17 -54.42 20.37
CA ARG A 207 -24.12 -55.54 21.31
C ARG A 207 -23.01 -56.49 20.85
N ALA A 208 -22.48 -57.29 21.77
CA ALA A 208 -21.49 -58.30 21.42
C ALA A 208 -22.13 -59.37 20.53
N GLY A 209 -21.37 -59.85 19.55
CA GLY A 209 -21.91 -60.78 18.55
C GLY A 209 -22.51 -60.07 17.35
N GLU A 210 -23.71 -60.48 16.98
CA GLU A 210 -24.34 -60.04 15.72
C GLU A 210 -25.07 -58.71 15.84
N ASN A 211 -24.78 -57.81 14.90
CA ASN A 211 -25.47 -56.53 14.78
C ASN A 211 -25.94 -56.31 13.35
N ARG A 212 -26.97 -55.48 13.18
CA ARG A 212 -27.44 -55.11 11.85
C ARG A 212 -27.53 -53.60 11.67
N LEU A 213 -26.91 -53.11 10.60
CA LEU A 213 -27.03 -51.71 10.17
C LEU A 213 -28.07 -51.59 9.07
N ALA A 214 -28.85 -50.53 9.12
CA ALA A 214 -29.79 -50.21 8.07
C ALA A 214 -29.56 -48.77 7.61
N VAL A 215 -29.30 -48.59 6.32
CA VAL A 215 -29.04 -47.27 5.74
C VAL A 215 -30.03 -47.01 4.62
N MET A 216 -30.82 -45.96 4.79
CA MET A 216 -31.73 -45.53 3.74
C MET A 216 -31.09 -44.37 2.98
N VAL A 217 -30.70 -44.63 1.74
CA VAL A 217 -30.04 -43.60 0.91
C VAL A 217 -31.01 -43.00 -0.10
N LEU A 218 -31.16 -41.68 -0.06
CA LEU A 218 -32.00 -40.95 -0.99
C LEU A 218 -31.19 -40.41 -2.15
N ARG A 219 -31.65 -40.68 -3.38
CA ARG A 219 -30.98 -40.18 -4.58
C ARG A 219 -30.98 -38.66 -4.60
N TRP A 220 -32.12 -38.05 -4.25
CA TRP A 220 -32.25 -36.60 -4.28
C TRP A 220 -32.46 -36.02 -2.87
N SER A 221 -31.89 -34.84 -2.65
CA SER A 221 -32.06 -34.10 -1.40
C SER A 221 -31.86 -32.62 -1.68
N ASP A 222 -32.05 -31.77 -0.68
CA ASP A 222 -31.72 -30.36 -0.80
C ASP A 222 -30.21 -30.19 -1.10
N GLY A 223 -29.43 -31.21 -0.76
CA GLY A 223 -27.99 -31.25 -1.05
C GLY A 223 -27.70 -31.31 -2.54
N SER A 224 -28.65 -31.84 -3.31
CA SER A 224 -28.52 -31.98 -4.75
C SER A 224 -28.44 -30.64 -5.47
N TYR A 225 -29.04 -29.61 -4.88
CA TYR A 225 -29.00 -28.26 -5.41
C TYR A 225 -27.60 -27.68 -5.43
N LEU A 226 -26.72 -28.24 -4.59
CA LEU A 226 -25.32 -27.83 -4.54
C LEU A 226 -24.42 -28.88 -5.18
N GLU A 227 -25.01 -29.83 -5.89
CA GLU A 227 -24.26 -30.92 -6.51
C GLU A 227 -24.58 -31.06 -7.99
N ASP A 228 -24.53 -29.93 -8.70
CA ASP A 228 -24.88 -29.89 -10.11
C ASP A 228 -23.65 -29.93 -11.04
N GLN A 229 -22.64 -30.72 -10.66
CA GLN A 229 -21.45 -30.93 -11.50
C GLN A 229 -21.80 -31.57 -12.84
N ASP A 230 -21.07 -31.16 -13.89
CA ASP A 230 -21.25 -31.73 -15.23
C ASP A 230 -20.67 -33.14 -15.28
N MET A 231 -21.50 -34.11 -14.92
CA MET A 231 -21.09 -35.50 -14.81
C MET A 231 -22.32 -36.39 -14.68
N TRP A 232 -22.10 -37.70 -14.77
CA TRP A 232 -23.13 -38.68 -14.45
C TRP A 232 -23.67 -38.45 -13.05
N ARG A 233 -25.00 -38.37 -12.97
CA ARG A 233 -25.69 -38.26 -11.70
C ARG A 233 -26.03 -39.68 -11.27
N MET A 234 -25.39 -40.09 -10.18
CA MET A 234 -25.57 -41.42 -9.60
C MET A 234 -25.96 -41.31 -8.12
N SER A 235 -25.94 -42.44 -7.42
CA SER A 235 -26.31 -42.46 -6.01
C SER A 235 -25.88 -43.77 -5.36
N GLY A 236 -25.81 -43.75 -4.03
CA GLY A 236 -25.46 -44.95 -3.27
C GLY A 236 -24.32 -44.76 -2.29
N ILE A 237 -23.96 -45.84 -1.63
CA ILE A 237 -22.84 -45.85 -0.72
C ILE A 237 -21.66 -46.20 -1.58
N PHE A 238 -21.03 -45.16 -2.15
CA PHE A 238 -20.03 -45.33 -3.21
C PHE A 238 -18.57 -45.24 -2.76
N ARG A 239 -18.35 -44.93 -1.48
CA ARG A 239 -17.01 -44.99 -0.88
C ARG A 239 -17.01 -45.87 0.36
N ASP A 240 -15.81 -46.18 0.86
CA ASP A 240 -15.60 -47.09 1.99
C ASP A 240 -16.52 -46.86 3.18
N VAL A 241 -16.91 -47.97 3.82
CA VAL A 241 -17.57 -47.92 5.12
C VAL A 241 -16.62 -48.59 6.11
N SER A 242 -16.49 -48.01 7.31
CA SER A 242 -15.61 -48.59 8.31
C SER A 242 -16.04 -48.36 9.77
N LEU A 243 -15.48 -49.18 10.66
CA LEU A 243 -15.67 -49.03 12.10
C LEU A 243 -14.36 -48.62 12.75
N LEU A 244 -14.40 -47.56 13.55
CA LEU A 244 -13.20 -47.07 14.21
C LEU A 244 -13.33 -47.10 15.73
N HIS A 245 -12.42 -47.81 16.38
CA HIS A 245 -12.36 -47.80 17.83
C HIS A 245 -11.34 -46.80 18.37
N LYS A 246 -11.82 -45.83 19.15
CA LYS A 246 -10.97 -44.87 19.86
C LYS A 246 -11.19 -45.05 21.36
N PRO A 247 -10.15 -44.78 22.18
CA PRO A 247 -10.36 -44.76 23.63
C PRO A 247 -11.19 -43.53 24.03
N THR A 248 -11.72 -43.55 25.26
CA THR A 248 -12.51 -42.43 25.80
C THR A 248 -11.66 -41.17 25.84
N THR A 249 -10.44 -41.30 26.32
CA THR A 249 -9.46 -40.22 26.29
C THR A 249 -8.71 -40.37 24.97
N GLN A 250 -8.96 -39.45 24.05
CA GLN A 250 -8.55 -39.62 22.64
C GLN A 250 -8.00 -38.34 22.02
N ILE A 251 -7.12 -38.51 21.03
CA ILE A 251 -6.77 -37.43 20.12
C ILE A 251 -8.00 -37.19 19.25
N SER A 252 -8.59 -36.00 19.33
CA SER A 252 -9.80 -35.69 18.57
C SER A 252 -9.51 -34.87 17.31
N ASP A 253 -8.31 -34.30 17.24
CA ASP A 253 -7.91 -33.44 16.14
C ASP A 253 -6.42 -33.15 16.28
N PHE A 254 -5.75 -32.93 15.14
CA PHE A 254 -4.38 -32.42 15.14
C PHE A 254 -4.05 -31.72 13.82
N HIS A 255 -3.37 -30.57 13.92
CA HIS A 255 -2.95 -29.80 12.73
C HIS A 255 -1.44 -29.71 12.67
N VAL A 256 -0.88 -29.96 11.49
CA VAL A 256 0.55 -29.84 11.28
C VAL A 256 0.82 -28.62 10.40
N ALA A 257 1.78 -27.81 10.83
CA ALA A 257 2.25 -26.67 10.05
C ALA A 257 3.78 -26.69 9.98
N THR A 258 4.32 -26.25 8.86
CA THR A 258 5.78 -26.08 8.70
C THR A 258 6.09 -24.66 8.31
N ARG A 259 6.97 -24.01 9.08
CA ARG A 259 7.41 -22.64 8.83
C ARG A 259 8.92 -22.62 8.57
N PHE A 260 9.37 -21.64 7.81
CA PHE A 260 10.76 -21.64 7.32
C PHE A 260 11.46 -20.30 7.49
N ASN A 261 12.78 -20.34 7.54
CA ASN A 261 13.59 -19.12 7.37
C ASN A 261 13.69 -18.76 5.88
N ASP A 262 14.35 -17.66 5.56
CA ASP A 262 14.37 -17.09 4.21
C ASP A 262 14.98 -17.98 3.13
N ASP A 263 15.95 -18.81 3.53
CA ASP A 263 16.61 -19.70 2.56
C ASP A 263 16.25 -21.18 2.75
N PHE A 264 15.26 -21.45 3.60
CA PHE A 264 14.73 -22.81 3.82
C PHE A 264 15.74 -23.80 4.40
N SER A 265 16.81 -23.29 5.02
CA SER A 265 17.81 -24.14 5.66
C SER A 265 17.42 -24.48 7.10
N ARG A 266 16.39 -23.81 7.62
CA ARG A 266 15.80 -24.11 8.92
C ARG A 266 14.28 -24.13 8.87
N ALA A 267 13.69 -25.04 9.64
CA ALA A 267 12.24 -25.15 9.75
C ALA A 267 11.77 -25.38 11.17
N VAL A 268 10.54 -24.96 11.44
CA VAL A 268 9.84 -25.26 12.67
C VAL A 268 8.56 -25.99 12.29
N LEU A 269 8.44 -27.23 12.74
CA LEU A 269 7.19 -27.97 12.63
C LEU A 269 6.35 -27.66 13.86
N GLU A 270 5.16 -27.12 13.63
CA GLU A 270 4.21 -26.82 14.68
C GLU A 270 3.00 -27.75 14.59
N ALA A 271 2.74 -28.49 15.68
CA ALA A 271 1.63 -29.45 15.74
C ALA A 271 0.68 -29.10 16.88
N GLU A 272 -0.52 -28.68 16.53
CA GLU A 272 -1.58 -28.44 17.51
C GLU A 272 -2.34 -29.74 17.64
N VAL A 273 -2.60 -30.14 18.88
CA VAL A 273 -3.24 -31.43 19.18
C VAL A 273 -4.39 -31.19 20.15
N GLN A 274 -5.55 -31.74 19.82
CA GLN A 274 -6.73 -31.58 20.67
C GLN A 274 -7.15 -32.94 21.21
N MET A 275 -7.68 -32.93 22.42
CA MET A 275 -8.15 -34.16 23.03
C MET A 275 -9.60 -34.04 23.51
N CYS A 276 -10.27 -35.19 23.55
CA CYS A 276 -11.54 -35.34 24.24
C CYS A 276 -11.36 -36.35 25.36
N GLY A 277 -12.21 -36.26 26.38
CA GLY A 277 -12.11 -37.09 27.57
C GLY A 277 -11.83 -36.22 28.77
N GLU A 278 -11.59 -36.85 29.92
CA GLU A 278 -11.32 -36.13 31.16
C GLU A 278 -9.90 -35.60 31.16
N LEU A 279 -9.75 -34.32 31.51
CA LEU A 279 -8.42 -33.71 31.60
C LEU A 279 -7.69 -34.16 32.86
N ARG A 280 -6.42 -34.52 32.70
CA ARG A 280 -5.59 -34.93 33.83
C ARG A 280 -4.16 -34.43 33.68
N ASP A 281 -3.55 -34.05 34.81
CA ASP A 281 -2.16 -33.57 34.87
C ASP A 281 -1.13 -34.56 34.33
N TYR A 282 -1.40 -35.86 34.44
CA TYR A 282 -0.46 -36.90 33.96
C TYR A 282 -0.43 -37.04 32.44
N LEU A 283 -1.43 -36.47 31.75
CA LEU A 283 -1.50 -36.58 30.30
C LEU A 283 -0.41 -35.79 29.58
N ARG A 284 0.12 -36.40 28.52
CA ARG A 284 1.13 -35.79 27.67
C ARG A 284 0.83 -36.10 26.21
N VAL A 285 1.33 -35.25 25.32
CA VAL A 285 1.39 -35.55 23.90
C VAL A 285 2.85 -35.51 23.51
N THR A 286 3.29 -36.51 22.73
CA THR A 286 4.59 -36.46 22.10
C THR A 286 4.39 -36.50 20.59
N VAL A 287 4.95 -35.50 19.92
CA VAL A 287 5.02 -35.52 18.48
C VAL A 287 6.47 -35.81 18.10
N SER A 288 6.68 -36.92 17.40
CA SER A 288 8.01 -37.25 16.92
C SER A 288 8.01 -37.26 15.39
N LEU A 289 9.15 -36.87 14.81
CA LEU A 289 9.27 -36.74 13.37
C LEU A 289 10.35 -37.68 12.85
N TRP A 290 10.00 -38.47 11.84
CA TRP A 290 10.87 -39.53 11.36
C TRP A 290 11.20 -39.40 9.87
N GLN A 291 12.48 -39.58 9.54
CA GLN A 291 12.93 -39.74 8.17
C GLN A 291 13.38 -41.19 8.05
N GLY A 292 12.50 -42.03 7.49
CA GLY A 292 12.72 -43.47 7.45
C GLY A 292 12.67 -44.05 8.85
N GLU A 293 13.74 -44.74 9.25
CA GLU A 293 13.82 -45.32 10.58
C GLU A 293 14.61 -44.43 11.55
N THR A 294 15.02 -43.26 11.06
CA THR A 294 15.74 -42.28 11.86
C THR A 294 14.79 -41.23 12.45
N GLN A 295 14.75 -41.12 13.78
CA GLN A 295 14.00 -40.04 14.41
C GLN A 295 14.83 -38.76 14.31
N VAL A 296 14.24 -37.71 13.73
CA VAL A 296 14.97 -36.47 13.51
C VAL A 296 14.72 -35.40 14.59
N ALA A 297 13.55 -35.44 15.21
CA ALA A 297 13.16 -34.49 16.25
C ALA A 297 11.96 -35.00 17.04
N SER A 298 11.79 -34.50 18.25
CA SER A 298 10.71 -34.91 19.14
C SER A 298 10.38 -33.85 20.16
N GLY A 299 9.10 -33.73 20.51
CA GLY A 299 8.65 -32.80 21.52
C GLY A 299 7.55 -33.41 22.36
N THR A 300 7.58 -33.13 23.66
CA THR A 300 6.62 -33.64 24.64
C THR A 300 6.11 -32.50 25.51
N ALA A 301 4.81 -32.48 25.77
CA ALA A 301 4.22 -31.45 26.61
C ALA A 301 2.91 -31.93 27.26
N PRO A 302 2.60 -31.38 28.44
CA PRO A 302 1.29 -31.63 29.02
C PRO A 302 0.26 -30.78 28.30
N PHE A 303 -1.02 -31.08 28.48
CA PHE A 303 -2.09 -30.28 27.89
C PHE A 303 -2.23 -28.93 28.58
N GLY A 304 -2.74 -27.96 27.84
CA GLY A 304 -2.89 -26.61 28.34
C GLY A 304 -2.20 -25.63 27.42
N GLY A 305 -2.98 -25.03 26.52
CA GLY A 305 -2.47 -24.05 25.58
C GLY A 305 -2.26 -22.71 26.27
N GLU A 306 -1.56 -21.79 25.60
CA GLU A 306 -1.36 -20.45 26.15
C GLU A 306 -2.67 -19.69 26.26
N ILE A 307 -2.68 -18.67 27.12
CA ILE A 307 -3.83 -17.79 27.26
C ILE A 307 -4.16 -17.14 25.91
N ILE A 308 -5.45 -17.12 25.54
CA ILE A 308 -5.88 -16.47 24.30
C ILE A 308 -6.84 -15.30 24.49
N ASP A 309 -7.63 -15.32 25.56
CA ASP A 309 -8.50 -14.18 25.89
C ASP A 309 -8.73 -14.01 27.40
N GLU A 310 -9.69 -13.18 27.77
CA GLU A 310 -9.99 -12.86 29.17
C GLU A 310 -10.36 -14.09 30.02
N ARG A 311 -10.86 -15.14 29.37
CA ARG A 311 -11.32 -16.35 30.06
C ARG A 311 -10.29 -17.49 30.07
N GLY A 312 -9.08 -17.23 29.58
CA GLY A 312 -7.99 -18.20 29.61
C GLY A 312 -7.61 -18.76 28.25
N GLY A 313 -7.25 -20.05 28.23
CA GLY A 313 -6.86 -20.71 26.99
C GLY A 313 -7.56 -22.05 26.87
N TYR A 314 -7.10 -22.86 25.91
CA TYR A 314 -7.64 -24.19 25.71
C TYR A 314 -6.93 -25.20 26.61
N ALA A 315 -7.63 -25.64 27.64
CA ALA A 315 -7.07 -26.64 28.56
C ALA A 315 -6.96 -27.99 27.86
N ASP A 316 -7.83 -28.21 26.87
CA ASP A 316 -7.90 -29.47 26.12
C ASP A 316 -7.04 -29.51 24.84
N ARG A 317 -6.09 -28.58 24.73
CA ARG A 317 -5.19 -28.52 23.58
C ARG A 317 -3.76 -28.28 24.02
N VAL A 318 -2.82 -28.63 23.14
CA VAL A 318 -1.40 -28.39 23.33
C VAL A 318 -0.76 -28.18 21.95
N THR A 319 0.23 -27.29 21.88
CA THR A 319 0.98 -27.07 20.65
C THR A 319 2.44 -27.51 20.88
N LEU A 320 2.93 -28.36 20.00
CA LEU A 320 4.31 -28.82 20.04
C LEU A 320 5.11 -28.16 18.90
N ARG A 321 6.34 -27.76 19.19
CA ARG A 321 7.19 -27.12 18.18
C ARG A 321 8.53 -27.83 18.08
N LEU A 322 8.80 -28.38 16.91
CA LEU A 322 10.05 -29.10 16.67
C LEU A 322 10.93 -28.34 15.67
N ASN A 323 12.20 -28.18 16.03
CA ASN A 323 13.18 -27.59 15.12
C ASN A 323 13.69 -28.65 14.18
N VAL A 324 13.76 -28.31 12.89
CA VAL A 324 14.36 -29.19 11.90
C VAL A 324 15.38 -28.38 11.09
N GLU A 325 16.64 -28.81 11.15
CA GLU A 325 17.73 -28.17 10.41
C GLU A 325 17.87 -28.82 9.03
N ASN A 326 18.10 -27.99 8.01
CA ASN A 326 18.23 -28.47 6.63
C ASN A 326 17.15 -29.51 6.26
N PRO A 327 15.86 -29.12 6.39
CA PRO A 327 14.81 -30.06 6.03
C PRO A 327 14.86 -30.44 4.56
N LYS A 328 14.53 -31.68 4.27
CA LYS A 328 14.35 -32.11 2.88
C LYS A 328 12.96 -31.63 2.45
N LEU A 329 12.93 -30.83 1.38
CA LEU A 329 11.72 -30.12 0.99
C LEU A 329 10.84 -30.96 0.07
N TRP A 330 9.53 -30.85 0.27
CA TRP A 330 8.58 -31.55 -0.57
C TRP A 330 8.23 -30.70 -1.79
N SER A 331 8.20 -31.34 -2.95
CA SER A 331 7.66 -30.75 -4.18
C SER A 331 7.16 -31.88 -5.10
N ALA A 332 6.54 -31.52 -6.22
CA ALA A 332 6.15 -32.52 -7.20
C ALA A 332 7.38 -33.13 -7.88
N GLU A 333 8.47 -32.37 -7.91
CA GLU A 333 9.73 -32.83 -8.51
C GLU A 333 10.43 -33.86 -7.62
N ILE A 334 10.51 -33.57 -6.32
CA ILE A 334 11.06 -34.52 -5.34
C ILE A 334 10.12 -34.60 -4.13
N PRO A 335 9.25 -35.62 -4.09
CA PRO A 335 8.26 -35.67 -3.01
C PRO A 335 8.83 -36.17 -1.67
N ASN A 336 9.79 -35.44 -1.11
CA ASN A 336 10.34 -35.75 0.21
C ASN A 336 9.28 -35.70 1.30
N LEU A 337 9.15 -36.79 2.04
CA LEU A 337 8.20 -36.86 3.15
C LEU A 337 8.87 -37.28 4.44
N TYR A 338 8.38 -36.75 5.54
CA TYR A 338 8.70 -37.21 6.88
C TYR A 338 7.43 -37.84 7.47
N ARG A 339 7.61 -38.69 8.47
CA ARG A 339 6.48 -39.27 9.18
C ARG A 339 6.34 -38.60 10.56
N ALA A 340 5.19 -38.00 10.82
CA ALA A 340 4.91 -37.45 12.14
C ALA A 340 4.00 -38.39 12.90
N VAL A 341 4.45 -38.81 14.09
CA VAL A 341 3.66 -39.67 14.96
C VAL A 341 3.21 -38.85 16.17
N VAL A 342 1.90 -38.81 16.39
CA VAL A 342 1.33 -38.11 17.52
C VAL A 342 0.89 -39.11 18.58
N GLU A 343 1.62 -39.15 19.68
CA GLU A 343 1.37 -40.10 20.76
C GLU A 343 0.67 -39.43 21.92
N LEU A 344 -0.52 -39.91 22.26
CA LEU A 344 -1.20 -39.51 23.49
C LEU A 344 -0.86 -40.54 24.55
N HIS A 345 -0.33 -40.08 25.68
CA HIS A 345 0.21 -40.96 26.69
C HIS A 345 0.29 -40.33 28.09
N THR A 346 0.60 -41.17 29.08
CA THR A 346 0.80 -40.71 30.45
C THR A 346 2.24 -40.23 30.64
N ALA A 347 2.47 -39.47 31.71
CA ALA A 347 3.77 -38.93 32.02
C ALA A 347 4.87 -40.00 32.03
N ASP A 348 4.57 -41.18 32.57
CA ASP A 348 5.60 -42.23 32.63
C ASP A 348 5.66 -43.20 31.44
N GLY A 349 4.88 -42.91 30.40
CA GLY A 349 5.07 -43.58 29.11
C GLY A 349 4.12 -44.70 28.73
N THR A 350 2.94 -44.74 29.35
CA THR A 350 1.92 -45.67 28.90
C THR A 350 1.19 -45.05 27.71
N LEU A 351 1.28 -45.71 26.56
CA LEU A 351 0.58 -45.26 25.36
C LEU A 351 -0.93 -45.43 25.51
N ILE A 352 -1.66 -44.35 25.26
CA ILE A 352 -3.11 -44.41 25.19
C ILE A 352 -3.50 -44.66 23.75
N GLU A 353 -3.08 -43.78 22.84
CA GLU A 353 -3.22 -44.02 21.40
C GLU A 353 -2.24 -43.16 20.61
N ALA A 354 -1.98 -43.57 19.36
CA ALA A 354 -1.16 -42.80 18.45
C ALA A 354 -1.86 -42.62 17.10
N GLU A 355 -1.80 -41.40 16.59
CA GLU A 355 -2.21 -41.12 15.22
C GLU A 355 -0.96 -40.64 14.51
N ALA A 356 -1.03 -40.55 13.19
CA ALA A 356 0.14 -40.20 12.38
C ALA A 356 -0.28 -39.61 11.04
N CYS A 357 0.68 -39.01 10.34
CA CYS A 357 0.48 -38.52 8.97
C CYS A 357 1.80 -38.36 8.26
N ASP A 358 1.77 -38.33 6.94
CA ASP A 358 2.96 -37.99 6.16
C ASP A 358 3.11 -36.46 6.14
N VAL A 359 4.33 -35.99 6.38
CA VAL A 359 4.62 -34.56 6.44
C VAL A 359 5.55 -34.15 5.30
N GLY A 360 5.11 -33.18 4.51
CA GLY A 360 5.94 -32.58 3.48
C GLY A 360 6.30 -31.15 3.87
N PHE A 361 7.59 -30.91 4.00
CA PHE A 361 8.09 -29.58 4.33
C PHE A 361 8.06 -28.69 3.09
N ARG A 362 7.05 -27.83 3.00
CA ARG A 362 6.97 -26.88 1.90
C ARG A 362 6.17 -25.66 2.28
N GLU A 363 6.52 -24.54 1.65
CA GLU A 363 5.83 -23.27 1.86
C GLU A 363 5.19 -22.85 0.54
N VAL A 364 3.90 -22.53 0.62
CA VAL A 364 3.15 -22.04 -0.51
C VAL A 364 2.77 -20.62 -0.17
N ARG A 365 3.21 -19.67 -0.99
CA ARG A 365 2.82 -18.27 -0.77
C ARG A 365 2.72 -17.49 -2.07
N ILE A 366 1.97 -16.39 -2.03
CA ILE A 366 1.87 -15.51 -3.16
C ILE A 366 2.60 -14.23 -2.78
N GLU A 367 3.65 -13.92 -3.53
CA GLU A 367 4.41 -12.70 -3.27
C GLU A 367 4.63 -11.95 -4.58
N ASN A 368 4.27 -10.66 -4.57
CA ASN A 368 4.50 -9.77 -5.70
C ASN A 368 3.84 -10.28 -6.99
N GLY A 369 2.67 -10.90 -6.83
CA GLY A 369 1.89 -11.39 -7.95
C GLY A 369 2.27 -12.77 -8.46
N LEU A 370 3.19 -13.45 -7.78
CA LEU A 370 3.63 -14.79 -8.18
C LEU A 370 3.31 -15.85 -7.12
N LEU A 371 2.83 -17.01 -7.55
CA LEU A 371 2.64 -18.14 -6.66
C LEU A 371 3.95 -18.87 -6.54
N LEU A 372 4.42 -19.00 -5.31
CA LEU A 372 5.72 -19.58 -5.01
C LEU A 372 5.57 -20.83 -4.16
N LEU A 373 6.31 -21.86 -4.54
CA LEU A 373 6.51 -23.02 -3.72
C LEU A 373 7.98 -23.02 -3.32
N ASN A 374 8.23 -23.06 -2.02
CA ASN A 374 9.59 -23.03 -1.48
C ASN A 374 10.42 -21.89 -2.08
N GLY A 375 9.76 -20.74 -2.28
CA GLY A 375 10.41 -19.53 -2.77
C GLY A 375 10.61 -19.44 -4.28
N LYS A 376 10.12 -20.43 -5.02
CA LYS A 376 10.29 -20.47 -6.49
C LYS A 376 8.94 -20.43 -7.21
N PRO A 377 8.85 -19.70 -8.33
CA PRO A 377 7.56 -19.57 -9.00
C PRO A 377 7.16 -20.84 -9.75
N LEU A 378 5.97 -21.35 -9.44
CA LEU A 378 5.48 -22.57 -10.05
C LEU A 378 5.05 -22.33 -11.49
N LEU A 379 5.25 -23.35 -12.31
CA LEU A 379 4.58 -23.46 -13.61
C LEU A 379 3.71 -24.71 -13.54
N ILE A 380 2.40 -24.48 -13.47
CA ILE A 380 1.43 -25.54 -13.24
C ILE A 380 1.11 -26.27 -14.55
N ARG A 381 1.54 -27.52 -14.62
CA ARG A 381 1.21 -28.42 -15.72
C ARG A 381 0.09 -29.31 -15.21
N GLY A 382 -1.12 -28.79 -15.26
CA GLY A 382 -2.22 -29.42 -14.54
C GLY A 382 -3.28 -30.05 -15.41
N VAL A 383 -4.10 -30.88 -14.77
CA VAL A 383 -5.28 -31.45 -15.40
C VAL A 383 -6.41 -31.59 -14.38
N ASN A 384 -7.65 -31.36 -14.82
CA ASN A 384 -8.82 -31.67 -14.01
C ASN A 384 -9.12 -33.16 -14.10
N ARG A 385 -9.43 -33.75 -12.95
CA ARG A 385 -9.71 -35.19 -12.89
C ARG A 385 -10.94 -35.51 -12.05
N HIS A 386 -11.99 -35.99 -12.72
CA HIS A 386 -13.16 -36.54 -12.06
C HIS A 386 -12.86 -37.96 -11.56
N GLU A 387 -13.62 -38.41 -10.57
CA GLU A 387 -13.57 -39.79 -10.14
C GLU A 387 -14.55 -40.62 -10.97
N HIS A 388 -13.99 -41.37 -11.91
CA HIS A 388 -14.79 -42.08 -12.88
C HIS A 388 -14.13 -43.37 -13.32
N HIS A 389 -14.92 -44.44 -13.26
CA HIS A 389 -14.54 -45.74 -13.80
C HIS A 389 -15.67 -46.19 -14.73
N PRO A 390 -15.33 -46.72 -15.92
CA PRO A 390 -16.38 -47.07 -16.91
C PRO A 390 -17.24 -48.27 -16.47
N LEU A 391 -16.74 -49.04 -15.51
CA LEU A 391 -17.43 -50.25 -15.04
C LEU A 391 -18.05 -50.05 -13.65
N HIS A 392 -17.38 -49.25 -12.81
CA HIS A 392 -17.81 -49.06 -11.43
C HIS A 392 -18.42 -47.68 -11.13
N GLY A 393 -18.51 -46.84 -12.17
CA GLY A 393 -19.07 -45.51 -12.02
C GLY A 393 -18.15 -44.58 -11.25
N GLN A 394 -18.62 -44.12 -10.11
CA GLN A 394 -17.89 -43.13 -9.33
C GLN A 394 -17.21 -43.73 -8.11
N VAL A 395 -17.12 -45.06 -8.10
CA VAL A 395 -16.36 -45.81 -7.12
C VAL A 395 -14.89 -45.86 -7.53
N MET A 396 -14.01 -45.37 -6.64
CA MET A 396 -12.58 -45.36 -6.90
C MET A 396 -11.86 -46.51 -6.21
N ASP A 397 -10.81 -47.01 -6.86
CA ASP A 397 -9.96 -48.04 -6.30
C ASP A 397 -8.50 -47.63 -6.42
N GLU A 398 -7.64 -48.22 -5.59
CA GLU A 398 -6.21 -47.90 -5.58
C GLU A 398 -5.54 -48.13 -6.94
N GLN A 399 -5.87 -49.23 -7.59
CA GLN A 399 -5.28 -49.57 -8.88
C GLN A 399 -5.54 -48.49 -9.93
N THR A 400 -6.76 -47.95 -9.96
CA THR A 400 -7.12 -46.92 -10.93
C THR A 400 -6.46 -45.59 -10.59
N MET A 401 -6.50 -45.23 -9.31
CA MET A 401 -5.79 -44.04 -8.82
C MET A 401 -4.32 -44.07 -9.21
N VAL A 402 -3.64 -45.18 -8.93
CA VAL A 402 -2.22 -45.32 -9.23
C VAL A 402 -1.97 -45.28 -10.74
N GLN A 403 -2.77 -46.00 -11.51
CA GLN A 403 -2.72 -45.95 -12.97
C GLN A 403 -2.77 -44.50 -13.47
N ASP A 404 -3.73 -43.73 -12.95
CA ASP A 404 -3.91 -42.31 -13.32
C ASP A 404 -2.70 -41.44 -13.00
N ILE A 405 -2.18 -41.57 -11.77
CA ILE A 405 -1.00 -40.82 -11.35
C ILE A 405 0.24 -41.12 -12.19
N LEU A 406 0.46 -42.41 -12.49
CA LEU A 406 1.61 -42.81 -13.28
C LEU A 406 1.52 -42.22 -14.69
N LEU A 407 0.33 -42.31 -15.29
CA LEU A 407 0.11 -41.77 -16.63
C LEU A 407 0.27 -40.26 -16.68
N MET A 408 -0.20 -39.58 -15.64
CA MET A 408 -0.07 -38.14 -15.52
C MET A 408 1.40 -37.72 -15.47
N LYS A 409 2.16 -38.32 -14.56
CA LYS A 409 3.56 -37.98 -14.39
C LYS A 409 4.40 -38.37 -15.61
N GLN A 410 4.05 -39.49 -16.23
CA GLN A 410 4.71 -39.94 -17.44
C GLN A 410 4.48 -38.97 -18.60
N ASN A 411 3.39 -38.22 -18.54
CA ASN A 411 3.07 -37.23 -19.57
C ASN A 411 3.28 -35.79 -19.11
N ASN A 412 4.16 -35.63 -18.12
CA ASN A 412 4.67 -34.32 -17.73
C ASN A 412 3.66 -33.40 -17.04
N PHE A 413 2.68 -34.00 -16.39
CA PHE A 413 1.78 -33.26 -15.50
C PHE A 413 2.39 -33.24 -14.09
N ASN A 414 2.22 -32.12 -13.40
CA ASN A 414 2.71 -32.00 -12.02
C ASN A 414 1.60 -31.59 -11.05
N ALA A 415 0.39 -31.43 -11.58
CA ALA A 415 -0.73 -30.94 -10.76
C ALA A 415 -2.09 -31.44 -11.22
N VAL A 416 -2.99 -31.56 -10.24
CA VAL A 416 -4.33 -32.06 -10.47
C VAL A 416 -5.36 -31.22 -9.71
N ARG A 417 -6.47 -30.92 -10.38
CA ARG A 417 -7.60 -30.26 -9.72
C ARG A 417 -8.69 -31.29 -9.44
N CYS A 418 -9.10 -31.39 -8.18
CA CYS A 418 -10.21 -32.24 -7.77
C CYS A 418 -11.55 -31.70 -8.23
N SER A 419 -11.79 -31.73 -9.55
CA SER A 419 -13.05 -31.24 -10.10
C SER A 419 -14.20 -32.21 -9.81
N HIS A 420 -15.26 -31.81 -9.10
CA HIS A 420 -15.38 -30.55 -8.36
C HIS A 420 -15.88 -30.88 -6.97
N TYR A 421 -15.06 -31.60 -6.20
CA TYR A 421 -15.45 -32.12 -4.90
C TYR A 421 -14.25 -32.74 -4.21
N PRO A 422 -14.29 -32.86 -2.87
CA PRO A 422 -13.22 -33.56 -2.19
C PRO A 422 -13.19 -35.01 -2.65
N ASN A 423 -12.00 -35.54 -2.86
CA ASN A 423 -11.81 -36.88 -3.35
C ASN A 423 -11.79 -37.95 -2.26
N HIS A 424 -11.80 -39.20 -2.72
CA HIS A 424 -11.50 -40.36 -1.91
C HIS A 424 -10.17 -40.10 -1.18
N PRO A 425 -10.13 -40.29 0.14
CA PRO A 425 -8.97 -39.92 0.97
C PRO A 425 -7.63 -40.51 0.51
N LEU A 426 -7.65 -41.61 -0.21
CA LEU A 426 -6.40 -42.25 -0.64
C LEU A 426 -5.69 -41.45 -1.73
N TRP A 427 -6.47 -40.69 -2.50
CA TRP A 427 -5.93 -39.87 -3.57
C TRP A 427 -4.85 -38.93 -3.04
N TYR A 428 -5.14 -38.28 -1.91
CA TYR A 428 -4.24 -37.32 -1.29
C TYR A 428 -2.97 -38.00 -0.76
N THR A 429 -3.13 -39.19 -0.21
CA THR A 429 -1.99 -39.99 0.23
C THR A 429 -1.10 -40.28 -0.98
N LEU A 430 -1.72 -40.67 -2.09
CA LEU A 430 -0.97 -40.99 -3.29
C LEU A 430 -0.29 -39.76 -3.92
N CYS A 431 -0.99 -38.62 -3.93
CA CYS A 431 -0.40 -37.39 -4.44
C CYS A 431 0.75 -36.92 -3.55
N ASP A 432 0.64 -37.16 -2.24
CA ASP A 432 1.71 -36.84 -1.29
C ASP A 432 2.98 -37.60 -1.65
N ARG A 433 2.81 -38.88 -1.96
CA ARG A 433 3.93 -39.82 -2.10
C ARG A 433 4.55 -39.85 -3.49
N TYR A 434 3.72 -39.72 -4.53
CA TYR A 434 4.21 -39.69 -5.90
C TYR A 434 4.66 -38.29 -6.30
N GLY A 435 4.07 -37.27 -5.66
CA GLY A 435 4.39 -35.88 -5.94
C GLY A 435 3.53 -35.25 -7.04
N LEU A 436 2.35 -34.77 -6.62
CA LEU A 436 1.49 -33.94 -7.47
C LEU A 436 0.90 -32.81 -6.64
N TYR A 437 0.87 -31.60 -7.20
CA TYR A 437 0.21 -30.47 -6.57
C TYR A 437 -1.30 -30.61 -6.70
N VAL A 438 -2.02 -30.41 -5.60
CA VAL A 438 -3.47 -30.62 -5.62
C VAL A 438 -4.26 -29.35 -5.29
N VAL A 439 -5.25 -29.06 -6.11
CA VAL A 439 -6.29 -28.09 -5.81
C VAL A 439 -7.43 -28.89 -5.20
N ASP A 440 -7.64 -28.72 -3.90
CA ASP A 440 -8.72 -29.41 -3.18
C ASP A 440 -9.92 -28.48 -3.21
N GLU A 441 -11.07 -29.00 -3.63
CA GLU A 441 -12.22 -28.19 -4.01
C GLU A 441 -13.50 -28.62 -3.29
N ALA A 442 -14.20 -27.66 -2.67
CA ALA A 442 -15.43 -27.97 -1.96
C ALA A 442 -16.54 -28.48 -2.89
N ASN A 443 -17.36 -29.40 -2.38
CA ASN A 443 -18.47 -29.96 -3.14
C ASN A 443 -19.65 -28.98 -3.26
N ILE A 444 -19.41 -27.88 -3.98
CA ILE A 444 -20.45 -26.89 -4.25
C ILE A 444 -20.46 -26.52 -5.73
N GLU A 445 -21.51 -26.95 -6.44
CA GLU A 445 -21.79 -26.44 -7.78
C GLU A 445 -23.28 -26.26 -7.97
N THR A 446 -23.68 -25.01 -8.22
CA THR A 446 -25.09 -24.64 -8.43
C THR A 446 -25.32 -24.08 -9.85
N HIS A 447 -24.64 -24.67 -10.82
CA HIS A 447 -24.60 -24.19 -12.20
C HIS A 447 -25.97 -23.91 -12.80
N GLY A 448 -26.94 -24.76 -12.47
CA GLY A 448 -28.26 -24.72 -13.09
C GLY A 448 -29.24 -23.67 -12.60
N MET A 449 -28.84 -22.92 -11.57
CA MET A 449 -29.63 -21.81 -11.04
C MET A 449 -29.64 -20.63 -12.02
N VAL A 450 -30.66 -19.78 -11.90
CA VAL A 450 -30.75 -18.55 -12.69
C VAL A 450 -31.05 -17.38 -11.75
N PRO A 451 -30.10 -16.42 -11.59
CA PRO A 451 -28.74 -16.46 -12.13
C PRO A 451 -27.91 -17.45 -11.32
N MET A 452 -26.68 -17.70 -11.72
CA MET A 452 -25.88 -18.79 -11.15
C MET A 452 -25.61 -18.65 -9.65
N ASN A 453 -25.71 -17.44 -9.10
CA ASN A 453 -25.46 -17.21 -7.69
C ASN A 453 -26.71 -17.15 -6.81
N ARG A 454 -27.84 -17.64 -7.31
CA ARG A 454 -29.11 -17.47 -6.59
C ARG A 454 -29.06 -18.02 -5.18
N LEU A 455 -28.40 -19.16 -5.00
CA LEU A 455 -28.27 -19.77 -3.66
C LEU A 455 -27.01 -19.33 -2.92
N THR A 456 -25.90 -19.15 -3.65
CA THR A 456 -24.64 -18.76 -3.03
C THR A 456 -24.64 -17.31 -2.51
N ASP A 457 -25.58 -16.50 -3.00
CA ASP A 457 -25.73 -15.15 -2.45
C ASP A 457 -26.86 -15.07 -1.41
N ASP A 458 -27.48 -16.22 -1.13
CA ASP A 458 -28.57 -16.31 -0.17
C ASP A 458 -28.06 -16.81 1.17
N PRO A 459 -28.18 -15.96 2.22
CA PRO A 459 -27.69 -16.31 3.56
C PRO A 459 -28.36 -17.56 4.14
N ARG A 460 -29.54 -17.89 3.63
CA ARG A 460 -30.27 -19.11 4.01
C ARG A 460 -29.47 -20.37 3.65
N TRP A 461 -28.63 -20.25 2.62
CA TRP A 461 -27.85 -21.39 2.13
C TRP A 461 -26.40 -21.41 2.63
N LEU A 462 -26.01 -20.40 3.40
CA LEU A 462 -24.68 -20.34 3.98
C LEU A 462 -24.31 -21.55 4.86
N PRO A 463 -25.23 -21.99 5.76
CA PRO A 463 -24.92 -23.17 6.60
C PRO A 463 -24.56 -24.43 5.80
N ALA A 464 -25.38 -24.79 4.82
CA ALA A 464 -25.10 -25.93 3.94
C ALA A 464 -23.78 -25.75 3.20
N MET A 465 -23.56 -24.54 2.70
CA MET A 465 -22.30 -24.20 2.03
C MET A 465 -21.11 -24.28 2.98
N SER A 466 -21.26 -23.69 4.17
CA SER A 466 -20.14 -23.61 5.10
C SER A 466 -19.63 -24.99 5.51
N GLU A 467 -20.52 -25.96 5.69
CA GLU A 467 -20.11 -27.32 6.02
C GLU A 467 -19.34 -28.01 4.89
N ARG A 468 -19.61 -27.64 3.65
CA ARG A 468 -18.93 -28.27 2.53
C ARG A 468 -17.51 -27.77 2.36
N VAL A 469 -17.27 -26.55 2.83
CA VAL A 469 -15.94 -25.95 2.86
C VAL A 469 -15.20 -26.33 4.14
N THR A 470 -15.83 -26.09 5.29
CA THR A 470 -15.19 -26.27 6.59
C THR A 470 -14.81 -27.72 6.87
N ARG A 471 -15.68 -28.66 6.51
CA ARG A 471 -15.39 -30.09 6.74
C ARG A 471 -14.34 -30.64 5.77
N MET A 472 -14.21 -30.00 4.61
CA MET A 472 -13.13 -30.32 3.68
C MET A 472 -11.78 -29.89 4.27
N VAL A 473 -11.68 -28.64 4.71
CA VAL A 473 -10.45 -28.12 5.30
C VAL A 473 -10.02 -28.94 6.52
N GLN A 474 -10.99 -29.28 7.39
CA GLN A 474 -10.71 -30.09 8.59
C GLN A 474 -10.17 -31.48 8.26
N ARG A 475 -10.57 -32.03 7.11
CA ARG A 475 -10.14 -33.38 6.73
C ARG A 475 -8.76 -33.40 6.07
N ASP A 476 -8.51 -32.45 5.18
CA ASP A 476 -7.37 -32.54 4.26
C ASP A 476 -6.19 -31.62 4.56
N ARG A 477 -6.32 -30.77 5.58
CA ARG A 477 -5.32 -29.72 5.89
C ARG A 477 -3.89 -30.19 6.20
N ASN A 478 -3.72 -31.47 6.51
CA ASN A 478 -2.37 -31.99 6.83
C ASN A 478 -1.66 -32.61 5.63
N HIS A 479 -2.34 -32.69 4.49
CA HIS A 479 -1.76 -33.24 3.26
C HIS A 479 -0.87 -32.22 2.54
N PRO A 480 0.43 -32.51 2.40
CA PRO A 480 1.32 -31.57 1.71
C PRO A 480 0.97 -31.34 0.23
N SER A 481 0.38 -32.34 -0.43
CA SER A 481 0.04 -32.24 -1.86
C SER A 481 -1.01 -31.17 -2.13
N VAL A 482 -1.91 -30.96 -1.16
CA VAL A 482 -2.87 -29.87 -1.26
C VAL A 482 -2.13 -28.55 -1.07
N ILE A 483 -2.09 -27.74 -2.13
CA ILE A 483 -1.41 -26.44 -2.08
C ILE A 483 -2.37 -25.27 -2.21
N ILE A 484 -3.53 -25.53 -2.78
CA ILE A 484 -4.57 -24.50 -2.97
C ILE A 484 -5.94 -25.06 -2.57
N TRP A 485 -6.74 -24.25 -1.87
CA TRP A 485 -8.15 -24.55 -1.60
C TRP A 485 -9.04 -23.87 -2.65
N SER A 486 -10.09 -24.58 -3.06
CA SER A 486 -11.09 -24.00 -3.95
C SER A 486 -12.48 -24.04 -3.32
N LEU A 487 -13.22 -22.94 -3.48
CA LEU A 487 -14.55 -22.76 -2.89
C LEU A 487 -15.67 -23.50 -3.63
N GLY A 488 -15.29 -24.27 -4.65
CA GLY A 488 -16.25 -25.01 -5.45
C GLY A 488 -16.18 -24.64 -6.91
N ASN A 489 -17.28 -24.86 -7.62
CA ASN A 489 -17.33 -24.62 -9.06
C ASN A 489 -18.65 -24.04 -9.54
N GLU A 490 -18.58 -23.11 -10.49
CA GLU A 490 -19.75 -22.62 -11.21
C GLU A 490 -20.97 -22.44 -10.32
N SER A 491 -20.87 -21.48 -9.41
CA SER A 491 -21.97 -21.15 -8.51
C SER A 491 -22.10 -19.64 -8.45
N GLY A 492 -21.74 -18.98 -9.54
CA GLY A 492 -21.70 -17.52 -9.60
C GLY A 492 -20.77 -16.96 -8.56
N HIS A 493 -20.99 -15.70 -8.19
CA HIS A 493 -20.32 -15.14 -7.03
C HIS A 493 -21.33 -14.53 -6.09
N GLY A 494 -21.39 -15.09 -4.88
CA GLY A 494 -22.31 -14.60 -3.86
C GLY A 494 -21.62 -14.27 -2.56
N ALA A 495 -22.34 -13.60 -1.66
CA ALA A 495 -21.79 -13.20 -0.37
C ALA A 495 -21.27 -14.37 0.45
N ASN A 496 -21.90 -15.54 0.29
CA ASN A 496 -21.49 -16.74 1.01
C ASN A 496 -20.07 -17.17 0.63
N HIS A 497 -19.67 -16.89 -0.61
CA HIS A 497 -18.30 -17.17 -1.06
C HIS A 497 -17.29 -16.30 -0.32
N ASP A 498 -17.63 -15.02 -0.13
CA ASP A 498 -16.72 -14.07 0.53
C ASP A 498 -16.48 -14.42 1.99
N ALA A 499 -17.55 -14.82 2.69
CA ALA A 499 -17.47 -15.26 4.08
C ALA A 499 -16.60 -16.51 4.22
N LEU A 500 -16.81 -17.47 3.31
CA LEU A 500 -16.09 -18.75 3.38
C LEU A 500 -14.64 -18.62 2.91
N TYR A 501 -14.42 -17.75 1.92
CA TYR A 501 -13.06 -17.34 1.57
C TYR A 501 -12.31 -16.87 2.83
N ARG A 502 -12.92 -15.96 3.59
CA ARG A 502 -12.27 -15.40 4.77
C ARG A 502 -12.12 -16.41 5.90
N TRP A 503 -13.08 -17.33 5.99
CA TRP A 503 -12.98 -18.41 6.97
C TRP A 503 -11.71 -19.24 6.75
N ILE A 504 -11.46 -19.65 5.51
CA ILE A 504 -10.27 -20.44 5.20
C ILE A 504 -8.99 -19.64 5.45
N LYS A 505 -8.97 -18.36 5.06
CA LYS A 505 -7.78 -17.51 5.28
C LYS A 505 -7.45 -17.37 6.77
N SER A 506 -8.49 -17.37 7.60
CA SER A 506 -8.34 -17.24 9.04
C SER A 506 -7.83 -18.53 9.68
N VAL A 507 -8.41 -19.68 9.30
CA VAL A 507 -8.01 -20.98 9.87
C VAL A 507 -6.75 -21.60 9.23
N ASP A 508 -6.52 -21.36 7.94
CA ASP A 508 -5.34 -21.92 7.26
C ASP A 508 -4.63 -20.90 6.38
N PRO A 509 -3.73 -20.10 6.98
CA PRO A 509 -2.94 -19.12 6.21
C PRO A 509 -1.86 -19.74 5.29
N SER A 510 -1.67 -21.06 5.38
CA SER A 510 -0.61 -21.73 4.64
C SER A 510 -0.92 -21.99 3.15
N ARG A 511 -2.18 -21.81 2.75
CA ARG A 511 -2.58 -22.10 1.37
C ARG A 511 -3.44 -20.98 0.80
N PRO A 512 -3.16 -20.55 -0.45
CA PRO A 512 -4.04 -19.61 -1.16
C PRO A 512 -5.41 -20.22 -1.39
N VAL A 513 -6.43 -19.38 -1.40
CA VAL A 513 -7.78 -19.81 -1.73
C VAL A 513 -8.13 -19.26 -3.11
N GLN A 514 -8.60 -20.14 -4.00
CA GLN A 514 -9.10 -19.68 -5.30
C GLN A 514 -10.57 -20.03 -5.52
N TYR A 515 -11.22 -19.32 -6.43
CA TYR A 515 -12.56 -19.66 -6.89
C TYR A 515 -12.84 -18.91 -8.19
N GLU A 516 -13.34 -19.62 -9.20
CA GLU A 516 -13.55 -19.04 -10.54
C GLU A 516 -14.86 -18.25 -10.71
N GLY A 517 -15.89 -18.57 -9.94
CA GLY A 517 -17.23 -18.01 -10.16
C GLY A 517 -17.34 -16.50 -10.18
N GLY A 518 -18.27 -16.00 -10.98
CA GLY A 518 -18.53 -14.56 -11.06
C GLY A 518 -17.48 -13.77 -11.81
N GLY A 519 -16.71 -14.46 -12.65
CA GLY A 519 -15.74 -13.78 -13.52
C GLY A 519 -14.27 -14.00 -13.22
N ALA A 520 -13.96 -15.00 -12.40
CA ALA A 520 -12.58 -15.51 -12.19
C ALA A 520 -11.58 -14.58 -11.48
N ASP A 521 -12.00 -13.36 -11.16
CA ASP A 521 -11.12 -12.39 -10.50
C ASP A 521 -11.86 -11.60 -9.42
N THR A 522 -12.82 -12.23 -8.77
CA THR A 522 -13.61 -11.57 -7.73
C THR A 522 -12.79 -11.46 -6.44
N THR A 523 -13.42 -10.88 -5.41
CA THR A 523 -12.80 -10.72 -4.10
C THR A 523 -12.70 -12.04 -3.34
N ALA A 524 -13.18 -13.11 -3.95
CA ALA A 524 -13.21 -14.42 -3.31
C ALA A 524 -12.09 -15.32 -3.81
N THR A 525 -11.08 -14.75 -4.48
CA THR A 525 -10.00 -15.56 -5.07
C THR A 525 -8.64 -14.85 -5.03
N ASP A 526 -7.62 -15.57 -4.55
CA ASP A 526 -6.24 -15.06 -4.51
C ASP A 526 -5.53 -15.20 -5.86
N ILE A 527 -6.13 -15.98 -6.76
CA ILE A 527 -5.51 -16.30 -8.05
C ILE A 527 -6.55 -16.02 -9.12
N ILE A 528 -6.18 -15.30 -10.17
CA ILE A 528 -7.09 -15.14 -11.32
C ILE A 528 -7.15 -16.49 -11.99
N CYS A 529 -8.31 -17.13 -11.93
CA CYS A 529 -8.41 -18.53 -12.33
C CYS A 529 -9.51 -18.80 -13.37
N PRO A 530 -9.42 -18.18 -14.56
CA PRO A 530 -10.52 -18.33 -15.51
C PRO A 530 -10.62 -19.73 -16.11
N MET A 531 -11.76 -20.01 -16.70
CA MET A 531 -11.92 -21.23 -17.47
C MET A 531 -12.06 -20.87 -18.95
N TYR A 532 -11.18 -21.45 -19.76
CA TYR A 532 -11.24 -21.35 -21.23
C TYR A 532 -11.07 -19.91 -21.75
N ALA A 533 -10.37 -19.07 -20.98
CA ALA A 533 -9.95 -17.78 -21.50
C ALA A 533 -8.84 -18.10 -22.50
N ARG A 534 -8.84 -17.36 -23.59
CA ARG A 534 -7.92 -17.63 -24.69
C ARG A 534 -6.62 -16.84 -24.51
N VAL A 535 -5.60 -17.19 -25.30
CA VAL A 535 -4.28 -16.59 -25.14
C VAL A 535 -4.29 -15.12 -25.58
N ASP A 536 -4.78 -14.87 -26.79
CA ASP A 536 -4.70 -13.56 -27.43
C ASP A 536 -6.06 -12.88 -27.64
N GLU A 537 -7.10 -13.70 -27.84
CA GLU A 537 -8.44 -13.21 -28.16
C GLU A 537 -9.25 -12.90 -26.90
N ASP A 538 -9.78 -11.69 -26.80
CA ASP A 538 -10.78 -11.35 -25.77
C ASP A 538 -12.12 -12.01 -26.09
N GLN A 539 -12.86 -12.36 -25.04
CA GLN A 539 -14.25 -12.78 -25.17
C GLN A 539 -15.05 -11.91 -24.19
N PRO A 540 -15.51 -10.74 -24.66
CA PRO A 540 -16.05 -9.76 -23.74
C PRO A 540 -17.53 -9.97 -23.39
N PHE A 541 -17.86 -11.13 -22.82
CA PHE A 541 -19.21 -11.36 -22.29
C PHE A 541 -19.57 -10.28 -21.26
N PRO A 542 -20.84 -9.86 -21.23
CA PRO A 542 -21.25 -8.90 -20.19
C PRO A 542 -21.11 -9.53 -18.82
N ALA A 543 -20.67 -8.73 -17.83
CA ALA A 543 -20.57 -9.12 -16.42
C ALA A 543 -19.42 -10.08 -16.10
N VAL A 544 -19.24 -11.08 -16.95
CA VAL A 544 -18.21 -12.11 -16.72
C VAL A 544 -17.34 -12.32 -17.97
N PRO A 545 -16.63 -11.26 -18.43
CA PRO A 545 -15.78 -11.41 -19.61
C PRO A 545 -14.65 -12.40 -19.40
N LYS A 546 -14.23 -13.05 -20.47
CA LYS A 546 -13.01 -13.85 -20.46
C LYS A 546 -11.99 -13.10 -21.29
N TRP A 547 -11.16 -12.29 -20.62
CA TRP A 547 -10.13 -11.54 -21.31
C TRP A 547 -9.03 -12.46 -21.78
N SER A 548 -8.38 -12.08 -22.88
CA SER A 548 -7.10 -12.67 -23.22
C SER A 548 -6.27 -12.74 -21.93
N ILE A 549 -5.63 -13.90 -21.68
CA ILE A 549 -4.92 -14.11 -20.41
C ILE A 549 -3.75 -13.13 -20.24
N LYS A 550 -3.10 -12.78 -21.36
CA LYS A 550 -2.02 -11.78 -21.39
C LYS A 550 -2.54 -10.39 -20.99
N LYS A 551 -3.72 -10.05 -21.48
CA LYS A 551 -4.35 -8.76 -21.19
C LYS A 551 -4.85 -8.68 -19.77
N TRP A 552 -5.46 -9.77 -19.29
CA TRP A 552 -6.06 -9.84 -17.95
C TRP A 552 -5.08 -9.44 -16.84
N LEU A 553 -3.85 -9.93 -16.94
CA LEU A 553 -2.80 -9.70 -15.95
C LEU A 553 -2.50 -8.24 -15.73
N SER A 554 -2.66 -7.43 -16.78
CA SER A 554 -2.25 -6.03 -16.71
C SER A 554 -3.41 -5.02 -16.67
N LEU A 555 -4.64 -5.50 -16.48
CA LEU A 555 -5.77 -4.61 -16.30
C LEU A 555 -5.50 -3.68 -15.10
N PRO A 556 -5.92 -2.40 -15.20
CA PRO A 556 -5.60 -1.43 -14.14
C PRO A 556 -5.87 -1.99 -12.75
N GLY A 557 -4.87 -1.93 -11.88
CA GLY A 557 -5.00 -2.37 -10.50
C GLY A 557 -4.85 -3.86 -10.26
N GLU A 558 -4.75 -4.66 -11.32
CA GLU A 558 -4.58 -6.11 -11.16
C GLU A 558 -3.13 -6.51 -10.86
N THR A 559 -2.94 -7.35 -9.85
CA THR A 559 -1.60 -7.77 -9.40
C THR A 559 -1.45 -9.29 -9.25
N ARG A 560 -2.58 -10.00 -9.15
CA ARG A 560 -2.58 -11.44 -8.85
C ARG A 560 -1.95 -12.32 -9.95
N PRO A 561 -1.47 -13.51 -9.59
CA PRO A 561 -1.09 -14.51 -10.59
C PRO A 561 -2.31 -15.08 -11.31
N LEU A 562 -2.12 -15.54 -12.53
CA LEU A 562 -3.20 -16.15 -13.32
C LEU A 562 -2.86 -17.59 -13.64
N ILE A 563 -3.74 -18.50 -13.20
CA ILE A 563 -3.63 -19.93 -13.48
C ILE A 563 -5.04 -20.40 -13.84
N LEU A 564 -5.21 -20.91 -15.06
CA LEU A 564 -6.53 -21.32 -15.54
C LEU A 564 -7.01 -22.58 -14.80
N CYS A 565 -8.18 -22.49 -14.16
CA CYS A 565 -8.73 -23.68 -13.50
C CYS A 565 -9.13 -24.72 -14.54
N GLU A 566 -9.46 -24.25 -15.76
CA GLU A 566 -9.83 -25.11 -16.89
C GLU A 566 -9.41 -24.46 -18.20
N TYR A 567 -8.77 -25.23 -19.07
CA TYR A 567 -8.42 -24.73 -20.41
C TYR A 567 -8.19 -25.90 -21.36
N ALA A 568 -8.12 -25.62 -22.65
CA ALA A 568 -7.86 -26.63 -23.67
C ALA A 568 -8.81 -27.84 -23.55
N HIS A 569 -10.09 -27.54 -23.75
CA HIS A 569 -11.14 -28.54 -23.68
C HIS A 569 -10.89 -29.70 -24.64
N ALA A 570 -10.49 -30.85 -24.08
CA ALA A 570 -9.96 -31.98 -24.85
C ALA A 570 -11.04 -32.93 -25.39
N MET A 571 -12.17 -32.36 -25.79
CA MET A 571 -13.30 -33.16 -26.24
C MET A 571 -13.12 -33.71 -27.65
N GLY A 572 -12.93 -35.03 -27.73
CA GLY A 572 -12.76 -35.70 -29.01
C GLY A 572 -11.46 -35.30 -29.69
N ASN A 573 -11.54 -35.02 -30.98
CA ASN A 573 -10.38 -34.58 -31.73
C ASN A 573 -10.12 -33.13 -31.38
N SER A 574 -9.33 -32.90 -30.34
CA SER A 574 -9.17 -31.55 -29.79
C SER A 574 -7.74 -31.28 -29.30
N LEU A 575 -7.55 -30.19 -28.56
CA LEU A 575 -6.25 -29.67 -28.11
C LEU A 575 -5.47 -28.93 -29.20
N GLY A 576 -6.18 -28.41 -30.19
CA GLY A 576 -5.60 -27.49 -31.17
C GLY A 576 -5.32 -26.15 -30.51
N GLY A 577 -4.14 -25.60 -30.77
CA GLY A 577 -3.73 -24.34 -30.14
C GLY A 577 -3.17 -24.52 -28.74
N PHE A 578 -2.78 -25.75 -28.39
CA PHE A 578 -2.24 -26.04 -27.06
C PHE A 578 -0.88 -25.37 -26.89
N ALA A 579 -0.06 -25.44 -27.93
CA ALA A 579 1.28 -24.85 -27.94
C ALA A 579 1.28 -23.35 -27.68
N LYS A 580 0.19 -22.70 -28.09
CA LYS A 580 0.03 -21.26 -27.88
C LYS A 580 -0.09 -20.88 -26.39
N TYR A 581 -0.75 -21.73 -25.60
CA TYR A 581 -0.85 -21.52 -24.17
C TYR A 581 0.52 -21.65 -23.56
N TRP A 582 1.22 -22.73 -23.91
CA TRP A 582 2.53 -23.00 -23.34
C TRP A 582 3.60 -21.98 -23.75
N GLN A 583 3.49 -21.42 -24.96
CA GLN A 583 4.37 -20.33 -25.36
C GLN A 583 4.15 -19.12 -24.44
N ALA A 584 2.89 -18.80 -24.16
CA ALA A 584 2.54 -17.68 -23.29
C ALA A 584 2.91 -17.92 -21.81
N PHE A 585 2.56 -19.09 -21.28
CA PHE A 585 2.99 -19.46 -19.93
C PHE A 585 4.50 -19.26 -19.74
N ARG A 586 5.30 -19.61 -20.74
CA ARG A 586 6.76 -19.52 -20.58
C ARG A 586 7.30 -18.10 -20.71
N GLN A 587 6.60 -17.25 -21.46
CA GLN A 587 7.03 -15.88 -21.68
C GLN A 587 6.65 -14.93 -20.53
N TYR A 588 5.49 -15.17 -19.92
CA TYR A 588 4.92 -14.26 -18.89
C TYR A 588 5.08 -14.82 -17.49
N PRO A 589 5.92 -14.18 -16.67
CA PRO A 589 6.10 -14.64 -15.28
C PRO A 589 4.77 -14.92 -14.54
N ARG A 590 3.80 -14.01 -14.62
CA ARG A 590 2.54 -14.14 -13.89
C ARG A 590 1.48 -15.09 -14.52
N LEU A 591 1.71 -15.55 -15.74
CA LEU A 591 0.94 -16.68 -16.27
C LEU A 591 1.60 -17.96 -15.77
N GLN A 592 1.00 -18.61 -14.77
CA GLN A 592 1.67 -19.75 -14.16
C GLN A 592 1.03 -21.10 -14.49
N GLY A 593 0.38 -21.18 -15.64
CA GLY A 593 -0.10 -22.44 -16.18
C GLY A 593 -1.59 -22.62 -16.07
N GLY A 594 -2.01 -23.88 -15.94
CA GLY A 594 -3.42 -24.18 -15.86
C GLY A 594 -3.71 -25.66 -15.76
N PHE A 595 -4.99 -25.97 -15.70
CA PHE A 595 -5.48 -27.32 -15.60
C PHE A 595 -6.31 -27.66 -16.84
N VAL A 596 -5.80 -28.60 -17.65
CA VAL A 596 -6.52 -29.09 -18.83
C VAL A 596 -7.88 -29.67 -18.43
N TRP A 597 -8.91 -29.41 -19.24
CA TRP A 597 -10.19 -30.11 -19.08
C TRP A 597 -10.43 -31.13 -20.19
N ASP A 598 -10.36 -32.43 -19.90
CA ASP A 598 -9.95 -32.96 -18.59
C ASP A 598 -9.22 -34.30 -18.78
N TRP A 599 -9.14 -35.10 -17.71
CA TRP A 599 -8.30 -36.29 -17.73
C TRP A 599 -8.89 -37.47 -18.47
N VAL A 600 -10.09 -37.89 -18.05
CA VAL A 600 -10.65 -39.15 -18.54
C VAL A 600 -12.08 -38.99 -19.05
N ASP A 601 -12.34 -39.53 -20.23
CA ASP A 601 -13.71 -39.61 -20.80
C ASP A 601 -14.67 -40.24 -19.80
N GLN A 602 -15.79 -39.57 -19.51
CA GLN A 602 -16.83 -40.14 -18.66
C GLN A 602 -17.78 -41.08 -19.46
N SER A 603 -17.22 -42.02 -20.21
CA SER A 603 -18.03 -43.02 -20.89
C SER A 603 -18.29 -44.23 -19.98
N LEU A 604 -19.42 -44.90 -20.21
CA LEU A 604 -19.81 -46.07 -19.41
C LEU A 604 -19.95 -47.29 -20.32
N ILE A 605 -19.59 -48.46 -19.80
CA ILE A 605 -19.67 -49.68 -20.58
C ILE A 605 -21.08 -50.26 -20.57
N LYS A 606 -21.65 -50.43 -21.76
CA LYS A 606 -22.87 -51.22 -21.95
C LYS A 606 -22.53 -52.48 -22.73
N TYR A 607 -23.49 -53.41 -22.80
CA TYR A 607 -23.29 -54.65 -23.54
C TYR A 607 -24.38 -54.83 -24.59
N ASP A 608 -23.99 -55.36 -25.75
CA ASP A 608 -24.94 -55.62 -26.83
C ASP A 608 -25.56 -57.02 -26.70
N GLU A 609 -26.49 -57.34 -27.60
CA GLU A 609 -27.18 -58.65 -27.61
C GLU A 609 -26.23 -59.86 -27.63
N ASN A 610 -25.03 -59.67 -28.21
CA ASN A 610 -24.02 -60.72 -28.24
C ASN A 610 -23.16 -60.75 -26.97
N GLY A 611 -23.42 -59.84 -26.04
CA GLY A 611 -22.65 -59.73 -24.80
C GLY A 611 -21.31 -59.03 -24.94
N ASN A 612 -21.14 -58.31 -26.05
CA ASN A 612 -19.91 -57.58 -26.31
C ASN A 612 -19.98 -56.16 -25.76
N PRO A 613 -18.92 -55.71 -25.06
CA PRO A 613 -18.91 -54.38 -24.43
C PRO A 613 -18.75 -53.23 -25.44
N TRP A 614 -19.42 -52.11 -25.16
CA TRP A 614 -19.24 -50.87 -25.93
C TRP A 614 -19.41 -49.63 -25.06
N SER A 615 -18.84 -48.50 -25.52
CA SER A 615 -18.80 -47.28 -24.74
C SER A 615 -20.00 -46.39 -24.99
N ALA A 616 -20.65 -46.00 -23.91
CA ALA A 616 -21.90 -45.26 -23.95
C ALA A 616 -21.75 -43.89 -23.32
N TYR A 617 -22.56 -42.95 -23.80
CA TYR A 617 -22.58 -41.60 -23.25
C TYR A 617 -24.01 -41.15 -22.91
N GLY A 618 -24.22 -39.84 -22.73
CA GLY A 618 -25.54 -39.33 -22.36
C GLY A 618 -26.64 -39.80 -23.31
N GLY A 619 -27.78 -40.19 -22.75
CA GLY A 619 -28.91 -40.65 -23.56
C GLY A 619 -28.99 -42.15 -23.82
N ASP A 620 -27.90 -42.87 -23.54
CA ASP A 620 -27.83 -44.31 -23.81
C ASP A 620 -28.45 -45.18 -22.70
N PHE A 621 -29.05 -44.56 -21.70
CA PHE A 621 -29.67 -45.30 -20.60
C PHE A 621 -31.14 -44.92 -20.46
N GLY A 622 -31.71 -44.41 -21.55
CA GLY A 622 -33.06 -43.88 -21.54
C GLY A 622 -33.17 -42.58 -20.74
N ASP A 623 -32.02 -42.07 -20.31
CA ASP A 623 -31.94 -40.84 -19.52
C ASP A 623 -32.27 -39.61 -20.36
N THR A 624 -33.24 -38.82 -19.89
CA THR A 624 -33.75 -37.67 -20.62
C THR A 624 -34.39 -36.65 -19.68
N PRO A 625 -34.11 -35.34 -19.87
CA PRO A 625 -33.17 -34.80 -20.86
C PRO A 625 -31.72 -35.18 -20.57
N ASN A 626 -30.88 -35.13 -21.59
CA ASN A 626 -29.47 -35.46 -21.46
C ASN A 626 -28.62 -34.60 -22.39
N ASP A 627 -27.31 -34.64 -22.19
CA ASP A 627 -26.39 -33.84 -23.00
C ASP A 627 -25.35 -34.67 -23.74
N ARG A 628 -25.75 -35.91 -24.05
CA ARG A 628 -25.08 -36.74 -25.05
C ARG A 628 -23.59 -36.95 -24.78
N GLN A 629 -22.75 -36.70 -25.77
CA GLN A 629 -21.31 -36.98 -25.68
C GLN A 629 -20.51 -35.95 -24.88
N PHE A 630 -21.18 -34.89 -24.41
CA PHE A 630 -20.51 -33.80 -23.70
C PHE A 630 -19.90 -34.21 -22.34
N CYS A 631 -20.16 -35.45 -21.93
CA CYS A 631 -19.51 -36.05 -20.76
C CYS A 631 -18.15 -36.65 -21.13
N MET A 632 -17.80 -36.63 -22.41
CA MET A 632 -16.51 -37.17 -22.84
C MET A 632 -15.58 -36.06 -23.30
N ASN A 633 -14.68 -35.67 -22.40
CA ASN A 633 -13.75 -34.56 -22.65
C ASN A 633 -12.31 -34.92 -22.32
N GLY A 634 -12.02 -36.21 -22.21
CA GLY A 634 -10.73 -36.65 -21.66
C GLY A 634 -9.55 -36.67 -22.60
N LEU A 635 -8.36 -36.63 -22.00
CA LEU A 635 -7.12 -36.88 -22.72
C LEU A 635 -6.93 -38.37 -22.90
N VAL A 636 -7.60 -39.15 -22.06
CA VAL A 636 -7.59 -40.61 -22.17
C VAL A 636 -9.01 -41.18 -22.23
N PHE A 637 -9.16 -42.30 -22.91
CA PHE A 637 -10.41 -43.05 -22.91
C PHE A 637 -10.70 -43.55 -21.48
N ALA A 638 -11.95 -43.91 -21.22
CA ALA A 638 -12.36 -44.38 -19.89
C ALA A 638 -11.52 -45.53 -19.34
N ASP A 639 -10.94 -46.35 -20.23
CA ASP A 639 -10.08 -47.46 -19.80
C ASP A 639 -8.60 -47.05 -19.73
N ARG A 640 -8.38 -45.74 -19.81
CA ARG A 640 -7.06 -45.10 -19.65
C ARG A 640 -6.09 -45.25 -20.83
N THR A 641 -6.60 -45.78 -21.95
CA THR A 641 -5.94 -45.70 -23.26
C THR A 641 -5.89 -44.23 -23.69
N PRO A 642 -4.71 -43.74 -24.11
CA PRO A 642 -4.57 -42.33 -24.47
C PRO A 642 -5.26 -41.93 -25.78
N HIS A 643 -5.86 -40.75 -25.80
CA HIS A 643 -6.18 -40.04 -27.04
C HIS A 643 -4.86 -39.50 -27.61
N PRO A 644 -4.81 -39.22 -28.93
CA PRO A 644 -3.64 -38.58 -29.56
C PRO A 644 -3.23 -37.26 -28.90
N ALA A 645 -4.20 -36.51 -28.36
CA ALA A 645 -3.91 -35.24 -27.69
C ALA A 645 -2.96 -35.33 -26.48
N LEU A 646 -2.93 -36.50 -25.82
CA LEU A 646 -2.03 -36.68 -24.67
C LEU A 646 -0.56 -36.41 -25.02
N THR A 647 -0.11 -36.89 -26.18
CA THR A 647 1.30 -36.71 -26.57
C THR A 647 1.62 -35.25 -26.85
N GLU A 648 0.65 -34.50 -27.36
CA GLU A 648 0.81 -33.06 -27.53
C GLU A 648 0.96 -32.36 -26.18
N ALA A 649 0.16 -32.78 -25.20
CA ALA A 649 0.29 -32.24 -23.84
C ALA A 649 1.66 -32.57 -23.24
N LYS A 650 2.09 -33.83 -23.34
CA LYS A 650 3.40 -34.28 -22.87
C LYS A 650 4.55 -33.42 -23.42
N HIS A 651 4.56 -33.22 -24.73
CA HIS A 651 5.57 -32.44 -25.43
C HIS A 651 5.59 -30.96 -24.99
N GLN A 652 4.43 -30.34 -24.93
CA GLN A 652 4.36 -28.93 -24.54
C GLN A 652 4.68 -28.69 -23.06
N GLN A 653 4.38 -29.69 -22.24
CA GLN A 653 4.63 -29.65 -20.79
C GLN A 653 6.01 -30.16 -20.38
N GLN A 654 6.89 -30.38 -21.35
CA GLN A 654 8.29 -30.79 -21.09
C GLN A 654 9.03 -29.87 -20.12
N PHE A 655 9.98 -30.46 -19.40
CA PHE A 655 10.74 -29.75 -18.37
C PHE A 655 12.11 -29.33 -18.88
N PHE A 656 12.46 -29.71 -20.11
CA PHE A 656 13.68 -29.25 -20.74
C PHE A 656 13.38 -28.51 -22.03
N GLN A 657 14.01 -27.35 -22.21
CA GLN A 657 13.81 -26.52 -23.38
C GLN A 657 15.10 -26.51 -24.20
N PHE A 658 14.97 -26.43 -25.53
CA PHE A 658 16.13 -26.60 -26.41
C PHE A 658 16.26 -25.48 -27.42
N ARG A 659 17.51 -25.12 -27.71
CA ARG A 659 17.81 -24.17 -28.77
C ARG A 659 19.01 -24.71 -29.52
N LEU A 660 19.01 -24.49 -30.84
CA LEU A 660 20.12 -24.92 -31.67
C LEU A 660 20.79 -23.72 -32.31
N SER A 661 22.12 -23.71 -32.29
CA SER A 661 22.88 -22.66 -32.94
C SER A 661 24.15 -23.26 -33.52
N GLY A 662 24.16 -23.45 -34.83
CA GLY A 662 25.25 -24.13 -35.52
C GLY A 662 25.36 -25.58 -35.08
N GLN A 663 26.48 -25.92 -34.46
CA GLN A 663 26.72 -27.27 -33.97
C GLN A 663 26.29 -27.44 -32.51
N THR A 664 25.84 -26.36 -31.88
CA THR A 664 25.55 -26.34 -30.44
C THR A 664 24.06 -26.47 -30.08
N ILE A 665 23.75 -27.49 -29.28
CA ILE A 665 22.44 -27.61 -28.62
C ILE A 665 22.50 -26.99 -27.23
N GLU A 666 21.56 -26.07 -26.95
CA GLU A 666 21.41 -25.48 -25.61
C GLU A 666 20.21 -26.09 -24.87
N VAL A 667 20.50 -26.80 -23.79
CA VAL A 667 19.46 -27.39 -22.95
C VAL A 667 19.22 -26.52 -21.71
N THR A 668 17.98 -26.04 -21.56
CA THR A 668 17.57 -25.29 -20.38
C THR A 668 16.62 -26.13 -19.52
N SER A 669 16.90 -26.17 -18.21
CA SER A 669 16.06 -26.89 -17.27
C SER A 669 14.94 -26.01 -16.78
N GLU A 670 13.73 -26.55 -16.77
CA GLU A 670 12.59 -25.87 -16.16
C GLU A 670 12.22 -26.46 -14.79
N TYR A 671 13.03 -27.38 -14.29
CA TYR A 671 12.90 -27.82 -12.90
C TYR A 671 13.32 -26.70 -11.96
N LEU A 672 12.60 -26.60 -10.85
CA LEU A 672 12.79 -25.53 -9.89
C LEU A 672 13.74 -25.95 -8.77
N PHE A 673 13.78 -27.25 -8.49
CA PHE A 673 14.47 -27.75 -7.31
C PHE A 673 15.52 -28.80 -7.64
N ARG A 674 15.16 -29.76 -8.48
CA ARG A 674 16.07 -30.86 -8.79
C ARG A 674 17.07 -30.57 -9.91
N HIS A 675 18.22 -31.21 -9.78
CA HIS A 675 19.23 -31.30 -10.81
C HIS A 675 18.82 -32.48 -11.71
N SER A 676 19.29 -32.49 -12.97
CA SER A 676 18.98 -33.59 -13.88
C SER A 676 19.87 -34.80 -13.62
N ASP A 677 19.59 -35.52 -12.54
CA ASP A 677 20.43 -36.66 -12.11
C ASP A 677 20.01 -38.01 -12.70
N ASN A 678 18.95 -38.01 -13.52
CA ASN A 678 18.47 -39.23 -14.17
C ASN A 678 18.02 -38.94 -15.60
N GLU A 679 18.92 -38.35 -16.40
CA GLU A 679 18.61 -37.91 -17.75
C GLU A 679 19.85 -37.98 -18.63
N LEU A 680 19.70 -38.57 -19.82
CA LEU A 680 20.71 -38.41 -20.86
C LEU A 680 20.07 -38.00 -22.19
N LEU A 681 20.78 -37.16 -22.93
CA LEU A 681 20.30 -36.69 -24.21
C LEU A 681 20.84 -37.56 -25.32
N HIS A 682 19.92 -38.17 -26.06
CA HIS A 682 20.26 -38.89 -27.27
C HIS A 682 19.93 -37.99 -28.46
N TRP A 683 20.85 -37.95 -29.44
CA TRP A 683 20.63 -37.20 -30.67
C TRP A 683 20.77 -38.09 -31.90
N MET A 684 20.08 -37.72 -32.97
CA MET A 684 20.07 -38.46 -34.22
C MET A 684 19.92 -37.50 -35.38
N VAL A 685 20.74 -37.69 -36.41
CA VAL A 685 20.59 -36.97 -37.67
C VAL A 685 20.21 -37.96 -38.77
N ALA A 686 19.16 -37.64 -39.51
CA ALA A 686 18.66 -38.50 -40.57
C ALA A 686 18.37 -37.68 -41.82
N LEU A 687 18.62 -38.28 -42.97
CA LEU A 687 18.27 -37.65 -44.25
C LEU A 687 17.02 -38.32 -44.74
N ASP A 688 15.92 -37.57 -44.76
CA ASP A 688 14.62 -38.10 -45.17
C ASP A 688 14.36 -39.49 -44.57
N GLY A 689 14.54 -39.62 -43.25
CA GLY A 689 14.25 -40.87 -42.54
C GLY A 689 15.37 -41.91 -42.53
N LYS A 690 16.45 -41.63 -43.25
CA LYS A 690 17.59 -42.53 -43.33
C LYS A 690 18.67 -42.06 -42.34
N PRO A 691 18.87 -42.82 -41.24
CA PRO A 691 19.78 -42.40 -40.18
C PRO A 691 21.23 -42.32 -40.65
N LEU A 692 21.89 -41.21 -40.30
CA LEU A 692 23.27 -40.95 -40.70
C LEU A 692 24.25 -40.96 -39.54
N ALA A 693 23.87 -40.33 -38.44
CA ALA A 693 24.68 -40.31 -37.23
C ALA A 693 23.81 -40.24 -35.98
N SER A 694 24.36 -40.69 -34.87
CA SER A 694 23.68 -40.69 -33.58
C SER A 694 24.70 -40.65 -32.45
N GLY A 695 24.20 -40.43 -31.24
CA GLY A 695 25.06 -40.34 -30.06
C GLY A 695 24.28 -39.92 -28.84
N GLU A 696 24.96 -39.92 -27.69
CA GLU A 696 24.33 -39.59 -26.42
C GLU A 696 25.29 -38.87 -25.49
N VAL A 697 24.72 -37.97 -24.69
CA VAL A 697 25.49 -37.13 -23.79
C VAL A 697 24.66 -37.05 -22.50
N PRO A 698 25.27 -37.36 -21.35
CA PRO A 698 24.50 -37.20 -20.12
C PRO A 698 24.15 -35.74 -19.89
N LEU A 699 22.99 -35.50 -19.30
CA LEU A 699 22.58 -34.15 -18.92
C LEU A 699 23.00 -33.83 -17.49
N ASP A 700 23.60 -32.66 -17.32
CA ASP A 700 24.02 -32.18 -16.01
C ASP A 700 23.59 -30.71 -15.94
N VAL A 701 22.29 -30.51 -15.73
CA VAL A 701 21.73 -29.17 -15.63
C VAL A 701 21.20 -28.93 -14.22
N ALA A 702 21.67 -27.86 -13.60
CA ALA A 702 21.11 -27.38 -12.34
C ALA A 702 19.68 -26.90 -12.58
N PRO A 703 18.83 -26.88 -11.54
CA PRO A 703 17.49 -26.31 -11.73
C PRO A 703 17.59 -24.91 -12.33
N GLN A 704 16.77 -24.63 -13.35
CA GLN A 704 16.74 -23.34 -14.06
C GLN A 704 18.02 -23.03 -14.86
N GLY A 705 18.96 -23.97 -14.86
CA GLY A 705 20.25 -23.77 -15.50
C GLY A 705 20.34 -24.21 -16.95
N LYS A 706 21.50 -24.00 -17.55
CA LYS A 706 21.75 -24.27 -18.97
C LYS A 706 22.92 -25.21 -19.17
N GLN A 707 22.87 -26.00 -20.24
CA GLN A 707 23.99 -26.83 -20.67
C GLN A 707 24.15 -26.73 -22.18
N LEU A 708 25.39 -26.60 -22.62
CA LEU A 708 25.70 -26.55 -24.05
C LEU A 708 26.29 -27.88 -24.47
N ILE A 709 25.74 -28.44 -25.55
CA ILE A 709 26.21 -29.70 -26.10
C ILE A 709 26.66 -29.45 -27.54
N GLU A 710 27.95 -29.66 -27.78
CA GLU A 710 28.54 -29.46 -29.10
C GLU A 710 28.48 -30.76 -29.89
N LEU A 711 27.75 -30.75 -31.00
CA LEU A 711 27.67 -31.89 -31.90
C LEU A 711 28.98 -32.08 -32.68
N PRO A 712 29.38 -33.34 -32.91
CA PRO A 712 30.55 -33.60 -33.75
C PRO A 712 30.30 -33.18 -35.21
N GLU A 713 31.37 -33.10 -36.00
CA GLU A 713 31.26 -32.79 -37.41
C GLU A 713 30.44 -33.87 -38.11
N LEU A 714 29.35 -33.45 -38.74
CA LEU A 714 28.45 -34.37 -39.44
C LEU A 714 28.78 -34.40 -40.92
N PRO A 715 29.01 -35.62 -41.48
CA PRO A 715 29.42 -35.76 -42.88
C PRO A 715 28.32 -35.36 -43.86
N GLN A 716 28.69 -34.61 -44.90
CA GLN A 716 27.77 -34.25 -45.98
C GLN A 716 27.29 -35.49 -46.71
N PRO A 717 25.95 -35.65 -46.85
CA PRO A 717 25.43 -36.79 -47.59
C PRO A 717 25.59 -36.58 -49.11
N GLU A 718 25.85 -37.68 -49.82
CA GLU A 718 25.92 -37.65 -51.28
C GLU A 718 24.53 -37.38 -51.88
N SER A 719 23.51 -37.86 -51.19
CA SER A 719 22.13 -37.79 -51.66
C SER A 719 21.43 -36.46 -51.34
N ALA A 720 20.50 -36.09 -52.22
CA ALA A 720 19.66 -34.93 -52.03
C ALA A 720 18.60 -35.19 -50.95
N GLY A 721 18.05 -34.11 -50.40
CA GLY A 721 16.99 -34.20 -49.41
C GLY A 721 17.24 -33.32 -48.21
N GLN A 722 16.36 -33.44 -47.21
CA GLN A 722 16.45 -32.64 -46.00
C GLN A 722 17.05 -33.45 -44.84
N LEU A 723 18.09 -32.90 -44.22
CA LEU A 723 18.62 -33.44 -42.96
C LEU A 723 17.80 -32.92 -41.79
N TRP A 724 17.41 -33.85 -40.91
CA TRP A 724 16.69 -33.53 -39.70
C TRP A 724 17.52 -33.92 -38.46
N LEU A 725 17.48 -33.09 -37.43
CA LEU A 725 18.06 -33.46 -36.15
C LEU A 725 16.93 -33.67 -35.15
N THR A 726 16.93 -34.85 -34.52
CA THR A 726 16.00 -35.16 -33.44
C THR A 726 16.77 -35.37 -32.14
N VAL A 727 16.32 -34.72 -31.06
CA VAL A 727 16.86 -34.99 -29.73
C VAL A 727 15.78 -35.51 -28.80
N ARG A 728 16.18 -36.41 -27.89
CA ARG A 728 15.27 -36.89 -26.89
C ARG A 728 15.98 -37.05 -25.54
N VAL A 729 15.27 -36.68 -24.49
CA VAL A 729 15.76 -36.86 -23.13
C VAL A 729 15.22 -38.19 -22.64
N VAL A 730 16.14 -39.06 -22.23
CA VAL A 730 15.82 -40.42 -21.75
C VAL A 730 16.21 -40.53 -20.27
N GLN A 731 15.35 -41.19 -19.49
CA GLN A 731 15.65 -41.54 -18.10
C GLN A 731 16.22 -42.96 -18.02
N PRO A 732 17.56 -43.09 -17.80
CA PRO A 732 18.16 -44.43 -17.81
C PRO A 732 17.62 -45.33 -16.69
N ASN A 733 17.32 -44.77 -15.52
CA ASN A 733 16.80 -45.53 -14.39
C ASN A 733 15.30 -45.42 -14.20
N ALA A 734 14.69 -46.54 -13.82
CA ALA A 734 13.32 -46.54 -13.33
C ALA A 734 13.19 -45.58 -12.16
N THR A 735 12.01 -45.01 -12.00
CA THR A 735 11.64 -44.24 -10.82
C THR A 735 10.37 -44.88 -10.24
N ALA A 736 9.81 -44.28 -9.21
CA ALA A 736 8.53 -44.76 -8.66
C ALA A 736 7.37 -44.58 -9.65
N TRP A 737 7.53 -43.65 -10.60
CA TRP A 737 6.43 -43.28 -11.51
C TRP A 737 6.68 -43.67 -12.98
N SER A 738 7.87 -44.19 -13.29
CA SER A 738 8.23 -44.49 -14.67
C SER A 738 9.22 -45.65 -14.79
N GLU A 739 9.23 -46.28 -15.97
CA GLU A 739 10.15 -47.37 -16.31
C GLU A 739 11.49 -46.86 -16.84
N ALA A 740 12.51 -47.72 -16.76
CA ALA A 740 13.81 -47.45 -17.34
C ALA A 740 13.68 -47.20 -18.83
N GLY A 741 14.39 -46.19 -19.32
CA GLY A 741 14.36 -45.86 -20.74
C GLY A 741 13.27 -44.89 -21.13
N HIS A 742 12.48 -44.45 -20.14
CA HIS A 742 11.39 -43.47 -20.34
C HIS A 742 11.88 -42.21 -21.05
N ILE A 743 11.12 -41.77 -22.04
CA ILE A 743 11.40 -40.55 -22.77
C ILE A 743 10.55 -39.41 -22.18
N SER A 744 11.20 -38.34 -21.74
CA SER A 744 10.52 -37.28 -21.01
C SER A 744 10.40 -35.99 -21.81
N ALA A 745 11.23 -35.85 -22.84
CA ALA A 745 11.26 -34.66 -23.67
C ALA A 745 11.90 -34.92 -25.02
N TRP A 746 11.46 -34.17 -26.04
CA TRP A 746 12.06 -34.24 -27.38
C TRP A 746 11.89 -32.93 -28.15
N GLN A 747 12.63 -32.83 -29.25
CA GLN A 747 12.59 -31.67 -30.15
C GLN A 747 13.29 -32.01 -31.47
N GLN A 748 12.86 -31.38 -32.57
CA GLN A 748 13.43 -31.59 -33.90
C GLN A 748 13.81 -30.26 -34.56
N TRP A 749 14.84 -30.29 -35.41
CA TRP A 749 15.20 -29.16 -36.25
C TRP A 749 15.59 -29.62 -37.66
N ARG A 750 15.25 -28.80 -38.66
CA ARG A 750 15.83 -28.97 -39.99
C ARG A 750 17.29 -28.51 -39.95
N LEU A 751 18.17 -29.32 -40.52
CA LEU A 751 19.55 -28.91 -40.74
C LEU A 751 19.71 -28.55 -42.23
N ALA A 752 20.83 -28.94 -42.84
CA ALA A 752 21.07 -28.66 -44.25
C ALA A 752 20.07 -29.38 -45.18
N GLU A 753 19.60 -28.65 -46.19
CA GLU A 753 18.78 -29.25 -47.24
C GLU A 753 19.53 -29.18 -48.57
N ASN A 754 19.65 -30.31 -49.24
CA ASN A 754 20.15 -30.33 -50.61
C ASN A 754 18.96 -30.56 -51.55
N LEU A 755 18.57 -29.52 -52.26
CA LEU A 755 17.45 -29.63 -53.21
C LEU A 755 17.88 -30.49 -54.39
N SER A 756 17.01 -31.40 -54.80
CA SER A 756 17.31 -32.27 -55.93
C SER A 756 17.26 -31.51 -57.26
N VAL A 757 18.37 -31.58 -58.01
CA VAL A 757 18.50 -30.93 -59.31
C VAL A 757 18.63 -31.92 -60.48
N THR A 758 18.81 -33.20 -60.15
CA THR A 758 19.05 -34.23 -61.17
C THR A 758 17.78 -34.58 -61.94
N LEU A 759 17.91 -34.57 -63.28
CA LEU A 759 16.83 -34.91 -64.19
C LEU A 759 16.54 -36.41 -64.11
N PRO A 760 15.25 -36.79 -63.88
CA PRO A 760 14.87 -38.21 -63.85
C PRO A 760 15.14 -38.90 -65.19
N ALA A 761 15.57 -40.17 -65.13
CA ALA A 761 15.93 -40.93 -66.32
C ALA A 761 14.83 -40.91 -67.38
N ALA A 762 15.19 -40.49 -68.59
CA ALA A 762 14.24 -40.41 -69.70
C ALA A 762 13.72 -41.79 -70.10
N SER A 763 12.42 -41.87 -70.35
CA SER A 763 11.77 -43.12 -70.75
C SER A 763 11.59 -43.17 -72.26
N HIS A 764 11.65 -44.39 -72.80
CA HIS A 764 11.49 -44.61 -74.23
C HIS A 764 10.01 -44.74 -74.59
N ALA A 765 9.22 -45.23 -73.64
CA ALA A 765 7.79 -45.45 -73.84
C ALA A 765 6.96 -44.15 -73.86
N ILE A 766 5.90 -44.16 -74.65
CA ILE A 766 4.95 -43.05 -74.73
C ILE A 766 3.56 -43.59 -74.42
N PRO A 767 2.86 -42.98 -73.45
CA PRO A 767 1.50 -43.42 -73.14
C PRO A 767 0.57 -43.15 -74.30
N HIS A 768 -0.40 -44.06 -74.48
CA HIS A 768 -1.29 -44.00 -75.62
C HIS A 768 -2.70 -43.61 -75.19
N LEU A 769 -3.23 -42.58 -75.83
CA LEU A 769 -4.56 -42.07 -75.54
C LEU A 769 -5.63 -42.67 -76.46
N THR A 770 -6.71 -43.12 -75.84
CA THR A 770 -7.86 -43.71 -76.52
C THR A 770 -9.08 -42.90 -76.10
N THR A 771 -9.95 -42.59 -77.06
CA THR A 771 -11.09 -41.71 -76.80
C THR A 771 -12.43 -42.35 -77.19
N SER A 772 -13.40 -42.20 -76.31
CA SER A 772 -14.79 -42.51 -76.61
C SER A 772 -15.67 -41.38 -76.09
N GLU A 773 -16.97 -41.46 -76.31
CA GLU A 773 -17.90 -40.42 -75.88
C GLU A 773 -17.93 -40.26 -74.35
N MET A 774 -17.64 -41.34 -73.64
CA MET A 774 -17.77 -41.34 -72.19
C MET A 774 -16.45 -41.39 -71.43
N ASP A 775 -15.34 -41.68 -72.13
CA ASP A 775 -14.05 -41.90 -71.49
C ASP A 775 -12.85 -41.36 -72.27
N PHE A 776 -11.86 -40.86 -71.52
CA PHE A 776 -10.49 -40.78 -72.01
C PHE A 776 -9.73 -41.91 -71.31
N CYS A 777 -9.08 -42.79 -72.08
CA CYS A 777 -8.28 -43.88 -71.50
C CYS A 777 -6.82 -43.73 -71.88
N ILE A 778 -5.94 -43.99 -70.93
CA ILE A 778 -4.49 -43.91 -71.19
C ILE A 778 -3.89 -45.26 -70.87
N GLU A 779 -3.03 -45.74 -71.77
CA GLU A 779 -2.38 -47.04 -71.58
C GLU A 779 -0.86 -46.87 -71.62
N LEU A 780 -0.18 -47.51 -70.67
CA LEU A 780 1.27 -47.59 -70.67
C LEU A 780 1.71 -48.90 -70.04
N GLY A 781 2.22 -49.81 -70.85
CA GLY A 781 2.60 -51.15 -70.38
C GLY A 781 1.40 -51.87 -69.78
N ASN A 782 1.54 -52.27 -68.51
CA ASN A 782 0.48 -52.99 -67.80
C ASN A 782 -0.40 -52.08 -66.94
N LYS A 783 -0.31 -50.78 -67.19
CA LYS A 783 -1.08 -49.77 -66.45
C LYS A 783 -2.08 -49.06 -67.35
N ARG A 784 -3.26 -48.79 -66.81
CA ARG A 784 -4.28 -48.00 -67.49
C ARG A 784 -4.96 -47.00 -66.55
N TRP A 785 -5.30 -45.83 -67.10
CA TRP A 785 -6.07 -44.82 -66.38
C TRP A 785 -7.34 -44.52 -67.17
N GLN A 786 -8.46 -44.35 -66.47
CA GLN A 786 -9.72 -44.01 -67.13
C GLN A 786 -10.33 -42.73 -66.57
N PHE A 787 -10.54 -41.76 -67.45
CA PHE A 787 -11.18 -40.50 -67.08
C PHE A 787 -12.58 -40.41 -67.68
N ASN A 788 -13.59 -40.34 -66.81
CA ASN A 788 -14.99 -40.21 -67.22
C ASN A 788 -15.22 -38.82 -67.77
N ARG A 789 -15.76 -38.72 -68.97
CA ARG A 789 -15.94 -37.42 -69.63
C ARG A 789 -17.22 -36.68 -69.21
N GLN A 790 -18.13 -37.40 -68.55
CA GLN A 790 -19.37 -36.79 -68.05
C GLN A 790 -19.14 -36.19 -66.66
N SER A 791 -18.35 -36.88 -65.83
CA SER A 791 -18.05 -36.40 -64.48
C SER A 791 -16.75 -35.59 -64.41
N GLY A 792 -15.80 -35.91 -65.30
CA GLY A 792 -14.50 -35.23 -65.35
C GLY A 792 -13.48 -35.72 -64.32
N PHE A 793 -13.73 -36.87 -63.72
CA PHE A 793 -12.85 -37.46 -62.71
C PHE A 793 -12.19 -38.75 -63.19
N LEU A 794 -11.01 -39.05 -62.66
CA LEU A 794 -10.39 -40.36 -62.81
C LEU A 794 -11.30 -41.38 -62.13
N SER A 795 -11.98 -42.19 -62.94
CA SER A 795 -12.96 -43.14 -62.43
C SER A 795 -12.36 -44.51 -62.15
N GLN A 796 -11.29 -44.85 -62.86
CA GLN A 796 -10.68 -46.16 -62.72
C GLN A 796 -9.20 -46.19 -63.10
N MET A 797 -8.49 -47.12 -62.49
CA MET A 797 -7.09 -47.36 -62.76
C MET A 797 -6.86 -48.85 -62.70
N TRP A 798 -6.06 -49.36 -63.64
CA TRP A 798 -5.72 -50.78 -63.67
C TRP A 798 -4.22 -50.98 -63.57
N ILE A 799 -3.82 -51.96 -62.78
CA ILE A 799 -2.46 -52.49 -62.82
C ILE A 799 -2.59 -53.96 -63.20
N GLY A 800 -2.05 -54.33 -64.36
CA GLY A 800 -2.23 -55.65 -64.93
C GLY A 800 -3.71 -56.03 -65.03
N ASP A 801 -4.52 -55.06 -65.47
CA ASP A 801 -5.97 -55.24 -65.67
C ASP A 801 -6.77 -55.58 -64.40
N LYS A 802 -6.24 -55.21 -63.24
CA LYS A 802 -6.98 -55.28 -61.98
C LYS A 802 -7.37 -53.88 -61.53
N LYS A 803 -8.65 -53.69 -61.27
CA LYS A 803 -9.21 -52.43 -60.81
C LYS A 803 -8.53 -51.94 -59.53
N GLN A 804 -8.24 -50.65 -59.45
CA GLN A 804 -7.59 -50.08 -58.27
C GLN A 804 -8.55 -49.25 -57.43
N LEU A 805 -9.60 -48.73 -58.07
CA LEU A 805 -10.56 -47.85 -57.40
C LEU A 805 -11.95 -48.49 -57.28
N LEU A 806 -12.65 -48.18 -56.20
CA LEU A 806 -14.05 -48.57 -56.04
C LEU A 806 -14.95 -47.34 -56.15
N THR A 807 -14.37 -46.18 -55.85
CA THR A 807 -15.04 -44.90 -56.03
C THR A 807 -14.05 -43.97 -56.71
N PRO A 808 -14.50 -43.20 -57.72
CA PRO A 808 -13.63 -42.25 -58.40
C PRO A 808 -12.87 -41.28 -57.48
N LEU A 809 -11.73 -40.78 -57.97
CA LEU A 809 -10.95 -39.76 -57.29
C LEU A 809 -11.57 -38.38 -57.49
N ARG A 810 -12.17 -37.84 -56.42
CA ARG A 810 -12.93 -36.58 -56.48
C ARG A 810 -12.44 -35.57 -55.45
N ASP A 811 -12.65 -34.27 -55.71
CA ASP A 811 -12.34 -33.22 -54.75
C ASP A 811 -13.22 -33.36 -53.51
N GLN A 812 -12.69 -32.94 -52.37
CA GLN A 812 -13.45 -32.94 -51.14
C GLN A 812 -13.12 -31.67 -50.36
N PHE A 813 -14.17 -30.98 -49.91
CA PHE A 813 -14.03 -29.71 -49.21
C PHE A 813 -14.63 -29.75 -47.80
N THR A 814 -15.04 -30.94 -47.39
CA THR A 814 -15.72 -31.10 -46.10
C THR A 814 -15.08 -32.21 -45.27
N ARG A 815 -15.42 -32.24 -43.99
CA ARG A 815 -14.98 -33.32 -43.11
C ARG A 815 -16.15 -33.74 -42.24
N ALA A 816 -16.14 -35.01 -41.82
CA ALA A 816 -17.06 -35.48 -40.78
C ALA A 816 -16.80 -34.61 -39.54
N PRO A 817 -17.84 -33.86 -39.10
CA PRO A 817 -17.61 -32.80 -38.10
C PRO A 817 -17.07 -33.30 -36.75
N LEU A 818 -16.02 -32.64 -36.28
CA LEU A 818 -15.46 -32.89 -34.96
C LEU A 818 -16.42 -32.35 -33.91
N ASP A 819 -16.24 -32.79 -32.67
CA ASP A 819 -17.02 -32.23 -31.58
C ASP A 819 -16.86 -30.71 -31.47
N ASN A 820 -15.65 -30.21 -31.75
CA ASN A 820 -15.42 -28.75 -31.81
C ASN A 820 -16.15 -28.03 -32.94
N ASP A 821 -16.27 -28.69 -34.10
CA ASP A 821 -17.05 -28.14 -35.23
C ASP A 821 -18.53 -28.03 -34.84
N ILE A 822 -19.03 -29.08 -34.21
CA ILE A 822 -20.43 -29.17 -33.78
C ILE A 822 -20.76 -28.09 -32.74
N ALA A 823 -19.86 -27.95 -31.75
CA ALA A 823 -19.91 -26.88 -30.76
C ALA A 823 -21.23 -26.84 -29.99
N VAL A 824 -21.50 -27.93 -29.28
CA VAL A 824 -22.68 -28.04 -28.43
C VAL A 824 -22.27 -28.42 -26.99
N SER A 825 -22.68 -27.60 -26.02
CA SER A 825 -22.45 -27.91 -24.60
C SER A 825 -23.74 -28.35 -23.90
N GLU A 826 -24.87 -27.87 -24.42
CA GLU A 826 -26.20 -28.25 -23.98
C GLU A 826 -26.99 -28.70 -25.21
N ALA A 827 -27.47 -29.94 -25.20
CA ALA A 827 -28.16 -30.56 -26.35
C ALA A 827 -29.31 -29.72 -26.92
N THR A 828 -29.91 -28.88 -26.08
CA THR A 828 -31.05 -28.05 -26.47
C THR A 828 -30.65 -26.74 -27.14
N ARG A 829 -29.36 -26.42 -27.10
CA ARG A 829 -28.85 -25.11 -27.55
C ARG A 829 -27.97 -25.23 -28.78
N ILE A 830 -28.31 -24.48 -29.82
CA ILE A 830 -27.54 -24.43 -31.07
C ILE A 830 -26.92 -23.04 -31.26
N ASP A 831 -25.64 -23.00 -31.63
CA ASP A 831 -24.95 -21.74 -31.95
C ASP A 831 -24.84 -21.63 -33.47
N PRO A 832 -25.61 -20.73 -34.08
CA PRO A 832 -25.56 -20.55 -35.54
C PRO A 832 -24.16 -20.20 -36.06
N ASN A 833 -23.27 -19.75 -35.16
CA ASN A 833 -21.88 -19.48 -35.50
C ASN A 833 -20.98 -20.72 -35.55
N ALA A 834 -21.45 -21.84 -34.99
CA ALA A 834 -20.71 -23.11 -35.03
C ALA A 834 -20.29 -23.44 -36.46
N TRP A 835 -19.08 -23.96 -36.62
CA TRP A 835 -18.55 -24.26 -37.94
C TRP A 835 -19.46 -25.21 -38.71
N VAL A 836 -19.94 -26.26 -38.04
CA VAL A 836 -20.83 -27.23 -38.68
C VAL A 836 -22.10 -26.54 -39.18
N GLU A 837 -22.66 -25.64 -38.36
CA GLU A 837 -23.88 -24.90 -38.72
C GLU A 837 -23.65 -23.96 -39.91
N ARG A 838 -22.46 -23.38 -40.00
CA ARG A 838 -22.14 -22.49 -41.11
C ARG A 838 -21.92 -23.26 -42.42
N TRP A 839 -21.25 -24.41 -42.33
CA TRP A 839 -21.02 -25.29 -43.49
C TRP A 839 -22.34 -25.86 -44.03
N LYS A 840 -23.21 -26.31 -43.14
CA LYS A 840 -24.52 -26.82 -43.51
C LYS A 840 -25.36 -25.75 -44.20
N ALA A 841 -25.50 -24.58 -43.58
CA ALA A 841 -26.28 -23.47 -44.14
C ALA A 841 -25.79 -22.98 -45.50
N ALA A 842 -24.49 -23.07 -45.73
CA ALA A 842 -23.89 -22.64 -46.98
C ALA A 842 -23.96 -23.73 -48.05
N GLY A 843 -24.37 -24.91 -47.63
CA GLY A 843 -24.56 -26.04 -48.54
C GLY A 843 -23.29 -26.79 -48.89
N HIS A 844 -22.27 -26.69 -48.04
CA HIS A 844 -20.99 -27.39 -48.26
C HIS A 844 -21.15 -28.91 -48.31
N TYR A 845 -22.03 -29.44 -47.46
CA TYR A 845 -22.29 -30.88 -47.41
C TYR A 845 -23.24 -31.36 -48.51
N GLN A 846 -23.91 -30.43 -49.17
CA GLN A 846 -24.91 -30.75 -50.20
C GLN A 846 -24.40 -30.50 -51.63
N ALA A 847 -23.41 -29.64 -51.76
CA ALA A 847 -22.93 -29.16 -53.06
C ALA A 847 -22.36 -30.26 -53.95
N GLU A 848 -22.87 -30.32 -55.19
CA GLU A 848 -22.44 -31.32 -56.17
C GLU A 848 -21.52 -30.70 -57.24
N ALA A 849 -20.56 -31.50 -57.70
CA ALA A 849 -19.65 -31.08 -58.74
C ALA A 849 -20.39 -30.94 -60.08
N ALA A 850 -20.15 -29.82 -60.77
CA ALA A 850 -20.63 -29.62 -62.12
C ALA A 850 -19.43 -29.42 -63.03
N LEU A 851 -19.38 -30.18 -64.13
CA LEU A 851 -18.22 -30.17 -65.02
C LEU A 851 -18.22 -28.94 -65.91
N LEU A 852 -17.05 -28.29 -65.99
CA LEU A 852 -16.89 -27.12 -66.85
C LEU A 852 -16.02 -27.44 -68.06
N GLN A 853 -15.02 -28.29 -67.86
CA GLN A 853 -14.02 -28.57 -68.88
C GLN A 853 -13.42 -29.93 -68.62
N CYS A 854 -13.21 -30.69 -69.70
CA CYS A 854 -12.52 -31.97 -69.65
C CYS A 854 -11.94 -32.26 -71.04
N THR A 855 -10.63 -32.03 -71.19
CA THR A 855 -9.93 -32.21 -72.46
C THR A 855 -8.75 -33.15 -72.31
N ALA A 856 -8.29 -33.70 -73.44
CA ALA A 856 -7.10 -34.52 -73.47
C ALA A 856 -6.18 -34.12 -74.62
N ASP A 857 -4.88 -34.15 -74.36
CA ASP A 857 -3.88 -33.78 -75.36
C ASP A 857 -2.74 -34.77 -75.31
N THR A 858 -2.28 -35.20 -76.48
CA THR A 858 -1.11 -36.07 -76.56
C THR A 858 0.15 -35.20 -76.72
N LEU A 859 1.10 -35.38 -75.81
CA LEU A 859 2.36 -34.64 -75.81
C LEU A 859 3.51 -35.53 -76.30
N ALA A 860 4.72 -34.99 -76.23
CA ALA A 860 5.93 -35.68 -76.72
C ALA A 860 6.15 -37.03 -76.02
N ASP A 861 6.05 -37.04 -74.69
CA ASP A 861 6.26 -38.23 -73.89
C ASP A 861 5.23 -38.37 -72.76
N ALA A 862 4.03 -37.85 -73.00
CA ALA A 862 2.98 -37.84 -71.97
C ALA A 862 1.59 -37.60 -72.54
N VAL A 863 0.58 -37.95 -71.76
CA VAL A 863 -0.79 -37.55 -72.04
C VAL A 863 -1.24 -36.60 -70.93
N LEU A 864 -1.87 -35.50 -71.35
CA LEU A 864 -2.34 -34.45 -70.45
C LEU A 864 -3.85 -34.34 -70.44
N ILE A 865 -4.45 -34.59 -69.29
CA ILE A 865 -5.88 -34.37 -69.07
C ILE A 865 -6.05 -33.07 -68.28
N THR A 866 -6.96 -32.20 -68.75
CA THR A 866 -7.23 -30.92 -68.13
C THR A 866 -8.70 -30.87 -67.76
N THR A 867 -8.98 -30.59 -66.48
CA THR A 867 -10.36 -30.51 -65.99
C THR A 867 -10.67 -29.21 -65.26
N ALA A 868 -11.95 -28.89 -65.16
CA ALA A 868 -12.43 -27.77 -64.37
C ALA A 868 -13.83 -28.12 -63.85
N HIS A 869 -14.06 -27.89 -62.56
CA HIS A 869 -15.37 -28.14 -61.91
C HIS A 869 -15.81 -26.93 -61.07
N ALA A 870 -17.12 -26.83 -60.87
CA ALA A 870 -17.71 -25.85 -59.96
C ALA A 870 -18.67 -26.56 -59.04
N TRP A 871 -18.59 -26.27 -57.74
CA TRP A 871 -19.58 -26.74 -56.77
C TRP A 871 -20.50 -25.60 -56.47
N GLN A 872 -21.80 -25.86 -56.58
CA GLN A 872 -22.79 -24.81 -56.42
C GLN A 872 -23.89 -25.21 -55.45
N HIS A 873 -24.47 -24.21 -54.78
CA HIS A 873 -25.61 -24.44 -53.91
C HIS A 873 -26.59 -23.31 -54.10
N GLN A 874 -27.73 -23.64 -54.71
CA GLN A 874 -28.81 -22.70 -55.00
C GLN A 874 -28.35 -21.47 -55.78
N GLY A 875 -27.60 -21.70 -56.86
CA GLY A 875 -27.15 -20.63 -57.76
C GLY A 875 -25.81 -20.00 -57.39
N LYS A 876 -25.34 -20.29 -56.19
CA LYS A 876 -24.10 -19.74 -55.66
C LYS A 876 -22.93 -20.71 -55.91
N THR A 877 -21.87 -20.21 -56.53
CA THR A 877 -20.65 -21.00 -56.72
C THR A 877 -19.74 -20.93 -55.48
N LEU A 878 -19.62 -22.06 -54.79
CA LEU A 878 -18.81 -22.14 -53.58
C LEU A 878 -17.33 -22.33 -53.90
N PHE A 879 -17.03 -23.32 -54.74
CA PHE A 879 -15.65 -23.67 -55.08
C PHE A 879 -15.47 -23.89 -56.56
N ILE A 880 -14.27 -23.62 -57.06
CA ILE A 880 -13.88 -24.01 -58.40
C ILE A 880 -12.58 -24.82 -58.31
N SER A 881 -12.56 -25.97 -58.96
CA SER A 881 -11.35 -26.79 -59.02
C SER A 881 -10.82 -26.95 -60.45
N ARG A 882 -9.58 -26.54 -60.67
CA ARG A 882 -8.91 -26.71 -61.95
C ARG A 882 -7.71 -27.63 -61.81
N LYS A 883 -7.67 -28.68 -62.63
CA LYS A 883 -6.62 -29.70 -62.54
C LYS A 883 -5.96 -30.00 -63.88
N THR A 884 -4.70 -30.40 -63.81
CA THR A 884 -4.06 -31.11 -64.91
C THR A 884 -3.54 -32.44 -64.40
N TYR A 885 -3.80 -33.50 -65.16
CA TYR A 885 -3.19 -34.80 -64.90
C TYR A 885 -2.19 -35.08 -66.01
N ARG A 886 -0.94 -35.29 -65.64
CA ARG A 886 0.10 -35.55 -66.63
C ARG A 886 0.68 -36.94 -66.41
N ILE A 887 0.35 -37.84 -67.33
CA ILE A 887 0.84 -39.21 -67.27
C ILE A 887 1.99 -39.36 -68.27
N ASP A 888 3.18 -39.66 -67.76
CA ASP A 888 4.36 -39.75 -68.63
C ASP A 888 4.79 -41.21 -68.91
N GLY A 889 5.88 -41.36 -69.66
CA GLY A 889 6.39 -42.66 -70.04
C GLY A 889 6.97 -43.52 -68.94
N SER A 890 7.20 -42.94 -67.77
CA SER A 890 7.71 -43.69 -66.61
C SER A 890 6.60 -44.31 -65.74
N GLY A 891 5.35 -43.92 -65.99
CA GLY A 891 4.21 -44.46 -65.25
C GLY A 891 3.66 -43.53 -64.19
N GLN A 892 4.40 -42.46 -63.88
CA GLN A 892 4.01 -41.49 -62.88
C GLN A 892 2.91 -40.56 -63.38
N MET A 893 1.87 -40.41 -62.57
CA MET A 893 0.80 -39.45 -62.84
C MET A 893 0.94 -38.23 -61.93
N ALA A 894 1.27 -37.08 -62.51
CA ALA A 894 1.36 -35.81 -61.78
C ALA A 894 0.01 -35.07 -61.83
N ILE A 895 -0.59 -34.88 -60.66
CA ILE A 895 -1.85 -34.14 -60.53
C ILE A 895 -1.60 -32.76 -59.92
N THR A 896 -1.83 -31.72 -60.72
CA THR A 896 -1.72 -30.33 -60.26
C THR A 896 -3.13 -29.76 -60.05
N VAL A 897 -3.41 -29.33 -58.81
CA VAL A 897 -4.74 -28.83 -58.44
C VAL A 897 -4.70 -27.37 -57.97
N ASP A 898 -5.56 -26.54 -58.56
CA ASP A 898 -5.70 -25.15 -58.18
C ASP A 898 -7.16 -24.87 -57.87
N VAL A 899 -7.43 -24.46 -56.63
CA VAL A 899 -8.80 -24.25 -56.16
C VAL A 899 -9.09 -22.78 -55.86
N GLU A 900 -10.33 -22.35 -56.13
CA GLU A 900 -10.82 -21.03 -55.72
C GLU A 900 -11.95 -21.25 -54.74
N VAL A 901 -11.96 -20.49 -53.66
CA VAL A 901 -13.01 -20.56 -52.66
C VAL A 901 -13.62 -19.16 -52.55
N ALA A 902 -14.93 -19.06 -52.80
CA ALA A 902 -15.63 -17.79 -52.72
C ALA A 902 -15.38 -17.14 -51.37
N SER A 903 -14.94 -15.88 -51.39
CA SER A 903 -14.56 -15.17 -50.16
C SER A 903 -15.68 -15.08 -49.12
N ASP A 904 -16.92 -15.13 -49.58
CA ASP A 904 -18.08 -14.94 -48.69
C ASP A 904 -18.75 -16.25 -48.22
N THR A 905 -18.20 -17.38 -48.62
CA THR A 905 -18.64 -18.65 -48.09
C THR A 905 -17.78 -18.97 -46.86
N PRO A 906 -18.36 -19.63 -45.84
CA PRO A 906 -17.54 -20.07 -44.70
C PRO A 906 -16.30 -20.83 -45.15
N HIS A 907 -15.15 -20.50 -44.57
CA HIS A 907 -13.90 -21.16 -44.92
C HIS A 907 -14.06 -22.67 -44.79
N PRO A 908 -13.60 -23.43 -45.80
CA PRO A 908 -13.84 -24.89 -45.86
C PRO A 908 -12.96 -25.68 -44.89
N ALA A 909 -13.43 -26.88 -44.53
CA ALA A 909 -12.76 -27.73 -43.56
C ALA A 909 -11.47 -28.30 -44.11
N ARG A 910 -11.43 -28.51 -45.43
CA ARG A 910 -10.26 -29.08 -46.10
C ARG A 910 -10.32 -28.75 -47.57
N ILE A 911 -9.17 -28.81 -48.21
CA ILE A 911 -9.08 -28.73 -49.66
C ILE A 911 -8.21 -29.90 -50.09
N GLY A 912 -8.85 -30.90 -50.68
CA GLY A 912 -8.15 -32.10 -51.07
C GLY A 912 -8.98 -33.00 -51.97
N LEU A 913 -8.49 -34.23 -52.10
CA LEU A 913 -9.12 -35.25 -52.91
C LEU A 913 -9.39 -36.45 -52.04
N ASN A 914 -10.41 -37.22 -52.41
CA ASN A 914 -10.60 -38.53 -51.82
C ASN A 914 -11.04 -39.56 -52.85
N CYS A 915 -10.80 -40.82 -52.51
CA CYS A 915 -11.22 -41.94 -53.33
C CYS A 915 -11.23 -43.19 -52.47
N GLN A 916 -11.94 -44.20 -52.93
CA GLN A 916 -11.96 -45.49 -52.26
C GLN A 916 -11.11 -46.47 -53.06
N LEU A 917 -9.97 -46.85 -52.52
CA LEU A 917 -9.10 -47.84 -53.13
C LEU A 917 -9.69 -49.24 -52.99
N ALA A 918 -9.50 -50.07 -54.00
CA ALA A 918 -9.94 -51.47 -53.96
C ALA A 918 -9.12 -52.30 -52.97
N GLN A 919 -7.82 -51.98 -52.90
CA GLN A 919 -6.84 -52.68 -52.05
C GLN A 919 -7.11 -52.47 -50.55
N VAL A 920 -6.97 -53.56 -49.79
CA VAL A 920 -6.86 -53.52 -48.34
C VAL A 920 -5.48 -54.09 -48.01
N ALA A 921 -4.58 -53.24 -47.53
CA ALA A 921 -3.23 -53.67 -47.17
C ALA A 921 -3.04 -53.67 -45.65
N GLU A 922 -2.02 -54.38 -45.17
CA GLU A 922 -1.79 -54.51 -43.74
C GLU A 922 -1.12 -53.29 -43.11
N ARG A 923 -0.19 -52.69 -43.85
CA ARG A 923 0.65 -51.61 -43.33
C ARG A 923 0.46 -50.29 -44.08
N VAL A 924 0.70 -49.18 -43.37
CA VAL A 924 0.80 -47.86 -43.99
C VAL A 924 2.20 -47.29 -43.69
N ASN A 925 2.89 -46.86 -44.73
CA ASN A 925 4.27 -46.37 -44.60
C ASN A 925 4.34 -44.94 -45.15
N TRP A 926 4.77 -44.01 -44.30
CA TRP A 926 4.88 -42.62 -44.76
C TRP A 926 6.11 -41.88 -44.27
N LEU A 927 6.58 -40.96 -45.11
CA LEU A 927 7.58 -39.97 -44.72
C LEU A 927 6.84 -38.69 -44.39
N GLY A 928 6.82 -38.32 -43.12
CA GLY A 928 6.10 -37.14 -42.66
C GLY A 928 5.96 -37.11 -41.15
N LEU A 929 4.96 -36.36 -40.69
CA LEU A 929 4.79 -36.17 -39.25
C LEU A 929 4.05 -37.33 -38.62
N GLY A 930 4.58 -37.82 -37.50
CA GLY A 930 3.98 -38.94 -36.81
C GLY A 930 4.73 -39.33 -35.54
N PRO A 931 4.48 -40.55 -35.02
CA PRO A 931 3.65 -41.57 -35.66
C PRO A 931 2.15 -41.36 -35.47
N GLN A 932 1.77 -40.62 -34.43
CA GLN A 932 0.38 -40.47 -34.06
C GLN A 932 -0.34 -39.40 -34.88
N GLU A 933 -1.65 -39.46 -34.81
CA GLU A 933 -2.54 -38.46 -35.39
C GLU A 933 -2.10 -37.03 -35.05
N ASN A 934 -2.04 -36.17 -36.06
CA ASN A 934 -1.69 -34.76 -35.88
C ASN A 934 -2.42 -33.88 -36.87
N TYR A 935 -2.78 -32.68 -36.41
CA TYR A 935 -3.53 -31.70 -37.21
C TYR A 935 -2.76 -30.38 -37.24
N PRO A 936 -3.08 -29.47 -38.18
CA PRO A 936 -2.26 -28.26 -38.32
C PRO A 936 -2.02 -27.48 -37.01
N ASP A 937 -3.05 -27.36 -36.16
CA ASP A 937 -2.89 -26.68 -34.87
C ASP A 937 -2.63 -27.64 -33.71
N ARG A 938 -2.30 -28.90 -34.04
CA ARG A 938 -1.87 -29.88 -33.05
C ARG A 938 -0.89 -30.86 -33.67
N LEU A 939 0.29 -30.35 -34.04
CA LEU A 939 1.32 -31.17 -34.63
C LEU A 939 2.73 -30.96 -34.04
N THR A 940 2.85 -30.14 -33.01
CA THR A 940 4.18 -29.87 -32.43
C THR A 940 4.82 -31.14 -31.83
N ALA A 941 3.99 -32.02 -31.26
CA ALA A 941 4.47 -33.28 -30.68
C ALA A 941 5.01 -34.25 -31.73
N ALA A 942 4.38 -34.28 -32.91
CA ALA A 942 4.73 -35.18 -34.00
C ALA A 942 6.13 -34.89 -34.54
N CYS A 943 6.85 -35.94 -34.95
CA CYS A 943 8.16 -35.78 -35.56
C CYS A 943 8.19 -36.18 -37.03
N PHE A 944 9.01 -35.48 -37.80
CA PHE A 944 9.24 -35.85 -39.18
C PHE A 944 10.22 -37.03 -39.26
N ASP A 945 9.77 -38.10 -39.91
CA ASP A 945 10.57 -39.32 -40.05
C ASP A 945 9.83 -40.33 -40.93
N ARG A 946 10.39 -41.53 -41.04
CA ARG A 946 9.79 -42.62 -41.78
C ARG A 946 9.00 -43.48 -40.80
N TRP A 947 7.67 -43.50 -40.96
CA TRP A 947 6.80 -44.23 -40.05
C TRP A 947 6.11 -45.39 -40.74
N ASP A 948 5.93 -46.49 -40.00
CA ASP A 948 5.30 -47.70 -40.54
C ASP A 948 4.39 -48.30 -39.47
N LEU A 949 3.08 -48.19 -39.69
CA LEU A 949 2.08 -48.67 -38.75
C LEU A 949 1.09 -49.63 -39.41
N PRO A 950 0.44 -50.50 -38.62
CA PRO A 950 -0.67 -51.27 -39.19
C PRO A 950 -1.83 -50.33 -39.54
N LEU A 951 -2.64 -50.70 -40.52
CA LEU A 951 -3.75 -49.87 -40.96
C LEU A 951 -4.62 -49.38 -39.81
N SER A 952 -4.91 -50.27 -38.85
CA SER A 952 -5.78 -49.96 -37.70
C SER A 952 -5.30 -48.78 -36.82
N ASP A 953 -3.98 -48.58 -36.74
CA ASP A 953 -3.42 -47.45 -36.00
C ASP A 953 -3.65 -46.11 -36.70
N MET A 954 -4.08 -46.15 -37.96
CA MET A 954 -4.30 -44.93 -38.75
C MET A 954 -5.72 -44.42 -38.57
N TYR A 955 -6.44 -45.07 -37.67
CA TYR A 955 -7.78 -44.68 -37.28
C TYR A 955 -7.81 -44.45 -35.77
N THR A 956 -8.36 -43.31 -35.34
CA THR A 956 -8.52 -43.05 -33.93
C THR A 956 -9.95 -43.33 -33.52
N PRO A 957 -10.14 -44.28 -32.60
CA PRO A 957 -11.49 -44.69 -32.21
C PRO A 957 -12.17 -43.77 -31.19
N TYR A 958 -12.33 -42.50 -31.56
CA TYR A 958 -13.13 -41.57 -30.75
C TYR A 958 -14.53 -42.15 -30.59
N VAL A 959 -15.07 -42.11 -29.37
CA VAL A 959 -16.37 -42.74 -29.10
C VAL A 959 -17.50 -42.10 -29.92
N PHE A 960 -17.50 -40.78 -30.02
CA PHE A 960 -18.28 -40.10 -31.06
C PHE A 960 -17.40 -39.96 -32.31
N PRO A 961 -17.71 -40.72 -33.38
CA PRO A 961 -16.87 -40.72 -34.58
C PRO A 961 -16.86 -39.37 -35.30
N SER A 962 -15.71 -39.01 -35.84
CA SER A 962 -15.56 -37.79 -36.64
C SER A 962 -14.37 -37.97 -37.58
N GLU A 963 -14.03 -36.91 -38.30
CA GLU A 963 -12.74 -36.86 -38.99
C GLU A 963 -11.65 -37.20 -37.97
N ASN A 964 -10.71 -38.04 -38.36
CA ASN A 964 -9.68 -38.53 -37.46
C ASN A 964 -8.49 -39.12 -38.21
N GLY A 965 -7.38 -39.29 -37.50
CA GLY A 965 -6.24 -40.03 -38.03
C GLY A 965 -5.40 -39.30 -39.05
N LEU A 966 -5.60 -37.99 -39.19
CA LEU A 966 -4.81 -37.20 -40.13
C LEU A 966 -3.35 -37.20 -39.71
N ARG A 967 -2.46 -37.21 -40.70
CA ARG A 967 -1.04 -36.96 -40.48
C ARG A 967 -0.67 -35.82 -41.44
N CYS A 968 0.07 -34.84 -40.93
CA CYS A 968 0.42 -33.66 -41.71
C CYS A 968 1.87 -33.69 -42.17
N GLY A 969 2.24 -32.71 -42.99
CA GLY A 969 3.62 -32.54 -43.44
C GLY A 969 4.20 -33.78 -44.11
N THR A 970 3.37 -34.47 -44.89
CA THR A 970 3.77 -35.73 -45.51
C THR A 970 4.30 -35.51 -46.92
N ARG A 971 5.45 -36.12 -47.21
CA ARG A 971 6.10 -35.99 -48.51
C ARG A 971 5.95 -37.24 -49.36
N GLU A 972 5.69 -38.37 -48.69
CA GLU A 972 5.57 -39.65 -49.35
C GLU A 972 4.66 -40.56 -48.53
N LEU A 973 3.69 -41.18 -49.23
CA LEU A 973 2.76 -42.12 -48.64
C LEU A 973 2.78 -43.43 -49.43
N ASN A 974 2.92 -44.54 -48.73
CA ASN A 974 2.93 -45.87 -49.36
C ASN A 974 1.83 -46.76 -48.81
N TYR A 975 1.06 -47.38 -49.72
CA TYR A 975 -0.02 -48.28 -49.36
C TYR A 975 -0.19 -49.33 -50.45
N GLY A 976 0.15 -50.57 -50.12
CA GLY A 976 0.24 -51.64 -51.11
C GLY A 976 1.20 -51.24 -52.21
N PRO A 977 0.74 -51.32 -53.48
CA PRO A 977 1.58 -50.96 -54.61
C PRO A 977 1.60 -49.45 -54.88
N HIS A 978 0.79 -48.69 -54.16
CA HIS A 978 0.63 -47.25 -54.44
C HIS A 978 1.63 -46.38 -53.70
N GLN A 979 2.12 -45.35 -54.38
CA GLN A 979 2.92 -44.31 -53.76
C GLN A 979 2.45 -42.92 -54.20
N TRP A 980 2.16 -42.08 -53.21
CA TRP A 980 1.86 -40.67 -53.45
C TRP A 980 2.98 -39.78 -52.91
N ARG A 981 3.40 -38.81 -53.71
CA ARG A 981 4.45 -37.87 -53.32
C ARG A 981 3.96 -36.43 -53.48
N GLY A 982 4.49 -35.53 -52.66
CA GLY A 982 4.10 -34.13 -52.67
C GLY A 982 4.36 -33.52 -51.31
N ASP A 983 3.46 -32.64 -50.90
CA ASP A 983 3.52 -32.01 -49.57
C ASP A 983 2.08 -31.89 -49.07
N PHE A 984 1.59 -32.92 -48.40
CA PHE A 984 0.16 -33.05 -48.13
C PHE A 984 -0.14 -33.56 -46.73
N GLN A 985 -1.42 -33.52 -46.39
CA GLN A 985 -1.94 -34.14 -45.18
C GLN A 985 -2.83 -35.29 -45.65
N PHE A 986 -2.84 -36.38 -44.90
CA PHE A 986 -3.65 -37.51 -45.30
C PHE A 986 -4.24 -38.23 -44.11
N ASN A 987 -5.39 -38.87 -44.34
CA ASN A 987 -5.82 -39.96 -43.49
C ASN A 987 -6.25 -41.15 -44.35
N ILE A 988 -6.20 -42.33 -43.76
CA ILE A 988 -6.45 -43.57 -44.50
C ILE A 988 -7.12 -44.55 -43.54
N SER A 989 -8.25 -45.12 -43.96
CA SER A 989 -9.01 -46.05 -43.12
C SER A 989 -10.10 -46.78 -43.92
N ARG A 990 -10.79 -47.69 -43.23
CA ARG A 990 -11.90 -48.45 -43.82
C ARG A 990 -13.24 -47.73 -43.64
N TYR A 991 -13.20 -46.50 -43.12
CA TYR A 991 -14.42 -45.75 -42.87
C TYR A 991 -14.44 -44.47 -43.68
N SER A 992 -15.51 -44.27 -44.42
CA SER A 992 -15.66 -43.07 -45.23
C SER A 992 -16.04 -41.88 -44.35
N GLN A 993 -15.76 -40.67 -44.86
CA GLN A 993 -16.17 -39.45 -44.18
C GLN A 993 -17.67 -39.43 -43.96
N GLN A 994 -18.43 -39.90 -44.96
CA GLN A 994 -19.88 -40.02 -44.84
C GLN A 994 -20.32 -40.96 -43.72
N GLN A 995 -19.74 -42.16 -43.66
CA GLN A 995 -20.12 -43.08 -42.59
C GLN A 995 -19.80 -42.48 -41.21
N LEU A 996 -18.62 -41.88 -41.07
CA LEU A 996 -18.20 -41.22 -39.82
C LEU A 996 -19.18 -40.13 -39.41
N MET A 997 -19.65 -39.40 -40.41
CA MET A 997 -20.60 -38.30 -40.25
C MET A 997 -21.99 -38.77 -39.78
N GLU A 998 -22.37 -39.99 -40.17
CA GLU A 998 -23.72 -40.49 -39.93
C GLU A 998 -23.83 -41.40 -38.71
N THR A 999 -22.70 -41.72 -38.08
CA THR A 999 -22.66 -42.69 -36.99
C THR A 999 -22.29 -42.02 -35.67
N SER A 1000 -23.04 -42.32 -34.63
CA SER A 1000 -22.96 -41.60 -33.36
C SER A 1000 -22.12 -42.33 -32.31
N HIS A 1001 -21.76 -43.58 -32.59
CA HIS A 1001 -20.98 -44.41 -31.68
C HIS A 1001 -19.99 -45.25 -32.48
N ARG A 1002 -18.77 -45.37 -31.96
CA ARG A 1002 -17.72 -46.14 -32.64
C ARG A 1002 -18.03 -47.63 -32.83
N HIS A 1003 -18.85 -48.19 -31.94
CA HIS A 1003 -19.13 -49.63 -32.02
C HIS A 1003 -20.08 -49.97 -33.18
N LEU A 1004 -20.76 -48.95 -33.71
CA LEU A 1004 -21.70 -49.11 -34.82
C LEU A 1004 -21.06 -48.93 -36.20
N LEU A 1005 -19.77 -48.58 -36.22
CA LEU A 1005 -19.01 -48.45 -37.45
C LEU A 1005 -18.70 -49.82 -38.06
N HIS A 1006 -18.77 -49.90 -39.39
CA HIS A 1006 -18.44 -51.14 -40.09
C HIS A 1006 -17.40 -50.88 -41.17
N ALA A 1007 -16.38 -51.71 -41.22
CA ALA A 1007 -15.35 -51.61 -42.24
C ALA A 1007 -16.01 -51.67 -43.62
N GLU A 1008 -15.77 -50.65 -44.44
CA GLU A 1008 -16.26 -50.65 -45.81
C GLU A 1008 -15.32 -51.43 -46.72
N GLU A 1009 -15.79 -51.75 -47.92
CA GLU A 1009 -15.00 -52.43 -48.93
C GLU A 1009 -13.79 -51.57 -49.30
N GLY A 1010 -12.61 -52.16 -49.30
CA GLY A 1010 -11.39 -51.42 -49.60
C GLY A 1010 -11.03 -50.36 -48.58
N THR A 1011 -10.25 -49.36 -49.00
CA THR A 1011 -9.73 -48.35 -48.11
C THR A 1011 -10.06 -46.95 -48.60
N TRP A 1012 -10.65 -46.13 -47.73
CA TRP A 1012 -10.86 -44.73 -48.05
C TRP A 1012 -9.60 -43.92 -47.81
N LEU A 1013 -9.17 -43.20 -48.83
CA LEU A 1013 -8.04 -42.30 -48.74
C LEU A 1013 -8.50 -40.86 -48.93
N ASN A 1014 -8.15 -40.00 -47.98
CA ASN A 1014 -8.32 -38.57 -48.13
C ASN A 1014 -6.94 -37.93 -48.15
N ILE A 1015 -6.58 -37.35 -49.30
CA ILE A 1015 -5.32 -36.62 -49.41
C ILE A 1015 -5.64 -35.14 -49.55
N ASP A 1016 -5.18 -34.35 -48.59
CA ASP A 1016 -5.49 -32.92 -48.56
C ASP A 1016 -4.24 -32.12 -48.89
N GLY A 1017 -4.42 -31.07 -49.70
CA GLY A 1017 -3.38 -30.05 -49.83
C GLY A 1017 -3.40 -29.15 -48.61
N PHE A 1018 -4.61 -28.94 -48.07
CA PHE A 1018 -4.82 -28.06 -46.94
C PHE A 1018 -5.93 -28.60 -46.04
N HIS A 1019 -5.77 -28.41 -44.74
CA HIS A 1019 -6.77 -28.87 -43.78
C HIS A 1019 -6.93 -27.85 -42.65
N MET A 1020 -8.18 -27.57 -42.29
CA MET A 1020 -8.47 -26.60 -41.24
C MET A 1020 -8.00 -27.12 -39.87
N GLY A 1021 -7.61 -26.20 -39.00
CA GLY A 1021 -7.35 -26.55 -37.60
C GLY A 1021 -8.56 -27.15 -36.91
N ILE A 1022 -8.32 -27.81 -35.79
CA ILE A 1022 -9.35 -28.50 -35.03
C ILE A 1022 -9.88 -27.68 -33.87
N GLY A 1023 -9.09 -26.70 -33.43
CA GLY A 1023 -9.48 -25.85 -32.31
C GLY A 1023 -9.56 -26.59 -30.99
N GLY A 1024 -10.34 -26.03 -30.06
CA GLY A 1024 -10.50 -26.61 -28.74
C GLY A 1024 -10.26 -25.70 -27.54
N ASP A 1025 -10.04 -24.40 -27.76
CA ASP A 1025 -9.97 -23.45 -26.63
C ASP A 1025 -11.22 -23.63 -25.79
N ASP A 1026 -12.34 -23.83 -26.49
CA ASP A 1026 -13.50 -24.47 -25.91
C ASP A 1026 -14.18 -25.30 -27.01
N SER A 1027 -15.26 -26.01 -26.66
CA SER A 1027 -15.96 -26.88 -27.60
C SER A 1027 -17.43 -26.47 -27.79
N TRP A 1028 -17.75 -25.22 -27.48
CA TRP A 1028 -19.14 -24.74 -27.55
C TRP A 1028 -19.27 -23.38 -28.26
N SER A 1029 -18.24 -23.04 -29.04
CA SER A 1029 -18.20 -21.81 -29.83
C SER A 1029 -17.09 -22.03 -30.86
N PRO A 1030 -17.09 -21.24 -31.96
CA PRO A 1030 -15.97 -21.33 -32.90
C PRO A 1030 -14.66 -21.10 -32.16
N SER A 1031 -13.71 -22.03 -32.27
CA SER A 1031 -12.47 -21.94 -31.51
C SER A 1031 -11.21 -22.15 -32.33
N VAL A 1032 -11.36 -22.27 -33.64
CA VAL A 1032 -10.20 -22.38 -34.53
C VAL A 1032 -9.64 -20.99 -34.83
N SER A 1033 -8.36 -20.82 -34.51
CA SER A 1033 -7.65 -19.56 -34.65
C SER A 1033 -7.53 -19.17 -36.12
N ALA A 1034 -7.54 -17.86 -36.40
CA ALA A 1034 -7.57 -17.36 -37.78
C ALA A 1034 -6.44 -17.90 -38.65
N GLU A 1035 -5.24 -18.01 -38.09
CA GLU A 1035 -4.08 -18.52 -38.84
C GLU A 1035 -4.21 -20.00 -39.23
N PHE A 1036 -5.20 -20.69 -38.66
CA PHE A 1036 -5.49 -22.08 -39.03
C PHE A 1036 -6.79 -22.28 -39.83
N GLN A 1037 -7.44 -21.19 -40.21
CA GLN A 1037 -8.61 -21.25 -41.07
C GLN A 1037 -8.17 -21.16 -42.53
N LEU A 1038 -8.93 -21.81 -43.41
CA LEU A 1038 -8.56 -21.83 -44.82
C LEU A 1038 -9.19 -20.63 -45.53
N SER A 1039 -8.58 -19.46 -45.35
CA SER A 1039 -9.16 -18.20 -45.79
C SER A 1039 -8.44 -17.54 -46.98
N ALA A 1040 -7.38 -18.18 -47.48
CA ALA A 1040 -6.54 -17.59 -48.53
C ALA A 1040 -7.24 -17.30 -49.87
N GLY A 1041 -8.37 -17.95 -50.13
CA GLY A 1041 -9.14 -17.70 -51.36
C GLY A 1041 -8.71 -18.57 -52.52
N ARG A 1042 -7.41 -18.61 -52.79
CA ARG A 1042 -6.85 -19.44 -53.85
C ARG A 1042 -5.82 -20.40 -53.27
N TYR A 1043 -5.89 -21.66 -53.71
CA TYR A 1043 -5.06 -22.72 -53.17
C TYR A 1043 -4.44 -23.59 -54.24
N HIS A 1044 -3.21 -24.04 -53.99
CA HIS A 1044 -2.48 -24.86 -54.92
C HIS A 1044 -1.78 -26.03 -54.23
N TYR A 1045 -1.91 -27.21 -54.81
CA TYR A 1045 -1.12 -28.37 -54.41
C TYR A 1045 -0.87 -29.30 -55.59
N GLN A 1046 0.20 -30.09 -55.50
CA GLN A 1046 0.50 -31.09 -56.50
C GLN A 1046 0.77 -32.44 -55.85
N LEU A 1047 0.30 -33.50 -56.52
CA LEU A 1047 0.55 -34.87 -56.10
C LEU A 1047 1.12 -35.68 -57.26
N VAL A 1048 2.08 -36.54 -56.97
CA VAL A 1048 2.54 -37.53 -57.94
C VAL A 1048 2.12 -38.93 -57.47
N TRP A 1049 1.30 -39.59 -58.27
CA TRP A 1049 0.82 -40.94 -58.00
C TRP A 1049 1.56 -41.93 -58.90
N CYS A 1050 2.19 -42.94 -58.30
CA CYS A 1050 2.86 -43.99 -59.09
C CYS A 1050 2.79 -45.36 -58.41
N GLN A 1051 3.35 -46.37 -59.06
CA GLN A 1051 3.39 -47.73 -58.54
C GLN A 1051 4.75 -48.11 -57.95
N LYS A 1052 4.72 -48.74 -56.77
CA LYS A 1052 5.92 -49.28 -56.12
C LYS A 1052 6.34 -50.61 -56.78
N VAL B 38 41.77 37.32 -18.50
CA VAL B 38 40.85 36.63 -17.54
C VAL B 38 39.98 35.63 -18.28
N VAL B 39 39.34 36.10 -19.35
CA VAL B 39 38.47 35.28 -20.20
C VAL B 39 39.25 34.11 -20.83
N LEU B 40 40.43 34.41 -21.37
CA LEU B 40 41.32 33.37 -21.89
C LEU B 40 41.89 32.49 -20.77
N GLN B 41 42.23 33.11 -19.64
CA GLN B 41 42.82 32.40 -18.50
C GLN B 41 41.87 31.41 -17.82
N ARG B 42 40.61 31.79 -17.65
CA ARG B 42 39.66 30.96 -16.91
C ARG B 42 39.12 29.75 -17.66
N ARG B 43 39.11 29.81 -19.00
CA ARG B 43 38.61 28.71 -19.83
C ARG B 43 37.33 28.10 -19.26
N ASP B 44 36.29 28.93 -19.20
CA ASP B 44 35.01 28.56 -18.59
C ASP B 44 34.29 27.49 -19.39
N TRP B 45 34.67 27.35 -20.66
CA TRP B 45 34.10 26.36 -21.57
C TRP B 45 34.72 24.97 -21.41
N GLU B 46 35.58 24.84 -20.41
CA GLU B 46 36.18 23.54 -20.05
C GLU B 46 36.04 23.30 -18.55
N ASN B 47 34.91 23.74 -18.00
CA ASN B 47 34.63 23.65 -16.57
C ASN B 47 33.14 23.41 -16.36
N PRO B 48 32.76 22.17 -16.05
CA PRO B 48 31.34 21.87 -15.87
C PRO B 48 30.78 22.53 -14.61
N GLY B 49 31.66 23.10 -13.79
CA GLY B 49 31.27 23.85 -12.61
C GLY B 49 30.81 25.27 -12.90
N VAL B 50 31.20 25.79 -14.08
CA VAL B 50 30.73 27.09 -14.55
C VAL B 50 29.91 26.92 -15.81
N THR B 51 28.61 27.13 -15.70
CA THR B 51 27.69 26.99 -16.83
C THR B 51 27.15 28.34 -17.23
N GLN B 52 27.51 29.35 -16.44
CA GLN B 52 27.14 30.73 -16.72
C GLN B 52 27.87 31.69 -15.79
N LEU B 53 28.03 32.92 -16.26
CA LEU B 53 28.48 34.02 -15.41
C LEU B 53 27.56 35.21 -15.65
N ASN B 54 27.03 35.78 -14.55
CA ASN B 54 26.14 36.95 -14.58
C ASN B 54 24.79 36.77 -15.29
N ARG B 55 24.39 35.52 -15.52
CA ARG B 55 23.13 35.24 -16.18
C ARG B 55 21.95 35.49 -15.24
N LEU B 56 20.88 36.08 -15.77
CA LEU B 56 19.67 36.33 -14.97
C LEU B 56 18.85 35.06 -14.77
N ALA B 57 17.99 35.06 -13.74
CA ALA B 57 17.08 33.94 -13.48
C ALA B 57 16.15 33.66 -14.64
N ALA B 58 15.87 32.38 -14.86
CA ALA B 58 14.88 31.93 -15.85
C ALA B 58 13.46 32.22 -15.37
N HIS B 59 12.53 32.29 -16.32
CA HIS B 59 11.17 32.75 -16.06
C HIS B 59 10.30 32.46 -17.28
N PRO B 60 8.97 32.52 -17.13
CA PRO B 60 8.08 32.34 -18.27
C PRO B 60 8.15 33.55 -19.22
N PRO B 61 7.67 33.39 -20.46
CA PRO B 61 7.78 34.48 -21.45
C PRO B 61 7.27 35.85 -20.95
N PHE B 62 8.11 36.87 -21.10
CA PHE B 62 7.79 38.24 -20.70
C PHE B 62 7.71 39.15 -21.90
N ALA B 63 6.92 40.21 -21.78
CA ALA B 63 6.84 41.24 -22.81
C ALA B 63 6.82 42.62 -22.17
N SER B 64 6.64 42.67 -20.86
CA SER B 64 6.62 43.92 -20.08
C SER B 64 5.69 44.98 -20.70
N TRP B 65 4.43 44.60 -20.93
CA TRP B 65 3.43 45.52 -21.44
C TRP B 65 3.20 46.64 -20.42
N ARG B 66 2.99 47.86 -20.92
CA ARG B 66 2.65 49.00 -20.05
C ARG B 66 1.20 49.41 -20.32
N ASN B 67 0.48 48.51 -20.99
CA ASN B 67 -0.93 48.70 -21.34
C ASN B 67 -1.63 47.35 -21.21
N SER B 68 -2.62 47.29 -20.33
CA SER B 68 -3.26 46.03 -19.95
C SER B 68 -4.01 45.37 -21.08
N GLU B 69 -4.56 46.20 -21.95
CA GLU B 69 -5.31 45.74 -23.10
C GLU B 69 -4.40 45.05 -24.12
N GLU B 70 -3.18 45.57 -24.29
CA GLU B 70 -2.20 44.93 -25.14
C GLU B 70 -1.82 43.55 -24.59
N ALA B 71 -1.69 43.48 -23.26
CA ALA B 71 -1.42 42.21 -22.58
C ALA B 71 -2.54 41.20 -22.78
N ARG B 72 -3.78 41.66 -22.67
CA ARG B 72 -4.94 40.77 -22.84
C ARG B 72 -5.01 40.19 -24.24
N THR B 73 -4.77 41.04 -25.24
CA THR B 73 -4.98 40.66 -26.63
C THR B 73 -3.71 40.10 -27.28
N ASP B 74 -2.62 40.01 -26.50
CA ASP B 74 -1.32 39.49 -26.96
C ASP B 74 -0.75 40.29 -28.13
N ARG B 75 -0.98 41.60 -28.14
CA ARG B 75 -0.41 42.47 -29.17
C ARG B 75 1.09 42.67 -28.91
N PRO B 76 1.84 43.10 -29.95
CA PRO B 76 3.26 43.39 -29.75
C PRO B 76 3.50 44.38 -28.61
N SER B 77 4.68 44.32 -28.02
CA SER B 77 5.06 45.23 -26.97
C SER B 77 6.25 46.07 -27.38
N GLN B 78 6.12 47.39 -27.24
CA GLN B 78 7.23 48.32 -27.48
C GLN B 78 8.43 48.06 -26.55
N GLN B 79 8.18 47.43 -25.40
CA GLN B 79 9.23 47.11 -24.43
C GLN B 79 10.01 45.82 -24.77
N LEU B 80 9.53 45.10 -25.78
CA LEU B 80 10.24 43.92 -26.28
C LEU B 80 10.62 44.11 -27.75
N ARG B 81 11.91 44.29 -27.98
CA ARG B 81 12.44 44.65 -29.28
C ARG B 81 13.29 43.50 -29.83
N SER B 82 13.16 43.23 -31.13
CA SER B 82 13.96 42.18 -31.77
C SER B 82 15.28 42.71 -32.33
N LEU B 83 16.36 41.96 -32.10
CA LEU B 83 17.66 42.30 -32.65
C LEU B 83 18.04 41.38 -33.83
N ASN B 84 17.07 40.59 -34.29
CA ASN B 84 17.25 39.75 -35.48
C ASN B 84 17.46 40.60 -36.73
N GLY B 85 18.18 40.02 -37.69
CA GLY B 85 18.49 40.70 -38.93
C GLY B 85 19.96 40.55 -39.24
N GLU B 86 20.52 41.58 -39.85
CA GLU B 86 21.92 41.54 -40.29
C GLU B 86 22.89 41.89 -39.17
N TRP B 87 23.77 40.95 -38.88
CA TRP B 87 24.85 41.13 -37.93
C TRP B 87 26.16 40.99 -38.71
N ARG B 88 27.27 41.30 -38.05
CA ARG B 88 28.60 41.02 -38.58
C ARG B 88 29.16 39.74 -37.95
N PHE B 89 29.90 38.98 -38.75
CA PHE B 89 30.40 37.68 -38.32
C PHE B 89 31.80 37.40 -38.86
N ALA B 90 32.66 36.87 -37.99
CA ALA B 90 33.97 36.38 -38.41
C ALA B 90 34.25 35.04 -37.76
N TRP B 91 34.77 34.10 -38.56
CA TRP B 91 35.09 32.77 -38.10
C TRP B 91 36.57 32.67 -37.71
N PHE B 92 36.86 32.00 -36.60
CA PHE B 92 38.22 31.76 -36.16
C PHE B 92 38.41 30.30 -35.74
N PRO B 93 39.63 29.77 -35.90
CA PRO B 93 39.89 28.35 -35.58
C PRO B 93 39.89 28.02 -34.09
N ALA B 94 40.05 29.04 -33.25
CA ALA B 94 40.15 28.91 -31.80
C ALA B 94 39.92 30.29 -31.16
N PRO B 95 39.50 30.32 -29.88
CA PRO B 95 39.33 31.60 -29.19
C PRO B 95 40.63 32.38 -29.00
N GLU B 96 41.77 31.69 -28.92
CA GLU B 96 43.09 32.33 -28.86
C GLU B 96 43.45 33.14 -30.12
N ALA B 97 42.78 32.83 -31.23
CA ALA B 97 43.02 33.49 -32.53
C ALA B 97 42.23 34.79 -32.70
N VAL B 98 41.35 35.08 -31.75
CA VAL B 98 40.46 36.23 -31.86
C VAL B 98 41.22 37.50 -31.42
N PRO B 99 41.35 38.48 -32.33
CA PRO B 99 42.10 39.71 -32.01
C PRO B 99 41.35 40.62 -31.04
N GLU B 100 42.08 41.16 -30.06
CA GLU B 100 41.51 42.04 -29.02
C GLU B 100 40.74 43.25 -29.57
N SER B 101 41.18 43.75 -30.73
CA SER B 101 40.52 44.90 -31.37
C SER B 101 39.03 44.67 -31.67
N TRP B 102 38.67 43.41 -31.93
CA TRP B 102 37.28 43.03 -32.22
C TRP B 102 36.30 43.41 -31.10
N LEU B 103 36.79 43.46 -29.86
CA LEU B 103 36.01 43.92 -28.72
C LEU B 103 35.57 45.38 -28.87
N GLU B 104 36.43 46.18 -29.49
CA GLU B 104 36.23 47.63 -29.60
C GLU B 104 35.62 48.09 -30.93
N CYS B 105 36.05 47.47 -32.03
CA CYS B 105 35.46 47.82 -33.31
C CYS B 105 35.37 46.65 -34.30
N ASP B 106 34.61 46.88 -35.36
CA ASP B 106 34.37 45.90 -36.41
C ASP B 106 35.66 45.43 -37.08
N LEU B 107 35.74 44.12 -37.33
CA LEU B 107 36.81 43.57 -38.15
C LEU B 107 36.44 43.82 -39.60
N PRO B 108 37.36 44.45 -40.37
CA PRO B 108 37.05 44.68 -41.79
C PRO B 108 36.94 43.36 -42.57
N GLU B 109 37.60 42.33 -42.05
CA GLU B 109 37.54 40.98 -42.64
C GLU B 109 36.18 40.29 -42.42
N ALA B 110 35.40 40.77 -41.45
CA ALA B 110 34.08 40.19 -41.15
C ALA B 110 33.13 40.31 -42.32
N ASP B 111 32.15 39.40 -42.35
CA ASP B 111 31.07 39.45 -43.31
C ASP B 111 29.78 39.87 -42.62
N THR B 112 28.78 40.24 -43.42
CA THR B 112 27.46 40.57 -42.92
C THR B 112 26.55 39.35 -43.16
N VAL B 113 25.95 38.84 -42.10
CA VAL B 113 25.12 37.63 -42.17
C VAL B 113 23.79 37.79 -41.44
N VAL B 114 22.78 37.04 -41.89
CA VAL B 114 21.49 36.97 -41.20
C VAL B 114 21.64 36.24 -39.86
N VAL B 115 21.01 36.79 -38.82
CA VAL B 115 20.91 36.14 -37.50
C VAL B 115 19.44 36.19 -37.08
N PRO B 116 18.90 35.08 -36.55
CA PRO B 116 19.53 33.80 -36.20
C PRO B 116 20.03 32.98 -37.39
N SER B 117 21.11 32.24 -37.17
CA SER B 117 21.66 31.32 -38.17
C SER B 117 22.59 30.29 -37.52
N ASN B 118 22.79 29.17 -38.21
CA ASN B 118 23.91 28.28 -37.90
C ASN B 118 25.02 28.59 -38.91
N TRP B 119 26.24 28.82 -38.42
CA TRP B 119 27.30 29.28 -39.32
C TRP B 119 27.78 28.24 -40.34
N GLN B 120 27.52 26.95 -40.06
CA GLN B 120 27.74 25.87 -41.03
C GLN B 120 26.85 26.04 -42.28
N MET B 121 25.66 26.61 -42.10
CA MET B 121 24.74 26.82 -43.21
C MET B 121 25.19 27.97 -44.13
N HIS B 122 26.16 28.76 -43.66
CA HIS B 122 26.72 29.86 -44.45
C HIS B 122 28.08 29.46 -45.02
N GLY B 123 28.48 28.21 -44.79
CA GLY B 123 29.70 27.65 -45.36
C GLY B 123 31.01 27.93 -44.63
N TYR B 124 30.94 28.42 -43.39
CA TYR B 124 32.17 28.80 -42.69
C TYR B 124 32.97 27.59 -42.22
N ASP B 125 32.26 26.55 -41.80
CA ASP B 125 32.84 25.21 -41.63
C ASP B 125 31.75 24.16 -41.85
N ALA B 126 32.10 22.89 -41.73
CA ALA B 126 31.18 21.81 -42.07
C ALA B 126 30.29 21.45 -40.90
N PRO B 127 29.00 21.16 -41.18
CA PRO B 127 28.19 20.49 -40.17
C PRO B 127 28.64 19.03 -40.09
N ILE B 128 28.55 18.44 -38.91
CA ILE B 128 29.01 17.06 -38.69
C ILE B 128 27.80 16.19 -38.32
N TYR B 129 27.54 15.14 -39.10
CA TYR B 129 26.56 14.15 -38.66
C TYR B 129 27.18 12.89 -38.04
N THR B 130 27.05 12.77 -36.72
CA THR B 130 27.40 11.57 -35.99
C THR B 130 26.25 11.22 -35.06
N ASN B 131 26.06 9.93 -34.83
CA ASN B 131 24.97 9.44 -33.98
C ASN B 131 25.39 9.34 -32.51
N VAL B 132 26.10 8.26 -32.16
CA VAL B 132 26.49 8.01 -30.77
C VAL B 132 27.87 8.57 -30.46
N THR B 133 28.85 8.25 -31.29
CA THR B 133 30.22 8.69 -31.04
C THR B 133 30.28 10.22 -31.02
N TYR B 134 30.77 10.78 -29.92
CA TYR B 134 30.98 12.22 -29.79
C TYR B 134 31.80 12.74 -30.96
N PRO B 135 31.48 13.95 -31.45
CA PRO B 135 32.25 14.57 -32.53
C PRO B 135 33.59 15.14 -32.04
N ILE B 136 33.85 15.02 -30.74
CA ILE B 136 35.13 15.42 -30.16
C ILE B 136 35.72 14.26 -29.36
N THR B 137 37.03 14.27 -29.13
CA THR B 137 37.66 13.26 -28.27
C THR B 137 36.99 13.28 -26.90
N VAL B 138 36.61 12.10 -26.40
CA VAL B 138 35.95 11.97 -25.10
C VAL B 138 36.98 12.09 -23.99
N ASN B 139 37.08 13.29 -23.43
CA ASN B 139 38.06 13.57 -22.38
C ASN B 139 37.50 14.68 -21.50
N PRO B 140 36.37 14.41 -20.81
CA PRO B 140 35.71 15.45 -20.04
C PRO B 140 36.61 15.96 -18.91
N PRO B 141 36.56 17.28 -18.64
CA PRO B 141 35.68 18.24 -19.30
C PRO B 141 36.30 18.97 -20.51
N PHE B 142 37.42 18.45 -21.01
CA PHE B 142 38.20 19.16 -22.04
C PHE B 142 37.61 19.04 -23.45
N VAL B 143 37.83 20.08 -24.24
CA VAL B 143 37.42 20.09 -25.65
C VAL B 143 38.66 20.33 -26.51
N PRO B 144 38.57 20.12 -27.84
CA PRO B 144 39.79 20.28 -28.65
C PRO B 144 40.29 21.72 -28.62
N THR B 145 41.61 21.90 -28.69
CA THR B 145 42.19 23.24 -28.74
C THR B 145 41.79 23.97 -30.04
N GLU B 146 41.68 23.20 -31.13
CA GLU B 146 41.08 23.70 -32.37
C GLU B 146 39.56 23.74 -32.20
N ASN B 147 39.09 24.83 -31.61
CA ASN B 147 37.69 24.99 -31.25
C ASN B 147 37.09 26.13 -32.08
N PRO B 148 36.35 25.78 -33.17
CA PRO B 148 35.77 26.78 -34.06
C PRO B 148 35.01 27.85 -33.29
N THR B 149 35.34 29.10 -33.57
CA THR B 149 34.85 30.22 -32.81
C THR B 149 34.16 31.21 -33.74
N GLY B 150 32.89 31.47 -33.45
CA GLY B 150 32.13 32.43 -34.24
C GLY B 150 32.04 33.77 -33.52
N CYS B 151 32.55 34.80 -34.17
CA CYS B 151 32.55 36.14 -33.59
C CYS B 151 31.45 36.99 -34.21
N TYR B 152 30.37 37.16 -33.47
CA TYR B 152 29.23 37.96 -33.89
C TYR B 152 29.28 39.33 -33.25
N SER B 153 28.83 40.34 -33.98
CA SER B 153 28.78 41.68 -33.44
C SER B 153 27.61 42.47 -34.04
N LEU B 154 27.12 43.45 -33.31
CA LEU B 154 25.99 44.26 -33.78
C LEU B 154 26.09 45.68 -33.28
N THR B 155 26.02 46.61 -34.22
CA THR B 155 25.88 48.02 -33.91
C THR B 155 24.40 48.37 -34.02
N PHE B 156 23.85 48.92 -32.95
CA PHE B 156 22.42 49.18 -32.85
C PHE B 156 22.17 50.41 -31.98
N ASN B 157 20.98 50.98 -32.11
CA ASN B 157 20.60 52.16 -31.36
C ASN B 157 19.81 51.81 -30.10
N VAL B 158 20.16 52.44 -28.98
CA VAL B 158 19.30 52.43 -27.78
C VAL B 158 18.88 53.85 -27.43
N ASP B 159 17.57 54.06 -27.34
CA ASP B 159 17.01 55.34 -26.93
C ASP B 159 17.26 55.66 -25.46
N GLU B 160 17.47 56.94 -25.15
CA GLU B 160 17.72 57.40 -23.78
C GLU B 160 16.62 56.98 -22.79
N SER B 161 15.36 57.01 -23.23
CA SER B 161 14.21 56.67 -22.37
C SER B 161 14.36 55.28 -21.74
N TRP B 162 15.03 54.37 -22.45
CA TRP B 162 15.29 53.02 -21.97
C TRP B 162 16.32 52.94 -20.85
N LEU B 163 17.18 53.97 -20.78
CA LEU B 163 18.29 54.00 -19.82
C LEU B 163 18.06 54.93 -18.64
N GLN B 164 17.20 55.93 -18.82
CA GLN B 164 16.87 56.87 -17.74
C GLN B 164 16.21 56.17 -16.56
N GLU B 165 15.41 55.15 -16.84
CA GLU B 165 14.71 54.39 -15.80
C GLU B 165 14.64 52.91 -16.16
N GLY B 166 14.41 52.08 -15.14
CA GLY B 166 14.18 50.65 -15.34
C GLY B 166 15.39 49.86 -15.79
N GLN B 167 15.10 48.64 -16.23
CA GLN B 167 16.13 47.65 -16.52
C GLN B 167 16.05 47.23 -17.97
N THR B 168 17.19 47.32 -18.67
CA THR B 168 17.31 46.81 -20.02
C THR B 168 18.14 45.51 -20.05
N ARG B 169 17.52 44.42 -20.48
CA ARG B 169 18.21 43.14 -20.60
C ARG B 169 18.27 42.65 -22.04
N ILE B 170 19.32 41.89 -22.35
CA ILE B 170 19.39 41.20 -23.63
C ILE B 170 19.00 39.74 -23.44
N ILE B 171 18.29 39.19 -24.43
CA ILE B 171 17.89 37.79 -24.39
C ILE B 171 18.41 37.00 -25.59
N PHE B 172 19.24 35.99 -25.33
CA PHE B 172 19.67 35.05 -26.36
C PHE B 172 18.90 33.73 -26.20
N ASP B 173 17.91 33.50 -27.06
CA ASP B 173 17.04 32.33 -26.96
C ASP B 173 17.76 31.02 -27.31
N GLY B 174 18.87 31.11 -28.06
CA GLY B 174 19.61 29.92 -28.47
C GLY B 174 21.00 30.22 -29.01
N VAL B 175 22.00 29.70 -28.31
CA VAL B 175 23.38 29.92 -28.70
C VAL B 175 24.12 28.61 -28.47
N ASN B 176 24.68 28.09 -29.55
CA ASN B 176 25.26 26.76 -29.58
C ASN B 176 26.77 26.87 -29.79
N SER B 177 27.61 26.43 -28.84
CA SER B 177 27.18 25.76 -27.59
C SER B 177 27.46 26.55 -26.31
N ALA B 178 28.36 27.52 -26.37
CA ALA B 178 28.68 28.39 -25.24
C ALA B 178 29.11 29.74 -25.77
N PHE B 179 29.03 30.79 -24.93
CA PHE B 179 29.42 32.11 -25.39
C PHE B 179 29.80 33.09 -24.30
N HIS B 180 30.69 34.01 -24.66
CA HIS B 180 30.98 35.18 -23.86
C HIS B 180 30.33 36.39 -24.53
N LEU B 181 29.87 37.33 -23.71
CA LEU B 181 29.22 38.54 -24.20
C LEU B 181 29.94 39.80 -23.73
N TRP B 182 30.20 40.71 -24.66
CA TRP B 182 30.74 42.03 -24.36
C TRP B 182 29.76 43.08 -24.90
N CYS B 183 29.68 44.21 -24.20
CA CYS B 183 28.86 45.33 -24.64
C CYS B 183 29.65 46.63 -24.55
N ASN B 184 29.78 47.32 -25.69
CA ASN B 184 30.64 48.50 -25.79
C ASN B 184 32.03 48.25 -25.18
N GLY B 185 32.59 47.07 -25.47
CA GLY B 185 33.94 46.71 -25.04
C GLY B 185 34.09 46.06 -23.68
N ARG B 186 33.05 46.14 -22.86
CA ARG B 186 33.12 45.63 -21.49
C ARG B 186 32.46 44.25 -21.37
N TRP B 187 33.15 43.32 -20.71
CA TRP B 187 32.64 41.97 -20.49
C TRP B 187 31.39 41.98 -19.62
N VAL B 188 30.35 41.32 -20.12
CA VAL B 188 29.05 41.25 -19.43
C VAL B 188 28.87 39.90 -18.74
N GLY B 189 29.03 38.81 -19.50
CA GLY B 189 28.79 37.48 -18.96
C GLY B 189 29.02 36.31 -19.90
N TYR B 190 28.53 35.16 -19.46
CA TYR B 190 28.82 33.88 -20.10
C TYR B 190 27.61 32.96 -19.95
N GLY B 191 27.39 32.11 -20.94
CA GLY B 191 26.25 31.19 -20.89
C GLY B 191 26.51 29.88 -21.59
N GLN B 192 25.92 28.82 -21.04
CA GLN B 192 25.89 27.48 -21.66
C GLN B 192 24.44 26.99 -21.75
N ASP B 193 24.26 25.77 -22.27
CA ASP B 193 22.95 25.20 -22.66
C ASP B 193 22.39 25.85 -23.93
N SER B 194 22.56 25.14 -25.03
CA SER B 194 22.24 25.63 -26.38
C SER B 194 20.76 25.85 -26.64
N ARG B 195 19.90 25.32 -25.76
CA ARG B 195 18.47 25.17 -26.12
C ARG B 195 17.51 25.93 -25.22
N LEU B 196 18.06 26.76 -24.32
CA LEU B 196 17.28 27.62 -23.44
C LEU B 196 17.83 29.05 -23.49
N PRO B 197 16.98 30.05 -23.19
CA PRO B 197 17.42 31.44 -23.29
C PRO B 197 18.45 31.85 -22.25
N SER B 198 19.44 32.66 -22.65
CA SER B 198 20.37 33.27 -21.70
C SER B 198 20.16 34.76 -21.67
N GLU B 199 19.98 35.32 -20.49
CA GLU B 199 19.62 36.73 -20.34
C GLU B 199 20.61 37.48 -19.45
N PHE B 200 20.95 38.70 -19.87
CA PHE B 200 21.93 39.51 -19.14
C PHE B 200 21.41 40.93 -19.04
N ASP B 201 21.57 41.51 -17.85
CA ASP B 201 21.25 42.91 -17.63
C ASP B 201 22.31 43.79 -18.30
N LEU B 202 21.86 44.64 -19.22
CA LEU B 202 22.75 45.53 -19.96
C LEU B 202 22.66 46.99 -19.48
N SER B 203 21.84 47.23 -18.45
CA SER B 203 21.53 48.57 -17.98
C SER B 203 22.74 49.45 -17.73
N ALA B 204 23.77 48.89 -17.10
CA ALA B 204 25.00 49.61 -16.76
C ALA B 204 26.04 49.62 -17.90
N PHE B 205 25.75 48.93 -19.00
CA PHE B 205 26.71 48.82 -20.11
C PHE B 205 26.33 49.67 -21.30
N LEU B 206 25.04 49.99 -21.41
CA LEU B 206 24.53 50.73 -22.55
C LEU B 206 24.72 52.26 -22.42
N ARG B 207 24.78 52.90 -23.57
CA ARG B 207 24.76 54.36 -23.66
C ARG B 207 23.69 54.79 -24.66
N ALA B 208 23.24 56.04 -24.53
CA ALA B 208 22.28 56.60 -25.47
C ALA B 208 22.90 56.70 -26.87
N GLY B 209 22.15 56.30 -27.89
CA GLY B 209 22.66 56.29 -29.26
C GLY B 209 23.25 54.95 -29.69
N GLU B 210 24.42 55.00 -30.31
CA GLU B 210 25.03 53.82 -30.90
C GLU B 210 25.72 52.95 -29.85
N ASN B 211 25.37 51.66 -29.83
CA ASN B 211 26.05 50.66 -29.01
C ASN B 211 26.56 49.49 -29.86
N ARG B 212 27.52 48.74 -29.34
CA ARG B 212 28.01 47.55 -30.04
C ARG B 212 28.07 46.30 -29.15
N LEU B 213 27.45 45.22 -29.59
CA LEU B 213 27.54 43.92 -28.92
C LEU B 213 28.63 43.10 -29.57
N ALA B 214 29.38 42.38 -28.75
CA ALA B 214 30.34 41.39 -29.26
C ALA B 214 30.05 40.06 -28.57
N VAL B 215 29.76 39.04 -29.38
CA VAL B 215 29.41 37.72 -28.87
C VAL B 215 30.39 36.71 -29.42
N MET B 216 31.17 36.10 -28.54
CA MET B 216 32.11 35.05 -28.96
C MET B 216 31.53 33.66 -28.70
N VAL B 217 31.11 32.98 -29.76
CA VAL B 217 30.42 31.71 -29.65
C VAL B 217 31.38 30.55 -29.88
N LEU B 218 31.46 29.64 -28.92
CA LEU B 218 32.31 28.46 -29.05
C LEU B 218 31.50 27.24 -29.54
N ARG B 219 32.05 26.53 -30.52
CA ARG B 219 31.39 25.35 -31.03
C ARG B 219 31.39 24.27 -29.95
N TRP B 220 32.53 24.06 -29.31
CA TRP B 220 32.65 23.04 -28.27
C TRP B 220 32.87 23.64 -26.89
N SER B 221 32.24 23.01 -25.90
CA SER B 221 32.40 23.37 -24.51
C SER B 221 32.11 22.14 -23.66
N ASP B 222 32.28 22.26 -22.35
CA ASP B 222 31.92 21.16 -21.46
C ASP B 222 30.43 20.82 -21.59
N GLY B 223 29.62 21.81 -21.97
CA GLY B 223 28.20 21.60 -22.26
C GLY B 223 27.95 20.60 -23.39
N SER B 224 28.89 20.51 -24.33
CA SER B 224 28.82 19.54 -25.42
C SER B 224 28.75 18.10 -24.96
N TYR B 225 29.33 17.81 -23.80
CA TYR B 225 29.25 16.45 -23.24
C TYR B 225 27.83 16.04 -22.88
N LEU B 226 26.96 17.02 -22.73
CA LEU B 226 25.54 16.77 -22.41
C LEU B 226 24.67 17.00 -23.64
N GLU B 227 25.31 17.21 -24.79
CA GLU B 227 24.57 17.53 -26.03
C GLU B 227 24.89 16.54 -27.16
N ASP B 228 24.78 15.25 -26.88
CA ASP B 228 25.19 14.23 -27.84
C ASP B 228 24.00 13.61 -28.61
N GLN B 229 22.98 14.43 -28.87
CA GLN B 229 21.80 13.98 -29.61
C GLN B 229 22.20 13.54 -31.01
N ASP B 230 21.54 12.48 -31.49
CA ASP B 230 21.74 11.95 -32.83
C ASP B 230 21.17 12.91 -33.88
N MET B 231 21.99 13.89 -34.26
CA MET B 231 21.59 14.94 -35.19
C MET B 231 22.83 15.62 -35.74
N TRP B 232 22.64 16.50 -36.73
CA TRP B 232 23.74 17.36 -37.19
C TRP B 232 24.33 18.16 -36.05
N ARG B 233 25.66 18.16 -35.95
CA ARG B 233 26.36 19.00 -34.97
C ARG B 233 26.69 20.33 -35.63
N MET B 234 26.00 21.38 -35.20
CA MET B 234 26.13 22.71 -35.76
C MET B 234 26.41 23.68 -34.62
N SER B 235 26.43 24.98 -34.92
CA SER B 235 26.65 25.99 -33.88
C SER B 235 26.30 27.39 -34.34
N GLY B 236 26.25 28.31 -33.38
CA GLY B 236 25.98 29.72 -33.65
C GLY B 236 24.82 30.32 -32.88
N ILE B 237 24.49 31.55 -33.22
CA ILE B 237 23.32 32.21 -32.65
C ILE B 237 22.12 31.82 -33.52
N PHE B 238 21.46 30.72 -33.13
CA PHE B 238 20.50 30.05 -34.01
C PHE B 238 19.03 30.25 -33.62
N ARG B 239 18.78 30.91 -32.48
CA ARG B 239 17.44 31.40 -32.13
C ARG B 239 17.43 32.91 -31.91
N ASP B 240 16.25 33.47 -31.65
CA ASP B 240 16.05 34.92 -31.59
C ASP B 240 16.93 35.63 -30.58
N VAL B 241 17.26 36.88 -30.90
CA VAL B 241 17.96 37.76 -29.99
C VAL B 241 17.05 38.97 -29.80
N SER B 242 16.86 39.36 -28.54
CA SER B 242 16.00 40.50 -28.25
C SER B 242 16.41 41.29 -27.02
N LEU B 243 15.85 42.50 -26.92
CA LEU B 243 16.02 43.37 -25.76
C LEU B 243 14.67 43.58 -25.11
N LEU B 244 14.65 43.49 -23.78
CA LEU B 244 13.43 43.63 -23.01
C LEU B 244 13.63 44.72 -21.96
N HIS B 245 12.72 45.69 -21.95
CA HIS B 245 12.72 46.70 -20.91
C HIS B 245 11.71 46.35 -19.83
N LYS B 246 12.18 46.24 -18.59
CA LYS B 246 11.30 46.10 -17.42
C LYS B 246 11.53 47.29 -16.50
N PRO B 247 10.50 47.71 -15.73
CA PRO B 247 10.75 48.71 -14.68
C PRO B 247 11.58 48.09 -13.57
N THR B 248 12.20 48.92 -12.75
CA THR B 248 12.97 48.43 -11.60
C THR B 248 12.06 47.62 -10.66
N THR B 249 10.84 48.11 -10.46
CA THR B 249 9.82 47.40 -9.69
C THR B 249 9.02 46.58 -10.68
N GLN B 250 9.20 45.26 -10.63
CA GLN B 250 8.80 44.40 -11.75
C GLN B 250 8.21 43.07 -11.31
N ILE B 251 7.40 42.49 -12.18
CA ILE B 251 7.02 41.09 -12.08
C ILE B 251 8.23 40.27 -12.52
N SER B 252 8.74 39.45 -11.62
CA SER B 252 9.95 38.69 -11.90
C SER B 252 9.64 37.23 -12.21
N ASP B 253 8.45 36.78 -11.81
CA ASP B 253 8.02 35.40 -12.04
C ASP B 253 6.53 35.29 -11.74
N PHE B 254 5.84 34.38 -12.43
CA PHE B 254 4.49 34.01 -12.08
C PHE B 254 4.16 32.58 -12.53
N HIS B 255 3.40 31.87 -11.70
CA HIS B 255 3.03 30.49 -11.98
C HIS B 255 1.53 30.35 -11.95
N VAL B 256 0.99 29.65 -12.95
CA VAL B 256 -0.45 29.41 -13.04
C VAL B 256 -0.76 27.93 -12.84
N ALA B 257 -1.59 27.63 -11.84
CA ALA B 257 -2.10 26.29 -11.61
C ALA B 257 -3.63 26.28 -11.72
N THR B 258 -4.18 25.15 -12.17
CA THR B 258 -5.62 24.95 -12.23
C THR B 258 -5.99 23.62 -11.57
N ARG B 259 -6.80 23.68 -10.52
CA ARG B 259 -7.28 22.49 -9.78
C ARG B 259 -8.78 22.36 -9.95
N PHE B 260 -9.29 21.15 -9.83
CA PHE B 260 -10.69 20.83 -10.18
C PHE B 260 -11.39 19.96 -9.14
N ASN B 261 -12.71 20.00 -9.16
CA ASN B 261 -13.52 19.04 -8.42
C ASN B 261 -13.66 17.74 -9.24
N ASP B 262 -14.36 16.75 -8.71
CA ASP B 262 -14.40 15.41 -9.33
C ASP B 262 -14.91 15.34 -10.77
N ASP B 263 -15.92 16.14 -11.10
CA ASP B 263 -16.54 16.09 -12.43
C ASP B 263 -16.18 17.30 -13.29
N PHE B 264 -15.15 18.03 -12.88
CA PHE B 264 -14.60 19.17 -13.62
C PHE B 264 -15.60 20.29 -13.89
N SER B 265 -16.64 20.36 -13.05
CA SER B 265 -17.63 21.41 -13.16
C SER B 265 -17.19 22.66 -12.40
N ARG B 266 -16.21 22.51 -11.52
CA ARG B 266 -15.65 23.64 -10.78
C ARG B 266 -14.13 23.63 -10.83
N ALA B 267 -13.55 24.81 -11.00
CA ALA B 267 -12.10 24.96 -11.02
C ALA B 267 -11.64 26.12 -10.15
N VAL B 268 -10.44 25.97 -9.59
CA VAL B 268 -9.76 27.07 -8.93
C VAL B 268 -8.48 27.36 -9.71
N LEU B 269 -8.38 28.58 -10.24
CA LEU B 269 -7.13 29.05 -10.82
C LEU B 269 -6.29 29.74 -9.73
N GLU B 270 -5.10 29.22 -9.52
CA GLU B 270 -4.15 29.77 -8.58
C GLU B 270 -2.96 30.38 -9.31
N ALA B 271 -2.71 31.66 -9.09
CA ALA B 271 -1.57 32.35 -9.69
C ALA B 271 -0.63 32.88 -8.63
N GLU B 272 0.56 32.31 -8.54
CA GLU B 272 1.60 32.84 -7.67
C GLU B 272 2.43 33.84 -8.47
N VAL B 273 2.63 35.03 -7.90
CA VAL B 273 3.36 36.11 -8.57
C VAL B 273 4.52 36.57 -7.69
N GLN B 274 5.68 36.76 -8.29
CA GLN B 274 6.86 37.24 -7.58
C GLN B 274 7.31 38.58 -8.14
N MET B 275 7.86 39.43 -7.27
CA MET B 275 8.39 40.72 -7.70
C MET B 275 9.86 40.91 -7.35
N CYS B 276 10.52 41.80 -8.10
CA CYS B 276 11.81 42.35 -7.74
C CYS B 276 11.67 43.86 -7.65
N GLY B 277 12.61 44.50 -6.96
CA GLY B 277 12.55 45.95 -6.74
C GLY B 277 12.16 46.27 -5.32
N GLU B 278 11.88 47.54 -5.04
CA GLU B 278 11.57 47.98 -3.68
C GLU B 278 10.13 47.70 -3.33
N LEU B 279 9.92 47.02 -2.21
CA LEU B 279 8.58 46.76 -1.69
C LEU B 279 7.97 48.01 -1.06
N ARG B 280 6.69 48.25 -1.37
CA ARG B 280 5.96 49.41 -0.85
C ARG B 280 4.53 48.97 -0.52
N ASP B 281 3.98 49.51 0.57
CA ASP B 281 2.62 49.15 1.03
C ASP B 281 1.53 49.42 -0.01
N TYR B 282 1.79 50.35 -0.92
CA TYR B 282 0.82 50.73 -1.94
C TYR B 282 0.81 49.80 -3.18
N LEU B 283 1.76 48.85 -3.23
CA LEU B 283 1.88 47.94 -4.37
C LEU B 283 0.78 46.89 -4.36
N ARG B 284 0.32 46.52 -5.55
CA ARG B 284 -0.74 45.55 -5.71
C ARG B 284 -0.46 44.65 -6.90
N VAL B 285 -1.09 43.47 -6.88
CA VAL B 285 -1.11 42.59 -8.02
C VAL B 285 -2.57 42.27 -8.31
N THR B 286 -2.96 42.40 -9.58
CA THR B 286 -4.26 41.94 -10.04
C THR B 286 -4.07 40.84 -11.09
N VAL B 287 -4.77 39.72 -10.89
CA VAL B 287 -4.84 38.67 -11.89
C VAL B 287 -6.28 38.58 -12.38
N SER B 288 -6.44 38.72 -13.69
CA SER B 288 -7.75 38.63 -14.31
C SER B 288 -7.75 37.51 -15.32
N LEU B 289 -8.86 36.79 -15.37
CA LEU B 289 -9.05 35.73 -16.33
C LEU B 289 -10.10 36.13 -17.35
N TRP B 290 -9.80 35.89 -18.62
CA TRP B 290 -10.64 36.28 -19.74
C TRP B 290 -11.05 35.11 -20.62
N GLN B 291 -12.33 35.07 -20.98
CA GLN B 291 -12.84 34.14 -22.00
C GLN B 291 -13.28 34.97 -23.20
N GLY B 292 -12.47 34.97 -24.25
CA GLY B 292 -12.65 35.90 -25.37
C GLY B 292 -12.53 37.32 -24.85
N GLU B 293 -13.57 38.13 -25.06
CA GLU B 293 -13.56 39.49 -24.53
C GLU B 293 -14.31 39.63 -23.20
N THR B 294 -14.70 38.50 -22.62
CA THR B 294 -15.39 38.48 -21.33
C THR B 294 -14.45 38.18 -20.15
N GLN B 295 -14.40 39.09 -19.19
CA GLN B 295 -13.71 38.85 -17.91
C GLN B 295 -14.57 37.94 -17.05
N VAL B 296 -14.07 36.73 -16.76
CA VAL B 296 -14.83 35.77 -15.95
C VAL B 296 -14.47 35.83 -14.46
N ALA B 297 -13.26 36.28 -14.15
CA ALA B 297 -12.81 36.33 -12.77
C ALA B 297 -11.69 37.33 -12.61
N SER B 298 -11.54 37.85 -11.41
CA SER B 298 -10.48 38.80 -11.10
C SER B 298 -10.19 38.79 -9.62
N GLY B 299 -8.92 38.99 -9.26
CA GLY B 299 -8.49 39.04 -7.88
C GLY B 299 -7.37 40.05 -7.71
N THR B 300 -7.40 40.79 -6.61
CA THR B 300 -6.37 41.79 -6.29
C THR B 300 -5.89 41.61 -4.85
N ALA B 301 -4.59 41.78 -4.63
CA ALA B 301 -3.99 41.68 -3.30
C ALA B 301 -2.70 42.48 -3.19
N PRO B 302 -2.34 42.92 -1.97
CA PRO B 302 -1.01 43.46 -1.72
C PRO B 302 -0.01 42.30 -1.71
N PHE B 303 1.28 42.60 -1.86
CA PHE B 303 2.31 41.57 -1.67
C PHE B 303 2.40 41.08 -0.22
N GLY B 304 2.84 39.83 -0.06
CA GLY B 304 2.96 39.22 1.26
C GLY B 304 2.31 37.86 1.28
N GLY B 305 3.10 36.81 1.19
CA GLY B 305 2.57 35.45 1.19
C GLY B 305 2.21 34.96 2.58
N GLU B 306 1.51 33.83 2.62
CA GLU B 306 1.24 33.11 3.87
C GLU B 306 2.54 32.74 4.59
N ILE B 307 2.44 32.53 5.89
CA ILE B 307 3.55 32.01 6.69
C ILE B 307 3.92 30.60 6.21
N ILE B 308 5.19 30.37 5.89
CA ILE B 308 5.62 29.04 5.49
C ILE B 308 6.52 28.33 6.51
N ASP B 309 7.19 29.11 7.37
CA ASP B 309 8.05 28.54 8.42
C ASP B 309 8.30 29.50 9.59
N GLU B 310 9.22 29.12 10.47
CA GLU B 310 9.52 29.88 11.70
C GLU B 310 10.03 31.31 11.44
N ARG B 311 10.52 31.58 10.23
CA ARG B 311 10.98 32.94 9.90
C ARG B 311 9.91 33.78 9.17
N GLY B 312 8.72 33.23 8.99
CA GLY B 312 7.62 33.96 8.34
C GLY B 312 7.31 33.48 6.93
N GLY B 313 7.15 34.42 6.01
CA GLY B 313 6.78 34.09 4.63
C GLY B 313 7.49 34.95 3.60
N TYR B 314 7.12 34.77 2.33
CA TYR B 314 7.67 35.59 1.24
C TYR B 314 6.96 36.95 1.15
N ALA B 315 7.65 38.00 1.55
CA ALA B 315 7.10 39.36 1.49
C ALA B 315 7.00 39.85 0.05
N ASP B 316 7.79 39.27 -0.83
CA ASP B 316 7.89 39.69 -2.23
C ASP B 316 7.09 38.79 -3.18
N ARG B 317 6.11 38.07 -2.64
CA ARG B 317 5.25 37.19 -3.42
C ARG B 317 3.81 37.28 -2.93
N VAL B 318 2.88 36.93 -3.82
CA VAL B 318 1.46 36.86 -3.48
C VAL B 318 0.84 35.79 -4.37
N THR B 319 -0.18 35.13 -3.85
CA THR B 319 -0.91 34.10 -4.57
C THR B 319 -2.37 34.51 -4.66
N LEU B 320 -2.86 34.71 -5.88
CA LEU B 320 -4.26 35.03 -6.10
C LEU B 320 -5.00 33.74 -6.46
N ARG B 321 -6.20 33.58 -5.91
CA ARG B 321 -7.05 32.41 -6.21
C ARG B 321 -8.36 32.85 -6.81
N LEU B 322 -8.67 32.32 -8.00
CA LEU B 322 -9.90 32.66 -8.72
C LEU B 322 -10.78 31.43 -8.93
N ASN B 323 -12.05 31.54 -8.56
CA ASN B 323 -13.04 30.50 -8.80
C ASN B 323 -13.60 30.58 -10.21
N VAL B 324 -13.64 29.44 -10.89
CA VAL B 324 -14.22 29.37 -12.23
C VAL B 324 -15.26 28.25 -12.28
N GLU B 325 -16.50 28.62 -12.57
CA GLU B 325 -17.59 27.66 -12.67
C GLU B 325 -17.68 27.15 -14.10
N ASN B 326 -17.88 25.84 -14.24
CA ASN B 326 -17.99 25.19 -15.55
C ASN B 326 -16.95 25.69 -16.56
N PRO B 327 -15.65 25.58 -16.24
CA PRO B 327 -14.66 26.05 -17.19
C PRO B 327 -14.71 25.23 -18.48
N LYS B 328 -14.39 25.86 -19.60
CA LYS B 328 -14.19 25.13 -20.85
C LYS B 328 -12.80 24.50 -20.78
N LEU B 329 -12.76 23.19 -20.94
CA LEU B 329 -11.55 22.42 -20.71
C LEU B 329 -10.65 22.37 -21.92
N TRP B 330 -9.35 22.41 -21.69
CA TRP B 330 -8.37 22.31 -22.77
C TRP B 330 -8.03 20.85 -23.05
N SER B 331 -7.96 20.51 -24.33
CA SER B 331 -7.45 19.21 -24.78
C SER B 331 -6.93 19.39 -26.20
N ALA B 332 -6.27 18.36 -26.72
CA ALA B 332 -5.85 18.39 -28.12
C ALA B 332 -7.09 18.31 -29.03
N GLU B 333 -8.16 17.74 -28.52
CA GLU B 333 -9.41 17.64 -29.27
C GLU B 333 -10.07 19.01 -29.37
N ILE B 334 -10.13 19.71 -28.23
CA ILE B 334 -10.72 21.05 -28.17
C ILE B 334 -9.82 21.94 -27.33
N PRO B 335 -8.91 22.69 -27.98
CA PRO B 335 -7.94 23.50 -27.26
C PRO B 335 -8.51 24.83 -26.76
N ASN B 336 -9.57 24.74 -25.95
CA ASN B 336 -10.14 25.90 -25.26
C ASN B 336 -9.07 26.60 -24.44
N LEU B 337 -8.94 27.90 -24.65
CA LEU B 337 -7.97 28.70 -23.92
C LEU B 337 -8.61 29.92 -23.30
N TYR B 338 -8.13 30.26 -22.10
CA TYR B 338 -8.44 31.52 -21.46
C TYR B 338 -7.20 32.37 -21.49
N ARG B 339 -7.36 33.64 -21.15
CA ARG B 339 -6.22 34.53 -21.04
C ARG B 339 -6.10 35.03 -19.60
N ALA B 340 -4.94 34.79 -18.98
CA ALA B 340 -4.65 35.35 -17.66
C ALA B 340 -3.74 36.57 -17.81
N VAL B 341 -4.16 37.68 -17.21
CA VAL B 341 -3.39 38.91 -17.22
C VAL B 341 -2.93 39.23 -15.81
N VAL B 342 -1.63 39.43 -15.65
CA VAL B 342 -1.02 39.72 -14.35
C VAL B 342 -0.56 41.16 -14.39
N GLU B 343 -1.19 42.00 -13.57
CA GLU B 343 -0.87 43.42 -13.52
C GLU B 343 -0.22 43.75 -12.20
N LEU B 344 0.91 44.44 -12.29
CA LEU B 344 1.57 45.03 -11.13
C LEU B 344 1.19 46.50 -11.16
N HIS B 345 0.59 46.99 -10.08
CA HIS B 345 0.09 48.35 -10.03
C HIS B 345 0.09 48.93 -8.61
N THR B 346 -0.32 50.19 -8.51
CA THR B 346 -0.46 50.87 -7.23
C THR B 346 -1.91 50.75 -6.73
N ALA B 347 -2.09 50.91 -5.42
CA ALA B 347 -3.41 50.82 -4.80
C ALA B 347 -4.42 51.76 -5.46
N ASP B 348 -3.96 52.91 -5.91
CA ASP B 348 -4.85 53.91 -6.52
C ASP B 348 -5.10 53.73 -8.03
N GLY B 349 -4.57 52.64 -8.61
CA GLY B 349 -4.92 52.25 -9.98
C GLY B 349 -3.94 52.56 -11.10
N THR B 350 -2.74 53.02 -10.77
CA THR B 350 -1.70 53.27 -11.77
C THR B 350 -1.00 51.97 -12.12
N LEU B 351 -1.01 51.60 -13.40
CA LEU B 351 -0.32 50.39 -13.86
C LEU B 351 1.19 50.61 -13.88
N ILE B 352 1.92 49.62 -13.38
CA ILE B 352 3.37 49.63 -13.47
C ILE B 352 3.79 48.79 -14.69
N GLU B 353 3.33 47.55 -14.74
CA GLU B 353 3.54 46.69 -15.92
C GLU B 353 2.59 45.50 -15.88
N ALA B 354 2.40 44.88 -17.03
CA ALA B 354 1.58 43.69 -17.13
C ALA B 354 2.28 42.59 -17.89
N GLU B 355 2.02 41.36 -17.47
CA GLU B 355 2.43 40.17 -18.19
C GLU B 355 1.19 39.31 -18.33
N ALA B 356 1.24 38.27 -19.15
CA ALA B 356 0.07 37.45 -19.45
C ALA B 356 0.49 36.13 -20.04
N CYS B 357 -0.42 35.17 -20.03
CA CYS B 357 -0.24 33.93 -20.77
C CYS B 357 -1.58 33.31 -21.14
N ASP B 358 -1.55 32.37 -22.08
CA ASP B 358 -2.72 31.56 -22.39
C ASP B 358 -2.86 30.49 -21.32
N VAL B 359 -4.08 30.29 -20.86
CA VAL B 359 -4.37 29.30 -19.81
C VAL B 359 -5.30 28.24 -20.36
N GLY B 360 -4.90 26.98 -20.22
CA GLY B 360 -5.73 25.86 -20.60
C GLY B 360 -6.16 25.07 -19.37
N PHE B 361 -7.46 25.03 -19.11
CA PHE B 361 -7.95 24.30 -17.95
C PHE B 361 -7.89 22.80 -18.23
N ARG B 362 -6.90 22.14 -17.63
CA ARG B 362 -6.75 20.69 -17.78
C ARG B 362 -5.95 20.08 -16.64
N GLU B 363 -6.26 18.83 -16.36
CA GLU B 363 -5.63 18.08 -15.29
C GLU B 363 -4.93 16.88 -15.91
N VAL B 364 -3.68 16.67 -15.54
CA VAL B 364 -2.94 15.51 -15.96
C VAL B 364 -2.60 14.74 -14.69
N ARG B 365 -3.02 13.49 -14.64
CA ARG B 365 -2.69 12.65 -13.50
C ARG B 365 -2.59 11.18 -13.89
N ILE B 366 -1.73 10.45 -13.20
CA ILE B 366 -1.67 9.01 -13.29
C ILE B 366 -2.44 8.42 -12.11
N GLU B 367 -3.43 7.60 -12.43
CA GLU B 367 -4.28 6.99 -11.44
C GLU B 367 -4.57 5.55 -11.84
N ASN B 368 -4.27 4.63 -10.94
CA ASN B 368 -4.53 3.20 -11.12
C ASN B 368 -3.86 2.64 -12.37
N GLY B 369 -2.69 3.20 -12.68
CA GLY B 369 -1.86 2.75 -13.79
C GLY B 369 -2.20 3.34 -15.14
N LEU B 370 -3.06 4.35 -15.15
CA LEU B 370 -3.48 4.99 -16.40
C LEU B 370 -3.19 6.49 -16.35
N LEU B 371 -2.63 7.00 -17.45
CA LEU B 371 -2.45 8.44 -17.63
C LEU B 371 -3.78 9.06 -18.04
N LEU B 372 -4.30 9.93 -17.17
CA LEU B 372 -5.58 10.56 -17.41
C LEU B 372 -5.41 12.02 -17.76
N LEU B 373 -6.20 12.48 -18.73
CA LEU B 373 -6.35 13.89 -18.99
C LEU B 373 -7.81 14.26 -18.80
N ASN B 374 -8.07 15.20 -17.90
CA ASN B 374 -9.43 15.59 -17.54
C ASN B 374 -10.26 14.36 -17.16
N GLY B 375 -9.61 13.43 -16.44
CA GLY B 375 -10.26 12.22 -15.94
C GLY B 375 -10.41 11.06 -16.93
N LYS B 376 -9.97 11.26 -18.16
CA LYS B 376 -10.09 10.25 -19.22
C LYS B 376 -8.73 9.72 -19.67
N PRO B 377 -8.63 8.41 -19.93
CA PRO B 377 -7.36 7.82 -20.34
C PRO B 377 -6.93 8.25 -21.76
N LEU B 378 -5.71 8.79 -21.87
CA LEU B 378 -5.20 9.23 -23.16
C LEU B 378 -4.81 8.05 -24.02
N LEU B 379 -4.98 8.22 -25.34
CA LEU B 379 -4.33 7.33 -26.29
C LEU B 379 -3.41 8.22 -27.11
N ILE B 380 -2.11 8.11 -26.85
CA ILE B 380 -1.11 9.00 -27.40
C ILE B 380 -0.75 8.64 -28.85
N ARG B 381 -1.17 9.48 -29.77
CA ARG B 381 -0.84 9.34 -31.18
C ARG B 381 0.30 10.30 -31.45
N GLY B 382 1.50 9.93 -31.02
CA GLY B 382 2.60 10.87 -30.96
C GLY B 382 3.68 10.70 -32.00
N VAL B 383 4.52 11.72 -32.11
CA VAL B 383 5.71 11.65 -32.97
C VAL B 383 6.83 12.45 -32.31
N ASN B 384 8.07 12.01 -32.49
CA ASN B 384 9.23 12.80 -32.11
C ASN B 384 9.51 13.80 -33.21
N ARG B 385 9.84 15.03 -32.81
CA ARG B 385 10.16 16.07 -33.78
C ARG B 385 11.36 16.89 -33.35
N HIS B 386 12.43 16.76 -34.14
CA HIS B 386 13.59 17.64 -34.06
C HIS B 386 13.26 18.97 -34.72
N GLU B 387 13.99 20.01 -34.33
CA GLU B 387 13.89 21.29 -35.01
C GLU B 387 14.89 21.30 -36.16
N HIS B 388 14.41 20.97 -37.35
CA HIS B 388 15.26 20.82 -38.51
C HIS B 388 14.68 21.46 -39.76
N HIS B 389 15.52 22.16 -40.50
CA HIS B 389 15.19 22.78 -41.81
C HIS B 389 16.33 22.47 -42.78
N PRO B 390 16.02 22.02 -44.01
CA PRO B 390 17.09 21.61 -44.93
C PRO B 390 17.97 22.76 -45.44
N LEU B 391 17.44 23.97 -45.43
CA LEU B 391 18.19 25.14 -45.88
C LEU B 391 18.83 25.85 -44.68
N HIS B 392 18.04 26.04 -43.61
CA HIS B 392 18.48 26.88 -42.48
C HIS B 392 19.07 26.13 -41.29
N GLY B 393 19.21 24.82 -41.41
CA GLY B 393 19.81 24.00 -40.37
C GLY B 393 18.90 23.82 -39.17
N GLN B 394 19.26 24.44 -38.05
CA GLN B 394 18.52 24.25 -36.80
C GLN B 394 17.76 25.51 -36.40
N VAL B 395 17.72 26.47 -37.31
CA VAL B 395 16.93 27.68 -37.13
C VAL B 395 15.47 27.37 -37.45
N MET B 396 14.59 27.68 -36.50
CA MET B 396 13.16 27.44 -36.66
C MET B 396 12.40 28.73 -36.94
N ASP B 397 11.37 28.63 -37.77
CA ASP B 397 10.53 29.77 -38.13
C ASP B 397 9.05 29.39 -38.01
N GLU B 398 8.21 30.39 -37.79
CA GLU B 398 6.76 30.21 -37.63
C GLU B 398 6.12 29.38 -38.74
N GLN B 399 6.49 29.66 -39.99
CA GLN B 399 5.88 29.02 -41.16
C GLN B 399 6.13 27.50 -41.15
N THR B 400 7.38 27.11 -40.93
CA THR B 400 7.75 25.70 -40.81
C THR B 400 7.04 25.01 -39.63
N MET B 401 6.97 25.70 -38.49
CA MET B 401 6.27 25.16 -37.32
C MET B 401 4.78 24.90 -37.58
N VAL B 402 4.09 25.89 -38.14
CA VAL B 402 2.67 25.78 -38.47
C VAL B 402 2.42 24.65 -39.48
N GLN B 403 3.29 24.57 -40.47
CA GLN B 403 3.21 23.54 -41.49
C GLN B 403 3.31 22.14 -40.87
N ASP B 404 4.24 21.98 -39.92
CA ASP B 404 4.42 20.70 -39.23
C ASP B 404 3.18 20.34 -38.40
N ILE B 405 2.67 21.29 -37.62
CA ILE B 405 1.48 21.07 -36.80
C ILE B 405 0.24 20.72 -37.62
N LEU B 406 0.07 21.41 -38.75
CA LEU B 406 -1.07 21.15 -39.63
C LEU B 406 -0.98 19.75 -40.22
N LEU B 407 0.18 19.40 -40.76
CA LEU B 407 0.37 18.04 -41.29
C LEU B 407 0.21 16.93 -40.25
N MET B 408 0.68 17.20 -39.03
CA MET B 408 0.54 16.24 -37.92
C MET B 408 -0.92 15.98 -37.59
N LYS B 409 -1.68 17.06 -37.37
CA LYS B 409 -3.10 16.95 -37.04
C LYS B 409 -3.90 16.37 -38.20
N GLN B 410 -3.61 16.82 -39.42
CA GLN B 410 -4.23 16.25 -40.62
C GLN B 410 -3.96 14.75 -40.74
N ASN B 411 -2.88 14.29 -40.11
CA ASN B 411 -2.53 12.88 -40.13
C ASN B 411 -2.77 12.14 -38.80
N ASN B 412 -3.70 12.69 -38.00
CA ASN B 412 -4.23 12.05 -36.80
C ASN B 412 -3.23 11.88 -35.65
N PHE B 413 -2.19 12.71 -35.63
CA PHE B 413 -1.33 12.83 -34.46
C PHE B 413 -1.97 13.81 -33.48
N ASN B 414 -1.77 13.56 -32.17
CA ASN B 414 -2.27 14.45 -31.12
C ASN B 414 -1.18 14.84 -30.11
N ALA B 415 0.05 14.42 -30.37
CA ALA B 415 1.11 14.59 -29.40
C ALA B 415 2.46 14.63 -30.07
N VAL B 416 3.36 15.40 -29.45
CA VAL B 416 4.71 15.58 -29.97
C VAL B 416 5.73 15.50 -28.83
N ARG B 417 6.84 14.80 -29.06
CA ARG B 417 7.94 14.80 -28.11
C ARG B 417 9.05 15.71 -28.60
N CYS B 418 9.48 16.62 -27.73
CA CYS B 418 10.57 17.56 -28.01
C CYS B 418 11.93 16.87 -27.92
N SER B 419 12.18 15.97 -28.86
CA SER B 419 13.44 15.24 -28.93
C SER B 419 14.57 16.15 -29.42
N HIS B 420 15.62 16.37 -28.62
CA HIS B 420 15.70 16.00 -27.20
C HIS B 420 16.21 17.22 -26.45
N TYR B 421 15.39 18.27 -26.37
CA TYR B 421 15.82 19.58 -25.85
C TYR B 421 14.63 20.52 -25.81
N PRO B 422 14.71 21.58 -24.97
CA PRO B 422 13.58 22.51 -25.06
C PRO B 422 13.54 23.19 -26.42
N ASN B 423 12.35 23.33 -26.96
CA ASN B 423 12.15 23.95 -28.25
C ASN B 423 12.13 25.48 -28.20
N HIS B 424 12.14 26.06 -29.40
CA HIS B 424 11.86 27.46 -29.65
C HIS B 424 10.53 27.79 -28.96
N PRO B 425 10.47 28.91 -28.22
CA PRO B 425 9.31 29.24 -27.38
C PRO B 425 7.98 29.29 -28.13
N LEU B 426 8.00 29.65 -29.41
CA LEU B 426 6.76 29.76 -30.18
C LEU B 426 6.08 28.40 -30.36
N TRP B 427 6.89 27.34 -30.39
CA TRP B 427 6.38 25.98 -30.55
C TRP B 427 5.30 25.65 -29.53
N TYR B 428 5.53 26.02 -28.27
CA TYR B 428 4.57 25.72 -27.20
C TYR B 428 3.30 26.54 -27.36
N THR B 429 3.44 27.78 -27.82
CA THR B 429 2.32 28.68 -28.02
C THR B 429 1.40 28.13 -29.11
N LEU B 430 2.01 27.58 -30.16
CA LEU B 430 1.25 26.98 -31.26
C LEU B 430 0.58 25.67 -30.84
N CYS B 431 1.28 24.85 -30.05
CA CYS B 431 0.70 23.62 -29.50
C CYS B 431 -0.43 23.89 -28.50
N ASP B 432 -0.30 24.95 -27.70
CA ASP B 432 -1.41 25.45 -26.86
C ASP B 432 -2.65 25.76 -27.70
N ARG B 433 -2.43 26.43 -28.82
CA ARG B 433 -3.51 27.01 -29.62
C ARG B 433 -4.11 26.05 -30.65
N TYR B 434 -3.27 25.25 -31.30
CA TYR B 434 -3.77 24.24 -32.24
C TYR B 434 -4.22 22.94 -31.56
N GLY B 435 -3.64 22.64 -30.40
CA GLY B 435 -4.04 21.43 -29.66
C GLY B 435 -3.18 20.21 -29.98
N LEU B 436 -2.03 20.13 -29.30
CA LEU B 436 -1.18 18.95 -29.32
C LEU B 436 -0.60 18.77 -27.92
N TYR B 437 -0.55 17.52 -27.45
CA TYR B 437 0.10 17.21 -26.19
C TYR B 437 1.60 17.18 -26.38
N VAL B 438 2.33 17.79 -25.45
CA VAL B 438 3.77 17.95 -25.58
C VAL B 438 4.53 17.28 -24.43
N VAL B 439 5.56 16.54 -24.78
CA VAL B 439 6.57 16.12 -23.81
C VAL B 439 7.72 17.08 -23.97
N ASP B 440 7.94 17.91 -22.95
CA ASP B 440 9.03 18.88 -22.94
C ASP B 440 10.24 18.22 -22.29
N GLU B 441 11.39 18.30 -22.95
CA GLU B 441 12.53 17.45 -22.61
C GLU B 441 13.79 18.27 -22.35
N ALA B 442 14.48 17.99 -21.25
CA ALA B 442 15.70 18.73 -20.93
C ALA B 442 16.79 18.41 -21.95
N ASN B 443 17.62 19.40 -22.23
CA ASN B 443 18.72 19.26 -23.13
C ASN B 443 19.86 18.48 -22.47
N ILE B 444 19.61 17.18 -22.23
CA ILE B 444 20.64 16.29 -21.68
C ILE B 444 20.70 14.98 -22.45
N GLU B 445 21.79 14.78 -23.18
CA GLU B 445 22.09 13.48 -23.78
C GLU B 445 23.59 13.20 -23.77
N THR B 446 23.96 12.11 -23.12
CA THR B 446 25.37 11.70 -22.99
C THR B 446 25.58 10.32 -23.61
N HIS B 447 24.91 10.07 -24.73
CA HIS B 447 24.90 8.75 -25.35
C HIS B 447 26.30 8.15 -25.50
N GLY B 448 27.26 8.98 -25.90
CA GLY B 448 28.58 8.50 -26.28
C GLY B 448 29.50 8.07 -25.14
N MET B 449 29.09 8.34 -23.90
CA MET B 449 29.87 7.96 -22.71
C MET B 449 29.89 6.44 -22.55
N VAL B 450 30.94 5.93 -21.91
CA VAL B 450 31.04 4.49 -21.59
C VAL B 450 31.33 4.34 -20.09
N PRO B 451 30.39 3.75 -19.33
CA PRO B 451 29.04 3.39 -19.75
C PRO B 451 28.19 4.66 -19.88
N MET B 452 26.94 4.54 -20.30
CA MET B 452 26.14 5.72 -20.67
C MET B 452 25.90 6.70 -19.51
N ASN B 453 25.89 6.19 -18.28
CA ASN B 453 25.64 7.02 -17.10
C ASN B 453 26.91 7.54 -16.42
N ARG B 454 28.04 7.49 -17.13
CA ARG B 454 29.30 7.88 -16.48
C ARG B 454 29.21 9.30 -15.91
N LEU B 455 28.66 10.24 -16.68
CA LEU B 455 28.46 11.60 -16.18
C LEU B 455 27.24 11.74 -15.26
N THR B 456 26.13 11.14 -15.64
CA THR B 456 24.87 11.33 -14.91
C THR B 456 24.84 10.68 -13.52
N ASP B 457 25.79 9.80 -13.22
CA ASP B 457 25.91 9.24 -11.88
C ASP B 457 26.98 9.98 -11.06
N ASP B 458 27.60 10.98 -11.68
CA ASP B 458 28.71 11.71 -11.10
C ASP B 458 28.18 13.00 -10.51
N PRO B 459 28.35 13.19 -9.18
CA PRO B 459 27.82 14.38 -8.52
C PRO B 459 28.47 15.68 -9.00
N ARG B 460 29.64 15.58 -9.62
CA ARG B 460 30.30 16.73 -10.21
C ARG B 460 29.52 17.31 -11.39
N TRP B 461 28.71 16.48 -12.06
CA TRP B 461 27.91 16.94 -13.20
C TRP B 461 26.46 17.25 -12.86
N LEU B 462 26.10 17.09 -11.58
CA LEU B 462 24.76 17.43 -11.09
C LEU B 462 24.38 18.91 -11.28
N PRO B 463 25.28 19.86 -10.93
CA PRO B 463 24.96 21.27 -11.18
C PRO B 463 24.60 21.60 -12.63
N ALA B 464 25.42 21.14 -13.56
CA ALA B 464 25.21 21.35 -14.99
C ALA B 464 23.90 20.71 -15.49
N MET B 465 23.66 19.48 -15.05
CA MET B 465 22.42 18.78 -15.38
C MET B 465 21.21 19.47 -14.78
N SER B 466 21.35 19.92 -13.53
CA SER B 466 20.23 20.52 -12.82
C SER B 466 19.70 21.78 -13.52
N GLU B 467 20.61 22.60 -14.04
CA GLU B 467 20.25 23.81 -14.77
C GLU B 467 19.48 23.54 -16.06
N ARG B 468 19.76 22.40 -16.69
CA ARG B 468 19.08 22.03 -17.92
C ARG B 468 17.65 21.56 -17.64
N VAL B 469 17.43 21.00 -16.46
CA VAL B 469 16.10 20.61 -16.01
C VAL B 469 15.33 21.80 -15.41
N THR B 470 15.92 22.43 -14.39
CA THR B 470 15.23 23.49 -13.65
C THR B 470 14.86 24.70 -14.53
N ARG B 471 15.76 25.11 -15.41
CA ARG B 471 15.48 26.28 -16.23
C ARG B 471 14.43 26.00 -17.32
N MET B 472 14.31 24.75 -17.74
CA MET B 472 13.22 24.34 -18.63
C MET B 472 11.86 24.47 -17.94
N VAL B 473 11.76 23.96 -16.71
CA VAL B 473 10.53 24.03 -15.93
C VAL B 473 10.12 25.48 -15.67
N GLN B 474 11.08 26.30 -15.26
CA GLN B 474 10.83 27.72 -14.98
C GLN B 474 10.32 28.49 -16.20
N ARG B 475 10.78 28.09 -17.38
CA ARG B 475 10.35 28.72 -18.63
C ARG B 475 8.97 28.26 -19.12
N ASP B 476 8.70 26.95 -19.04
CA ASP B 476 7.60 26.35 -19.79
C ASP B 476 6.41 25.87 -18.97
N ARG B 477 6.51 26.00 -17.65
CA ARG B 477 5.52 25.42 -16.71
C ARG B 477 4.08 25.93 -16.85
N ASN B 478 3.91 27.09 -17.48
CA ASN B 478 2.58 27.68 -17.65
C ASN B 478 1.88 27.27 -18.95
N HIS B 479 2.56 26.49 -19.79
CA HIS B 479 1.96 26.04 -21.05
C HIS B 479 1.06 24.84 -20.85
N PRO B 480 -0.23 24.96 -21.19
CA PRO B 480 -1.16 23.84 -21.13
C PRO B 480 -0.80 22.66 -22.05
N SER B 481 -0.12 22.94 -23.16
CA SER B 481 0.26 21.87 -24.10
C SER B 481 1.29 20.90 -23.50
N VAL B 482 2.18 21.42 -22.66
CA VAL B 482 3.14 20.59 -21.94
C VAL B 482 2.39 19.75 -20.89
N ILE B 483 2.37 18.44 -21.09
CA ILE B 483 1.68 17.56 -20.16
C ILE B 483 2.62 16.61 -19.42
N ILE B 484 3.82 16.41 -19.95
CA ILE B 484 4.82 15.52 -19.36
C ILE B 484 6.18 16.18 -19.42
N TRP B 485 6.94 16.09 -18.33
CA TRP B 485 8.34 16.53 -18.31
C TRP B 485 9.23 15.32 -18.57
N SER B 486 10.32 15.54 -19.30
CA SER B 486 11.29 14.48 -19.53
C SER B 486 12.68 14.93 -19.11
N LEU B 487 13.41 14.03 -18.45
CA LEU B 487 14.75 14.34 -17.90
C LEU B 487 15.87 14.35 -18.93
N GLY B 488 15.53 14.09 -20.18
CA GLY B 488 16.50 14.06 -21.28
C GLY B 488 16.41 12.76 -22.04
N ASN B 489 17.51 12.38 -22.69
CA ASN B 489 17.53 11.20 -23.53
C ASN B 489 18.86 10.48 -23.43
N GLU B 490 18.81 9.15 -23.39
CA GLU B 490 19.99 8.32 -23.57
C GLU B 490 21.19 8.83 -22.78
N SER B 491 21.03 8.86 -21.46
CA SER B 491 22.13 9.20 -20.58
C SER B 491 22.21 8.18 -19.45
N GLY B 492 21.86 6.93 -19.77
CA GLY B 492 21.80 5.86 -18.77
C GLY B 492 20.88 6.25 -17.63
N HIS B 493 21.11 5.67 -16.46
CA HIS B 493 20.41 6.09 -15.27
C HIS B 493 21.44 6.34 -14.17
N GLY B 494 21.53 7.60 -13.75
CA GLY B 494 22.46 7.99 -12.70
C GLY B 494 21.70 8.57 -11.53
N ALA B 495 22.38 8.70 -10.39
CA ALA B 495 21.78 9.26 -9.18
C ALA B 495 21.30 10.68 -9.44
N ASN B 496 21.97 11.39 -10.34
CA ASN B 496 21.56 12.75 -10.72
C ASN B 496 20.14 12.79 -11.30
N HIS B 497 19.77 11.75 -12.05
CA HIS B 497 18.41 11.64 -12.58
C HIS B 497 17.36 11.54 -11.46
N ASP B 498 17.64 10.72 -10.45
CA ASP B 498 16.73 10.52 -9.32
C ASP B 498 16.51 11.84 -8.56
N ALA B 499 17.59 12.59 -8.37
CA ALA B 499 17.54 13.86 -7.66
C ALA B 499 16.71 14.87 -8.44
N LEU B 500 16.87 14.92 -9.76
CA LEU B 500 16.16 15.89 -10.58
C LEU B 500 14.71 15.47 -10.83
N TYR B 501 14.48 14.15 -10.85
CA TYR B 501 13.12 13.63 -10.89
C TYR B 501 12.34 14.16 -9.67
N ARG B 502 12.92 14.02 -8.49
CA ARG B 502 12.25 14.45 -7.26
C ARG B 502 12.08 15.97 -7.20
N TRP B 503 13.07 16.71 -7.69
CA TRP B 503 12.97 18.17 -7.78
C TRP B 503 11.73 18.60 -8.56
N ILE B 504 11.51 18.02 -9.74
CA ILE B 504 10.33 18.35 -10.55
C ILE B 504 9.02 17.98 -9.84
N LYS B 505 8.99 16.78 -9.26
CA LYS B 505 7.79 16.29 -8.55
C LYS B 505 7.42 17.22 -7.41
N SER B 506 8.44 17.84 -6.83
CA SER B 506 8.27 18.72 -5.70
C SER B 506 7.79 20.12 -6.12
N VAL B 507 8.38 20.70 -7.16
CA VAL B 507 7.97 22.05 -7.61
C VAL B 507 6.75 22.08 -8.53
N ASP B 508 6.49 20.98 -9.24
CA ASP B 508 5.35 20.90 -10.17
C ASP B 508 4.63 19.55 -10.11
N PRO B 509 3.70 19.39 -9.15
CA PRO B 509 2.95 18.13 -9.08
C PRO B 509 1.92 17.94 -10.20
N SER B 510 1.76 18.93 -11.07
CA SER B 510 0.70 18.92 -12.10
C SER B 510 1.03 18.06 -13.33
N ARG B 511 2.26 17.60 -13.45
CA ARG B 511 2.71 16.87 -14.64
C ARG B 511 3.56 15.66 -14.26
N PRO B 512 3.26 14.50 -14.86
CA PRO B 512 4.12 13.32 -14.67
C PRO B 512 5.52 13.61 -15.18
N VAL B 513 6.50 12.91 -14.63
CA VAL B 513 7.86 12.95 -15.12
C VAL B 513 8.20 11.59 -15.74
N GLN B 514 8.79 11.61 -16.93
CA GLN B 514 9.29 10.38 -17.55
C GLN B 514 10.77 10.47 -17.93
N TYR B 515 11.40 9.32 -18.06
CA TYR B 515 12.78 9.21 -18.52
C TYR B 515 13.08 7.76 -18.92
N GLU B 516 13.65 7.58 -20.11
CA GLU B 516 13.87 6.24 -20.68
C GLU B 516 15.19 5.55 -20.27
N GLY B 517 16.23 6.34 -20.02
CA GLY B 517 17.56 5.78 -19.80
C GLY B 517 17.61 4.76 -18.68
N GLY B 518 18.51 3.77 -18.82
CA GLY B 518 18.73 2.77 -17.78
C GLY B 518 17.66 1.69 -17.74
N GLY B 519 16.94 1.51 -18.84
CA GLY B 519 15.99 0.40 -18.97
C GLY B 519 14.51 0.76 -18.97
N ALA B 520 14.21 2.06 -19.07
CA ALA B 520 12.84 2.54 -19.36
C ALA B 520 11.82 2.41 -18.23
N ASP B 521 12.19 1.75 -17.15
CA ASP B 521 11.29 1.52 -16.02
C ASP B 521 11.94 1.77 -14.66
N THR B 522 12.97 2.64 -14.64
CA THR B 522 13.70 2.98 -13.40
C THR B 522 12.85 3.80 -12.43
N THR B 523 13.44 4.14 -11.29
CA THR B 523 12.79 4.93 -10.24
C THR B 523 12.72 6.42 -10.59
N ALA B 524 13.30 6.79 -11.73
CA ALA B 524 13.25 8.17 -12.23
C ALA B 524 12.16 8.38 -13.30
N THR B 525 11.19 7.47 -13.38
CA THR B 525 10.12 7.62 -14.37
C THR B 525 8.72 7.18 -13.88
N ASP B 526 7.72 8.02 -14.12
CA ASP B 526 6.31 7.74 -13.77
C ASP B 526 5.62 6.87 -14.83
N ILE B 527 6.23 6.79 -16.01
CA ILE B 527 5.69 6.08 -17.16
C ILE B 527 6.76 5.14 -17.69
N ILE B 528 6.39 3.88 -17.93
CA ILE B 528 7.29 2.95 -18.60
C ILE B 528 7.36 3.46 -20.03
N CYS B 529 8.56 3.86 -20.45
CA CYS B 529 8.69 4.59 -21.71
C CYS B 529 9.81 4.06 -22.61
N PRO B 530 9.74 2.78 -23.00
CA PRO B 530 10.84 2.20 -23.76
C PRO B 530 10.96 2.78 -25.16
N MET B 531 12.12 2.58 -25.78
CA MET B 531 12.28 2.91 -27.17
C MET B 531 12.49 1.63 -27.97
N TYR B 532 11.61 1.42 -28.96
CA TYR B 532 11.72 0.29 -29.89
C TYR B 532 11.49 -1.08 -29.23
N ALA B 533 10.80 -1.08 -28.09
CA ALA B 533 10.26 -2.32 -27.58
C ALA B 533 9.20 -2.83 -28.57
N ARG B 534 9.21 -4.13 -28.81
CA ARG B 534 8.32 -4.74 -29.80
C ARG B 534 6.99 -5.17 -29.18
N VAL B 535 6.01 -5.49 -30.02
CA VAL B 535 4.68 -5.79 -29.51
C VAL B 535 4.67 -7.12 -28.76
N ASP B 536 5.16 -8.17 -29.42
CA ASP B 536 5.09 -9.52 -28.89
C ASP B 536 6.46 -10.11 -28.59
N GLU B 537 7.48 -9.62 -29.29
CA GLU B 537 8.82 -10.18 -29.19
C GLU B 537 9.64 -9.51 -28.09
N ASP B 538 10.20 -10.32 -27.18
CA ASP B 538 11.17 -9.87 -26.18
C ASP B 538 12.53 -9.65 -26.83
N GLN B 539 13.26 -8.63 -26.36
CA GLN B 539 14.67 -8.48 -26.66
C GLN B 539 15.45 -8.39 -25.35
N PRO B 540 15.88 -9.56 -24.83
CA PRO B 540 16.43 -9.61 -23.46
C PRO B 540 17.89 -9.19 -23.35
N PHE B 541 18.20 -7.95 -23.70
CA PHE B 541 19.56 -7.43 -23.54
C PHE B 541 19.92 -7.40 -22.05
N PRO B 542 21.17 -7.77 -21.70
CA PRO B 542 21.64 -7.68 -20.30
C PRO B 542 21.44 -6.27 -19.72
N ALA B 543 20.94 -6.22 -18.49
CA ALA B 543 20.78 -4.99 -17.70
C ALA B 543 19.69 -4.03 -18.18
N VAL B 544 19.55 -3.89 -19.51
CA VAL B 544 18.54 -3.00 -20.09
C VAL B 544 17.67 -3.72 -21.14
N PRO B 545 16.97 -4.80 -20.72
CA PRO B 545 16.15 -5.54 -21.69
C PRO B 545 15.00 -4.67 -22.23
N LYS B 546 14.56 -4.98 -23.45
CA LYS B 546 13.33 -4.41 -24.01
C LYS B 546 12.30 -5.52 -24.12
N TRP B 547 11.44 -5.64 -23.12
CA TRP B 547 10.38 -6.65 -23.14
C TRP B 547 9.33 -6.31 -24.18
N SER B 548 8.68 -7.34 -24.70
CA SER B 548 7.40 -7.17 -25.37
C SER B 548 6.62 -6.19 -24.49
N ILE B 549 5.99 -5.20 -25.11
CA ILE B 549 5.24 -4.19 -24.35
C ILE B 549 4.07 -4.77 -23.57
N LYS B 550 3.47 -5.82 -24.12
CA LYS B 550 2.35 -6.50 -23.46
C LYS B 550 2.84 -7.22 -22.20
N LYS B 551 4.02 -7.83 -22.31
CA LYS B 551 4.63 -8.55 -21.19
C LYS B 551 5.11 -7.57 -20.11
N TRP B 552 5.65 -6.44 -20.55
CA TRP B 552 6.24 -5.46 -19.65
C TRP B 552 5.25 -4.97 -18.60
N LEU B 553 4.04 -4.67 -19.04
CA LEU B 553 2.96 -4.19 -18.18
C LEU B 553 2.71 -5.06 -16.95
N SER B 554 2.88 -6.37 -17.12
CA SER B 554 2.44 -7.31 -16.10
C SER B 554 3.59 -8.00 -15.37
N LEU B 555 4.80 -7.47 -15.54
CA LEU B 555 5.94 -7.93 -14.76
C LEU B 555 5.62 -7.78 -13.28
N PRO B 556 6.08 -8.75 -12.45
CA PRO B 556 5.74 -8.72 -11.02
C PRO B 556 6.01 -7.35 -10.38
N GLY B 557 4.99 -6.76 -9.77
CA GLY B 557 5.10 -5.48 -9.08
C GLY B 557 4.87 -4.23 -9.93
N GLU B 558 4.81 -4.41 -11.25
CA GLU B 558 4.68 -3.29 -12.18
C GLU B 558 3.22 -2.82 -12.26
N THR B 559 3.02 -1.51 -12.15
CA THR B 559 1.69 -0.92 -12.11
C THR B 559 1.53 0.29 -13.05
N ARG B 560 2.63 0.76 -13.62
CA ARG B 560 2.63 2.03 -14.36
C ARG B 560 2.06 1.89 -15.79
N PRO B 561 1.64 3.00 -16.41
CA PRO B 561 1.24 2.95 -17.82
C PRO B 561 2.49 2.86 -18.69
N LEU B 562 2.33 2.31 -19.89
CA LEU B 562 3.44 2.21 -20.82
C LEU B 562 3.15 3.06 -22.05
N ILE B 563 4.05 4.00 -22.34
CA ILE B 563 3.95 4.80 -23.55
C ILE B 563 5.34 4.85 -24.16
N LEU B 564 5.48 4.36 -25.38
CA LEU B 564 6.82 4.32 -25.97
C LEU B 564 7.27 5.75 -26.28
N CYS B 565 8.44 6.12 -25.76
CA CYS B 565 9.00 7.44 -26.08
C CYS B 565 9.48 7.45 -27.54
N GLU B 566 9.82 6.27 -28.06
CA GLU B 566 10.20 6.08 -29.47
C GLU B 566 9.81 4.69 -29.96
N TYR B 567 9.18 4.62 -31.13
CA TYR B 567 8.85 3.34 -31.76
C TYR B 567 8.62 3.53 -33.26
N ALA B 568 8.59 2.43 -34.02
CA ALA B 568 8.38 2.46 -35.47
C ALA B 568 9.33 3.40 -36.20
N HIS B 569 10.61 3.04 -36.13
CA HIS B 569 11.68 3.81 -36.74
C HIS B 569 11.42 3.93 -38.25
N ALA B 570 11.15 5.15 -38.70
CA ALA B 570 10.61 5.38 -40.04
C ALA B 570 11.71 5.72 -41.05
N MET B 571 12.83 5.00 -40.96
CA MET B 571 13.99 5.22 -41.82
C MET B 571 13.77 4.64 -43.20
N GLY B 572 13.66 5.52 -44.19
CA GLY B 572 13.44 5.11 -45.56
C GLY B 572 12.14 4.34 -45.74
N ASN B 573 12.22 3.25 -46.47
CA ASN B 573 11.08 2.40 -46.71
C ASN B 573 10.82 1.58 -45.46
N SER B 574 9.95 2.10 -44.60
CA SER B 574 9.80 1.55 -43.28
C SER B 574 8.36 1.63 -42.78
N LEU B 575 8.20 1.42 -41.48
CA LEU B 575 6.90 1.36 -40.80
C LEU B 575 6.13 0.06 -41.04
N GLY B 576 6.87 -0.98 -41.40
CA GLY B 576 6.32 -2.33 -41.43
C GLY B 576 5.93 -2.72 -40.02
N GLY B 577 4.75 -3.31 -39.87
CA GLY B 577 4.30 -3.77 -38.56
C GLY B 577 3.66 -2.69 -37.71
N PHE B 578 3.38 -1.54 -38.30
CA PHE B 578 2.78 -0.44 -37.56
C PHE B 578 1.42 -0.81 -36.98
N ALA B 579 0.61 -1.51 -37.77
CA ALA B 579 -0.74 -1.91 -37.34
C ALA B 579 -0.70 -2.80 -36.09
N LYS B 580 0.37 -3.58 -35.95
CA LYS B 580 0.52 -4.44 -34.79
C LYS B 580 0.61 -3.64 -33.49
N TYR B 581 1.29 -2.49 -33.52
CA TYR B 581 1.33 -1.59 -32.37
C TYR B 581 -0.06 -1.06 -32.01
N TRP B 582 -0.79 -0.62 -33.04
CA TRP B 582 -2.10 -0.01 -32.82
C TRP B 582 -3.16 -1.00 -32.38
N GLN B 583 -3.12 -2.21 -32.92
CA GLN B 583 -3.99 -3.27 -32.42
C GLN B 583 -3.75 -3.47 -30.91
N ALA B 584 -2.49 -3.53 -30.50
CA ALA B 584 -2.14 -3.69 -29.08
C ALA B 584 -2.53 -2.48 -28.23
N PHE B 585 -2.28 -1.27 -28.73
CA PHE B 585 -2.63 -0.07 -27.97
C PHE B 585 -4.12 -0.08 -27.66
N ARG B 586 -4.94 -0.46 -28.64
CA ARG B 586 -6.39 -0.45 -28.47
C ARG B 586 -6.92 -1.55 -27.54
N GLN B 587 -6.27 -2.71 -27.53
CA GLN B 587 -6.70 -3.85 -26.70
C GLN B 587 -6.30 -3.74 -25.22
N TYR B 588 -5.13 -3.20 -24.94
CA TYR B 588 -4.61 -3.11 -23.59
C TYR B 588 -4.78 -1.71 -23.00
N PRO B 589 -5.62 -1.55 -21.97
CA PRO B 589 -5.81 -0.24 -21.32
C PRO B 589 -4.49 0.47 -20.96
N ARG B 590 -3.56 -0.22 -20.31
CA ARG B 590 -2.30 0.40 -19.88
C ARG B 590 -1.25 0.62 -20.99
N LEU B 591 -1.50 0.10 -22.19
CA LEU B 591 -0.71 0.53 -23.35
C LEU B 591 -1.34 1.77 -23.94
N GLN B 592 -0.77 2.92 -23.64
CA GLN B 592 -1.41 4.18 -24.01
C GLN B 592 -0.73 4.90 -25.18
N GLY B 593 0.02 4.13 -25.97
CA GLY B 593 0.53 4.61 -27.24
C GLY B 593 2.02 4.84 -27.28
N GLY B 594 2.43 5.82 -28.09
CA GLY B 594 3.85 6.13 -28.24
C GLY B 594 4.12 7.27 -29.20
N PHE B 595 5.40 7.61 -29.32
CA PHE B 595 5.86 8.64 -30.25
C PHE B 595 6.71 7.99 -31.33
N VAL B 596 6.25 8.10 -32.58
CA VAL B 596 7.00 7.58 -33.71
C VAL B 596 8.37 8.29 -33.81
N TRP B 597 9.40 7.54 -34.18
CA TRP B 597 10.67 8.16 -34.55
C TRP B 597 10.86 8.09 -36.06
N ASP B 598 10.84 9.24 -36.75
CA ASP B 598 10.46 10.54 -36.21
C ASP B 598 9.78 11.37 -37.30
N TRP B 599 9.61 12.66 -37.07
CA TRP B 599 8.78 13.46 -37.97
C TRP B 599 9.42 13.72 -39.35
N VAL B 600 10.59 14.37 -39.36
CA VAL B 600 11.19 14.89 -40.57
C VAL B 600 12.63 14.42 -40.76
N ASP B 601 12.95 13.97 -41.97
CA ASP B 601 14.32 13.61 -42.39
C ASP B 601 15.28 14.77 -42.09
N GLN B 602 16.41 14.48 -41.45
CA GLN B 602 17.45 15.49 -41.26
C GLN B 602 18.43 15.52 -42.43
N SER B 603 17.91 15.71 -43.64
CA SER B 603 18.77 15.91 -44.80
C SER B 603 19.01 17.41 -44.98
N LEU B 604 20.16 17.74 -45.56
CA LEU B 604 20.54 19.13 -45.83
C LEU B 604 20.70 19.37 -47.32
N ILE B 605 20.45 20.59 -47.77
CA ILE B 605 20.61 20.91 -49.19
C ILE B 605 22.06 21.24 -49.58
N LYS B 606 22.52 20.56 -50.63
CA LYS B 606 23.76 20.91 -51.33
C LYS B 606 23.42 21.23 -52.78
N TYR B 607 24.36 21.85 -53.48
CA TYR B 607 24.13 22.26 -54.87
C TYR B 607 25.15 21.65 -55.83
N ASP B 608 24.68 21.17 -56.98
CA ASP B 608 25.59 20.69 -58.02
C ASP B 608 26.22 21.86 -58.80
N GLU B 609 27.04 21.54 -59.81
CA GLU B 609 27.77 22.59 -60.56
C GLU B 609 26.86 23.55 -61.33
N ASN B 610 25.62 23.13 -61.58
CA ASN B 610 24.64 23.96 -62.26
C ASN B 610 23.69 24.71 -61.31
N GLY B 611 23.97 24.62 -60.02
CA GLY B 611 23.14 25.24 -59.00
C GLY B 611 21.88 24.47 -58.63
N ASN B 612 21.73 23.24 -59.12
CA ASN B 612 20.57 22.41 -58.76
C ASN B 612 20.73 21.80 -57.36
N PRO B 613 19.67 21.90 -56.54
CA PRO B 613 19.74 21.39 -55.17
C PRO B 613 19.56 19.87 -55.09
N TRP B 614 20.30 19.25 -54.17
CA TRP B 614 20.11 17.84 -53.87
C TRP B 614 20.20 17.60 -52.36
N SER B 615 19.53 16.55 -51.91
CA SER B 615 19.45 16.21 -50.50
C SER B 615 20.69 15.45 -50.07
N ALA B 616 21.37 16.00 -49.07
CA ALA B 616 22.62 15.45 -48.56
C ALA B 616 22.44 14.91 -47.15
N TYR B 617 23.33 13.99 -46.77
CA TYR B 617 23.31 13.39 -45.44
C TYR B 617 24.72 13.23 -44.91
N GLY B 618 24.89 12.51 -43.80
CA GLY B 618 26.20 12.36 -43.18
C GLY B 618 27.31 12.00 -44.14
N GLY B 619 28.42 12.73 -44.05
CA GLY B 619 29.57 12.45 -44.92
C GLY B 619 29.66 13.32 -46.15
N ASP B 620 28.55 13.96 -46.53
CA ASP B 620 28.49 14.79 -47.75
C ASP B 620 29.15 16.16 -47.61
N PHE B 621 29.54 16.53 -46.40
CA PHE B 621 30.16 17.83 -46.17
C PHE B 621 31.64 17.70 -45.81
N GLY B 622 32.22 16.53 -46.09
CA GLY B 622 33.59 16.24 -45.72
C GLY B 622 33.71 15.86 -44.26
N ASP B 623 32.57 15.90 -43.56
CA ASP B 623 32.48 15.54 -42.13
C ASP B 623 32.86 14.08 -41.92
N THR B 624 33.80 13.86 -41.01
CA THR B 624 34.33 12.51 -40.77
C THR B 624 34.98 12.40 -39.39
N PRO B 625 34.71 11.30 -38.67
CA PRO B 625 33.78 10.22 -39.01
C PRO B 625 32.32 10.66 -39.03
N ASN B 626 31.47 9.88 -39.70
CA ASN B 626 30.05 10.18 -39.79
C ASN B 626 29.19 8.92 -39.85
N ASP B 627 27.88 9.08 -39.67
CA ASP B 627 26.97 7.94 -39.70
C ASP B 627 26.00 7.97 -40.89
N ARG B 628 26.48 8.55 -41.99
CA ARG B 628 25.80 8.50 -43.30
C ARG B 628 24.30 8.83 -43.27
N GLN B 629 23.45 7.95 -43.78
CA GLN B 629 22.02 8.23 -43.94
C GLN B 629 21.18 8.07 -42.65
N PHE B 630 21.83 7.76 -41.54
CA PHE B 630 21.09 7.49 -40.30
C PHE B 630 20.40 8.72 -39.67
N CYS B 631 20.67 9.90 -40.23
CA CYS B 631 20.02 11.15 -39.83
C CYS B 631 18.66 11.34 -40.50
N MET B 632 18.33 10.43 -41.42
CA MET B 632 17.07 10.51 -42.14
C MET B 632 16.13 9.40 -41.68
N ASN B 633 15.19 9.75 -40.80
CA ASN B 633 14.28 8.77 -40.20
C ASN B 633 12.82 9.23 -40.24
N GLY B 634 12.54 10.25 -41.04
CA GLY B 634 11.26 10.93 -40.98
C GLY B 634 10.10 10.25 -41.69
N LEU B 635 8.90 10.61 -41.25
CA LEU B 635 7.67 10.31 -41.98
C LEU B 635 7.54 11.25 -43.18
N VAL B 636 8.23 12.38 -43.12
CA VAL B 636 8.23 13.34 -44.21
C VAL B 636 9.66 13.68 -44.62
N PHE B 637 9.82 14.06 -45.89
CA PHE B 637 11.07 14.57 -46.42
C PHE B 637 11.37 15.90 -45.74
N ALA B 638 12.62 16.34 -45.80
CA ALA B 638 13.01 17.62 -45.20
C ALA B 638 12.16 18.81 -45.65
N ASP B 639 11.66 18.77 -46.89
CA ASP B 639 10.76 19.84 -47.39
C ASP B 639 9.29 19.56 -47.07
N ARG B 640 9.04 18.57 -46.20
CA ARG B 640 7.70 18.26 -45.68
C ARG B 640 6.79 17.52 -46.66
N THR B 641 7.32 17.14 -47.81
CA THR B 641 6.67 16.17 -48.69
C THR B 641 6.60 14.84 -47.93
N PRO B 642 5.42 14.20 -47.92
CA PRO B 642 5.23 12.94 -47.18
C PRO B 642 5.92 11.72 -47.78
N HIS B 643 6.50 10.87 -46.92
CA HIS B 643 6.86 9.51 -47.30
C HIS B 643 5.54 8.70 -47.35
N PRO B 644 5.52 7.59 -48.12
CA PRO B 644 4.38 6.67 -48.07
C PRO B 644 3.98 6.23 -46.66
N ALA B 645 4.95 6.06 -45.75
CA ALA B 645 4.64 5.66 -44.36
C ALA B 645 3.61 6.55 -43.66
N LEU B 646 3.60 7.85 -43.98
CA LEU B 646 2.69 8.79 -43.31
C LEU B 646 1.21 8.38 -43.42
N THR B 647 0.80 7.89 -44.58
CA THR B 647 -0.59 7.46 -44.78
C THR B 647 -0.94 6.25 -43.91
N GLU B 648 -0.01 5.32 -43.75
CA GLU B 648 -0.16 4.21 -42.82
C GLU B 648 -0.33 4.69 -41.37
N ALA B 649 0.43 5.72 -40.98
CA ALA B 649 0.30 6.30 -39.65
C ALA B 649 -1.09 6.92 -39.47
N LYS B 650 -1.52 7.70 -40.47
CA LYS B 650 -2.83 8.34 -40.44
C LYS B 650 -3.96 7.34 -40.24
N HIS B 651 -3.91 6.25 -40.98
CA HIS B 651 -4.96 5.23 -40.96
C HIS B 651 -5.02 4.51 -39.63
N GLN B 652 -3.86 4.05 -39.16
CA GLN B 652 -3.82 3.35 -37.88
C GLN B 652 -4.19 4.22 -36.69
N GLN B 653 -3.93 5.53 -36.80
CA GLN B 653 -4.19 6.50 -35.73
C GLN B 653 -5.58 7.14 -35.81
N GLN B 654 -6.43 6.62 -36.71
CA GLN B 654 -7.83 7.05 -36.85
C GLN B 654 -8.59 7.14 -35.53
N PHE B 655 -9.50 8.10 -35.44
CA PHE B 655 -10.26 8.35 -34.21
C PHE B 655 -11.62 7.68 -34.23
N PHE B 656 -11.97 7.07 -35.34
CA PHE B 656 -13.19 6.29 -35.45
C PHE B 656 -12.86 4.86 -35.82
N GLN B 657 -13.49 3.91 -35.13
CA GLN B 657 -13.34 2.49 -35.43
C GLN B 657 -14.62 1.93 -36.05
N PHE B 658 -14.48 0.92 -36.89
CA PHE B 658 -15.59 0.37 -37.67
C PHE B 658 -15.72 -1.14 -37.56
N ARG B 659 -16.96 -1.62 -37.53
CA ARG B 659 -17.27 -3.04 -37.71
C ARG B 659 -18.45 -3.20 -38.65
N LEU B 660 -18.43 -4.29 -39.43
CA LEU B 660 -19.53 -4.60 -40.34
C LEU B 660 -20.21 -5.90 -39.95
N SER B 661 -21.52 -5.83 -39.72
CA SER B 661 -22.33 -7.01 -39.45
C SER B 661 -23.59 -7.01 -40.31
N GLY B 662 -23.57 -7.80 -41.39
CA GLY B 662 -24.67 -7.84 -42.36
C GLY B 662 -24.82 -6.53 -43.10
N GLN B 663 -25.93 -5.84 -42.84
CA GLN B 663 -26.20 -4.54 -43.47
C GLN B 663 -25.74 -3.38 -42.57
N THR B 664 -25.23 -3.71 -41.38
CA THR B 664 -24.96 -2.73 -40.34
C THR B 664 -23.48 -2.34 -40.24
N ILE B 665 -23.22 -1.03 -40.34
CA ILE B 665 -21.91 -0.48 -39.98
C ILE B 665 -21.99 0.11 -38.57
N GLU B 666 -21.08 -0.34 -37.70
CA GLU B 666 -20.99 0.19 -36.34
C GLU B 666 -19.78 1.14 -36.28
N VAL B 667 -20.04 2.40 -35.96
CA VAL B 667 -18.98 3.41 -35.87
C VAL B 667 -18.73 3.71 -34.40
N THR B 668 -17.51 3.45 -33.93
CA THR B 668 -17.14 3.75 -32.54
C THR B 668 -16.19 4.95 -32.49
N SER B 669 -16.49 5.91 -31.61
CA SER B 669 -15.65 7.07 -31.41
C SER B 669 -14.55 6.83 -30.39
N GLU B 670 -13.33 7.18 -30.75
CA GLU B 670 -12.19 7.11 -29.82
C GLU B 670 -11.83 8.48 -29.27
N TYR B 671 -12.69 9.47 -29.52
CA TYR B 671 -12.55 10.78 -28.89
C TYR B 671 -13.00 10.69 -27.43
N LEU B 672 -12.41 11.53 -26.59
CA LEU B 672 -12.69 11.48 -25.16
C LEU B 672 -13.62 12.61 -24.75
N PHE B 673 -13.62 13.69 -25.52
CA PHE B 673 -14.32 14.90 -25.13
C PHE B 673 -15.35 15.39 -26.15
N ARG B 674 -15.00 15.37 -27.43
CA ARG B 674 -15.87 15.95 -28.45
C ARG B 674 -16.87 14.96 -29.04
N HIS B 675 -18.07 15.48 -29.30
CA HIS B 675 -19.04 14.82 -30.16
C HIS B 675 -18.56 14.97 -31.59
N SER B 676 -18.98 14.05 -32.46
CA SER B 676 -18.57 14.14 -33.87
C SER B 676 -19.36 15.21 -34.64
N ASP B 677 -19.13 16.48 -34.29
CA ASP B 677 -19.97 17.57 -34.81
C ASP B 677 -19.48 18.18 -36.13
N ASN B 678 -18.47 17.57 -36.73
CA ASN B 678 -17.94 17.98 -38.02
C ASN B 678 -17.50 16.76 -38.82
N GLU B 679 -18.42 15.81 -38.99
CA GLU B 679 -18.11 14.52 -39.60
C GLU B 679 -19.30 13.94 -40.36
N LEU B 680 -19.04 13.40 -41.54
CA LEU B 680 -20.05 12.57 -42.19
C LEU B 680 -19.45 11.34 -42.84
N LEU B 681 -20.20 10.24 -42.80
CA LEU B 681 -19.76 8.99 -43.37
C LEU B 681 -20.18 8.84 -44.83
N HIS B 682 -19.20 8.71 -45.71
CA HIS B 682 -19.46 8.37 -47.11
C HIS B 682 -19.20 6.88 -47.32
N TRP B 683 -20.18 6.17 -47.86
CA TRP B 683 -20.00 4.77 -48.22
C TRP B 683 -20.09 4.52 -49.74
N MET B 684 -19.34 3.52 -50.20
CA MET B 684 -19.27 3.18 -51.62
C MET B 684 -19.10 1.66 -51.76
N VAL B 685 -19.94 1.07 -52.61
CA VAL B 685 -19.83 -0.32 -52.98
C VAL B 685 -19.43 -0.37 -54.45
N ALA B 686 -18.33 -1.07 -54.74
CA ALA B 686 -17.85 -1.19 -56.11
C ALA B 686 -17.59 -2.65 -56.44
N LEU B 687 -17.66 -2.98 -57.73
CA LEU B 687 -17.37 -4.32 -58.22
C LEU B 687 -16.12 -4.23 -59.07
N ASP B 688 -15.03 -4.83 -58.57
CA ASP B 688 -13.72 -4.72 -59.18
C ASP B 688 -13.49 -3.31 -59.74
N GLY B 689 -13.63 -2.32 -58.86
CA GLY B 689 -13.36 -0.93 -59.21
C GLY B 689 -14.49 -0.14 -59.85
N LYS B 690 -15.60 -0.81 -60.18
CA LYS B 690 -16.73 -0.18 -60.84
C LYS B 690 -17.83 0.17 -59.83
N PRO B 691 -18.04 1.48 -59.57
CA PRO B 691 -19.02 1.92 -58.59
C PRO B 691 -20.43 1.41 -58.87
N LEU B 692 -21.07 0.87 -57.83
CA LEU B 692 -22.38 0.26 -57.94
C LEU B 692 -23.43 1.05 -57.14
N ALA B 693 -23.06 1.41 -55.91
CA ALA B 693 -23.89 2.24 -55.06
C ALA B 693 -23.00 3.10 -54.17
N SER B 694 -23.53 4.25 -53.76
CA SER B 694 -22.85 5.15 -52.85
C SER B 694 -23.89 5.98 -52.11
N GLY B 695 -23.56 6.38 -50.89
CA GLY B 695 -24.43 7.22 -50.08
C GLY B 695 -23.66 7.98 -49.02
N GLU B 696 -24.39 8.74 -48.21
CA GLU B 696 -23.78 9.46 -47.10
C GLU B 696 -24.75 9.56 -45.93
N VAL B 697 -24.20 9.46 -44.73
CA VAL B 697 -24.96 9.54 -43.48
C VAL B 697 -24.19 10.48 -42.59
N PRO B 698 -24.88 11.41 -41.92
CA PRO B 698 -24.20 12.25 -40.94
C PRO B 698 -23.82 11.44 -39.69
N LEU B 699 -22.64 11.70 -39.14
CA LEU B 699 -22.21 11.04 -37.90
C LEU B 699 -22.63 11.85 -36.69
N ASP B 700 -23.30 11.19 -35.75
CA ASP B 700 -23.66 11.82 -34.49
C ASP B 700 -23.29 10.88 -33.34
N VAL B 701 -22.01 10.87 -33.03
CA VAL B 701 -21.45 9.93 -32.05
C VAL B 701 -20.87 10.69 -30.86
N ALA B 702 -21.34 10.34 -29.67
CA ALA B 702 -20.79 10.87 -28.42
C ALA B 702 -19.34 10.39 -28.24
N PRO B 703 -18.52 11.12 -27.46
CA PRO B 703 -17.18 10.59 -27.20
C PRO B 703 -17.27 9.20 -26.57
N GLN B 704 -16.48 8.27 -27.07
CA GLN B 704 -16.45 6.87 -26.61
C GLN B 704 -17.69 6.08 -27.03
N GLY B 705 -18.63 6.76 -27.68
CA GLY B 705 -19.91 6.18 -28.06
C GLY B 705 -19.92 5.42 -29.37
N LYS B 706 -21.07 4.84 -29.69
CA LYS B 706 -21.28 4.07 -30.92
C LYS B 706 -22.49 4.56 -31.69
N GLN B 707 -22.45 4.41 -33.02
CA GLN B 707 -23.59 4.70 -33.88
C GLN B 707 -23.73 3.56 -34.88
N LEU B 708 -24.97 3.13 -35.11
CA LEU B 708 -25.26 2.06 -36.07
C LEU B 708 -25.85 2.64 -37.35
N ILE B 709 -25.23 2.33 -38.48
CA ILE B 709 -25.71 2.79 -39.76
C ILE B 709 -26.15 1.60 -40.58
N GLU B 710 -27.44 1.59 -40.94
CA GLU B 710 -28.02 0.49 -41.69
C GLU B 710 -28.00 0.79 -43.18
N LEU B 711 -27.20 0.03 -43.91
CA LEU B 711 -27.10 0.17 -45.36
C LEU B 711 -28.39 -0.27 -46.05
N PRO B 712 -28.76 0.40 -47.16
CA PRO B 712 -29.95 -0.02 -47.91
C PRO B 712 -29.70 -1.32 -48.67
N GLU B 713 -30.78 -1.98 -49.08
CA GLU B 713 -30.69 -3.18 -49.90
C GLU B 713 -29.82 -2.90 -51.12
N LEU B 714 -28.73 -3.65 -51.25
CA LEU B 714 -27.76 -3.46 -52.34
C LEU B 714 -28.15 -4.31 -53.55
N PRO B 715 -28.21 -3.70 -54.75
CA PRO B 715 -28.62 -4.43 -55.94
C PRO B 715 -27.57 -5.46 -56.36
N GLN B 716 -28.02 -6.68 -56.66
CA GLN B 716 -27.13 -7.75 -57.11
C GLN B 716 -26.44 -7.39 -58.41
N PRO B 717 -25.11 -7.57 -58.47
CA PRO B 717 -24.37 -7.24 -59.67
C PRO B 717 -24.56 -8.30 -60.75
N GLU B 718 -24.59 -7.87 -62.01
CA GLU B 718 -24.77 -8.76 -63.15
C GLU B 718 -23.53 -9.62 -63.35
N SER B 719 -22.38 -8.96 -63.42
CA SER B 719 -21.10 -9.59 -63.69
C SER B 719 -20.56 -10.41 -62.50
N ALA B 720 -19.60 -11.29 -62.80
CA ALA B 720 -18.83 -11.98 -61.78
C ALA B 720 -17.77 -11.05 -61.18
N GLY B 721 -17.30 -11.38 -59.96
CA GLY B 721 -16.24 -10.63 -59.30
C GLY B 721 -16.48 -10.35 -57.83
N GLN B 722 -15.53 -9.64 -57.22
CA GLN B 722 -15.59 -9.30 -55.80
C GLN B 722 -16.16 -7.91 -55.55
N LEU B 723 -17.22 -7.85 -54.75
CA LEU B 723 -17.76 -6.56 -54.30
C LEU B 723 -17.00 -6.06 -53.06
N TRP B 724 -16.65 -4.78 -53.07
CA TRP B 724 -15.94 -4.15 -51.97
C TRP B 724 -16.74 -2.98 -51.41
N LEU B 725 -16.82 -2.90 -50.08
CA LEU B 725 -17.36 -1.73 -49.39
C LEU B 725 -16.22 -0.85 -48.86
N THR B 726 -16.26 0.43 -49.24
CA THR B 726 -15.34 1.42 -48.72
C THR B 726 -16.13 2.47 -47.98
N VAL B 727 -15.72 2.76 -46.74
CA VAL B 727 -16.28 3.89 -46.01
C VAL B 727 -15.19 4.91 -45.70
N ARG B 728 -15.56 6.17 -45.69
CA ARG B 728 -14.64 7.24 -45.29
C ARG B 728 -15.38 8.31 -44.51
N VAL B 729 -14.66 8.91 -43.55
CA VAL B 729 -15.22 9.97 -42.73
C VAL B 729 -14.69 11.30 -43.25
N VAL B 730 -15.63 12.18 -43.60
CA VAL B 730 -15.32 13.47 -44.20
C VAL B 730 -15.71 14.58 -43.23
N GLN B 731 -14.85 15.58 -43.13
CA GLN B 731 -15.15 16.79 -42.36
C GLN B 731 -15.69 17.84 -43.32
N PRO B 732 -17.02 18.09 -43.29
CA PRO B 732 -17.60 19.04 -44.25
C PRO B 732 -17.11 20.48 -44.08
N ASN B 733 -16.78 20.86 -42.85
CA ASN B 733 -16.39 22.23 -42.54
C ASN B 733 -14.89 22.40 -42.29
N ALA B 734 -14.34 23.54 -42.71
CA ALA B 734 -12.95 23.87 -42.43
C ALA B 734 -12.76 24.05 -40.92
N THR B 735 -11.53 23.83 -40.46
CA THR B 735 -11.16 24.08 -39.07
C THR B 735 -9.89 24.95 -39.09
N ALA B 736 -9.34 25.24 -37.92
CA ALA B 736 -8.03 25.91 -37.85
C ALA B 736 -6.91 25.06 -38.48
N TRP B 737 -7.10 23.76 -38.54
CA TRP B 737 -6.01 22.83 -38.92
C TRP B 737 -6.28 22.03 -40.20
N SER B 738 -7.48 22.16 -40.77
CA SER B 738 -7.86 21.40 -41.97
C SER B 738 -8.84 22.11 -42.90
N GLU B 739 -8.75 21.77 -44.18
CA GLU B 739 -9.64 22.29 -45.22
C GLU B 739 -10.97 21.56 -45.24
N ALA B 740 -11.99 22.20 -45.82
CA ALA B 740 -13.31 21.55 -46.00
C ALA B 740 -13.15 20.32 -46.87
N GLY B 741 -13.81 19.23 -46.50
CA GLY B 741 -13.70 17.97 -47.25
C GLY B 741 -12.55 17.05 -46.82
N HIS B 742 -11.87 17.42 -45.74
CA HIS B 742 -10.79 16.62 -45.17
C HIS B 742 -11.25 15.19 -44.81
N ILE B 743 -10.54 14.19 -45.32
CA ILE B 743 -10.82 12.81 -44.95
C ILE B 743 -9.99 12.45 -43.70
N SER B 744 -10.66 11.99 -42.65
CA SER B 744 -10.00 11.69 -41.38
C SER B 744 -9.89 10.19 -41.07
N ALA B 745 -10.72 9.40 -41.74
CA ALA B 745 -10.77 7.95 -41.51
C ALA B 745 -11.36 7.22 -42.69
N TRP B 746 -10.90 5.99 -42.89
CA TRP B 746 -11.49 5.10 -43.90
C TRP B 746 -11.32 3.64 -43.50
N GLN B 747 -12.03 2.76 -44.22
CA GLN B 747 -12.00 1.33 -43.98
C GLN B 747 -12.69 0.60 -45.14
N GLN B 748 -12.19 -0.58 -45.48
CA GLN B 748 -12.79 -1.44 -46.50
C GLN B 748 -13.13 -2.83 -45.97
N TRP B 749 -14.16 -3.44 -46.56
CA TRP B 749 -14.48 -4.84 -46.35
C TRP B 749 -14.80 -5.48 -47.69
N ARG B 750 -14.47 -6.76 -47.82
CA ARG B 750 -14.99 -7.57 -48.93
C ARG B 750 -16.45 -7.90 -48.63
N LEU B 751 -17.30 -7.76 -49.65
CA LEU B 751 -18.71 -8.19 -49.53
C LEU B 751 -18.91 -9.50 -50.31
N ALA B 752 -20.08 -9.67 -50.94
CA ALA B 752 -20.34 -10.85 -51.75
C ALA B 752 -19.34 -10.97 -52.88
N GLU B 753 -18.92 -12.19 -53.16
CA GLU B 753 -18.11 -12.48 -54.34
C GLU B 753 -18.87 -13.49 -55.18
N ASN B 754 -18.84 -13.28 -56.49
CA ASN B 754 -19.40 -14.23 -57.43
C ASN B 754 -18.31 -14.72 -58.34
N LEU B 755 -17.92 -15.98 -58.15
CA LEU B 755 -16.82 -16.57 -58.90
C LEU B 755 -17.22 -16.77 -60.36
N SER B 756 -16.27 -16.54 -61.27
CA SER B 756 -16.52 -16.70 -62.69
C SER B 756 -16.55 -18.19 -63.07
N VAL B 757 -17.73 -18.69 -63.44
CA VAL B 757 -17.87 -20.08 -63.93
C VAL B 757 -17.97 -20.16 -65.44
N THR B 758 -18.43 -19.07 -66.06
CA THR B 758 -18.65 -19.04 -67.51
C THR B 758 -17.31 -18.98 -68.23
N LEU B 759 -17.02 -20.03 -69.00
CA LEU B 759 -15.78 -20.15 -69.76
C LEU B 759 -15.74 -19.14 -70.90
N PRO B 760 -14.53 -18.65 -71.23
CA PRO B 760 -14.40 -17.81 -72.42
C PRO B 760 -14.76 -18.59 -73.69
N ALA B 761 -15.48 -17.93 -74.61
CA ALA B 761 -15.83 -18.53 -75.90
C ALA B 761 -14.55 -18.88 -76.67
N ALA B 762 -14.44 -20.16 -77.06
CA ALA B 762 -13.24 -20.70 -77.70
C ALA B 762 -12.80 -19.88 -78.92
N SER B 763 -11.60 -19.30 -78.83
CA SER B 763 -11.00 -18.58 -79.94
C SER B 763 -10.70 -19.54 -81.09
N HIS B 764 -10.88 -19.05 -82.31
CA HIS B 764 -10.73 -19.88 -83.49
C HIS B 764 -9.26 -20.09 -83.88
N ALA B 765 -8.44 -19.04 -83.71
CA ALA B 765 -7.02 -19.09 -84.08
C ALA B 765 -6.21 -20.09 -83.23
N ILE B 766 -5.12 -20.58 -83.81
CA ILE B 766 -4.24 -21.54 -83.15
C ILE B 766 -2.78 -21.12 -83.37
N PRO B 767 -2.01 -20.97 -82.27
CA PRO B 767 -0.61 -20.53 -82.37
C PRO B 767 0.28 -21.61 -82.98
N HIS B 768 1.37 -21.19 -83.61
CA HIS B 768 2.28 -22.13 -84.27
C HIS B 768 3.66 -22.14 -83.62
N LEU B 769 4.16 -23.33 -83.33
CA LEU B 769 5.49 -23.51 -82.78
C LEU B 769 6.55 -23.75 -83.87
N THR B 770 7.53 -22.87 -83.94
CA THR B 770 8.70 -23.05 -84.78
C THR B 770 9.92 -23.41 -83.92
N THR B 771 10.42 -24.62 -84.07
CA THR B 771 11.57 -25.09 -83.32
C THR B 771 12.85 -24.94 -84.12
N SER B 772 13.89 -24.42 -83.46
CA SER B 772 15.24 -24.45 -83.98
C SER B 772 16.16 -24.92 -82.86
N GLU B 773 17.45 -25.07 -83.15
CA GLU B 773 18.41 -25.57 -82.18
C GLU B 773 18.53 -24.63 -80.97
N MET B 774 18.42 -23.33 -81.24
CA MET B 774 18.64 -22.29 -80.23
C MET B 774 17.35 -21.71 -79.62
N ASP B 775 16.23 -21.84 -80.32
CA ASP B 775 14.99 -21.17 -79.90
C ASP B 775 13.71 -21.96 -80.10
N PHE B 776 12.72 -21.69 -79.24
CA PHE B 776 11.34 -22.05 -79.49
C PHE B 776 10.60 -20.76 -79.81
N CYS B 777 10.09 -20.66 -81.03
CA CYS B 777 9.31 -19.50 -81.44
C CYS B 777 7.83 -19.82 -81.56
N ILE B 778 6.99 -18.93 -81.04
CA ILE B 778 5.56 -19.10 -81.14
C ILE B 778 4.98 -17.89 -81.87
N GLU B 779 4.20 -18.15 -82.91
CA GLU B 779 3.60 -17.07 -83.71
C GLU B 779 2.09 -17.13 -83.72
N LEU B 780 1.47 -15.95 -83.65
CA LEU B 780 0.02 -15.80 -83.77
C LEU B 780 -0.29 -14.42 -84.35
N GLY B 781 -0.42 -14.35 -85.68
CA GLY B 781 -0.62 -13.08 -86.38
C GLY B 781 0.60 -12.18 -86.33
N ASN B 782 0.39 -10.93 -85.94
CA ASN B 782 1.50 -10.00 -85.70
C ASN B 782 2.06 -10.12 -84.27
N LYS B 783 2.18 -11.36 -83.80
CA LYS B 783 2.68 -11.63 -82.44
C LYS B 783 3.66 -12.78 -82.45
N ARG B 784 4.84 -12.56 -81.88
CA ARG B 784 5.83 -13.62 -81.70
C ARG B 784 6.31 -13.69 -80.26
N TRP B 785 6.54 -14.90 -79.76
CA TRP B 785 7.18 -15.11 -78.47
C TRP B 785 8.42 -15.96 -78.71
N GLN B 786 9.58 -15.47 -78.28
CA GLN B 786 10.83 -16.18 -78.46
C GLN B 786 11.41 -16.67 -77.13
N PHE B 787 11.63 -17.98 -77.04
CA PHE B 787 12.23 -18.59 -75.87
C PHE B 787 13.60 -19.13 -76.24
N ASN B 788 14.63 -18.54 -75.63
CA ASN B 788 16.00 -18.99 -75.83
C ASN B 788 16.18 -20.36 -75.16
N ARG B 789 16.72 -21.32 -75.93
CA ARG B 789 16.84 -22.70 -75.45
C ARG B 789 18.13 -22.96 -74.65
N GLN B 790 19.08 -22.04 -74.74
CA GLN B 790 20.30 -22.12 -73.96
C GLN B 790 20.07 -21.57 -72.55
N SER B 791 19.19 -20.58 -72.41
CA SER B 791 18.97 -19.91 -71.11
C SER B 791 17.67 -20.34 -70.45
N GLY B 792 16.65 -20.62 -71.25
CA GLY B 792 15.37 -21.11 -70.77
C GLY B 792 14.40 -20.02 -70.41
N PHE B 793 14.68 -18.80 -70.87
CA PHE B 793 13.84 -17.65 -70.59
C PHE B 793 13.22 -17.10 -71.87
N LEU B 794 12.02 -16.51 -71.71
CA LEU B 794 11.43 -15.66 -72.73
C LEU B 794 12.38 -14.50 -72.94
N SER B 795 13.15 -14.57 -74.02
CA SER B 795 14.17 -13.57 -74.27
C SER B 795 13.67 -12.39 -75.12
N GLN B 796 12.52 -12.57 -75.79
CA GLN B 796 11.96 -11.53 -76.63
C GLN B 796 10.50 -11.78 -77.00
N MET B 797 9.76 -10.68 -77.17
CA MET B 797 8.40 -10.72 -77.68
C MET B 797 8.23 -9.67 -78.77
N TRP B 798 7.50 -10.04 -79.81
CA TRP B 798 7.32 -9.15 -80.96
C TRP B 798 5.86 -8.84 -81.21
N ILE B 799 5.54 -7.55 -81.31
CA ILE B 799 4.23 -7.12 -81.83
C ILE B 799 4.47 -6.42 -83.17
N GLY B 800 4.38 -7.21 -84.24
CA GLY B 800 4.74 -6.75 -85.57
C GLY B 800 6.24 -6.89 -85.75
N ASP B 801 6.91 -5.76 -85.96
CA ASP B 801 8.37 -5.73 -86.09
C ASP B 801 8.99 -5.02 -84.88
N LYS B 802 8.17 -4.72 -83.88
CA LYS B 802 8.60 -3.98 -82.69
C LYS B 802 8.98 -4.91 -81.53
N LYS B 803 10.19 -4.73 -81.02
CA LYS B 803 10.67 -5.41 -79.82
C LYS B 803 9.86 -4.93 -78.61
N GLN B 804 9.51 -5.86 -77.73
CA GLN B 804 8.80 -5.49 -76.49
C GLN B 804 9.73 -5.51 -75.27
N LEU B 805 10.81 -6.28 -75.36
CA LEU B 805 11.73 -6.46 -74.23
C LEU B 805 13.15 -6.01 -74.52
N LEU B 806 13.76 -5.33 -73.55
CA LEU B 806 15.18 -4.96 -73.64
C LEU B 806 16.04 -5.94 -72.86
N THR B 807 15.42 -6.64 -71.91
CA THR B 807 16.07 -7.66 -71.08
C THR B 807 15.08 -8.80 -70.95
N PRO B 808 15.55 -10.06 -71.06
CA PRO B 808 14.70 -11.24 -70.90
C PRO B 808 13.95 -11.29 -69.57
N LEU B 809 12.78 -11.92 -69.59
CA LEU B 809 11.97 -12.14 -68.40
C LEU B 809 12.61 -13.27 -67.58
N ARG B 810 13.15 -12.91 -66.41
CA ARG B 810 13.87 -13.86 -65.57
C ARG B 810 13.32 -13.87 -64.15
N ASP B 811 13.59 -14.93 -63.39
CA ASP B 811 13.26 -14.95 -61.97
C ASP B 811 14.13 -13.97 -61.19
N GLN B 812 13.57 -13.39 -60.14
CA GLN B 812 14.34 -12.52 -59.25
C GLN B 812 13.99 -12.87 -57.81
N PHE B 813 15.01 -13.03 -56.98
CA PHE B 813 14.85 -13.44 -55.58
C PHE B 813 15.45 -12.44 -54.57
N THR B 814 15.92 -11.31 -55.09
CA THR B 814 16.61 -10.29 -54.30
C THR B 814 15.93 -8.93 -54.46
N ARG B 815 16.19 -8.03 -53.52
CA ARG B 815 15.77 -6.63 -53.67
C ARG B 815 16.93 -5.69 -53.38
N ALA B 816 16.91 -4.50 -53.99
CA ALA B 816 17.86 -3.45 -53.63
C ALA B 816 17.60 -3.15 -52.16
N PRO B 817 18.61 -3.36 -51.29
CA PRO B 817 18.34 -3.41 -49.85
C PRO B 817 17.80 -2.12 -49.27
N LEU B 818 16.76 -2.25 -48.44
CA LEU B 818 16.20 -1.13 -47.71
C LEU B 818 17.14 -0.77 -46.56
N ASP B 819 16.96 0.43 -46.03
CA ASP B 819 17.65 0.81 -44.82
C ASP B 819 17.47 -0.21 -43.69
N ASN B 820 16.25 -0.73 -43.54
CA ASN B 820 15.95 -1.78 -42.53
C ASN B 820 16.70 -3.09 -42.79
N ASP B 821 16.80 -3.47 -44.07
CA ASP B 821 17.59 -4.63 -44.49
C ASP B 821 19.05 -4.47 -44.11
N ILE B 822 19.59 -3.27 -44.32
CA ILE B 822 21.01 -2.97 -44.13
C ILE B 822 21.33 -2.97 -42.63
N ALA B 823 20.39 -2.41 -41.85
CA ALA B 823 20.42 -2.49 -40.39
C ALA B 823 21.72 -1.97 -39.77
N VAL B 824 22.01 -0.69 -40.03
CA VAL B 824 23.19 -0.03 -39.49
C VAL B 824 22.81 1.30 -38.81
N SER B 825 23.10 1.42 -37.52
CA SER B 825 22.88 2.67 -36.78
C SER B 825 24.18 3.44 -36.54
N GLU B 826 25.30 2.74 -36.65
CA GLU B 826 26.64 3.32 -36.54
C GLU B 826 27.47 2.75 -37.68
N ALA B 827 27.98 3.62 -38.55
CA ALA B 827 28.69 3.21 -39.78
C ALA B 827 29.78 2.15 -39.59
N THR B 828 30.45 2.19 -38.44
CA THR B 828 31.49 1.21 -38.08
C THR B 828 30.95 -0.21 -37.90
N ARG B 829 29.86 -0.34 -37.15
CA ARG B 829 29.34 -1.64 -36.73
C ARG B 829 28.49 -2.32 -37.80
N ILE B 830 28.75 -3.61 -38.00
CA ILE B 830 27.96 -4.46 -38.88
C ILE B 830 27.35 -5.61 -38.05
N ASP B 831 26.06 -5.85 -38.24
CA ASP B 831 25.36 -6.95 -37.60
C ASP B 831 25.29 -8.13 -38.59
N PRO B 832 26.09 -9.20 -38.35
CA PRO B 832 26.07 -10.37 -39.24
C PRO B 832 24.68 -10.99 -39.38
N ASN B 833 23.77 -10.66 -38.47
CA ASN B 833 22.37 -11.13 -38.54
C ASN B 833 21.47 -10.29 -39.45
N ALA B 834 21.91 -9.08 -39.81
CA ALA B 834 21.18 -8.22 -40.76
C ALA B 834 20.82 -8.97 -42.04
N TRP B 835 19.60 -8.76 -42.52
CA TRP B 835 19.15 -9.43 -43.75
C TRP B 835 20.12 -9.26 -44.94
N VAL B 836 20.57 -8.03 -45.20
CA VAL B 836 21.49 -7.81 -46.32
C VAL B 836 22.76 -8.64 -46.14
N GLU B 837 23.23 -8.79 -44.89
CA GLU B 837 24.44 -9.55 -44.63
C GLU B 837 24.27 -11.06 -44.89
N ARG B 838 23.14 -11.60 -44.47
CA ARG B 838 22.85 -13.02 -44.66
C ARG B 838 22.66 -13.32 -46.15
N TRP B 839 21.94 -12.42 -46.84
CA TRP B 839 21.71 -12.55 -48.28
C TRP B 839 23.01 -12.52 -49.07
N LYS B 840 23.87 -11.57 -48.74
CA LYS B 840 25.19 -11.48 -49.36
C LYS B 840 26.04 -12.73 -49.12
N ALA B 841 26.13 -13.16 -47.85
CA ALA B 841 26.94 -14.32 -47.47
C ALA B 841 26.45 -15.64 -48.08
N ALA B 842 25.14 -15.73 -48.32
CA ALA B 842 24.56 -16.91 -48.95
C ALA B 842 24.67 -16.87 -50.48
N GLY B 843 25.12 -15.74 -51.01
CA GLY B 843 25.26 -15.57 -52.45
C GLY B 843 23.99 -15.26 -53.23
N HIS B 844 22.99 -14.66 -52.58
CA HIS B 844 21.72 -14.32 -53.24
C HIS B 844 21.87 -13.30 -54.37
N TYR B 845 22.75 -12.33 -54.19
CA TYR B 845 23.02 -11.29 -55.20
C TYR B 845 24.01 -11.74 -56.27
N GLN B 846 24.62 -12.91 -56.08
CA GLN B 846 25.59 -13.46 -57.04
C GLN B 846 25.03 -14.68 -57.78
N ALA B 847 23.95 -15.25 -57.25
CA ALA B 847 23.38 -16.51 -57.73
C ALA B 847 23.24 -16.58 -59.26
N GLU B 848 23.74 -17.67 -59.83
CA GLU B 848 23.72 -17.90 -61.28
C GLU B 848 22.64 -18.92 -61.65
N ALA B 849 21.75 -18.55 -62.58
CA ALA B 849 20.75 -19.49 -63.08
C ALA B 849 21.40 -20.58 -63.95
N ALA B 850 21.02 -21.82 -63.69
CA ALA B 850 21.47 -22.95 -64.48
C ALA B 850 20.25 -23.67 -65.02
N LEU B 851 20.21 -23.89 -66.33
CA LEU B 851 19.06 -24.52 -66.96
C LEU B 851 19.02 -26.03 -66.74
N LEU B 852 17.88 -26.52 -66.30
CA LEU B 852 17.70 -27.95 -66.07
C LEU B 852 16.85 -28.60 -67.15
N GLN B 853 15.82 -27.87 -67.60
CA GLN B 853 14.82 -28.41 -68.52
C GLN B 853 14.23 -27.28 -69.33
N CYS B 854 14.09 -27.51 -70.63
CA CYS B 854 13.43 -26.57 -71.54
C CYS B 854 12.81 -27.35 -72.69
N THR B 855 11.49 -27.52 -72.64
CA THR B 855 10.76 -28.32 -73.62
C THR B 855 9.56 -27.54 -74.15
N ALA B 856 9.12 -27.91 -75.36
CA ALA B 856 7.93 -27.33 -75.98
C ALA B 856 6.98 -28.43 -76.44
N ASP B 857 5.69 -28.18 -76.27
CA ASP B 857 4.65 -29.12 -76.67
C ASP B 857 3.56 -28.39 -77.43
N THR B 858 2.91 -29.09 -78.35
CA THR B 858 1.76 -28.54 -79.07
C THR B 858 0.47 -29.18 -78.55
N LEU B 859 -0.43 -28.34 -78.05
CA LEU B 859 -1.74 -28.78 -77.61
C LEU B 859 -2.75 -28.51 -78.74
N ALA B 860 -4.02 -28.82 -78.50
CA ALA B 860 -5.05 -28.64 -79.52
C ALA B 860 -5.21 -27.17 -79.91
N ASP B 861 -5.10 -26.29 -78.92
CA ASP B 861 -5.37 -24.87 -79.10
C ASP B 861 -4.34 -23.98 -78.40
N ALA B 862 -3.17 -24.53 -78.09
CA ALA B 862 -2.13 -23.78 -77.39
C ALA B 862 -0.74 -24.34 -77.62
N VAL B 863 0.27 -23.52 -77.36
CA VAL B 863 1.65 -24.01 -77.22
C VAL B 863 2.06 -23.96 -75.75
N LEU B 864 2.67 -25.04 -75.26
CA LEU B 864 3.08 -25.16 -73.87
C LEU B 864 4.61 -25.29 -73.75
N ILE B 865 5.24 -24.28 -73.17
CA ILE B 865 6.67 -24.29 -72.89
C ILE B 865 6.86 -24.62 -71.41
N THR B 866 7.80 -25.52 -71.14
CA THR B 866 8.08 -25.97 -69.78
C THR B 866 9.56 -25.79 -69.48
N THR B 867 9.87 -25.05 -68.40
CA THR B 867 11.26 -24.82 -68.00
C THR B 867 11.51 -25.10 -66.53
N ALA B 868 12.76 -25.40 -66.21
CA ALA B 868 13.21 -25.57 -64.83
C ALA B 868 14.63 -25.04 -64.69
N HIS B 869 14.85 -24.19 -63.69
CA HIS B 869 16.17 -23.59 -63.44
C HIS B 869 16.59 -23.83 -62.00
N ALA B 870 17.88 -24.04 -61.79
CA ALA B 870 18.46 -24.09 -60.46
C ALA B 870 19.34 -22.86 -60.26
N TRP B 871 19.12 -22.13 -59.16
CA TRP B 871 20.01 -21.03 -58.78
C TRP B 871 20.97 -21.51 -57.74
N GLN B 872 22.26 -21.36 -58.05
CA GLN B 872 23.29 -21.99 -57.26
C GLN B 872 24.38 -20.99 -56.89
N HIS B 873 24.95 -21.18 -55.72
CA HIS B 873 26.13 -20.43 -55.32
C HIS B 873 27.14 -21.37 -54.69
N GLN B 874 28.32 -21.45 -55.30
CA GLN B 874 29.41 -22.31 -54.82
C GLN B 874 28.95 -23.74 -54.55
N GLY B 875 28.35 -24.38 -55.55
CA GLY B 875 27.88 -25.76 -55.43
C GLY B 875 26.52 -25.98 -54.77
N LYS B 876 26.08 -25.00 -53.98
CA LYS B 876 24.85 -25.12 -53.21
C LYS B 876 23.64 -24.53 -53.96
N THR B 877 22.56 -25.32 -54.05
CA THR B 877 21.35 -24.87 -54.73
C THR B 877 20.44 -24.08 -53.77
N LEU B 878 20.21 -22.81 -54.10
CA LEU B 878 19.40 -21.92 -53.28
C LEU B 878 17.93 -22.01 -53.63
N PHE B 879 17.63 -21.91 -54.92
CA PHE B 879 16.25 -21.89 -55.44
C PHE B 879 16.13 -22.75 -56.70
N ILE B 880 14.99 -23.39 -56.87
CA ILE B 880 14.66 -24.05 -58.12
C ILE B 880 13.36 -23.42 -58.61
N SER B 881 13.34 -22.98 -59.86
CA SER B 881 12.13 -22.44 -60.47
C SER B 881 11.62 -23.33 -61.61
N ARG B 882 10.38 -23.80 -61.47
CA ARG B 882 9.73 -24.61 -62.49
C ARG B 882 8.57 -23.83 -63.06
N LYS B 883 8.58 -23.65 -64.39
CA LYS B 883 7.55 -22.83 -65.05
C LYS B 883 6.85 -23.54 -66.19
N THR B 884 5.62 -23.11 -66.46
CA THR B 884 4.95 -23.40 -67.71
C THR B 884 4.46 -22.09 -68.32
N TYR B 885 4.63 -21.96 -69.63
CA TYR B 885 4.08 -20.85 -70.38
C TYR B 885 3.09 -21.44 -71.36
N ARG B 886 1.84 -21.05 -71.25
CA ARG B 886 0.80 -21.57 -72.11
C ARG B 886 0.25 -20.44 -72.95
N ILE B 887 0.47 -20.53 -74.26
CA ILE B 887 0.02 -19.52 -75.20
C ILE B 887 -1.12 -20.05 -76.06
N ASP B 888 -2.30 -19.42 -75.95
CA ASP B 888 -3.48 -19.86 -76.70
C ASP B 888 -3.82 -18.95 -77.90
N GLY B 889 -4.97 -19.21 -78.51
CA GLY B 889 -5.44 -18.50 -79.69
C GLY B 889 -5.84 -17.05 -79.46
N SER B 890 -6.14 -16.70 -78.21
CA SER B 890 -6.47 -15.32 -77.87
C SER B 890 -5.23 -14.45 -77.65
N GLY B 891 -4.05 -15.05 -77.78
CA GLY B 891 -2.78 -14.33 -77.60
C GLY B 891 -2.41 -14.09 -76.16
N GLN B 892 -3.06 -14.80 -75.24
CA GLN B 892 -2.74 -14.69 -73.83
C GLN B 892 -1.68 -15.72 -73.45
N MET B 893 -0.68 -15.27 -72.70
CA MET B 893 0.35 -16.16 -72.20
C MET B 893 0.12 -16.43 -70.71
N ALA B 894 -0.21 -17.68 -70.37
CA ALA B 894 -0.41 -18.05 -68.97
C ALA B 894 0.89 -18.59 -68.40
N ILE B 895 1.43 -17.90 -67.40
CA ILE B 895 2.67 -18.33 -66.76
C ILE B 895 2.38 -18.90 -65.38
N THR B 896 2.80 -20.15 -65.18
CA THR B 896 2.71 -20.81 -63.90
C THR B 896 4.10 -20.93 -63.34
N VAL B 897 4.30 -20.48 -62.10
CA VAL B 897 5.63 -20.54 -61.48
C VAL B 897 5.57 -21.30 -60.16
N ASP B 898 6.44 -22.30 -60.02
CA ASP B 898 6.56 -23.04 -58.77
C ASP B 898 8.00 -23.00 -58.36
N VAL B 899 8.24 -22.46 -57.17
CA VAL B 899 9.59 -22.23 -56.69
C VAL B 899 9.84 -23.02 -55.40
N GLU B 900 10.99 -23.69 -55.35
CA GLU B 900 11.50 -24.33 -54.14
C GLU B 900 12.60 -23.45 -53.61
N VAL B 901 12.57 -23.19 -52.30
CA VAL B 901 13.63 -22.44 -51.63
C VAL B 901 14.25 -23.34 -50.57
N ALA B 902 15.58 -23.54 -50.66
CA ALA B 902 16.29 -24.36 -49.68
C ALA B 902 16.07 -23.83 -48.27
N SER B 903 15.68 -24.72 -47.36
CA SER B 903 15.27 -24.35 -46.01
C SER B 903 16.38 -23.73 -45.16
N ASP B 904 17.64 -24.00 -45.55
CA ASP B 904 18.81 -23.49 -44.83
C ASP B 904 19.42 -22.23 -45.46
N THR B 905 18.82 -21.76 -46.55
CA THR B 905 19.23 -20.47 -47.08
C THR B 905 18.39 -19.39 -46.39
N PRO B 906 18.96 -18.19 -46.16
CA PRO B 906 18.16 -17.10 -45.58
C PRO B 906 16.94 -16.81 -46.44
N HIS B 907 15.78 -16.64 -45.82
CA HIS B 907 14.54 -16.35 -46.53
C HIS B 907 14.76 -15.18 -47.49
N PRO B 908 14.38 -15.36 -48.77
CA PRO B 908 14.63 -14.39 -49.83
C PRO B 908 13.70 -13.19 -49.71
N ALA B 909 14.14 -12.07 -50.26
CA ALA B 909 13.39 -10.79 -50.18
C ALA B 909 12.11 -10.80 -51.00
N ARG B 910 12.10 -11.64 -52.03
CA ARG B 910 11.00 -11.70 -52.97
C ARG B 910 11.06 -12.98 -53.77
N ILE B 911 9.92 -13.39 -54.30
CA ILE B 911 9.84 -14.48 -55.23
C ILE B 911 9.01 -13.97 -56.38
N GLY B 912 9.69 -13.62 -57.47
CA GLY B 912 9.03 -13.02 -58.62
C GLY B 912 9.81 -13.10 -59.91
N LEU B 913 9.34 -12.33 -60.89
CA LEU B 913 9.98 -12.20 -62.19
C LEU B 913 10.30 -10.73 -62.44
N ASN B 914 11.28 -10.48 -63.31
CA ASN B 914 11.54 -9.13 -63.76
C ASN B 914 12.00 -9.07 -65.22
N CYS B 915 11.76 -7.93 -65.84
CA CYS B 915 12.24 -7.69 -67.21
C CYS B 915 12.33 -6.20 -67.41
N GLN B 916 13.12 -5.81 -68.40
CA GLN B 916 13.15 -4.42 -68.84
C GLN B 916 12.32 -4.36 -70.12
N LEU B 917 11.17 -3.70 -70.04
CA LEU B 917 10.31 -3.47 -71.19
C LEU B 917 10.88 -2.36 -72.08
N ALA B 918 10.61 -2.44 -73.37
CA ALA B 918 11.03 -1.41 -74.33
C ALA B 918 10.19 -0.15 -74.19
N GLN B 919 8.90 -0.35 -73.90
CA GLN B 919 7.94 0.74 -73.81
C GLN B 919 8.21 1.68 -72.65
N VAL B 920 8.09 2.97 -72.91
CA VAL B 920 8.00 4.00 -71.88
C VAL B 920 6.66 4.69 -72.07
N ALA B 921 5.72 4.42 -71.17
CA ALA B 921 4.37 5.00 -71.26
C ALA B 921 4.15 6.02 -70.15
N GLU B 922 3.10 6.82 -70.28
CA GLU B 922 2.83 7.92 -69.35
C GLU B 922 2.11 7.50 -68.08
N ARG B 923 1.16 6.58 -68.21
CA ARG B 923 0.30 6.19 -67.09
C ARG B 923 0.54 4.75 -66.67
N VAL B 924 0.36 4.49 -65.38
CA VAL B 924 0.25 3.13 -64.88
C VAL B 924 -1.15 2.98 -64.29
N ASN B 925 -1.87 1.96 -64.75
CA ASN B 925 -3.24 1.70 -64.33
C ASN B 925 -3.35 0.30 -63.72
N TRP B 926 -3.90 0.20 -62.51
CA TRP B 926 -3.99 -1.11 -61.86
C TRP B 926 -5.21 -1.26 -60.97
N LEU B 927 -5.69 -2.50 -60.88
CA LEU B 927 -6.71 -2.89 -59.93
C LEU B 927 -6.01 -3.65 -58.79
N GLY B 928 -5.98 -3.02 -57.62
CA GLY B 928 -5.24 -3.55 -56.48
C GLY B 928 -5.12 -2.51 -55.39
N LEU B 929 -4.22 -2.75 -54.45
CA LEU B 929 -4.06 -1.83 -53.32
C LEU B 929 -3.31 -0.57 -53.73
N GLY B 930 -3.87 0.57 -53.36
CA GLY B 930 -3.26 1.86 -53.63
C GLY B 930 -4.03 3.02 -53.03
N PRO B 931 -3.73 4.25 -53.49
CA PRO B 931 -2.81 4.52 -54.60
C PRO B 931 -1.33 4.46 -54.22
N GLN B 932 -1.00 4.71 -52.96
CA GLN B 932 0.40 4.86 -52.59
C GLN B 932 1.11 3.53 -52.45
N GLU B 933 2.43 3.59 -52.54
CA GLU B 933 3.33 2.49 -52.19
C GLU B 933 2.86 1.74 -50.95
N ASN B 934 2.79 0.41 -51.07
CA ASN B 934 2.38 -0.44 -49.95
C ASN B 934 3.09 -1.79 -50.01
N TYR B 935 3.46 -2.28 -48.83
CA TYR B 935 4.21 -3.54 -48.68
C TYR B 935 3.42 -4.49 -47.80
N PRO B 936 3.77 -5.79 -47.82
CA PRO B 936 2.96 -6.75 -47.09
C PRO B 936 2.68 -6.38 -45.62
N ASP B 937 3.67 -5.85 -44.91
CA ASP B 937 3.48 -5.43 -43.50
C ASP B 937 3.18 -3.93 -43.34
N ARG B 938 2.91 -3.25 -44.45
CA ARG B 938 2.48 -1.85 -44.46
C ARG B 938 1.51 -1.59 -45.62
N LEU B 939 0.36 -2.26 -45.59
CA LEU B 939 -0.66 -2.09 -46.63
C LEU B 939 -2.06 -1.82 -46.08
N THR B 940 -2.19 -1.68 -44.75
CA THR B 940 -3.51 -1.50 -44.14
C THR B 940 -4.18 -0.21 -44.61
N ALA B 941 -3.37 0.83 -44.86
CA ALA B 941 -3.90 2.13 -45.30
C ALA B 941 -4.37 2.10 -46.75
N ALA B 942 -3.73 1.26 -47.55
CA ALA B 942 -4.06 1.12 -48.96
C ALA B 942 -5.45 0.51 -49.13
N CYS B 943 -6.16 1.01 -50.14
CA CYS B 943 -7.47 0.51 -50.47
C CYS B 943 -7.43 -0.22 -51.80
N PHE B 944 -8.25 -1.26 -51.91
CA PHE B 944 -8.42 -1.98 -53.16
C PHE B 944 -9.38 -1.22 -54.06
N ASP B 945 -8.90 -0.85 -55.24
CA ASP B 945 -9.69 -0.14 -56.22
C ASP B 945 -8.94 -0.05 -57.53
N ARG B 946 -9.52 0.70 -58.48
CA ARG B 946 -8.91 0.99 -59.76
C ARG B 946 -8.16 2.30 -59.62
N TRP B 947 -6.84 2.23 -59.82
CA TRP B 947 -5.96 3.38 -59.61
C TRP B 947 -5.26 3.69 -60.92
N ASP B 948 -5.01 4.97 -61.15
CA ASP B 948 -4.36 5.41 -62.37
C ASP B 948 -3.45 6.58 -62.03
N LEU B 949 -2.14 6.36 -62.20
CA LEU B 949 -1.15 7.37 -61.83
C LEU B 949 -0.14 7.59 -62.94
N PRO B 950 0.50 8.77 -62.96
CA PRO B 950 1.66 8.94 -63.83
C PRO B 950 2.79 8.01 -63.38
N LEU B 951 3.58 7.53 -64.34
CA LEU B 951 4.68 6.61 -64.06
C LEU B 951 5.58 7.08 -62.90
N SER B 952 5.85 8.38 -62.86
CA SER B 952 6.77 8.91 -61.85
C SER B 952 6.27 8.72 -60.41
N ASP B 953 4.96 8.62 -60.23
CA ASP B 953 4.37 8.41 -58.90
C ASP B 953 4.50 6.97 -58.39
N MET B 954 4.99 6.10 -59.25
CA MET B 954 5.17 4.68 -58.96
C MET B 954 6.59 4.45 -58.47
N TYR B 955 7.32 5.54 -58.35
CA TYR B 955 8.66 5.57 -57.77
C TYR B 955 8.62 6.49 -56.55
N THR B 956 9.11 5.99 -55.41
CA THR B 956 9.25 6.80 -54.20
C THR B 956 10.71 7.27 -54.08
N PRO B 957 10.94 8.59 -54.14
CA PRO B 957 12.31 9.12 -54.16
C PRO B 957 12.98 9.20 -52.77
N TYR B 958 13.12 8.07 -52.09
CA TYR B 958 13.90 8.03 -50.85
C TYR B 958 15.30 8.60 -51.11
N VAL B 959 15.81 9.44 -50.23
CA VAL B 959 17.13 10.04 -50.45
C VAL B 959 18.20 8.97 -50.63
N PHE B 960 18.21 7.96 -49.76
CA PHE B 960 19.01 6.76 -49.98
C PHE B 960 18.17 5.75 -50.78
N PRO B 961 18.55 5.49 -52.04
CA PRO B 961 17.72 4.64 -52.91
C PRO B 961 17.71 3.16 -52.51
N SER B 962 16.54 2.54 -52.66
CA SER B 962 16.36 1.12 -52.35
C SER B 962 15.16 0.60 -53.15
N GLU B 963 14.77 -0.66 -52.92
CA GLU B 963 13.48 -1.17 -53.39
C GLU B 963 12.38 -0.22 -52.92
N ASN B 964 11.48 0.12 -53.83
CA ASN B 964 10.49 1.16 -53.57
C ASN B 964 9.34 1.05 -54.56
N GLY B 965 8.20 1.62 -54.19
CA GLY B 965 7.08 1.78 -55.10
C GLY B 965 6.20 0.56 -55.30
N LEU B 966 6.46 -0.50 -54.53
CA LEU B 966 5.64 -1.71 -54.62
C LEU B 966 4.19 -1.40 -54.32
N ARG B 967 3.30 -2.08 -55.03
CA ARG B 967 1.87 -2.12 -54.72
C ARG B 967 1.47 -3.58 -54.61
N CYS B 968 0.72 -3.91 -53.57
CA CYS B 968 0.38 -5.29 -53.26
C CYS B 968 -1.06 -5.62 -53.62
N GLY B 969 -1.42 -6.90 -53.51
CA GLY B 969 -2.78 -7.36 -53.77
C GLY B 969 -3.35 -6.94 -55.11
N THR B 970 -2.51 -6.91 -56.14
CA THR B 970 -2.92 -6.46 -57.47
C THR B 970 -3.45 -7.61 -58.33
N ARG B 971 -4.62 -7.41 -58.95
CA ARG B 971 -5.26 -8.46 -59.75
C ARG B 971 -5.10 -8.20 -61.24
N GLU B 972 -4.87 -6.93 -61.59
CA GLU B 972 -4.71 -6.48 -62.96
C GLU B 972 -3.80 -5.26 -63.02
N LEU B 973 -2.84 -5.30 -63.93
CA LEU B 973 -1.89 -4.20 -64.14
C LEU B 973 -1.85 -3.85 -65.63
N ASN B 974 -1.90 -2.55 -65.94
CA ASN B 974 -1.90 -2.06 -67.32
C ASN B 974 -0.80 -1.02 -67.55
N TYR B 975 0.02 -1.26 -68.56
CA TYR B 975 1.08 -0.34 -68.92
C TYR B 975 1.30 -0.36 -70.42
N GLY B 976 1.06 0.77 -71.08
CA GLY B 976 1.15 0.87 -72.53
C GLY B 976 0.28 -0.21 -73.17
N PRO B 977 0.89 -1.04 -74.04
CA PRO B 977 0.17 -2.14 -74.71
C PRO B 977 -0.02 -3.39 -73.84
N HIS B 978 0.57 -3.41 -72.64
CA HIS B 978 0.63 -4.62 -71.82
C HIS B 978 -0.45 -4.74 -70.76
N GLN B 979 -0.91 -5.96 -70.52
CA GLN B 979 -1.77 -6.27 -69.39
C GLN B 979 -1.30 -7.56 -68.72
N TRP B 980 -1.19 -7.53 -67.39
CA TRP B 980 -0.89 -8.70 -66.57
C TRP B 980 -2.04 -8.92 -65.59
N ARG B 981 -2.50 -10.15 -65.49
CA ARG B 981 -3.54 -10.50 -64.52
C ARG B 981 -3.09 -11.61 -63.58
N GLY B 982 -3.70 -11.66 -62.39
CA GLY B 982 -3.36 -12.66 -61.39
C GLY B 982 -3.62 -12.17 -59.98
N ASP B 983 -2.70 -12.49 -59.06
CA ASP B 983 -2.73 -12.01 -57.69
C ASP B 983 -1.28 -11.78 -57.29
N PHE B 984 -0.81 -10.56 -57.49
CA PHE B 984 0.62 -10.29 -57.39
C PHE B 984 0.92 -8.92 -56.78
N GLN B 985 2.21 -8.70 -56.52
CA GLN B 985 2.70 -7.42 -56.09
C GLN B 985 3.64 -6.93 -57.20
N PHE B 986 3.71 -5.62 -57.40
CA PHE B 986 4.54 -5.10 -58.47
C PHE B 986 5.15 -3.76 -58.15
N ASN B 987 6.32 -3.48 -58.74
CA ASN B 987 6.74 -2.11 -58.91
C ASN B 987 7.17 -1.89 -60.34
N ILE B 988 7.10 -0.64 -60.77
CA ILE B 988 7.37 -0.32 -62.16
C ILE B 988 8.05 1.04 -62.21
N SER B 989 9.21 1.12 -62.87
CA SER B 989 9.98 2.35 -62.90
C SER B 989 11.10 2.30 -63.91
N ARG B 990 11.80 3.43 -64.07
CA ARG B 990 12.95 3.53 -64.98
C ARG B 990 14.27 3.16 -64.31
N TYR B 991 14.23 2.58 -63.11
CA TYR B 991 15.45 2.21 -62.40
C TYR B 991 15.47 0.73 -62.07
N SER B 992 16.53 0.04 -62.47
CA SER B 992 16.68 -1.37 -62.14
C SER B 992 17.03 -1.51 -60.66
N GLN B 993 16.71 -2.68 -60.10
CA GLN B 993 17.15 -3.02 -58.75
C GLN B 993 18.65 -2.86 -58.64
N GLN B 994 19.37 -3.19 -59.70
CA GLN B 994 20.83 -3.07 -59.71
C GLN B 994 21.29 -1.62 -59.52
N GLN B 995 20.70 -0.69 -60.28
CA GLN B 995 21.05 0.72 -60.12
C GLN B 995 20.71 1.21 -58.72
N LEU B 996 19.52 0.86 -58.22
CA LEU B 996 19.09 1.28 -56.88
C LEU B 996 20.03 0.75 -55.79
N MET B 997 20.49 -0.48 -55.96
CA MET B 997 21.46 -1.16 -55.09
C MET B 997 22.85 -0.50 -55.11
N GLU B 998 23.20 0.15 -56.21
CA GLU B 998 24.56 0.67 -56.41
C GLU B 998 24.66 2.18 -56.21
N THR B 999 23.53 2.85 -56.03
CA THR B 999 23.48 4.32 -55.99
C THR B 999 23.16 4.80 -54.58
N SER B 1000 23.99 5.68 -54.04
CA SER B 1000 23.86 6.10 -52.65
C SER B 1000 22.93 7.30 -52.44
N HIS B 1001 22.67 8.05 -53.50
CA HIS B 1001 21.85 9.26 -53.44
C HIS B 1001 20.85 9.29 -54.58
N ARG B 1002 19.63 9.68 -54.29
CA ARG B 1002 18.59 9.76 -55.31
C ARG B 1002 18.95 10.63 -56.53
N HIS B 1003 19.65 11.75 -56.32
CA HIS B 1003 19.96 12.68 -57.40
C HIS B 1003 20.94 12.12 -58.43
N LEU B 1004 21.64 11.04 -58.06
CA LEU B 1004 22.58 10.36 -58.96
C LEU B 1004 21.95 9.27 -59.83
N LEU B 1005 20.64 9.04 -59.66
CA LEU B 1005 19.92 8.05 -60.45
C LEU B 1005 19.62 8.57 -61.86
N HIS B 1006 19.83 7.72 -62.86
CA HIS B 1006 19.50 8.06 -64.24
C HIS B 1006 18.42 7.12 -64.78
N ALA B 1007 17.44 7.67 -65.48
CA ALA B 1007 16.42 6.87 -66.14
C ALA B 1007 17.11 5.93 -67.14
N GLU B 1008 16.81 4.64 -67.02
CA GLU B 1008 17.35 3.64 -67.95
C GLU B 1008 16.48 3.55 -69.19
N GLU B 1009 16.99 2.91 -70.23
CA GLU B 1009 16.22 2.68 -71.45
C GLU B 1009 15.00 1.81 -71.10
N GLY B 1010 13.83 2.19 -71.60
CA GLY B 1010 12.62 1.42 -71.31
C GLY B 1010 12.20 1.46 -69.85
N THR B 1011 11.40 0.47 -69.44
CA THR B 1011 10.81 0.43 -68.11
C THR B 1011 11.07 -0.91 -67.43
N TRP B 1012 11.62 -0.86 -66.21
CA TRP B 1012 11.89 -2.04 -65.42
C TRP B 1012 10.64 -2.45 -64.65
N LEU B 1013 10.22 -3.69 -64.87
CA LEU B 1013 9.05 -4.22 -64.20
C LEU B 1013 9.44 -5.35 -63.26
N ASN B 1014 9.02 -5.23 -62.01
CA ASN B 1014 9.15 -6.32 -61.06
C ASN B 1014 7.76 -6.81 -60.71
N ILE B 1015 7.47 -8.06 -61.00
CA ILE B 1015 6.19 -8.68 -60.62
C ILE B 1015 6.47 -9.83 -59.68
N ASP B 1016 5.92 -9.75 -58.47
CA ASP B 1016 6.20 -10.71 -57.42
C ASP B 1016 4.95 -11.48 -57.06
N GLY B 1017 5.07 -12.79 -56.97
CA GLY B 1017 4.03 -13.57 -56.33
C GLY B 1017 4.10 -13.33 -54.84
N PHE B 1018 5.32 -13.07 -54.35
CA PHE B 1018 5.59 -12.94 -52.92
C PHE B 1018 6.72 -11.93 -52.66
N HIS B 1019 6.55 -11.11 -51.62
CA HIS B 1019 7.54 -10.12 -51.25
C HIS B 1019 7.63 -10.10 -49.72
N MET B 1020 8.85 -10.05 -49.22
CA MET B 1020 9.10 -10.02 -47.77
C MET B 1020 8.66 -8.69 -47.15
N GLY B 1021 8.29 -8.73 -45.88
CA GLY B 1021 8.05 -7.51 -45.12
C GLY B 1021 9.22 -6.55 -45.15
N ILE B 1022 8.96 -5.29 -44.83
CA ILE B 1022 10.00 -4.29 -44.80
C ILE B 1022 10.60 -4.07 -43.41
N GLY B 1023 9.86 -4.46 -42.37
CA GLY B 1023 10.26 -4.24 -40.98
C GLY B 1023 10.22 -2.77 -40.55
N GLY B 1024 10.97 -2.46 -39.50
CA GLY B 1024 11.04 -1.09 -39.00
C GLY B 1024 10.92 -0.91 -37.49
N ASP B 1025 10.51 -1.95 -36.76
CA ASP B 1025 10.47 -1.88 -35.29
C ASP B 1025 11.72 -1.17 -34.77
N ASP B 1026 12.85 -1.51 -35.37
CA ASP B 1026 14.02 -0.63 -35.40
C ASP B 1026 14.71 -0.83 -36.74
N SER B 1027 15.79 -0.09 -36.96
CA SER B 1027 16.52 -0.13 -38.22
C SER B 1027 17.99 -0.52 -38.03
N TRP B 1028 18.29 -1.23 -36.96
CA TRP B 1028 19.67 -1.62 -36.67
C TRP B 1028 19.83 -3.09 -36.22
N SER B 1029 18.83 -3.89 -36.55
CA SER B 1029 18.83 -5.33 -36.29
C SER B 1029 17.66 -5.92 -37.10
N PRO B 1030 17.63 -7.26 -37.27
CA PRO B 1030 16.50 -7.82 -38.00
C PRO B 1030 15.17 -7.47 -37.34
N SER B 1031 14.26 -6.89 -38.11
CA SER B 1031 12.99 -6.40 -37.56
C SER B 1031 11.75 -6.86 -38.33
N VAL B 1032 11.96 -7.72 -39.33
CA VAL B 1032 10.82 -8.26 -40.07
C VAL B 1032 10.21 -9.44 -39.32
N SER B 1033 8.95 -9.27 -38.92
CA SER B 1033 8.24 -10.29 -38.15
C SER B 1033 8.11 -11.59 -38.92
N ALA B 1034 8.06 -12.71 -38.19
CA ALA B 1034 8.09 -14.05 -38.81
C ALA B 1034 7.00 -14.28 -39.85
N GLU B 1035 5.79 -13.80 -39.60
CA GLU B 1035 4.67 -14.00 -40.54
C GLU B 1035 4.86 -13.25 -41.88
N PHE B 1036 5.85 -12.37 -41.96
CA PHE B 1036 6.12 -11.63 -43.20
C PHE B 1036 7.43 -12.02 -43.89
N GLN B 1037 8.07 -13.08 -43.37
CA GLN B 1037 9.28 -13.64 -44.00
C GLN B 1037 8.90 -14.79 -44.95
N LEU B 1038 9.63 -14.93 -46.05
CA LEU B 1038 9.29 -15.95 -47.05
C LEU B 1038 9.88 -17.32 -46.69
N SER B 1039 9.24 -17.97 -45.70
CA SER B 1039 9.77 -19.17 -45.09
C SER B 1039 9.07 -20.47 -45.48
N ALA B 1040 8.09 -20.38 -46.39
CA ALA B 1040 7.23 -21.55 -46.67
C ALA B 1040 7.92 -22.72 -47.40
N GLY B 1041 9.09 -22.46 -47.97
CA GLY B 1041 9.84 -23.51 -48.65
C GLY B 1041 9.43 -23.69 -50.11
N ARG B 1042 8.12 -23.77 -50.35
CA ARG B 1042 7.58 -23.89 -51.70
C ARG B 1042 6.51 -22.83 -51.97
N TYR B 1043 6.60 -22.21 -53.13
CA TYR B 1043 5.71 -21.11 -53.50
C TYR B 1043 5.13 -21.27 -54.89
N HIS B 1044 3.87 -20.90 -55.03
CA HIS B 1044 3.21 -20.96 -56.31
C HIS B 1044 2.52 -19.64 -56.61
N TYR B 1045 2.73 -19.13 -57.82
CA TYR B 1045 1.96 -18.00 -58.32
C TYR B 1045 1.71 -18.14 -59.82
N GLN B 1046 0.69 -17.47 -60.33
CA GLN B 1046 0.36 -17.55 -61.74
C GLN B 1046 -0.04 -16.21 -62.32
N LEU B 1047 0.48 -15.92 -63.51
CA LEU B 1047 0.28 -14.67 -64.22
C LEU B 1047 -0.25 -14.91 -65.64
N VAL B 1048 -1.13 -14.03 -66.12
CA VAL B 1048 -1.50 -14.01 -67.53
C VAL B 1048 -1.01 -12.70 -68.15
N TRP B 1049 -0.15 -12.83 -69.16
CA TRP B 1049 0.38 -11.70 -69.92
C TRP B 1049 -0.30 -11.63 -71.29
N CYS B 1050 -1.00 -10.54 -71.55
CA CYS B 1050 -1.64 -10.34 -72.84
C CYS B 1050 -1.46 -8.91 -73.32
N GLN B 1051 -1.81 -8.64 -74.57
CA GLN B 1051 -1.85 -7.28 -75.10
C GLN B 1051 -3.23 -6.67 -74.88
N LYS B 1052 -3.25 -5.49 -74.26
CA LYS B 1052 -4.50 -4.75 -74.00
C LYS B 1052 -5.05 -4.13 -75.28
N VAL C 38 43.32 38.44 -11.84
CA VAL C 38 42.26 37.44 -12.18
C VAL C 38 41.54 37.02 -10.90
N VAL C 39 42.34 36.72 -9.88
CA VAL C 39 41.84 36.24 -8.59
C VAL C 39 41.05 37.33 -7.85
N LEU C 40 41.55 38.57 -7.88
CA LEU C 40 40.81 39.72 -7.34
C LEU C 40 39.63 40.12 -8.24
N GLN C 41 39.76 39.85 -9.54
CA GLN C 41 38.74 40.20 -10.53
C GLN C 41 37.50 39.33 -10.46
N ARG C 42 37.70 38.01 -10.39
CA ARG C 42 36.60 37.06 -10.45
C ARG C 42 35.74 37.00 -9.20
N ARG C 43 36.34 37.33 -8.04
CA ARG C 43 35.64 37.33 -6.76
C ARG C 43 34.84 36.06 -6.54
N ASP C 44 35.55 34.92 -6.48
CA ASP C 44 34.90 33.61 -6.40
C ASP C 44 34.13 33.41 -5.09
N TRP C 45 34.47 34.23 -4.09
CA TRP C 45 33.85 34.17 -2.78
C TRP C 45 32.52 34.95 -2.72
N GLU C 46 32.10 35.52 -3.84
CA GLU C 46 30.78 36.14 -3.91
C GLU C 46 29.98 35.56 -5.07
N ASN C 47 30.11 34.26 -5.25
CA ASN C 47 29.47 33.53 -6.35
C ASN C 47 29.18 32.10 -5.93
N PRO C 48 27.90 31.78 -5.65
CA PRO C 48 27.52 30.44 -5.24
C PRO C 48 27.64 29.43 -6.40
N GLY C 49 27.87 29.94 -7.60
CA GLY C 49 28.11 29.09 -8.77
C GLY C 49 29.50 28.50 -8.74
N VAL C 50 30.40 29.16 -8.00
CA VAL C 50 31.77 28.67 -7.82
C VAL C 50 32.03 28.33 -6.34
N THR C 51 32.04 27.05 -6.05
CA THR C 51 32.29 26.56 -4.68
C THR C 51 33.70 25.97 -4.57
N GLN C 52 34.38 25.86 -5.71
CA GLN C 52 35.75 25.33 -5.79
C GLN C 52 36.38 25.55 -7.15
N LEU C 53 37.71 25.46 -7.19
CA LEU C 53 38.45 25.45 -8.45
C LEU C 53 39.60 24.47 -8.32
N ASN C 54 39.66 23.52 -9.26
CA ASN C 54 40.74 22.52 -9.32
C ASN C 54 40.80 21.60 -8.11
N ARG C 55 39.71 21.54 -7.34
CA ARG C 55 39.61 20.65 -6.21
C ARG C 55 39.37 19.21 -6.69
N LEU C 56 40.07 18.26 -6.08
CA LEU C 56 39.92 16.84 -6.40
C LEU C 56 38.65 16.24 -5.82
N ALA C 57 38.18 15.15 -6.42
CA ALA C 57 36.98 14.45 -5.95
C ALA C 57 37.15 13.97 -4.50
N ALA C 58 36.06 14.07 -3.74
CA ALA C 58 35.98 13.54 -2.38
C ALA C 58 36.00 12.02 -2.38
N HIS C 59 36.43 11.45 -1.26
CA HIS C 59 36.65 10.01 -1.15
C HIS C 59 36.75 9.66 0.33
N PRO C 60 36.70 8.36 0.67
CA PRO C 60 36.92 7.97 2.06
C PRO C 60 38.39 8.13 2.47
N PRO C 61 38.69 8.12 3.80
CA PRO C 61 40.07 8.36 4.25
C PRO C 61 41.11 7.47 3.56
N PHE C 62 42.15 8.11 3.00
CA PHE C 62 43.26 7.42 2.32
C PHE C 62 44.58 7.59 3.07
N ALA C 63 45.40 6.55 3.05
CA ALA C 63 46.77 6.63 3.59
C ALA C 63 47.82 6.16 2.60
N SER C 64 47.38 5.50 1.53
CA SER C 64 48.27 4.99 0.49
C SER C 64 49.45 4.19 1.06
N TRP C 65 49.14 3.16 1.83
CA TRP C 65 50.15 2.23 2.32
C TRP C 65 50.79 1.50 1.14
N ARG C 66 52.10 1.23 1.23
CA ARG C 66 52.81 0.45 0.22
C ARG C 66 53.22 -0.86 0.85
N ASN C 67 52.63 -1.13 2.01
CA ASN C 67 52.83 -2.37 2.73
C ASN C 67 51.48 -2.80 3.32
N SER C 68 51.05 -4.00 2.96
CA SER C 68 49.72 -4.49 3.31
C SER C 68 49.48 -4.73 4.80
N GLU C 69 50.51 -5.20 5.48
CA GLU C 69 50.46 -5.43 6.92
C GLU C 69 50.29 -4.12 7.68
N GLU C 70 50.94 -3.06 7.19
CA GLU C 70 50.74 -1.70 7.72
C GLU C 70 49.29 -1.25 7.57
N ALA C 71 48.68 -1.54 6.42
CA ALA C 71 47.27 -1.18 6.16
C ALA C 71 46.34 -1.94 7.09
N ARG C 72 46.64 -3.22 7.31
CA ARG C 72 45.83 -4.06 8.17
C ARG C 72 45.80 -3.57 9.61
N THR C 73 46.96 -3.15 10.10
CA THR C 73 47.14 -2.80 11.51
C THR C 73 46.87 -1.32 11.79
N ASP C 74 46.55 -0.56 10.74
CA ASP C 74 46.28 0.89 10.83
C ASP C 74 47.46 1.68 11.40
N ARG C 75 48.68 1.22 11.12
CA ARG C 75 49.89 1.93 11.53
C ARG C 75 50.11 3.13 10.60
N PRO C 76 50.88 4.14 11.08
CA PRO C 76 51.13 5.32 10.26
C PRO C 76 51.69 4.97 8.89
N SER C 77 51.29 5.72 7.88
CA SER C 77 51.78 5.51 6.54
C SER C 77 52.88 6.52 6.24
N GLN C 78 53.96 6.04 5.63
CA GLN C 78 55.03 6.92 5.17
C GLN C 78 54.59 7.82 4.02
N GLN C 79 53.46 7.49 3.39
CA GLN C 79 52.92 8.25 2.26
C GLN C 79 51.88 9.31 2.68
N LEU C 80 51.59 9.37 3.98
CA LEU C 80 50.70 10.39 4.55
C LEU C 80 51.45 11.18 5.62
N ARG C 81 51.79 12.43 5.29
CA ARG C 81 52.56 13.30 6.15
C ARG C 81 51.67 14.42 6.70
N SER C 82 51.89 14.79 7.95
CA SER C 82 51.21 15.94 8.56
C SER C 82 52.00 17.24 8.34
N LEU C 83 51.31 18.29 7.89
CA LEU C 83 51.90 19.64 7.82
C LEU C 83 51.53 20.52 9.01
N ASN C 84 50.95 19.91 10.04
CA ASN C 84 50.58 20.65 11.25
C ASN C 84 51.81 21.17 11.98
N GLY C 85 51.68 22.34 12.60
CA GLY C 85 52.76 22.88 13.42
C GLY C 85 52.89 24.35 13.19
N GLU C 86 54.13 24.84 13.21
CA GLU C 86 54.37 26.27 13.10
C GLU C 86 54.33 26.75 11.65
N TRP C 87 53.39 27.65 11.38
CA TRP C 87 53.24 28.31 10.08
C TRP C 87 53.46 29.80 10.28
N ARG C 88 53.43 30.55 9.18
CA ARG C 88 53.51 32.00 9.24
C ARG C 88 52.15 32.59 8.93
N PHE C 89 51.81 33.66 9.64
CA PHE C 89 50.50 34.24 9.53
C PHE C 89 50.54 35.76 9.57
N ALA C 90 49.76 36.38 8.70
CA ALA C 90 49.53 37.82 8.73
C ALA C 90 48.03 38.08 8.49
N TRP C 91 47.48 39.03 9.25
CA TRP C 91 46.06 39.42 9.15
C TRP C 91 45.91 40.64 8.26
N PHE C 92 44.86 40.65 7.43
CA PHE C 92 44.52 41.81 6.62
C PHE C 92 43.02 42.10 6.68
N PRO C 93 42.64 43.38 6.53
CA PRO C 93 41.22 43.79 6.63
C PRO C 93 40.38 43.34 5.43
N ALA C 94 41.03 42.99 4.33
CA ALA C 94 40.37 42.63 3.08
C ALA C 94 41.40 41.99 2.17
N PRO C 95 40.94 41.21 1.18
CA PRO C 95 41.90 40.58 0.26
C PRO C 95 42.63 41.59 -0.65
N GLU C 96 42.00 42.75 -0.90
CA GLU C 96 42.63 43.82 -1.68
C GLU C 96 43.85 44.44 -0.98
N ALA C 97 43.98 44.19 0.32
CA ALA C 97 45.07 44.74 1.12
C ALA C 97 46.28 43.80 1.18
N VAL C 98 46.13 42.61 0.61
CA VAL C 98 47.19 41.60 0.59
C VAL C 98 48.24 41.91 -0.50
N PRO C 99 49.51 42.12 -0.11
CA PRO C 99 50.55 42.44 -1.10
C PRO C 99 50.95 41.24 -1.97
N GLU C 100 51.25 41.52 -3.22
CA GLU C 100 51.66 40.51 -4.20
C GLU C 100 52.96 39.80 -3.80
N SER C 101 53.84 40.51 -3.10
CA SER C 101 55.12 39.96 -2.65
C SER C 101 54.95 38.71 -1.79
N TRP C 102 53.86 38.69 -1.01
CA TRP C 102 53.51 37.56 -0.14
C TRP C 102 53.43 36.22 -0.89
N LEU C 103 53.07 36.26 -2.17
CA LEU C 103 53.06 35.04 -2.99
C LEU C 103 54.45 34.44 -3.16
N GLU C 104 55.46 35.31 -3.22
CA GLU C 104 56.83 34.92 -3.52
C GLU C 104 57.65 34.62 -2.26
N CYS C 105 57.60 35.53 -1.29
CA CYS C 105 58.34 35.32 -0.06
C CYS C 105 57.62 35.80 1.20
N ASP C 106 58.09 35.27 2.33
CA ASP C 106 57.58 35.58 3.66
C ASP C 106 57.46 37.09 3.90
N LEU C 107 56.34 37.49 4.48
CA LEU C 107 56.16 38.87 4.92
C LEU C 107 56.90 39.01 6.26
N PRO C 108 57.85 39.95 6.36
CA PRO C 108 58.55 40.14 7.65
C PRO C 108 57.60 40.50 8.81
N GLU C 109 56.47 41.15 8.50
CA GLU C 109 55.46 41.52 9.50
C GLU C 109 54.60 40.36 10.01
N ALA C 110 54.67 39.22 9.33
CA ALA C 110 53.93 38.02 9.77
C ALA C 110 54.47 37.44 11.08
N ASP C 111 53.64 36.64 11.76
CA ASP C 111 54.05 35.98 12.98
C ASP C 111 54.14 34.49 12.75
N THR C 112 54.81 33.80 13.66
CA THR C 112 54.84 32.35 13.67
C THR C 112 53.76 31.87 14.63
N VAL C 113 52.80 31.11 14.09
CA VAL C 113 51.65 30.63 14.86
C VAL C 113 51.42 29.13 14.68
N VAL C 114 50.66 28.54 15.60
CA VAL C 114 50.28 27.14 15.50
C VAL C 114 49.14 26.97 14.48
N VAL C 115 49.27 25.94 13.67
CA VAL C 115 48.21 25.48 12.75
C VAL C 115 48.06 23.97 12.96
N PRO C 116 46.80 23.47 13.05
CA PRO C 116 45.52 24.18 12.89
C PRO C 116 45.15 25.12 14.05
N SER C 117 44.46 26.20 13.69
CA SER C 117 43.96 27.19 14.65
C SER C 117 42.83 28.03 14.06
N ASN C 118 42.10 28.70 14.94
CA ASN C 118 41.22 29.82 14.57
C ASN C 118 41.95 31.11 14.95
N TRP C 119 41.97 32.09 14.04
CA TRP C 119 42.83 33.25 14.28
C TRP C 119 42.27 34.22 15.32
N GLN C 120 40.98 34.07 15.62
CA GLN C 120 40.35 34.76 16.74
C GLN C 120 40.92 34.32 18.09
N MET C 121 41.30 33.06 18.19
CA MET C 121 41.87 32.52 19.42
C MET C 121 43.30 33.00 19.63
N HIS C 122 43.87 33.62 18.59
CA HIS C 122 45.21 34.22 18.66
C HIS C 122 45.17 35.73 18.87
N GLY C 123 43.97 36.29 18.91
CA GLY C 123 43.79 37.73 19.14
C GLY C 123 43.83 38.63 17.93
N TYR C 124 43.88 38.06 16.72
CA TYR C 124 43.96 38.88 15.51
C TYR C 124 42.68 39.67 15.18
N ASP C 125 41.52 39.06 15.45
CA ASP C 125 40.23 39.79 15.48
C ASP C 125 39.24 39.07 16.42
N ALA C 126 38.04 39.61 16.53
CA ALA C 126 37.07 39.13 17.53
C ALA C 126 36.21 37.97 17.03
N PRO C 127 36.03 36.94 17.87
CA PRO C 127 35.01 35.94 17.56
C PRO C 127 33.65 36.58 17.77
N ILE C 128 32.66 36.20 16.96
CA ILE C 128 31.34 36.78 17.05
C ILE C 128 30.31 35.75 17.48
N TYR C 129 29.62 35.95 18.60
CA TYR C 129 28.51 35.05 18.91
C TYR C 129 27.13 35.61 18.55
N THR C 130 26.56 35.07 17.49
CA THR C 130 25.19 35.35 17.13
C THR C 130 24.46 34.03 16.88
N ASN C 131 23.18 34.00 17.25
CA ASN C 131 22.37 32.81 17.10
C ASN C 131 21.78 32.72 15.68
N VAL C 132 20.72 33.49 15.42
CA VAL C 132 19.96 33.38 14.18
C VAL C 132 20.42 34.41 13.14
N THR C 133 20.46 35.67 13.54
CA THR C 133 20.80 36.78 12.66
C THR C 133 22.22 36.64 12.13
N TYR C 134 22.33 36.64 10.81
CA TYR C 134 23.63 36.54 10.15
C TYR C 134 24.60 37.60 10.69
N PRO C 135 25.87 37.23 10.87
CA PRO C 135 26.87 38.20 11.35
C PRO C 135 27.24 39.21 10.27
N ILE C 136 26.66 39.09 9.08
CA ILE C 136 26.90 39.99 7.96
C ILE C 136 25.55 40.44 7.39
N THR C 137 25.54 41.58 6.69
CA THR C 137 24.31 42.05 6.04
C THR C 137 23.78 40.97 5.09
N VAL C 138 22.47 40.73 5.14
CA VAL C 138 21.85 39.71 4.31
C VAL C 138 21.63 40.29 2.92
N ASN C 139 22.56 40.00 2.02
CA ASN C 139 22.52 40.49 0.66
C ASN C 139 23.18 39.46 -0.26
N PRO C 140 22.59 38.24 -0.32
CA PRO C 140 23.23 37.15 -1.08
C PRO C 140 23.37 37.55 -2.54
N PRO C 141 24.49 37.16 -3.18
CA PRO C 141 25.57 36.35 -2.61
C PRO C 141 26.75 37.16 -2.06
N PHE C 142 26.51 38.46 -1.82
CA PHE C 142 27.58 39.40 -1.47
C PHE C 142 27.97 39.39 0.01
N VAL C 143 29.24 39.68 0.27
CA VAL C 143 29.76 39.79 1.64
C VAL C 143 30.38 41.17 1.81
N PRO C 144 30.70 41.57 3.06
CA PRO C 144 31.26 42.90 3.24
C PRO C 144 32.58 43.11 2.50
N THR C 145 32.85 44.34 2.09
CA THR C 145 34.13 44.70 1.49
C THR C 145 35.24 44.59 2.54
N GLU C 146 34.94 45.01 3.77
CA GLU C 146 35.80 44.71 4.91
C GLU C 146 35.60 43.24 5.29
N ASN C 147 36.46 42.39 4.73
CA ASN C 147 36.37 40.93 4.86
C ASN C 147 37.69 40.40 5.40
N PRO C 148 37.75 40.15 6.73
CA PRO C 148 39.01 39.74 7.38
C PRO C 148 39.67 38.58 6.65
N THR C 149 40.95 38.75 6.33
CA THR C 149 41.67 37.81 5.48
C THR C 149 42.92 37.31 6.20
N GLY C 150 43.00 35.99 6.34
CA GLY C 150 44.12 35.35 7.00
C GLY C 150 45.10 34.85 5.97
N CYS C 151 46.33 35.37 6.04
CA CYS C 151 47.38 34.98 5.12
C CYS C 151 48.34 34.02 5.79
N TYR C 152 48.17 32.74 5.45
CA TYR C 152 48.98 31.68 6.01
C TYR C 152 50.05 31.27 5.01
N SER C 153 51.22 30.89 5.52
CA SER C 153 52.25 30.34 4.65
C SER C 153 53.11 29.29 5.36
N LEU C 154 53.69 28.38 4.58
CA LEU C 154 54.55 27.36 5.12
C LEU C 154 55.70 27.05 4.17
N THR C 155 56.90 27.02 4.74
CA THR C 155 58.09 26.52 4.05
C THR C 155 58.32 25.12 4.57
N PHE C 156 58.33 24.15 3.66
CA PHE C 156 58.35 22.74 4.02
C PHE C 156 59.17 21.96 3.01
N ASN C 157 59.68 20.80 3.43
CA ASN C 157 60.50 19.97 2.55
C ASN C 157 59.75 18.78 1.97
N VAL C 158 60.08 18.45 0.71
CA VAL C 158 59.51 17.28 0.05
C VAL C 158 60.63 16.35 -0.43
N ASP C 159 60.56 15.08 -0.04
CA ASP C 159 61.55 14.06 -0.46
C ASP C 159 61.56 13.95 -1.98
N GLU C 160 62.74 13.76 -2.57
CA GLU C 160 62.82 13.64 -4.03
C GLU C 160 62.02 12.43 -4.53
N SER C 161 62.00 11.34 -3.77
CA SER C 161 61.26 10.14 -4.13
C SER C 161 59.77 10.41 -4.42
N TRP C 162 59.20 11.43 -3.78
CA TRP C 162 57.79 11.80 -3.94
C TRP C 162 57.50 12.45 -5.29
N LEU C 163 58.54 12.98 -5.93
CA LEU C 163 58.40 13.72 -7.19
C LEU C 163 58.91 12.96 -8.42
N GLN C 164 59.69 11.91 -8.19
CA GLN C 164 60.19 11.03 -9.25
C GLN C 164 59.07 10.18 -9.83
N GLU C 165 58.04 9.91 -9.02
CA GLU C 165 56.91 9.10 -9.44
C GLU C 165 55.65 9.47 -8.66
N GLY C 166 54.50 9.19 -9.27
CA GLY C 166 53.23 9.28 -8.58
C GLY C 166 52.70 10.68 -8.41
N GLN C 167 51.75 10.81 -7.50
CA GLN C 167 50.98 12.05 -7.33
C GLN C 167 51.08 12.53 -5.89
N THR C 168 51.46 13.79 -5.72
CA THR C 168 51.49 14.40 -4.39
C THR C 168 50.36 15.41 -4.28
N ARG C 169 49.44 15.17 -3.36
CA ARG C 169 48.35 16.10 -3.13
C ARG C 169 48.45 16.70 -1.73
N ILE C 170 47.84 17.86 -1.55
CA ILE C 170 47.70 18.46 -0.23
C ILE C 170 46.25 18.40 0.20
N ILE C 171 46.02 18.11 1.47
CA ILE C 171 44.68 18.00 2.01
C ILE C 171 44.48 19.01 3.13
N PHE C 172 43.51 19.91 2.96
CA PHE C 172 43.06 20.79 4.02
C PHE C 172 41.76 20.25 4.58
N ASP C 173 41.82 19.64 5.76
CA ASP C 173 40.65 19.04 6.37
C ASP C 173 39.57 20.06 6.76
N GLY C 174 39.95 21.32 6.93
CA GLY C 174 39.00 22.36 7.34
C GLY C 174 39.55 23.78 7.28
N VAL C 175 38.91 24.60 6.44
CA VAL C 175 39.29 26.00 6.26
C VAL C 175 38.00 26.82 6.28
N ASN C 176 37.98 27.81 7.15
CA ASN C 176 36.78 28.60 7.41
C ASN C 176 37.01 30.05 6.96
N SER C 177 36.28 30.55 5.96
CA SER C 177 35.19 29.85 5.25
C SER C 177 35.47 29.56 3.77
N ALA C 178 36.49 30.21 3.20
CA ALA C 178 36.88 30.00 1.80
C ALA C 178 38.34 30.38 1.64
N PHE C 179 39.00 29.81 0.64
CA PHE C 179 40.43 30.08 0.47
C PHE C 179 40.94 29.86 -0.94
N HIS C 180 41.94 30.67 -1.30
CA HIS C 180 42.76 30.41 -2.47
C HIS C 180 44.08 29.79 -2.04
N LEU C 181 44.64 28.91 -2.88
CA LEU C 181 45.91 28.24 -2.60
C LEU C 181 46.97 28.53 -3.66
N TRP C 182 48.19 28.87 -3.22
CA TRP C 182 49.35 28.97 -4.10
C TRP C 182 50.48 28.07 -3.60
N CYS C 183 51.31 27.59 -4.52
CA CYS C 183 52.48 26.79 -4.19
C CYS C 183 53.65 27.26 -5.03
N ASN C 184 54.74 27.63 -4.35
CA ASN C 184 55.92 28.21 -5.00
C ASN C 184 55.56 29.39 -5.92
N GLY C 185 54.64 30.22 -5.44
CA GLY C 185 54.23 31.43 -6.16
C GLY C 185 53.16 31.21 -7.22
N ARG C 186 52.87 29.96 -7.54
CA ARG C 186 51.91 29.66 -8.62
C ARG C 186 50.55 29.27 -8.05
N TRP C 187 49.48 29.81 -8.65
CA TRP C 187 48.11 29.54 -8.20
C TRP C 187 47.67 28.11 -8.47
N VAL C 188 47.11 27.47 -7.44
CA VAL C 188 46.70 26.07 -7.52
C VAL C 188 45.18 25.93 -7.62
N GLY C 189 44.46 26.54 -6.68
CA GLY C 189 43.03 26.33 -6.61
C GLY C 189 42.32 27.10 -5.52
N TYR C 190 41.05 26.76 -5.32
CA TYR C 190 40.14 27.47 -4.46
C TYR C 190 39.13 26.47 -3.88
N GLY C 191 38.60 26.76 -2.69
CA GLY C 191 37.68 25.87 -2.03
C GLY C 191 36.73 26.57 -1.06
N GLN C 192 35.53 26.01 -0.94
CA GLN C 192 34.52 26.43 0.03
C GLN C 192 34.00 25.22 0.78
N ASP C 193 33.06 25.46 1.69
CA ASP C 193 32.58 24.49 2.70
C ASP C 193 33.65 24.32 3.79
N SER C 194 33.37 24.89 4.95
CA SER C 194 34.33 24.95 6.05
C SER C 194 34.59 23.63 6.73
N ARG C 195 33.72 22.65 6.53
CA ARG C 195 33.70 21.45 7.38
C ARG C 195 34.03 20.14 6.67
N LEU C 196 34.44 20.23 5.40
CA LEU C 196 34.89 19.05 4.65
C LEU C 196 36.27 19.33 4.05
N PRO C 197 37.05 18.27 3.77
CA PRO C 197 38.41 18.47 3.27
C PRO C 197 38.43 18.95 1.83
N SER C 198 39.34 19.87 1.52
CA SER C 198 39.61 20.28 0.15
C SER C 198 40.99 19.77 -0.25
N GLU C 199 41.06 19.09 -1.39
CA GLU C 199 42.30 18.46 -1.80
C GLU C 199 42.72 18.95 -3.19
N PHE C 200 44.03 19.12 -3.35
CA PHE C 200 44.60 19.68 -4.58
C PHE C 200 45.84 18.92 -4.96
N ASP C 201 45.96 18.62 -6.26
CA ASP C 201 47.16 17.99 -6.81
C ASP C 201 48.28 19.04 -6.90
N LEU C 202 49.38 18.77 -6.18
CA LEU C 202 50.55 19.67 -6.21
C LEU C 202 51.72 19.09 -7.02
N SER C 203 51.49 17.94 -7.66
CA SER C 203 52.52 17.20 -8.40
C SER C 203 53.37 18.07 -9.32
N ALA C 204 52.72 18.99 -10.02
CA ALA C 204 53.37 19.87 -10.99
C ALA C 204 53.89 21.19 -10.40
N PHE C 205 53.65 21.41 -9.11
CA PHE C 205 54.00 22.68 -8.45
C PHE C 205 55.21 22.56 -7.52
N LEU C 206 55.51 21.34 -7.10
CA LEU C 206 56.56 21.10 -6.11
C LEU C 206 57.94 20.84 -6.71
N ARG C 207 58.98 21.12 -5.92
CA ARG C 207 60.35 20.75 -6.25
C ARG C 207 60.93 19.94 -5.09
N ALA C 208 61.98 19.17 -5.34
CA ALA C 208 62.71 18.49 -4.26
C ALA C 208 63.35 19.53 -3.34
N GLY C 209 63.30 19.28 -2.04
CA GLY C 209 63.78 20.23 -1.05
C GLY C 209 62.70 21.16 -0.54
N GLU C 210 63.04 22.44 -0.44
CA GLU C 210 62.15 23.46 0.15
C GLU C 210 61.08 23.97 -0.82
N ASN C 211 59.85 24.05 -0.31
CA ASN C 211 58.72 24.60 -1.03
C ASN C 211 57.97 25.60 -0.15
N ARG C 212 57.23 26.53 -0.75
CA ARG C 212 56.41 27.45 0.04
C ARG C 212 54.95 27.49 -0.39
N LEU C 213 54.06 27.18 0.55
CA LEU C 213 52.62 27.30 0.37
C LEU C 213 52.17 28.67 0.82
N ALA C 214 51.24 29.26 0.08
CA ALA C 214 50.55 30.46 0.52
C ALA C 214 49.05 30.23 0.45
N VAL C 215 48.36 30.46 1.57
CA VAL C 215 46.91 30.21 1.67
C VAL C 215 46.24 31.50 2.10
N MET C 216 45.38 32.04 1.23
CA MET C 216 44.62 33.23 1.58
C MET C 216 43.23 32.81 2.00
N VAL C 217 42.97 32.89 3.31
CA VAL C 217 41.70 32.48 3.88
C VAL C 217 40.78 33.69 4.10
N LEU C 218 39.56 33.61 3.57
CA LEU C 218 38.57 34.65 3.77
C LEU C 218 37.57 34.27 4.86
N ARG C 219 37.31 35.20 5.76
CA ARG C 219 36.35 34.97 6.84
C ARG C 219 34.94 34.81 6.27
N TRP C 220 34.56 35.69 5.34
CA TRP C 220 33.25 35.63 4.74
C TRP C 220 33.29 35.27 3.26
N SER C 221 32.32 34.47 2.83
CA SER C 221 32.12 34.11 1.44
C SER C 221 30.64 33.83 1.20
N ASP C 222 30.28 33.50 -0.04
CA ASP C 222 28.91 33.07 -0.32
C ASP C 222 28.60 31.77 0.43
N GLY C 223 29.64 31.06 0.86
CA GLY C 223 29.50 29.85 1.67
C GLY C 223 28.93 30.15 3.06
N SER C 224 29.23 31.34 3.58
CA SER C 224 28.71 31.80 4.86
C SER C 224 27.18 31.82 4.92
N TYR C 225 26.53 32.05 3.79
CA TYR C 225 25.05 32.02 3.76
C TYR C 225 24.48 30.65 4.11
N LEU C 226 25.30 29.61 3.96
CA LEU C 226 24.91 28.25 4.29
C LEU C 226 25.48 27.80 5.63
N GLU C 227 26.16 28.72 6.32
CA GLU C 227 26.82 28.40 7.59
C GLU C 227 26.36 29.29 8.75
N ASP C 228 25.04 29.33 8.94
CA ASP C 228 24.44 30.17 9.98
C ASP C 228 24.09 29.40 11.27
N GLN C 229 24.89 28.41 11.61
CA GLN C 229 24.74 27.67 12.88
C GLN C 229 24.86 28.60 14.09
N ASP C 230 24.09 28.27 15.11
CA ASP C 230 24.10 28.99 16.38
C ASP C 230 25.36 28.60 17.15
N MET C 231 26.43 29.35 16.92
CA MET C 231 27.75 29.09 17.50
C MET C 231 28.64 30.30 17.23
N TRP C 232 29.81 30.31 17.86
CA TRP C 232 30.82 31.32 17.60
C TRP C 232 31.18 31.33 16.12
N ARG C 233 31.28 32.52 15.56
CA ARG C 233 31.68 32.70 14.18
C ARG C 233 33.18 32.99 14.14
N MET C 234 33.92 32.02 13.65
CA MET C 234 35.38 32.08 13.65
C MET C 234 35.89 31.82 12.25
N SER C 235 37.21 31.79 12.08
CA SER C 235 37.80 31.55 10.78
C SER C 235 39.23 31.03 10.86
N GLY C 236 39.73 30.55 9.73
CA GLY C 236 41.12 30.11 9.62
C GLY C 236 41.26 28.66 9.24
N ILE C 237 42.50 28.18 9.28
CA ILE C 237 42.80 26.78 9.00
C ILE C 237 42.73 26.04 10.33
N PHE C 238 41.53 25.54 10.64
CA PHE C 238 41.22 25.01 11.97
C PHE C 238 41.19 23.48 12.05
N ARG C 239 41.46 22.81 10.94
CA ARG C 239 41.65 21.35 10.93
C ARG C 239 42.99 20.96 10.26
N ASP C 240 43.34 19.69 10.33
CA ASP C 240 44.64 19.22 9.87
C ASP C 240 44.94 19.62 8.42
N VAL C 241 46.21 19.91 8.16
CA VAL C 241 46.73 20.01 6.81
C VAL C 241 47.67 18.84 6.63
N SER C 242 47.61 18.17 5.48
CA SER C 242 48.48 17.03 5.27
C SER C 242 48.87 16.85 3.81
N LEU C 243 49.94 16.08 3.58
CA LEU C 243 50.36 15.70 2.23
C LEU C 243 50.18 14.21 2.03
N LEU C 244 49.57 13.84 0.91
CA LEU C 244 49.34 12.45 0.58
C LEU C 244 50.01 12.09 -0.74
N HIS C 245 50.81 11.03 -0.74
CA HIS C 245 51.41 10.56 -1.96
C HIS C 245 50.69 9.30 -2.46
N LYS C 246 50.17 9.37 -3.68
CA LYS C 246 49.54 8.23 -4.31
C LYS C 246 50.29 7.85 -5.57
N PRO C 247 50.30 6.56 -5.94
CA PRO C 247 50.85 6.19 -7.25
C PRO C 247 49.97 6.74 -8.37
N THR C 248 50.51 6.83 -9.59
CA THR C 248 49.72 7.24 -10.75
C THR C 248 48.55 6.29 -10.99
N THR C 249 48.82 4.99 -10.92
CA THR C 249 47.80 3.96 -10.97
C THR C 249 47.35 3.71 -9.53
N GLN C 250 46.11 4.09 -9.22
CA GLN C 250 45.68 4.22 -7.82
C GLN C 250 44.24 3.82 -7.57
N ILE C 251 43.98 3.40 -6.33
CA ILE C 251 42.62 3.28 -5.80
C ILE C 251 42.13 4.72 -5.62
N SER C 252 41.07 5.07 -6.33
CA SER C 252 40.54 6.45 -6.25
C SER C 252 39.29 6.52 -5.38
N ASP C 253 38.68 5.38 -5.09
CA ASP C 253 37.47 5.32 -4.27
C ASP C 253 37.14 3.88 -3.95
N PHE C 254 36.50 3.64 -2.80
CA PHE C 254 35.98 2.31 -2.49
C PHE C 254 34.80 2.39 -1.52
N HIS C 255 33.83 1.51 -1.71
CA HIS C 255 32.63 1.49 -0.89
C HIS C 255 32.42 0.11 -0.32
N VAL C 256 32.15 0.05 0.98
CA VAL C 256 31.91 -1.20 1.67
C VAL C 256 30.44 -1.26 2.11
N ALA C 257 29.78 -2.34 1.73
CA ALA C 257 28.41 -2.61 2.14
C ALA C 257 28.36 -3.98 2.77
N THR C 258 27.46 -4.15 3.74
CA THR C 258 27.24 -5.45 4.36
C THR C 258 25.76 -5.79 4.32
N ARG C 259 25.45 -6.97 3.81
CA ARG C 259 24.08 -7.44 3.67
C ARG C 259 23.93 -8.76 4.42
N PHE C 260 22.72 -8.98 4.96
CA PHE C 260 22.50 -10.08 5.90
C PHE C 260 21.28 -10.90 5.53
N ASN C 261 21.26 -12.14 6.00
CA ASN C 261 20.05 -12.96 5.98
C ASN C 261 19.17 -12.62 7.18
N ASP C 262 18.01 -13.27 7.29
CA ASP C 262 17.00 -12.89 8.28
C ASP C 262 17.44 -12.93 9.75
N ASP C 263 18.28 -13.88 10.13
CA ASP C 263 18.69 -13.99 11.53
C ASP C 263 20.14 -13.55 11.76
N PHE C 264 20.73 -12.92 10.75
CA PHE C 264 22.06 -12.30 10.85
C PHE C 264 23.15 -13.31 11.15
N SER C 265 22.94 -14.55 10.72
CA SER C 265 23.93 -15.62 10.87
C SER C 265 24.78 -15.72 9.61
N ARG C 266 24.36 -15.05 8.55
CA ARG C 266 25.07 -15.02 7.27
C ARG C 266 25.19 -13.56 6.80
N ALA C 267 26.34 -13.20 6.26
CA ALA C 267 26.53 -11.88 5.68
C ALA C 267 27.36 -11.89 4.41
N VAL C 268 27.07 -10.93 3.53
CA VAL C 268 27.88 -10.71 2.35
C VAL C 268 28.48 -9.31 2.44
N LEU C 269 29.81 -9.24 2.47
CA LEU C 269 30.49 -7.97 2.30
C LEU C 269 30.70 -7.73 0.81
N GLU C 270 30.25 -6.57 0.37
CA GLU C 270 30.45 -6.14 -1.00
C GLU C 270 31.33 -4.89 -0.97
N ALA C 271 32.43 -4.93 -1.72
CA ALA C 271 33.32 -3.78 -1.83
C ALA C 271 33.49 -3.36 -3.28
N GLU C 272 33.01 -2.17 -3.62
CA GLU C 272 33.22 -1.60 -4.94
C GLU C 272 34.50 -0.78 -4.92
N VAL C 273 35.39 -1.05 -5.85
CA VAL C 273 36.66 -0.35 -5.90
C VAL C 273 36.81 0.30 -7.26
N GLN C 274 37.17 1.59 -7.23
CA GLN C 274 37.41 2.35 -8.44
C GLN C 274 38.89 2.70 -8.52
N MET C 275 39.39 2.81 -9.75
CA MET C 275 40.78 3.21 -9.98
C MET C 275 40.89 4.41 -10.92
N CYS C 276 42.02 5.10 -10.83
CA CYS C 276 42.44 6.08 -11.82
C CYS C 276 43.84 5.70 -12.30
N GLY C 277 44.18 6.13 -13.52
CA GLY C 277 45.44 5.75 -14.15
C GLY C 277 45.20 4.87 -15.35
N GLU C 278 46.27 4.28 -15.88
CA GLU C 278 46.17 3.44 -17.07
C GLU C 278 45.71 2.03 -16.70
N LEU C 279 44.61 1.60 -17.33
CA LEU C 279 44.12 0.25 -17.14
C LEU C 279 45.04 -0.74 -17.85
N ARG C 280 45.37 -1.83 -17.16
CA ARG C 280 46.18 -2.90 -17.72
C ARG C 280 45.56 -4.22 -17.32
N ASP C 281 45.63 -5.21 -18.21
CA ASP C 281 45.02 -6.52 -17.98
C ASP C 281 45.66 -7.26 -16.80
N TYR C 282 46.91 -6.91 -16.47
CA TYR C 282 47.58 -7.54 -15.34
C TYR C 282 47.20 -6.92 -13.99
N LEU C 283 46.47 -5.81 -13.99
CA LEU C 283 46.00 -5.18 -12.75
C LEU C 283 44.98 -6.05 -12.04
N ARG C 284 45.08 -6.07 -10.71
CA ARG C 284 44.17 -6.84 -9.87
C ARG C 284 43.77 -6.03 -8.64
N VAL C 285 42.59 -6.34 -8.10
CA VAL C 285 42.18 -5.87 -6.79
C VAL C 285 41.90 -7.09 -5.92
N THR C 286 42.49 -7.10 -4.73
CA THR C 286 42.16 -8.06 -3.69
C THR C 286 41.56 -7.31 -2.50
N VAL C 287 40.44 -7.81 -2.00
CA VAL C 287 39.89 -7.32 -0.75
C VAL C 287 39.93 -8.46 0.25
N SER C 288 40.56 -8.20 1.39
CA SER C 288 40.65 -9.17 2.48
C SER C 288 39.94 -8.65 3.70
N LEU C 289 39.26 -9.54 4.40
CA LEU C 289 38.57 -9.18 5.62
C LEU C 289 39.21 -9.87 6.83
N TRP C 290 39.55 -9.10 7.85
CA TRP C 290 40.28 -9.62 9.00
C TRP C 290 39.47 -9.49 10.27
N GLN C 291 39.46 -10.55 11.07
CA GLN C 291 38.88 -10.53 12.42
C GLN C 291 40.06 -10.65 13.37
N GLY C 292 40.45 -9.53 13.97
CA GLY C 292 41.70 -9.46 14.71
C GLY C 292 42.86 -9.84 13.81
N GLU C 293 43.57 -10.90 14.19
CA GLU C 293 44.77 -11.37 13.47
C GLU C 293 44.42 -12.44 12.43
N THR C 294 43.13 -12.79 12.36
CA THR C 294 42.66 -13.87 11.53
C THR C 294 42.02 -13.33 10.25
N GLN C 295 42.51 -13.76 9.10
CA GLN C 295 41.87 -13.44 7.83
C GLN C 295 40.69 -14.38 7.66
N VAL C 296 39.49 -13.82 7.53
CA VAL C 296 38.29 -14.64 7.48
C VAL C 296 37.76 -14.81 6.07
N ALA C 297 38.17 -13.92 5.16
CA ALA C 297 37.72 -13.97 3.78
C ALA C 297 38.60 -13.10 2.91
N SER C 298 38.65 -13.44 1.63
CA SER C 298 39.47 -12.74 0.65
C SER C 298 38.91 -13.01 -0.74
N GLY C 299 39.02 -12.01 -1.61
CA GLY C 299 38.57 -12.13 -3.00
C GLY C 299 39.47 -11.30 -3.88
N THR C 300 39.78 -11.82 -5.07
CA THR C 300 40.63 -11.15 -6.04
C THR C 300 39.96 -11.16 -7.41
N ALA C 301 40.08 -10.05 -8.14
CA ALA C 301 39.49 -9.92 -9.47
C ALA C 301 40.25 -8.86 -10.25
N PRO C 302 40.27 -8.98 -11.58
CA PRO C 302 40.75 -7.92 -12.47
C PRO C 302 39.67 -6.81 -12.56
N PHE C 303 40.05 -5.61 -12.99
CA PHE C 303 39.07 -4.54 -13.20
C PHE C 303 38.12 -4.84 -14.34
N GLY C 304 36.93 -4.26 -14.29
CA GLY C 304 35.90 -4.50 -15.30
C GLY C 304 34.60 -4.91 -14.65
N GLY C 305 33.69 -3.95 -14.51
CA GLY C 305 32.43 -4.19 -13.85
C GLY C 305 31.41 -4.85 -14.75
N GLU C 306 30.31 -5.28 -14.15
CA GLU C 306 29.18 -5.84 -14.89
C GLU C 306 28.59 -4.79 -15.84
N ILE C 307 27.94 -5.26 -16.89
CA ILE C 307 27.21 -4.39 -17.81
C ILE C 307 26.11 -3.68 -17.04
N ILE C 308 26.05 -2.36 -17.16
CA ILE C 308 24.96 -1.62 -16.52
C ILE C 308 24.00 -0.95 -17.52
N ASP C 309 24.45 -0.71 -18.74
CA ASP C 309 23.57 -0.16 -19.80
C ASP C 309 24.03 -0.50 -21.22
N GLU C 310 23.39 0.12 -22.21
CA GLU C 310 23.63 -0.17 -23.63
C GLU C 310 25.08 0.09 -24.05
N ARG C 311 25.77 0.96 -23.31
CA ARG C 311 27.17 1.29 -23.62
C ARG C 311 28.19 0.40 -22.89
N GLY C 312 27.69 -0.53 -22.08
CA GLY C 312 28.59 -1.47 -21.39
C GLY C 312 28.66 -1.23 -19.90
N GLY C 313 29.84 -1.41 -19.32
CA GLY C 313 30.03 -1.23 -17.88
C GLY C 313 31.21 -0.33 -17.56
N TYR C 314 31.62 -0.32 -16.30
CA TYR C 314 32.77 0.43 -15.85
C TYR C 314 34.04 -0.42 -15.94
N ALA C 315 34.88 -0.11 -16.93
CA ALA C 315 36.16 -0.80 -17.11
C ALA C 315 37.12 -0.48 -15.96
N ASP C 316 36.91 0.68 -15.32
CA ASP C 316 37.77 1.17 -14.25
C ASP C 316 37.26 0.86 -12.84
N ARG C 317 36.32 -0.09 -12.73
CA ARG C 317 35.77 -0.47 -11.44
C ARG C 317 35.63 -1.98 -11.33
N VAL C 318 35.62 -2.47 -10.09
CA VAL C 318 35.37 -3.88 -9.82
C VAL C 318 34.73 -4.00 -8.45
N THR C 319 33.85 -4.99 -8.31
CA THR C 319 33.14 -5.23 -7.06
C THR C 319 33.49 -6.64 -6.58
N LEU C 320 34.03 -6.72 -5.36
CA LEU C 320 34.33 -8.02 -4.72
C LEU C 320 33.23 -8.37 -3.74
N ARG C 321 32.88 -9.65 -3.66
CA ARG C 321 31.87 -10.15 -2.74
C ARG C 321 32.45 -11.24 -1.86
N LEU C 322 32.37 -11.02 -0.55
CA LEU C 322 32.92 -11.97 0.41
C LEU C 322 31.79 -12.47 1.30
N ASN C 323 31.76 -13.78 1.48
CA ASN C 323 30.80 -14.43 2.36
C ASN C 323 31.38 -14.47 3.77
N VAL C 324 30.55 -14.14 4.76
CA VAL C 324 30.97 -14.21 6.16
C VAL C 324 29.91 -14.94 6.96
N GLU C 325 30.30 -16.07 7.54
CA GLU C 325 29.43 -16.89 8.37
C GLU C 325 29.51 -16.44 9.82
N ASN C 326 28.34 -16.35 10.46
CA ASN C 326 28.23 -15.90 11.85
C ASN C 326 29.07 -14.66 12.15
N PRO C 327 28.82 -13.55 11.41
CA PRO C 327 29.58 -12.33 11.69
C PRO C 327 29.35 -11.82 13.10
N LYS C 328 30.40 -11.26 13.71
CA LYS C 328 30.27 -10.57 14.96
C LYS C 328 29.73 -9.18 14.62
N LEU C 329 28.52 -8.89 15.10
CA LEU C 329 27.78 -7.70 14.71
C LEU C 329 28.22 -6.47 15.49
N TRP C 330 28.22 -5.34 14.80
CA TRP C 330 28.56 -4.05 15.40
C TRP C 330 27.31 -3.41 15.99
N SER C 331 27.47 -2.87 17.19
CA SER C 331 26.48 -1.98 17.81
C SER C 331 27.19 -1.08 18.81
N ALA C 332 26.47 -0.10 19.36
CA ALA C 332 27.02 0.74 20.42
C ALA C 332 27.28 -0.09 21.67
N GLU C 333 26.53 -1.18 21.82
CA GLU C 333 26.66 -2.04 23.01
C GLU C 333 27.92 -2.86 22.90
N ILE C 334 28.15 -3.45 21.74
CA ILE C 334 29.36 -4.22 21.46
C ILE C 334 29.88 -3.81 20.08
N PRO C 335 30.89 -2.90 20.05
CA PRO C 335 31.38 -2.41 18.76
C PRO C 335 32.42 -3.33 18.10
N ASN C 336 32.02 -4.57 17.80
CA ASN C 336 32.82 -5.51 17.03
C ASN C 336 33.20 -4.92 15.69
N LEU C 337 34.48 -4.99 15.38
CA LEU C 337 35.01 -4.44 14.14
C LEU C 337 35.89 -5.46 13.44
N TYR C 338 35.74 -5.51 12.12
CA TYR C 338 36.62 -6.23 11.24
C TYR C 338 37.48 -5.20 10.52
N ARG C 339 38.56 -5.64 9.90
CA ARG C 339 39.40 -4.78 9.09
C ARG C 339 39.29 -5.22 7.63
N ALA C 340 38.95 -4.29 6.75
CA ALA C 340 38.94 -4.58 5.32
C ALA C 340 40.18 -3.93 4.72
N VAL C 341 40.96 -4.73 4.01
CA VAL C 341 42.17 -4.23 3.35
C VAL C 341 41.98 -4.36 1.84
N VAL C 342 42.09 -3.22 1.15
CA VAL C 342 41.94 -3.16 -0.30
C VAL C 342 43.34 -3.00 -0.93
N GLU C 343 43.71 -3.98 -1.74
CA GLU C 343 45.02 -4.00 -2.37
C GLU C 343 44.89 -3.85 -3.88
N LEU C 344 45.62 -2.89 -4.44
CA LEU C 344 45.83 -2.78 -5.85
C LEU C 344 47.20 -3.39 -6.14
N HIS C 345 47.22 -4.40 -7.01
CA HIS C 345 48.45 -5.15 -7.28
C HIS C 345 48.48 -5.71 -8.70
N THR C 346 49.64 -6.25 -9.11
CA THR C 346 49.72 -6.94 -10.40
C THR C 346 49.38 -8.43 -10.22
N ALA C 347 49.08 -9.10 -11.33
CA ALA C 347 48.80 -10.53 -11.33
C ALA C 347 49.96 -11.37 -10.76
N ASP C 348 51.20 -10.92 -10.98
CA ASP C 348 52.38 -11.62 -10.48
C ASP C 348 52.62 -11.43 -8.98
N GLY C 349 51.83 -10.56 -8.35
CA GLY C 349 51.85 -10.39 -6.89
C GLY C 349 52.58 -9.18 -6.35
N THR C 350 52.91 -8.23 -7.21
CA THR C 350 53.56 -7.00 -6.80
C THR C 350 52.52 -5.98 -6.34
N LEU C 351 52.59 -5.57 -5.07
CA LEU C 351 51.70 -4.55 -4.51
C LEU C 351 51.98 -3.19 -5.11
N ILE C 352 50.92 -2.53 -5.56
CA ILE C 352 51.03 -1.14 -6.01
C ILE C 352 50.71 -0.22 -4.84
N GLU C 353 49.54 -0.41 -4.21
CA GLU C 353 49.18 0.28 -2.98
C GLU C 353 48.05 -0.40 -2.23
N ALA C 354 47.93 -0.09 -0.94
CA ALA C 354 46.84 -0.60 -0.14
C ALA C 354 46.08 0.52 0.56
N GLU C 355 44.75 0.39 0.57
CA GLU C 355 43.90 1.24 1.40
C GLU C 355 43.13 0.31 2.33
N ALA C 356 42.53 0.86 3.38
CA ALA C 356 41.86 0.02 4.39
C ALA C 356 40.79 0.81 5.15
N CYS C 357 39.91 0.11 5.85
CA CYS C 357 38.97 0.74 6.78
C CYS C 357 38.48 -0.26 7.82
N ASP C 358 37.93 0.27 8.91
CA ASP C 358 37.24 -0.56 9.89
C ASP C 358 35.84 -0.85 9.36
N VAL C 359 35.41 -2.11 9.51
CA VAL C 359 34.11 -2.54 9.03
C VAL C 359 33.28 -2.99 10.22
N GLY C 360 32.07 -2.46 10.32
CA GLY C 360 31.14 -2.90 11.34
C GLY C 360 29.96 -3.55 10.66
N PHE C 361 29.77 -4.83 10.95
CA PHE C 361 28.62 -5.56 10.43
C PHE C 361 27.35 -5.16 11.17
N ARG C 362 26.56 -4.31 10.54
CA ARG C 362 25.26 -3.91 11.08
C ARG C 362 24.33 -3.47 9.97
N GLU C 363 23.04 -3.66 10.23
CA GLU C 363 21.98 -3.28 9.31
C GLU C 363 21.12 -2.20 9.95
N VAL C 364 20.89 -1.13 9.20
CA VAL C 364 20.00 -0.07 9.65
C VAL C 364 18.82 -0.04 8.70
N ARG C 365 17.62 -0.22 9.25
CA ARG C 365 16.42 -0.13 8.45
C ARG C 365 15.22 0.36 9.26
N ILE C 366 14.28 0.97 8.55
CA ILE C 366 13.00 1.33 9.13
C ILE C 366 11.96 0.34 8.64
N GLU C 367 11.31 -0.32 9.58
CA GLU C 367 10.30 -1.31 9.25
C GLU C 367 9.10 -1.19 10.18
N ASN C 368 7.91 -1.11 9.59
CA ASN C 368 6.66 -1.01 10.33
C ASN C 368 6.67 0.20 11.28
N GLY C 369 7.34 1.27 10.85
CA GLY C 369 7.44 2.50 11.62
C GLY C 369 8.47 2.52 12.73
N LEU C 370 9.35 1.52 12.76
CA LEU C 370 10.41 1.44 13.78
C LEU C 370 11.80 1.46 13.15
N LEU C 371 12.72 2.21 13.77
CA LEU C 371 14.12 2.18 13.38
C LEU C 371 14.82 0.98 14.02
N LEU C 372 15.29 0.06 13.18
CA LEU C 372 15.92 -1.17 13.65
C LEU C 372 17.40 -1.14 13.39
N LEU C 373 18.16 -1.60 14.36
CA LEU C 373 19.56 -1.90 14.14
C LEU C 373 19.74 -3.40 14.36
N ASN C 374 20.20 -4.10 13.34
CA ASN C 374 20.37 -5.55 13.41
C ASN C 374 19.07 -6.23 13.86
N GLY C 375 17.96 -5.70 13.36
CA GLY C 375 16.64 -6.29 13.58
C GLY C 375 15.91 -5.89 14.85
N LYS C 376 16.57 -5.09 15.69
CA LYS C 376 16.00 -4.69 16.99
C LYS C 376 15.75 -3.19 17.07
N PRO C 377 14.63 -2.78 17.70
CA PRO C 377 14.32 -1.35 17.80
C PRO C 377 15.28 -0.63 18.74
N LEU C 378 15.89 0.43 18.22
CA LEU C 378 16.81 1.26 18.98
C LEU C 378 16.08 2.16 19.95
N LEU C 379 16.74 2.47 21.05
CA LEU C 379 16.31 3.56 21.92
C LEU C 379 17.50 4.50 21.99
N ILE C 380 17.33 5.65 21.35
CA ILE C 380 18.40 6.61 21.15
C ILE C 380 18.57 7.46 22.41
N ARG C 381 19.66 7.22 23.12
CA ARG C 381 20.04 8.03 24.28
C ARG C 381 21.09 8.98 23.74
N GLY C 382 20.63 10.02 23.06
CA GLY C 382 21.52 10.84 22.26
C GLY C 382 21.77 12.23 22.80
N VAL C 383 22.76 12.91 22.21
CA VAL C 383 23.08 14.27 22.55
C VAL C 383 23.66 14.95 21.31
N ASN C 384 23.35 16.24 21.14
CA ASN C 384 24.00 17.05 20.12
C ASN C 384 25.36 17.50 20.62
N ARG C 385 26.36 17.50 19.75
CA ARG C 385 27.70 17.90 20.13
C ARG C 385 28.37 18.75 19.05
N HIS C 386 28.62 20.02 19.40
CA HIS C 386 29.44 20.92 18.62
C HIS C 386 30.91 20.64 18.88
N GLU C 387 31.76 20.97 17.92
CA GLU C 387 33.20 20.88 18.10
C GLU C 387 33.70 22.16 18.76
N HIS C 388 33.85 22.11 20.07
CA HIS C 388 34.21 23.30 20.82
C HIS C 388 35.22 23.03 21.92
N HIS C 389 36.25 23.87 21.96
CA HIS C 389 37.27 23.88 23.01
C HIS C 389 37.42 25.32 23.53
N PRO C 390 37.37 25.53 24.87
CA PRO C 390 37.37 26.90 25.40
C PRO C 390 38.68 27.65 25.15
N LEU C 391 39.78 26.93 24.93
CA LEU C 391 41.05 27.55 24.64
C LEU C 391 41.32 27.61 23.14
N HIS C 392 40.98 26.53 22.43
CA HIS C 392 41.36 26.41 21.01
C HIS C 392 40.26 26.73 20.00
N GLY C 393 39.07 27.07 20.51
CA GLY C 393 37.97 27.50 19.68
C GLY C 393 37.32 26.31 19.02
N GLN C 394 37.48 26.21 17.70
CA GLN C 394 36.82 25.17 16.94
C GLN C 394 37.76 24.08 16.43
N VAL C 395 39.01 24.16 16.89
CA VAL C 395 40.02 23.16 16.66
C VAL C 395 39.77 21.99 17.60
N MET C 396 39.59 20.80 17.02
CA MET C 396 39.42 19.56 17.79
C MET C 396 40.70 18.74 17.87
N ASP C 397 40.91 18.10 19.02
CA ASP C 397 42.05 17.21 19.22
C ASP C 397 41.58 15.86 19.74
N GLU C 398 42.42 14.84 19.58
CA GLU C 398 42.09 13.47 19.97
C GLU C 398 41.72 13.34 21.45
N GLN C 399 42.51 13.96 22.33
CA GLN C 399 42.29 13.86 23.78
C GLN C 399 40.93 14.40 24.22
N THR C 400 40.53 15.55 23.68
CA THR C 400 39.19 16.13 23.94
C THR C 400 38.08 15.22 23.42
N MET C 401 38.26 14.71 22.21
CA MET C 401 37.32 13.77 21.60
C MET C 401 37.13 12.53 22.45
N VAL C 402 38.24 11.93 22.88
CA VAL C 402 38.19 10.75 23.74
C VAL C 402 37.50 11.09 25.07
N GLN C 403 37.89 12.20 25.67
CA GLN C 403 37.30 12.63 26.94
C GLN C 403 35.78 12.76 26.81
N ASP C 404 35.33 13.34 25.68
CA ASP C 404 33.90 13.50 25.41
C ASP C 404 33.19 12.15 25.29
N ILE C 405 33.75 11.25 24.48
CA ILE C 405 33.17 9.92 24.28
C ILE C 405 33.07 9.14 25.59
N LEU C 406 34.13 9.15 26.38
CA LEU C 406 34.14 8.40 27.63
C LEU C 406 33.08 8.94 28.58
N LEU C 407 33.03 10.25 28.74
CA LEU C 407 32.01 10.90 29.56
C LEU C 407 30.59 10.63 29.08
N MET C 408 30.38 10.61 27.76
CA MET C 408 29.05 10.32 27.20
C MET C 408 28.60 8.90 27.54
N LYS C 409 29.51 7.93 27.34
CA LYS C 409 29.21 6.53 27.60
C LYS C 409 29.08 6.24 29.09
N GLN C 410 29.92 6.87 29.91
CA GLN C 410 29.79 6.78 31.36
C GLN C 410 28.46 7.32 31.86
N ASN C 411 27.83 8.20 31.07
CA ASN C 411 26.55 8.80 31.44
C ASN C 411 25.39 8.28 30.61
N ASN C 412 25.54 7.05 30.11
CA ASN C 412 24.47 6.27 29.49
C ASN C 412 23.94 6.82 28.16
N PHE C 413 24.78 7.58 27.47
CA PHE C 413 24.50 7.97 26.08
C PHE C 413 25.00 6.89 25.14
N ASN C 414 24.30 6.72 24.01
CA ASN C 414 24.69 5.75 23.01
C ASN C 414 24.71 6.36 21.60
N ALA C 415 24.39 7.65 21.50
CA ALA C 415 24.28 8.29 20.21
C ALA C 415 24.67 9.76 20.24
N VAL C 416 25.15 10.24 19.11
CA VAL C 416 25.58 11.63 18.99
C VAL C 416 25.14 12.24 17.64
N ARG C 417 24.64 13.47 17.68
CA ARG C 417 24.33 14.19 16.44
C ARG C 417 25.42 15.20 16.17
N CYS C 418 25.92 15.21 14.93
CA CYS C 418 26.96 16.16 14.50
C CYS C 418 26.35 17.50 14.13
N SER C 419 25.84 18.19 15.14
CA SER C 419 25.27 19.52 14.97
C SER C 419 26.36 20.54 14.65
N HIS C 420 26.29 21.24 13.51
CA HIS C 420 25.41 20.92 12.39
C HIS C 420 26.27 20.90 11.14
N TYR C 421 27.17 19.93 11.07
CA TYR C 421 28.21 19.89 10.05
C TYR C 421 29.00 18.60 10.17
N PRO C 422 29.68 18.18 9.09
CA PRO C 422 30.54 17.02 9.23
C PRO C 422 31.70 17.29 10.19
N ASN C 423 32.06 16.31 11.00
CA ASN C 423 33.11 16.47 12.00
C ASN C 423 34.51 16.16 11.47
N HIS C 424 35.50 16.49 12.29
CA HIS C 424 36.89 16.03 12.13
C HIS C 424 36.87 14.54 11.84
N PRO C 425 37.66 14.07 10.86
CA PRO C 425 37.61 12.66 10.45
C PRO C 425 37.84 11.66 11.60
N LEU C 426 38.65 12.03 12.58
CA LEU C 426 38.96 11.13 13.71
C LEU C 426 37.73 10.77 14.54
N TRP C 427 36.77 11.70 14.58
CA TRP C 427 35.57 11.51 15.38
C TRP C 427 34.83 10.22 15.05
N TYR C 428 34.68 9.95 13.75
CA TYR C 428 33.96 8.77 13.25
C TYR C 428 34.76 7.51 13.54
N THR C 429 36.08 7.60 13.45
CA THR C 429 36.94 6.48 13.81
C THR C 429 36.76 6.11 15.29
N LEU C 430 36.70 7.12 16.16
CA LEU C 430 36.48 6.87 17.60
C LEU C 430 35.09 6.33 17.92
N CYS C 431 34.06 6.87 17.24
CA CYS C 431 32.70 6.33 17.41
C CYS C 431 32.55 4.89 16.88
N ASP C 432 33.26 4.56 15.79
CA ASP C 432 33.32 3.18 15.29
C ASP C 432 33.84 2.25 16.41
N ARG C 433 34.96 2.64 17.02
CA ARG C 433 35.69 1.78 17.94
C ARG C 433 35.16 1.76 19.37
N TYR C 434 34.70 2.91 19.87
CA TYR C 434 34.08 2.99 21.22
C TYR C 434 32.60 2.59 21.22
N GLY C 435 31.94 2.76 20.09
CA GLY C 435 30.55 2.38 19.97
C GLY C 435 29.61 3.51 20.37
N LEU C 436 29.33 4.37 19.39
CA LEU C 436 28.26 5.38 19.46
C LEU C 436 27.59 5.45 18.11
N TYR C 437 26.27 5.54 18.13
CA TYR C 437 25.50 5.82 16.92
C TYR C 437 25.67 7.28 16.53
N VAL C 438 25.95 7.54 15.26
CA VAL C 438 26.19 8.91 14.78
C VAL C 438 25.15 9.35 13.76
N VAL C 439 24.61 10.56 13.95
CA VAL C 439 23.91 11.26 12.88
C VAL C 439 24.91 12.21 12.22
N ASP C 440 25.25 11.94 10.97
CA ASP C 440 26.20 12.76 10.23
C ASP C 440 25.41 13.76 9.41
N GLU C 441 25.71 15.04 9.61
CA GLU C 441 24.86 16.12 9.13
C GLU C 441 25.60 17.04 8.17
N ALA C 442 24.97 17.39 7.04
CA ALA C 442 25.58 18.30 6.09
C ALA C 442 25.73 19.71 6.66
N ASN C 443 26.81 20.38 6.29
CA ASN C 443 27.06 21.75 6.70
C ASN C 443 26.14 22.75 5.94
N ILE C 444 24.84 22.66 6.21
CA ILE C 444 23.86 23.60 5.63
C ILE C 444 22.89 24.14 6.67
N GLU C 445 23.06 25.43 7.01
CA GLU C 445 22.11 26.13 7.87
C GLU C 445 21.92 27.56 7.44
N THR C 446 20.67 27.90 7.08
CA THR C 446 20.32 29.22 6.59
C THR C 446 19.24 29.89 7.46
N HIS C 447 19.37 29.69 8.77
CA HIS C 447 18.39 30.13 9.77
C HIS C 447 17.95 31.59 9.63
N GLY C 448 18.92 32.47 9.37
CA GLY C 448 18.65 33.91 9.33
C GLY C 448 17.97 34.44 8.08
N MET C 449 17.66 33.55 7.13
CA MET C 449 16.93 33.97 5.92
C MET C 449 15.48 34.22 6.27
N VAL C 450 14.81 35.08 5.49
CA VAL C 450 13.38 35.32 5.63
C VAL C 450 12.71 35.13 4.28
N PRO C 451 11.86 34.10 4.14
CA PRO C 451 11.62 33.01 5.10
C PRO C 451 12.80 32.05 5.14
N MET C 452 12.75 31.04 6.02
CA MET C 452 13.93 30.20 6.27
C MET C 452 14.42 29.44 5.03
N ASN C 453 13.50 29.12 4.11
CA ASN C 453 13.84 28.36 2.91
C ASN C 453 14.13 29.22 1.69
N ARG C 454 14.43 30.51 1.88
CA ARG C 454 14.63 31.40 0.73
C ARG C 454 15.71 30.88 -0.20
N LEU C 455 16.78 30.31 0.35
CA LEU C 455 17.87 29.77 -0.46
C LEU C 455 17.63 28.31 -0.85
N THR C 456 17.12 27.51 0.10
CA THR C 456 16.97 26.08 -0.11
C THR C 456 15.84 25.74 -1.08
N ASP C 457 14.99 26.71 -1.40
CA ASP C 457 13.96 26.50 -2.43
C ASP C 457 14.37 27.07 -3.79
N ASP C 458 15.56 27.66 -3.85
CA ASP C 458 16.05 28.38 -5.01
C ASP C 458 17.04 27.49 -5.76
N PRO C 459 16.71 27.15 -7.02
CA PRO C 459 17.53 26.27 -7.84
C PRO C 459 18.96 26.77 -8.04
N ARG C 460 19.18 28.08 -8.00
CA ARG C 460 20.52 28.64 -8.15
C ARG C 460 21.45 28.21 -7.01
N TRP C 461 20.87 27.89 -5.84
CA TRP C 461 21.65 27.46 -4.69
C TRP C 461 21.75 25.94 -4.57
N LEU C 462 21.12 25.22 -5.49
CA LEU C 462 21.19 23.76 -5.50
C LEU C 462 22.63 23.26 -5.61
N PRO C 463 23.43 23.78 -6.58
CA PRO C 463 24.79 23.28 -6.72
C PRO C 463 25.64 23.35 -5.46
N ALA C 464 25.62 24.51 -4.78
CA ALA C 464 26.37 24.69 -3.54
C ALA C 464 25.86 23.77 -2.43
N MET C 465 24.55 23.59 -2.36
CA MET C 465 23.96 22.68 -1.37
C MET C 465 24.30 21.23 -1.64
N SER C 466 24.21 20.83 -2.91
CA SER C 466 24.48 19.45 -3.29
C SER C 466 25.89 19.01 -2.87
N GLU C 467 26.88 19.88 -3.04
CA GLU C 467 28.27 19.54 -2.68
C GLU C 467 28.46 19.34 -1.18
N ARG C 468 27.66 20.04 -0.38
CA ARG C 468 27.74 19.88 1.07
C ARG C 468 27.16 18.56 1.52
N VAL C 469 26.17 18.06 0.77
CA VAL C 469 25.59 16.73 0.98
C VAL C 469 26.45 15.62 0.35
N THR C 470 26.72 15.73 -0.94
CA THR C 470 27.36 14.65 -1.71
C THR C 470 28.78 14.33 -1.23
N ARG C 471 29.54 15.37 -0.91
CA ARG C 471 30.91 15.20 -0.46
C ARG C 471 31.01 14.68 0.96
N MET C 472 29.95 14.89 1.75
CA MET C 472 29.85 14.27 3.07
C MET C 472 29.66 12.77 2.94
N VAL C 473 28.66 12.37 2.16
CA VAL C 473 28.39 10.95 1.89
C VAL C 473 29.62 10.24 1.30
N GLN C 474 30.29 10.86 0.33
CA GLN C 474 31.48 10.28 -0.27
C GLN C 474 32.62 10.12 0.73
N ARG C 475 32.68 11.01 1.73
CA ARG C 475 33.73 10.92 2.72
C ARG C 475 33.45 9.84 3.77
N ASP C 476 32.21 9.79 4.25
CA ASP C 476 31.91 9.09 5.52
C ASP C 476 31.12 7.78 5.41
N ARG C 477 30.73 7.41 4.19
CA ARG C 477 29.83 6.27 3.96
C ARG C 477 30.34 4.90 4.43
N ASN C 478 31.65 4.77 4.65
CA ASN C 478 32.19 3.50 5.10
C ASN C 478 32.22 3.34 6.62
N HIS C 479 31.91 4.39 7.36
CA HIS C 479 31.94 4.35 8.83
C HIS C 479 30.69 3.66 9.38
N PRO C 480 30.86 2.51 10.06
CA PRO C 480 29.73 1.83 10.69
C PRO C 480 28.97 2.67 11.72
N SER C 481 29.68 3.58 12.40
CA SER C 481 29.08 4.41 13.46
C SER C 481 28.00 5.37 12.92
N VAL C 482 28.15 5.79 11.66
CA VAL C 482 27.14 6.60 10.99
C VAL C 482 25.96 5.71 10.62
N ILE C 483 24.80 6.01 11.20
CA ILE C 483 23.62 5.19 10.96
C ILE C 483 22.51 5.98 10.27
N ILE C 484 22.57 7.31 10.35
CA ILE C 484 21.58 8.21 9.75
C ILE C 484 22.27 9.40 9.07
N TRP C 485 21.82 9.75 7.86
CA TRP C 485 22.26 10.98 7.20
C TRP C 485 21.26 12.11 7.51
N SER C 486 21.78 13.31 7.76
CA SER C 486 20.94 14.51 7.90
C SER C 486 21.27 15.57 6.86
N LEU C 487 20.24 16.23 6.35
CA LEU C 487 20.35 17.21 5.26
C LEU C 487 20.81 18.58 5.70
N GLY C 488 21.08 18.74 7.00
CA GLY C 488 21.44 20.03 7.57
C GLY C 488 20.52 20.41 8.71
N ASN C 489 20.43 21.70 8.98
CA ASN C 489 19.66 22.20 10.11
C ASN C 489 19.06 23.55 9.78
N GLU C 490 17.82 23.74 10.23
CA GLU C 490 17.19 25.06 10.22
C GLU C 490 17.39 25.83 8.93
N SER C 491 16.93 25.23 7.83
CA SER C 491 16.98 25.88 6.51
C SER C 491 15.62 25.79 5.82
N GLY C 492 14.55 25.81 6.62
CA GLY C 492 13.19 25.61 6.13
C GLY C 492 13.07 24.30 5.37
N HIS C 493 12.06 24.19 4.53
CA HIS C 493 11.96 23.07 3.62
C HIS C 493 11.85 23.57 2.18
N GLY C 494 12.88 23.31 1.39
CA GLY C 494 12.87 23.72 -0.02
C GLY C 494 13.00 22.53 -0.95
N ALA C 495 12.76 22.79 -2.24
CA ALA C 495 12.83 21.74 -3.27
C ALA C 495 14.22 21.10 -3.36
N ASN C 496 15.26 21.88 -3.08
CA ASN C 496 16.63 21.38 -3.00
C ASN C 496 16.81 20.26 -1.96
N HIS C 497 16.06 20.35 -0.86
CA HIS C 497 16.05 19.30 0.15
C HIS C 497 15.48 17.99 -0.41
N ASP C 498 14.36 18.09 -1.12
CA ASP C 498 13.75 16.91 -1.75
C ASP C 498 14.70 16.24 -2.75
N ALA C 499 15.35 17.04 -3.57
CA ALA C 499 16.31 16.55 -4.56
C ALA C 499 17.47 15.82 -3.88
N LEU C 500 18.01 16.40 -2.82
CA LEU C 500 19.18 15.83 -2.16
C LEU C 500 18.80 14.65 -1.29
N TYR C 501 17.61 14.70 -0.72
CA TYR C 501 17.06 13.56 -0.02
C TYR C 501 17.06 12.36 -0.97
N ARG C 502 16.51 12.55 -2.17
CA ARG C 502 16.42 11.44 -3.11
C ARG C 502 17.80 10.98 -3.56
N TRP C 503 18.73 11.93 -3.76
CA TRP C 503 20.10 11.59 -4.14
C TRP C 503 20.69 10.58 -3.16
N ILE C 504 20.62 10.89 -1.86
CA ILE C 504 21.16 9.99 -0.83
C ILE C 504 20.46 8.63 -0.85
N LYS C 505 19.13 8.63 -0.90
CA LYS C 505 18.37 7.38 -0.93
C LYS C 505 18.80 6.50 -2.10
N SER C 506 19.15 7.15 -3.20
CA SER C 506 19.58 6.45 -4.41
C SER C 506 21.01 5.91 -4.28
N VAL C 507 21.95 6.72 -3.81
CA VAL C 507 23.37 6.29 -3.72
C VAL C 507 23.70 5.40 -2.51
N ASP C 508 22.93 5.52 -1.43
CA ASP C 508 23.17 4.76 -0.21
C ASP C 508 21.89 4.31 0.48
N PRO C 509 21.35 3.14 0.07
CA PRO C 509 20.12 2.63 0.68
C PRO C 509 20.30 2.13 2.12
N SER C 510 21.55 2.10 2.60
CA SER C 510 21.86 1.42 3.86
C SER C 510 21.51 2.24 5.10
N ARG C 511 21.20 3.53 4.91
CA ARG C 511 20.95 4.46 6.01
C ARG C 511 19.73 5.34 5.77
N PRO C 512 18.89 5.53 6.81
CA PRO C 512 17.80 6.50 6.72
C PRO C 512 18.31 7.92 6.52
N VAL C 513 17.45 8.79 6.00
CA VAL C 513 17.75 10.21 5.85
C VAL C 513 16.75 10.98 6.69
N GLN C 514 17.24 11.94 7.47
CA GLN C 514 16.35 12.81 8.23
C GLN C 514 16.69 14.28 8.01
N TYR C 515 15.73 15.13 8.35
CA TYR C 515 15.87 16.57 8.24
C TYR C 515 14.66 17.22 8.91
N GLU C 516 14.93 18.15 9.82
CA GLU C 516 13.88 18.74 10.67
C GLU C 516 13.13 19.90 10.03
N GLY C 517 13.80 20.66 9.16
CA GLY C 517 13.24 21.91 8.62
C GLY C 517 11.85 21.75 8.04
N GLY C 518 11.08 22.84 8.08
CA GLY C 518 9.74 22.88 7.49
C GLY C 518 8.69 22.06 8.22
N GLY C 519 8.91 21.78 9.49
CA GLY C 519 7.90 21.11 10.30
C GLY C 519 8.19 19.68 10.77
N ALA C 520 9.43 19.22 10.57
CA ALA C 520 9.94 17.96 11.13
C ALA C 520 9.37 16.66 10.56
N ASP C 521 8.36 16.77 9.70
CA ASP C 521 7.67 15.59 9.17
C ASP C 521 7.40 15.71 7.67
N THR C 522 8.25 16.47 6.98
CA THR C 522 8.12 16.66 5.53
C THR C 522 8.50 15.41 4.72
N THR C 523 8.40 15.56 3.41
CA THR C 523 8.76 14.53 2.43
C THR C 523 10.26 14.34 2.34
N ALA C 524 11.02 15.22 2.98
CA ALA C 524 12.48 15.11 3.00
C ALA C 524 13.03 14.41 4.26
N THR C 525 12.19 13.63 4.95
CA THR C 525 12.66 12.92 6.15
C THR C 525 12.00 11.56 6.39
N ASP C 526 12.82 10.55 6.69
CA ASP C 526 12.35 9.19 7.01
C ASP C 526 11.94 9.05 8.45
N ILE C 527 12.29 10.06 9.25
CA ILE C 527 12.07 10.03 10.69
C ILE C 527 11.42 11.35 11.06
N ILE C 528 10.32 11.30 11.83
CA ILE C 528 9.77 12.53 12.40
C ILE C 528 10.77 13.02 13.44
N CYS C 529 11.38 14.19 13.21
CA CYS C 529 12.53 14.58 14.03
C CYS C 529 12.42 16.02 14.55
N PRO C 530 11.38 16.29 15.36
CA PRO C 530 11.18 17.67 15.82
C PRO C 530 12.25 18.12 16.79
N MET C 531 12.34 19.43 16.96
CA MET C 531 13.17 19.98 18.01
C MET C 531 12.26 20.63 19.04
N TYR C 532 12.43 20.22 20.30
CA TYR C 532 11.71 20.80 21.46
C TYR C 532 10.19 20.64 21.37
N ALA C 533 9.73 19.59 20.70
CA ALA C 533 8.33 19.20 20.85
C ALA C 533 8.22 18.62 22.26
N ARG C 534 7.10 18.93 22.93
CA ARG C 534 6.88 18.51 24.32
C ARG C 534 6.19 17.14 24.41
N VAL C 535 6.18 16.55 25.60
CA VAL C 535 5.65 15.20 25.78
C VAL C 535 4.13 15.18 25.61
N ASP C 536 3.45 16.08 26.33
CA ASP C 536 1.98 16.09 26.38
C ASP C 536 1.39 17.35 25.78
N GLU C 537 2.17 18.43 25.78
CA GLU C 537 1.66 19.74 25.38
C GLU C 537 1.90 20.04 23.89
N ASP C 538 0.83 20.38 23.16
CA ASP C 538 0.93 20.89 21.80
C ASP C 538 1.43 22.32 21.80
N GLN C 539 2.19 22.68 20.77
CA GLN C 539 2.53 24.06 20.49
C GLN C 539 2.14 24.31 19.04
N PRO C 540 0.89 24.76 18.82
CA PRO C 540 0.33 24.82 17.47
C PRO C 540 0.74 26.08 16.68
N PHE C 541 2.05 26.25 16.47
CA PHE C 541 2.57 27.31 15.60
C PHE C 541 2.04 27.16 14.18
N PRO C 542 1.61 28.28 13.55
CA PRO C 542 1.17 28.25 12.15
C PRO C 542 2.22 27.62 11.21
N ALA C 543 1.75 26.80 10.28
CA ALA C 543 2.59 26.15 9.25
C ALA C 543 3.62 25.12 9.76
N VAL C 544 4.23 25.40 10.91
CA VAL C 544 5.25 24.51 11.51
C VAL C 544 4.95 24.14 12.97
N PRO C 545 3.79 23.50 13.23
CA PRO C 545 3.44 23.20 14.62
C PRO C 545 4.39 22.19 15.25
N LYS C 546 4.54 22.27 16.57
CA LYS C 546 5.24 21.24 17.33
C LYS C 546 4.20 20.52 18.18
N TRP C 547 3.70 19.40 17.65
CA TRP C 547 2.72 18.61 18.38
C TRP C 547 3.38 17.91 19.55
N SER C 548 2.57 17.64 20.57
CA SER C 548 2.91 16.64 21.56
C SER C 548 3.49 15.43 20.80
N ILE C 549 4.59 14.89 21.29
CA ILE C 549 5.22 13.76 20.58
C ILE C 549 4.34 12.50 20.55
N LYS C 550 3.58 12.28 21.61
CA LYS C 550 2.66 11.13 21.64
C LYS C 550 1.56 11.31 20.61
N LYS C 551 1.07 12.55 20.48
CA LYS C 551 0.03 12.88 19.49
C LYS C 551 0.55 12.85 18.05
N TRP C 552 1.76 13.37 17.83
CA TRP C 552 2.37 13.42 16.48
C TRP C 552 2.38 12.04 15.82
N LEU C 553 2.72 11.02 16.60
CA LEU C 553 2.86 9.66 16.10
C LEU C 553 1.60 9.15 15.40
N SER C 554 0.44 9.54 15.93
CA SER C 554 -0.81 8.94 15.51
C SER C 554 -1.69 9.86 14.66
N LEU C 555 -1.12 10.98 14.22
CA LEU C 555 -1.82 11.85 13.27
C LEU C 555 -2.28 11.04 12.05
N PRO C 556 -3.45 11.38 11.48
CA PRO C 556 -3.97 10.62 10.35
C PRO C 556 -2.92 10.40 9.27
N GLY C 557 -2.63 9.14 8.95
CA GLY C 557 -1.70 8.79 7.89
C GLY C 557 -0.25 8.61 8.30
N GLU C 558 0.11 9.10 9.48
CA GLU C 558 1.50 9.05 9.95
C GLU C 558 1.91 7.64 10.38
N THR C 559 3.06 7.18 9.90
CA THR C 559 3.57 5.84 10.24
C THR C 559 5.03 5.82 10.68
N ARG C 560 5.72 6.94 10.51
CA ARG C 560 7.17 6.98 10.74
C ARG C 560 7.55 6.94 12.23
N PRO C 561 8.78 6.51 12.54
CA PRO C 561 9.26 6.65 13.92
C PRO C 561 9.56 8.09 14.25
N LEU C 562 9.50 8.43 15.53
CA LEU C 562 9.82 9.78 15.99
C LEU C 562 11.02 9.78 16.92
N ILE C 563 12.05 10.50 16.50
CA ILE C 563 13.25 10.69 17.31
C ILE C 563 13.55 12.18 17.29
N LEU C 564 13.52 12.83 18.46
CA LEU C 564 13.79 14.27 18.52
C LEU C 564 15.25 14.56 18.12
N CYS C 565 15.45 15.41 17.13
CA CYS C 565 16.83 15.78 16.77
C CYS C 565 17.44 16.68 17.84
N GLU C 566 16.58 17.39 18.57
CA GLU C 566 16.96 18.23 19.73
C GLU C 566 15.80 18.28 20.73
N TYR C 567 16.11 18.06 22.00
CA TYR C 567 15.14 18.22 23.09
C TYR C 567 15.89 18.48 24.40
N ALA C 568 15.14 18.85 25.44
CA ALA C 568 15.69 19.08 26.77
C ALA C 568 16.82 20.10 26.77
N HIS C 569 16.48 21.33 26.42
CA HIS C 569 17.46 22.39 26.30
C HIS C 569 18.19 22.64 27.63
N ALA C 570 19.47 22.28 27.67
CA ALA C 570 20.23 22.25 28.93
C ALA C 570 20.92 23.58 29.27
N MET C 571 20.25 24.68 29.01
CA MET C 571 20.82 25.99 29.26
C MET C 571 20.82 26.34 30.76
N GLY C 572 22.01 26.46 31.33
CA GLY C 572 22.14 26.80 32.74
C GLY C 572 21.45 25.80 33.64
N ASN C 573 20.65 26.30 34.57
CA ASN C 573 19.97 25.44 35.52
C ASN C 573 18.73 24.88 34.86
N SER C 574 18.88 23.71 34.25
CA SER C 574 17.84 23.21 33.36
C SER C 574 17.68 21.69 33.43
N LEU C 575 16.96 21.14 32.45
CA LEU C 575 16.61 19.71 32.35
C LEU C 575 15.44 19.32 33.26
N GLY C 576 14.65 20.31 33.65
CA GLY C 576 13.36 20.05 34.32
C GLY C 576 12.45 19.33 33.35
N GLY C 577 11.79 18.29 33.84
CA GLY C 577 10.88 17.50 33.01
C GLY C 577 11.56 16.45 32.16
N PHE C 578 12.86 16.23 32.38
CA PHE C 578 13.60 15.22 31.61
C PHE C 578 13.00 13.83 31.74
N ALA C 579 12.59 13.48 32.96
CA ALA C 579 11.98 12.18 33.24
C ALA C 579 10.66 11.93 32.49
N LYS C 580 9.93 13.00 32.21
CA LYS C 580 8.69 12.91 31.44
C LYS C 580 8.94 12.39 30.02
N TYR C 581 10.03 12.85 29.39
CA TYR C 581 10.46 12.34 28.09
C TYR C 581 10.77 10.84 28.12
N TRP C 582 11.59 10.42 29.07
CA TRP C 582 11.99 9.02 29.17
C TRP C 582 10.85 8.06 29.49
N GLN C 583 9.91 8.50 30.32
CA GLN C 583 8.70 7.70 30.56
C GLN C 583 7.96 7.43 29.24
N ALA C 584 7.83 8.45 28.40
CA ALA C 584 7.14 8.32 27.11
C ALA C 584 7.94 7.46 26.13
N PHE C 585 9.24 7.71 26.04
CA PHE C 585 10.11 6.88 25.19
C PHE C 585 9.94 5.40 25.53
N ARG C 586 9.88 5.08 26.82
CA ARG C 586 9.77 3.69 27.23
C ARG C 586 8.40 3.06 26.95
N GLN C 587 7.34 3.87 27.10
CA GLN C 587 5.98 3.38 26.91
C GLN C 587 5.58 3.21 25.43
N TYR C 588 6.00 4.15 24.59
CA TYR C 588 5.62 4.17 23.17
C TYR C 588 6.70 3.57 22.27
N PRO C 589 6.41 2.43 21.61
CA PRO C 589 7.40 1.82 20.73
C PRO C 589 7.98 2.79 19.69
N ARG C 590 7.12 3.60 19.06
CA ARG C 590 7.56 4.47 17.98
C ARG C 590 8.22 5.79 18.42
N LEU C 591 8.21 6.09 19.72
CA LEU C 591 9.05 7.14 20.27
C LEU C 591 10.38 6.50 20.64
N GLN C 592 11.37 6.68 19.76
CA GLN C 592 12.61 5.96 19.90
C GLN C 592 13.73 6.86 20.42
N GLY C 593 13.35 7.91 21.14
CA GLY C 593 14.30 8.72 21.90
C GLY C 593 14.59 10.07 21.28
N GLY C 594 15.82 10.54 21.45
CA GLY C 594 16.19 11.88 21.00
C GLY C 594 17.60 12.29 21.36
N PHE C 595 17.96 13.50 20.92
CA PHE C 595 19.30 14.05 21.16
C PHE C 595 19.17 15.32 22.01
N VAL C 596 19.67 15.25 23.24
CA VAL C 596 19.70 16.40 24.13
C VAL C 596 20.44 17.58 23.47
N TRP C 597 19.90 18.78 23.60
CA TRP C 597 20.67 19.98 23.25
C TRP C 597 21.21 20.67 24.50
N ASP C 598 22.52 20.69 24.73
CA ASP C 598 23.53 19.96 23.95
C ASP C 598 24.68 19.52 24.88
N TRP C 599 25.78 19.01 24.31
CA TRP C 599 26.85 18.43 25.13
C TRP C 599 27.65 19.42 25.98
N VAL C 600 28.28 20.40 25.34
CA VAL C 600 29.23 21.25 26.03
C VAL C 600 28.95 22.74 25.84
N ASP C 601 28.98 23.49 26.95
CA ASP C 601 28.91 24.96 26.93
C ASP C 601 29.90 25.53 25.93
N GLN C 602 29.44 26.44 25.06
CA GLN C 602 30.35 27.16 24.16
C GLN C 602 30.92 28.43 24.78
N SER C 603 31.44 28.32 26.00
CA SER C 603 32.16 29.44 26.59
C SER C 603 33.62 29.48 26.13
N LEU C 604 34.19 30.67 26.07
CA LEU C 604 35.58 30.87 25.68
C LEU C 604 36.36 31.50 26.82
N ILE C 605 37.64 31.18 26.91
CA ILE C 605 38.51 31.70 27.96
C ILE C 605 39.04 33.09 27.63
N LYS C 606 38.80 34.03 28.53
CA LYS C 606 39.46 35.34 28.51
C LYS C 606 40.29 35.53 29.78
N TYR C 607 41.15 36.53 29.78
CA TYR C 607 42.06 36.77 30.91
C TYR C 607 41.84 38.17 31.49
N ASP C 608 41.62 38.24 32.81
CA ASP C 608 41.48 39.53 33.51
C ASP C 608 42.85 40.16 33.83
N GLU C 609 42.83 41.32 34.49
CA GLU C 609 44.07 42.08 34.76
C GLU C 609 45.08 41.35 35.67
N ASN C 610 44.58 40.46 36.53
CA ASN C 610 45.44 39.59 37.34
C ASN C 610 45.92 38.34 36.57
N GLY C 611 45.67 38.32 35.26
CA GLY C 611 46.04 37.20 34.41
C GLY C 611 45.18 35.95 34.58
N ASN C 612 44.15 36.04 35.43
CA ASN C 612 43.28 34.91 35.74
C ASN C 612 42.30 34.58 34.62
N PRO C 613 42.20 33.29 34.24
CA PRO C 613 41.26 32.95 33.19
C PRO C 613 39.82 32.97 33.69
N TRP C 614 38.91 33.45 32.84
CA TRP C 614 37.49 33.39 33.15
C TRP C 614 36.66 33.01 31.92
N SER C 615 35.46 32.46 32.17
CA SER C 615 34.59 31.98 31.13
C SER C 615 33.75 33.10 30.52
N ALA C 616 33.89 33.25 29.21
CA ALA C 616 33.28 34.35 28.47
C ALA C 616 32.25 33.84 27.48
N TYR C 617 31.26 34.69 27.20
CA TYR C 617 30.22 34.37 26.23
C TYR C 617 29.99 35.53 25.27
N GLY C 618 28.87 35.51 24.54
CA GLY C 618 28.59 36.52 23.52
C GLY C 618 28.64 37.95 24.04
N GLY C 619 29.33 38.83 23.33
CA GLY C 619 29.44 40.22 23.72
C GLY C 619 30.73 40.55 24.46
N ASP C 620 31.37 39.53 25.01
CA ASP C 620 32.56 39.72 25.83
C ASP C 620 33.82 40.02 25.04
N PHE C 621 33.70 39.99 23.71
CA PHE C 621 34.82 40.26 22.81
C PHE C 621 34.61 41.53 21.99
N GLY C 622 33.60 42.32 22.36
CA GLY C 622 33.23 43.51 21.61
C GLY C 622 32.35 43.19 20.43
N ASP C 623 32.05 41.90 20.25
CA ASP C 623 31.18 41.41 19.18
C ASP C 623 29.76 41.94 19.36
N THR C 624 29.26 42.60 18.32
CA THR C 624 27.97 43.27 18.38
C THR C 624 27.39 43.43 16.97
N PRO C 625 26.10 43.08 16.79
CA PRO C 625 25.24 42.47 17.84
C PRO C 625 25.67 41.05 18.23
N ASN C 626 25.18 40.60 19.38
CA ASN C 626 25.46 39.25 19.89
C ASN C 626 24.24 38.72 20.64
N ASP C 627 24.25 37.42 20.93
CA ASP C 627 23.16 36.81 21.69
C ASP C 627 23.60 36.27 23.07
N ARG C 628 24.59 36.94 23.64
CA ARG C 628 24.96 36.80 25.06
C ARG C 628 25.18 35.36 25.50
N GLN C 629 24.54 34.94 26.59
CA GLN C 629 24.82 33.63 27.20
C GLN C 629 24.15 32.45 26.49
N PHE C 630 23.46 32.73 25.38
CA PHE C 630 22.73 31.71 24.65
C PHE C 630 23.62 30.68 23.93
N CYS C 631 24.93 30.91 23.92
CA CYS C 631 25.87 29.93 23.37
C CYS C 631 26.19 28.86 24.41
N MET C 632 25.64 28.99 25.61
CA MET C 632 25.94 28.04 26.66
C MET C 632 24.70 27.20 26.99
N ASN C 633 24.65 26.00 26.43
CA ASN C 633 23.49 25.11 26.53
C ASN C 633 23.88 23.70 26.92
N GLY C 634 25.12 23.54 27.38
CA GLY C 634 25.65 22.21 27.60
C GLY C 634 25.30 21.50 28.90
N LEU C 635 25.46 20.18 28.86
CA LEU C 635 25.37 19.32 30.03
C LEU C 635 26.68 19.38 30.81
N VAL C 636 27.75 19.82 30.16
CA VAL C 636 29.04 19.99 30.80
C VAL C 636 29.58 21.39 30.50
N PHE C 637 30.32 21.95 31.46
CA PHE C 637 31.09 23.18 31.29
C PHE C 637 32.12 22.98 30.16
N ALA C 638 32.66 24.07 29.61
CA ALA C 638 33.63 24.00 28.51
C ALA C 638 34.84 23.12 28.80
N ASP C 639 35.28 23.07 30.06
CA ASP C 639 36.41 22.22 30.44
C ASP C 639 35.97 20.80 30.78
N ARG C 640 34.71 20.48 30.46
CA ARG C 640 34.13 19.13 30.59
C ARG C 640 33.80 18.71 32.02
N THR C 641 33.88 19.63 32.97
CA THR C 641 33.30 19.43 34.29
C THR C 641 31.78 19.32 34.09
N PRO C 642 31.14 18.32 34.71
CA PRO C 642 29.68 18.17 34.60
C PRO C 642 28.86 19.29 35.27
N HIS C 643 27.77 19.68 34.61
CA HIS C 643 26.66 20.39 35.25
C HIS C 643 25.86 19.35 36.05
N PRO C 644 25.12 19.80 37.09
CA PRO C 644 24.22 18.89 37.81
C PRO C 644 23.25 18.10 36.92
N ALA C 645 22.81 18.72 35.83
CA ALA C 645 21.86 18.09 34.89
C ALA C 645 22.37 16.74 34.33
N LEU C 646 23.68 16.59 34.20
CA LEU C 646 24.28 15.38 33.65
C LEU C 646 23.86 14.11 34.37
N THR C 647 23.82 14.16 35.71
CA THR C 647 23.42 13.00 36.49
C THR C 647 21.95 12.63 36.30
N GLU C 648 21.11 13.63 36.03
CA GLU C 648 19.71 13.37 35.71
C GLU C 648 19.61 12.61 34.38
N ALA C 649 20.43 13.02 33.40
CA ALA C 649 20.48 12.36 32.10
C ALA C 649 20.95 10.92 32.27
N LYS C 650 22.03 10.72 33.05
CA LYS C 650 22.55 9.37 33.30
C LYS C 650 21.49 8.46 33.90
N HIS C 651 20.78 8.97 34.90
CA HIS C 651 19.77 8.19 35.60
C HIS C 651 18.62 7.80 34.67
N GLN C 652 18.11 8.75 33.90
CA GLN C 652 16.95 8.47 33.06
C GLN C 652 17.30 7.60 31.86
N GLN C 653 18.57 7.64 31.46
CA GLN C 653 19.07 6.86 30.32
C GLN C 653 19.60 5.48 30.72
N GLN C 654 19.33 5.09 31.97
CA GLN C 654 19.75 3.77 32.48
C GLN C 654 19.30 2.64 31.57
N PHE C 655 20.11 1.59 31.50
CA PHE C 655 19.84 0.43 30.65
C PHE C 655 19.21 -0.70 31.42
N PHE C 656 19.03 -0.51 32.73
CA PHE C 656 18.33 -1.47 33.55
C PHE C 656 17.15 -0.79 34.24
N GLN C 657 16.00 -1.47 34.20
CA GLN C 657 14.79 -1.00 34.86
C GLN C 657 14.48 -1.88 36.07
N PHE C 658 13.86 -1.28 37.08
CA PHE C 658 13.64 -1.95 38.36
C PHE C 658 12.19 -1.82 38.84
N ARG C 659 11.68 -2.92 39.38
CA ARG C 659 10.42 -2.90 40.13
C ARG C 659 10.60 -3.66 41.43
N LEU C 660 9.84 -3.27 42.45
CA LEU C 660 9.84 -3.94 43.74
C LEU C 660 8.45 -4.48 44.09
N SER C 661 8.40 -5.76 44.41
CA SER C 661 7.18 -6.40 44.96
C SER C 661 7.54 -7.19 46.21
N GLY C 662 7.20 -6.64 47.38
CA GLY C 662 7.51 -7.26 48.66
C GLY C 662 9.00 -7.37 48.90
N GLN C 663 9.50 -8.60 48.89
CA GLN C 663 10.92 -8.88 49.10
C GLN C 663 11.69 -9.02 47.78
N THR C 664 10.99 -8.83 46.67
CA THR C 664 11.52 -9.19 45.34
C THR C 664 11.82 -7.99 44.45
N ILE C 665 13.07 -7.90 44.02
CA ILE C 665 13.50 -6.93 43.02
C ILE C 665 13.49 -7.59 41.65
N GLU C 666 12.78 -6.96 40.71
CA GLU C 666 12.78 -7.38 39.32
C GLU C 666 13.69 -6.45 38.53
N VAL C 667 14.73 -7.01 37.91
CA VAL C 667 15.62 -6.22 37.06
C VAL C 667 15.32 -6.56 35.61
N THR C 668 15.03 -5.53 34.81
CA THR C 668 14.79 -5.72 33.38
C THR C 668 15.90 -5.05 32.59
N SER C 669 16.42 -5.77 31.60
CA SER C 669 17.49 -5.26 30.75
C SER C 669 16.91 -4.56 29.52
N GLU C 670 17.46 -3.39 29.23
CA GLU C 670 17.07 -2.66 28.03
C GLU C 670 18.12 -2.81 26.93
N TYR C 671 19.14 -3.61 27.20
CA TYR C 671 20.13 -3.92 26.16
C TYR C 671 19.46 -4.77 25.11
N LEU C 672 19.87 -4.57 23.85
CA LEU C 672 19.28 -5.28 22.73
C LEU C 672 20.13 -6.49 22.35
N PHE C 673 21.44 -6.41 22.59
CA PHE C 673 22.38 -7.40 22.09
C PHE C 673 23.22 -8.11 23.16
N ARG C 674 23.63 -7.39 24.19
CA ARG C 674 24.54 -7.96 25.18
C ARG C 674 23.85 -8.49 26.43
N HIS C 675 24.43 -9.57 26.98
CA HIS C 675 24.08 -10.08 28.30
C HIS C 675 24.76 -9.19 29.32
N SER C 676 24.27 -9.22 30.57
CA SER C 676 24.88 -8.43 31.61
C SER C 676 26.12 -9.14 32.18
N ASP C 677 27.17 -9.23 31.38
CA ASP C 677 28.36 -10.01 31.73
C ASP C 677 29.45 -9.19 32.44
N ASN C 678 29.11 -7.96 32.82
CA ASN C 678 29.98 -7.07 33.59
C ASN C 678 29.16 -6.22 34.57
N GLU C 679 28.29 -6.88 35.32
CA GLU C 679 27.35 -6.20 36.17
C GLU C 679 27.07 -6.99 37.44
N LEU C 680 27.08 -6.30 38.57
CA LEU C 680 26.48 -6.86 39.77
C LEU C 680 25.58 -5.85 40.46
N LEU C 681 24.56 -6.35 41.17
CA LEU C 681 23.65 -5.48 41.89
C LEU C 681 24.05 -5.36 43.37
N HIS C 682 24.33 -4.14 43.80
CA HIS C 682 24.51 -3.83 45.21
C HIS C 682 23.17 -3.30 45.74
N TRP C 683 22.73 -3.83 46.87
CA TRP C 683 21.55 -3.29 47.56
C TRP C 683 21.88 -2.85 48.97
N MET C 684 21.16 -1.85 49.47
CA MET C 684 21.41 -1.30 50.80
C MET C 684 20.11 -0.79 51.40
N VAL C 685 19.84 -1.22 52.64
CA VAL C 685 18.70 -0.71 53.40
C VAL C 685 19.21 0.16 54.54
N ALA C 686 18.64 1.36 54.66
CA ALA C 686 19.02 2.29 55.71
C ALA C 686 17.81 2.95 56.36
N LEU C 687 17.95 3.28 57.64
CA LEU C 687 16.91 3.98 58.36
C LEU C 687 17.37 5.41 58.56
N ASP C 688 16.71 6.34 57.87
CA ASP C 688 17.08 7.76 57.90
C ASP C 688 18.60 7.96 57.87
N GLY C 689 19.25 7.38 56.86
CA GLY C 689 20.69 7.54 56.67
C GLY C 689 21.59 6.50 57.33
N LYS C 690 21.07 5.79 58.33
CA LYS C 690 21.84 4.81 59.09
C LYS C 690 21.75 3.42 58.46
N PRO C 691 22.87 2.89 57.95
CA PRO C 691 22.83 1.59 57.30
C PRO C 691 22.40 0.48 58.24
N LEU C 692 21.52 -0.40 57.78
CA LEU C 692 21.05 -1.52 58.58
C LEU C 692 21.36 -2.88 57.94
N ALA C 693 21.44 -2.89 56.62
CA ALA C 693 21.73 -4.10 55.86
C ALA C 693 22.15 -3.75 54.43
N SER C 694 23.12 -4.50 53.92
CA SER C 694 23.57 -4.36 52.55
C SER C 694 24.02 -5.72 52.02
N GLY C 695 24.11 -5.83 50.70
CA GLY C 695 24.49 -7.07 50.05
C GLY C 695 24.77 -6.86 48.58
N GLU C 696 25.23 -7.93 47.92
CA GLU C 696 25.48 -7.90 46.49
C GLU C 696 25.06 -9.21 45.85
N VAL C 697 24.50 -9.11 44.64
CA VAL C 697 24.05 -10.26 43.87
C VAL C 697 24.50 -10.09 42.43
N PRO C 698 25.09 -11.13 41.82
CA PRO C 698 25.47 -11.04 40.42
C PRO C 698 24.26 -10.90 39.49
N LEU C 699 24.37 -10.01 38.50
CA LEU C 699 23.36 -9.86 37.46
C LEU C 699 23.65 -10.80 36.30
N ASP C 700 22.66 -11.61 35.95
CA ASP C 700 22.73 -12.50 34.80
C ASP C 700 21.43 -12.36 34.00
N VAL C 701 21.33 -11.23 33.27
CA VAL C 701 20.13 -10.90 32.50
C VAL C 701 20.42 -10.92 31.00
N ALA C 702 19.57 -11.59 30.24
CA ALA C 702 19.65 -11.60 28.79
C ALA C 702 19.17 -10.26 28.24
N PRO C 703 19.61 -9.88 27.01
CA PRO C 703 19.05 -8.66 26.42
C PRO C 703 17.54 -8.75 26.42
N GLN C 704 16.89 -7.69 26.88
CA GLN C 704 15.42 -7.61 26.99
C GLN C 704 14.84 -8.53 28.07
N GLY C 705 15.70 -9.31 28.72
CA GLY C 705 15.27 -10.30 29.69
C GLY C 705 15.07 -9.74 31.08
N LYS C 706 14.71 -10.61 32.01
CA LYS C 706 14.40 -10.22 33.39
C LYS C 706 15.06 -11.16 34.38
N GLN C 707 15.45 -10.62 35.54
CA GLN C 707 15.96 -11.41 36.64
C GLN C 707 15.21 -11.04 37.91
N LEU C 708 14.81 -12.05 38.70
CA LEU C 708 14.17 -11.84 39.99
C LEU C 708 15.17 -12.04 41.12
N ILE C 709 15.32 -11.02 41.96
CA ILE C 709 16.23 -11.09 43.10
C ILE C 709 15.45 -11.03 44.42
N GLU C 710 15.57 -12.10 45.21
CA GLU C 710 14.89 -12.21 46.48
C GLU C 710 15.78 -11.69 47.60
N LEU C 711 15.39 -10.57 48.19
CA LEU C 711 16.12 -10.02 49.34
C LEU C 711 15.89 -10.87 50.58
N PRO C 712 16.95 -11.09 51.39
CA PRO C 712 16.80 -11.83 52.66
C PRO C 712 15.88 -11.11 53.65
N GLU C 713 15.32 -11.87 54.59
CA GLU C 713 14.45 -11.29 55.62
C GLU C 713 15.18 -10.14 56.33
N LEU C 714 14.52 -8.98 56.39
CA LEU C 714 15.15 -7.76 56.89
C LEU C 714 14.89 -7.58 58.38
N PRO C 715 15.97 -7.38 59.17
CA PRO C 715 15.82 -7.18 60.62
C PRO C 715 14.96 -5.95 60.93
N GLN C 716 14.08 -6.09 61.94
CA GLN C 716 13.18 -5.01 62.32
C GLN C 716 13.95 -3.88 63.01
N PRO C 717 13.76 -2.64 62.54
CA PRO C 717 14.48 -1.48 63.08
C PRO C 717 14.04 -1.13 64.50
N GLU C 718 15.01 -0.71 65.32
CA GLU C 718 14.75 -0.32 66.71
C GLU C 718 14.03 1.03 66.76
N SER C 719 14.69 2.04 66.21
CA SER C 719 14.21 3.41 66.20
C SER C 719 12.99 3.62 65.28
N ALA C 720 12.25 4.70 65.50
CA ALA C 720 11.22 5.13 64.57
C ALA C 720 11.87 5.73 63.32
N GLY C 721 11.10 5.86 62.25
CA GLY C 721 11.58 6.48 61.02
C GLY C 721 11.25 5.74 59.75
N GLN C 722 11.82 6.21 58.63
CA GLN C 722 11.57 5.65 57.32
C GLN C 722 12.74 4.79 56.82
N LEU C 723 12.46 3.54 56.50
CA LEU C 723 13.43 2.66 55.84
C LEU C 723 13.45 2.94 54.34
N TRP C 724 14.64 3.07 53.79
CA TRP C 724 14.82 3.27 52.35
C TRP C 724 15.68 2.14 51.78
N LEU C 725 15.32 1.68 50.59
CA LEU C 725 16.11 0.70 49.86
C LEU C 725 16.76 1.36 48.63
N THR C 726 18.07 1.17 48.50
CA THR C 726 18.84 1.69 47.36
C THR C 726 19.51 0.51 46.68
N VAL C 727 19.28 0.38 45.38
CA VAL C 727 20.04 -0.56 44.57
C VAL C 727 20.90 0.21 43.58
N ARG C 728 22.10 -0.29 43.33
CA ARG C 728 22.93 0.23 42.27
C ARG C 728 23.58 -0.92 41.49
N VAL C 729 23.73 -0.71 40.19
CA VAL C 729 24.38 -1.66 39.32
C VAL C 729 25.83 -1.22 39.16
N VAL C 730 26.75 -2.14 39.46
CA VAL C 730 28.18 -1.85 39.45
C VAL C 730 28.85 -2.74 38.42
N GLN C 731 29.79 -2.16 37.67
CA GLN C 731 30.59 -2.89 36.70
C GLN C 731 31.94 -3.19 37.34
N PRO C 732 32.17 -4.46 37.76
CA PRO C 732 33.39 -4.83 38.50
C PRO C 732 34.66 -4.64 37.67
N ASN C 733 34.57 -4.87 36.37
CA ASN C 733 35.73 -4.81 35.47
C ASN C 733 35.79 -3.51 34.67
N ALA C 734 37.02 -3.05 34.43
CA ALA C 734 37.29 -1.92 33.56
C ALA C 734 36.91 -2.29 32.13
N THR C 735 36.51 -1.29 31.34
CA THR C 735 36.23 -1.47 29.93
C THR C 735 37.09 -0.45 29.18
N ALA C 736 36.87 -0.33 27.87
CA ALA C 736 37.54 0.70 27.06
C ALA C 736 37.06 2.10 27.46
N TRP C 737 35.85 2.17 28.02
CA TRP C 737 35.19 3.44 28.28
C TRP C 737 34.93 3.74 29.77
N SER C 738 35.20 2.78 30.65
CA SER C 738 34.92 2.95 32.10
C SER C 738 35.93 2.25 33.02
N GLU C 739 36.03 2.75 34.26
CA GLU C 739 36.90 2.18 35.29
C GLU C 739 36.22 1.04 36.01
N ALA C 740 37.02 0.25 36.73
CA ALA C 740 36.51 -0.79 37.62
C ALA C 740 35.63 -0.16 38.69
N GLY C 741 34.48 -0.78 38.95
CA GLY C 741 33.56 -0.27 39.98
C GLY C 741 32.63 0.83 39.51
N HIS C 742 32.61 1.10 38.20
CA HIS C 742 31.73 2.09 37.60
C HIS C 742 30.27 1.76 37.92
N ILE C 743 29.53 2.76 38.40
CA ILE C 743 28.10 2.63 38.67
C ILE C 743 27.30 3.09 37.43
N SER C 744 26.47 2.21 36.89
CA SER C 744 25.77 2.47 35.63
C SER C 744 24.27 2.75 35.80
N ALA C 745 23.73 2.39 36.95
CA ALA C 745 22.31 2.52 37.24
C ALA C 745 22.01 2.44 38.73
N TRP C 746 20.92 3.08 39.15
CA TRP C 746 20.46 3.04 40.53
C TRP C 746 18.97 3.33 40.62
N GLN C 747 18.40 3.03 41.79
CA GLN C 747 16.97 3.22 42.07
C GLN C 747 16.75 3.10 43.58
N GLN C 748 15.75 3.84 44.10
CA GLN C 748 15.39 3.84 45.51
C GLN C 748 13.91 3.61 45.73
N TRP C 749 13.56 2.95 46.82
CA TRP C 749 12.17 2.80 47.25
C TRP C 749 12.08 3.07 48.73
N ARG C 750 10.94 3.60 49.16
CA ARG C 750 10.60 3.63 50.57
C ARG C 750 10.10 2.25 50.97
N LEU C 751 10.62 1.72 52.07
CA LEU C 751 10.05 0.50 52.64
C LEU C 751 9.14 0.85 53.81
N ALA C 752 9.21 0.08 54.89
CA ALA C 752 8.41 0.31 56.08
C ALA C 752 8.75 1.65 56.72
N GLU C 753 7.72 2.34 57.19
CA GLU C 753 7.88 3.53 58.01
C GLU C 753 7.26 3.28 59.36
N ASN C 754 8.00 3.60 60.42
CA ASN C 754 7.43 3.59 61.77
C ASN C 754 7.34 5.02 62.27
N LEU C 755 6.11 5.52 62.34
CA LEU C 755 5.87 6.88 62.80
C LEU C 755 6.18 6.97 64.28
N SER C 756 6.86 8.06 64.67
CA SER C 756 7.22 8.28 66.06
C SER C 756 5.99 8.71 66.86
N VAL C 757 5.63 7.92 67.87
CA VAL C 757 4.50 8.25 68.75
C VAL C 757 4.94 8.73 70.14
N THR C 758 6.16 8.35 70.53
CA THR C 758 6.64 8.64 71.89
C THR C 758 7.12 10.07 72.02
N LEU C 759 6.48 10.79 72.94
CA LEU C 759 6.85 12.17 73.25
C LEU C 759 8.24 12.22 73.90
N PRO C 760 9.06 13.21 73.49
CA PRO C 760 10.31 13.49 74.20
C PRO C 760 10.05 13.96 75.63
N ALA C 761 10.97 13.65 76.55
CA ALA C 761 10.84 14.05 77.96
C ALA C 761 10.84 15.58 78.08
N ALA C 762 9.82 16.10 78.76
CA ALA C 762 9.64 17.54 78.91
C ALA C 762 10.87 18.22 79.52
N SER C 763 11.23 19.38 78.96
CA SER C 763 12.38 20.14 79.47
C SER C 763 12.05 20.78 80.81
N HIS C 764 13.06 20.86 81.67
CA HIS C 764 12.90 21.45 83.01
C HIS C 764 13.02 22.98 83.00
N ALA C 765 13.56 23.52 81.90
CA ALA C 765 13.71 24.97 81.76
C ALA C 765 12.49 25.60 81.07
N ILE C 766 12.25 26.88 81.38
CA ILE C 766 11.16 27.64 80.78
C ILE C 766 11.71 28.98 80.26
N PRO C 767 11.48 29.29 78.97
CA PRO C 767 11.95 30.55 78.41
C PRO C 767 11.19 31.74 78.96
N HIS C 768 11.83 32.91 78.94
CA HIS C 768 11.22 34.14 79.46
C HIS C 768 11.04 35.20 78.36
N LEU C 769 9.87 35.83 78.36
CA LEU C 769 9.59 36.92 77.42
C LEU C 769 9.80 38.30 78.06
N THR C 770 10.74 39.06 77.49
CA THR C 770 10.93 40.47 77.83
C THR C 770 10.29 41.36 76.77
N THR C 771 9.22 42.07 77.15
CA THR C 771 8.51 42.97 76.23
C THR C 771 9.00 44.41 76.34
N SER C 772 9.27 45.02 75.19
CA SER C 772 9.57 46.45 75.11
C SER C 772 8.79 47.07 73.96
N GLU C 773 8.89 48.39 73.82
CA GLU C 773 8.23 49.10 72.73
C GLU C 773 8.67 48.60 71.36
N MET C 774 9.97 48.39 71.19
CA MET C 774 10.54 47.99 69.91
C MET C 774 10.74 46.49 69.69
N ASP C 775 10.71 45.69 70.75
CA ASP C 775 11.15 44.28 70.66
C ASP C 775 10.41 43.30 71.55
N PHE C 776 10.31 42.06 71.09
CA PHE C 776 10.02 40.92 71.95
C PHE C 776 11.29 40.12 72.05
N CYS C 777 11.83 40.02 73.26
CA CYS C 777 13.02 39.21 73.49
C CYS C 777 12.67 37.95 74.25
N ILE C 778 13.30 36.84 73.86
CA ILE C 778 13.14 35.58 74.56
C ILE C 778 14.52 35.10 75.00
N GLU C 779 14.64 34.78 76.28
CA GLU C 779 15.92 34.35 76.85
C GLU C 779 15.80 32.95 77.41
N LEU C 780 16.81 32.12 77.13
CA LEU C 780 16.91 30.78 77.71
C LEU C 780 18.40 30.45 77.90
N GLY C 781 18.88 30.62 79.13
CA GLY C 781 20.31 30.45 79.42
C GLY C 781 21.14 31.50 78.73
N ASN C 782 22.12 31.07 77.94
CA ASN C 782 22.94 31.99 77.15
C ASN C 782 22.35 32.31 75.76
N LYS C 783 21.20 31.72 75.45
CA LYS C 783 20.51 31.94 74.17
C LYS C 783 19.43 33.05 74.25
N ARG C 784 19.40 33.91 73.23
CA ARG C 784 18.36 34.95 73.11
C ARG C 784 17.82 35.05 71.69
N TRP C 785 16.52 35.30 71.58
CA TRP C 785 15.86 35.56 70.31
C TRP C 785 15.26 36.97 70.34
N GLN C 786 15.46 37.74 69.27
CA GLN C 786 14.93 39.10 69.21
C GLN C 786 13.99 39.27 68.02
N PHE C 787 12.73 39.56 68.32
CA PHE C 787 11.72 39.85 67.32
C PHE C 787 11.45 41.34 67.28
N ASN C 788 11.84 41.99 66.19
CA ASN C 788 11.57 43.43 65.98
C ASN C 788 10.07 43.67 65.81
N ARG C 789 9.51 44.60 66.58
CA ARG C 789 8.06 44.82 66.60
C ARG C 789 7.54 45.77 65.51
N GLN C 790 8.46 46.47 64.85
CA GLN C 790 8.09 47.31 63.71
C GLN C 790 8.09 46.50 62.40
N SER C 791 9.08 45.63 62.26
CA SER C 791 9.20 44.78 61.07
C SER C 791 8.36 43.51 61.16
N GLY C 792 8.30 42.91 62.35
CA GLY C 792 7.56 41.68 62.58
C GLY C 792 8.41 40.45 62.29
N PHE C 793 9.72 40.65 62.15
CA PHE C 793 10.63 39.54 61.87
C PHE C 793 11.62 39.25 63.00
N LEU C 794 12.08 38.01 63.05
CA LEU C 794 13.19 37.64 63.92
C LEU C 794 14.44 38.32 63.40
N SER C 795 14.93 39.29 64.15
CA SER C 795 16.00 40.15 63.64
C SER C 795 17.39 39.77 64.18
N GLN C 796 17.42 39.05 65.29
CA GLN C 796 18.70 38.61 65.85
C GLN C 796 18.56 37.39 66.76
N MET C 797 19.57 36.54 66.71
CA MET C 797 19.70 35.44 67.65
C MET C 797 21.09 35.48 68.26
N TRP C 798 21.16 35.19 69.55
CA TRP C 798 22.42 35.25 70.28
C TRP C 798 22.68 33.93 70.98
N ILE C 799 23.90 33.44 70.86
CA ILE C 799 24.40 32.34 71.69
C ILE C 799 25.55 32.93 72.50
N GLY C 800 25.22 33.37 73.72
CA GLY C 800 26.14 34.14 74.55
C GLY C 800 26.10 35.59 74.12
N ASP C 801 27.26 36.11 73.77
CA ASP C 801 27.39 37.47 73.23
C ASP C 801 27.56 37.45 71.71
N LYS C 802 27.61 36.25 71.13
CA LYS C 802 27.80 36.06 69.69
C LYS C 802 26.50 36.15 68.91
N LYS C 803 26.38 37.15 68.06
CA LYS C 803 25.23 37.28 67.17
C LYS C 803 25.27 36.21 66.06
N GLN C 804 24.11 35.65 65.72
CA GLN C 804 24.02 34.56 64.74
C GLN C 804 23.57 35.02 63.36
N LEU C 805 22.91 36.17 63.29
CA LEU C 805 22.34 36.67 62.03
C LEU C 805 22.96 38.00 61.59
N LEU C 806 23.16 38.14 60.29
CA LEU C 806 23.60 39.41 59.70
C LEU C 806 22.43 40.14 59.03
N THR C 807 21.39 39.38 58.68
CA THR C 807 20.16 39.93 58.09
C THR C 807 19.01 39.15 58.72
N PRO C 808 17.91 39.84 59.08
CA PRO C 808 16.73 39.20 59.66
C PRO C 808 16.16 38.02 58.83
N LEU C 809 15.44 37.13 59.52
CA LEU C 809 14.74 36.03 58.89
C LEU C 809 13.42 36.52 58.29
N ARG C 810 13.38 36.61 56.96
CA ARG C 810 12.22 37.16 56.27
C ARG C 810 11.69 36.19 55.21
N ASP C 811 10.41 36.34 54.85
CA ASP C 811 9.83 35.59 53.75
C ASP C 811 10.49 35.94 52.42
N GLN C 812 10.50 34.99 51.50
CA GLN C 812 11.02 35.18 50.16
C GLN C 812 10.14 34.43 49.17
N PHE C 813 9.72 35.13 48.10
CA PHE C 813 8.81 34.60 47.08
C PHE C 813 9.39 34.66 45.68
N THR C 814 10.64 35.08 45.58
CA THR C 814 11.31 35.22 44.30
C THR C 814 12.61 34.43 44.30
N ARG C 815 13.16 34.24 43.10
CA ARG C 815 14.51 33.69 42.93
C ARG C 815 15.28 34.51 41.91
N ALA C 816 16.61 34.52 42.03
CA ALA C 816 17.46 35.04 40.96
C ALA C 816 17.15 34.22 39.70
N PRO C 817 16.64 34.89 38.66
CA PRO C 817 16.08 34.17 37.52
C PRO C 817 17.05 33.24 36.78
N LEU C 818 16.60 32.02 36.55
CA LEU C 818 17.34 31.07 35.71
C LEU C 818 17.27 31.52 34.27
N ASP C 819 18.15 30.98 33.43
CA ASP C 819 18.07 31.21 32.00
C ASP C 819 16.69 30.84 31.46
N ASN C 820 16.13 29.73 31.92
CA ASN C 820 14.76 29.32 31.54
C ASN C 820 13.69 30.31 31.93
N ASP C 821 13.84 30.92 33.11
CA ASP C 821 12.95 32.00 33.58
C ASP C 821 13.05 33.23 32.67
N ILE C 822 14.27 33.54 32.22
CA ILE C 822 14.53 34.70 31.35
C ILE C 822 13.95 34.46 29.95
N ALA C 823 14.15 33.25 29.43
CA ALA C 823 13.51 32.81 28.19
C ALA C 823 13.77 33.73 27.00
N VAL C 824 15.05 33.99 26.76
CA VAL C 824 15.49 34.77 25.61
C VAL C 824 16.43 33.89 24.75
N SER C 825 16.12 33.79 23.45
CA SER C 825 16.99 33.06 22.51
C SER C 825 17.71 34.01 21.55
N GLU C 826 17.11 35.18 21.36
CA GLU C 826 17.70 36.27 20.59
C GLU C 826 17.61 37.52 21.46
N ALA C 827 18.78 38.07 21.81
CA ALA C 827 18.88 39.23 22.71
C ALA C 827 17.89 40.39 22.45
N THR C 828 17.42 40.49 21.20
CA THR C 828 16.45 41.52 20.80
C THR C 828 15.03 41.25 21.30
N ARG C 829 14.59 40.00 21.24
CA ARG C 829 13.20 39.65 21.53
C ARG C 829 12.90 39.30 22.98
N ILE C 830 11.88 39.97 23.53
CA ILE C 830 11.36 39.70 24.87
C ILE C 830 9.99 39.03 24.71
N ASP C 831 9.82 37.87 25.32
CA ASP C 831 8.51 37.23 25.40
C ASP C 831 7.82 37.75 26.66
N PRO C 832 6.73 38.54 26.49
CA PRO C 832 6.00 39.05 27.66
C PRO C 832 5.45 37.95 28.59
N ASN C 833 5.34 36.72 28.07
CA ASN C 833 4.86 35.57 28.85
C ASN C 833 5.96 34.89 29.67
N ALA C 834 7.23 35.21 29.38
CA ALA C 834 8.36 34.69 30.16
C ALA C 834 8.13 34.89 31.65
N TRP C 835 8.46 33.86 32.44
CA TRP C 835 8.30 33.95 33.89
C TRP C 835 8.91 35.21 34.53
N VAL C 836 10.14 35.56 34.15
CA VAL C 836 10.79 36.73 34.74
C VAL C 836 10.06 38.04 34.42
N GLU C 837 9.53 38.13 33.19
CA GLU C 837 8.73 39.28 32.76
C GLU C 837 7.46 39.44 33.58
N ARG C 838 6.77 38.32 33.81
CA ARG C 838 5.54 38.31 34.59
C ARG C 838 5.79 38.68 36.06
N TRP C 839 6.83 38.08 36.65
CA TRP C 839 7.22 38.41 38.01
C TRP C 839 7.58 39.89 38.19
N LYS C 840 8.35 40.44 37.26
CA LYS C 840 8.75 41.84 37.29
C LYS C 840 7.55 42.77 37.19
N ALA C 841 6.67 42.52 36.22
CA ALA C 841 5.51 43.37 35.96
C ALA C 841 4.45 43.31 37.07
N ALA C 842 4.47 42.22 37.84
CA ALA C 842 3.53 42.08 38.95
C ALA C 842 4.12 42.63 40.25
N GLY C 843 5.37 43.07 40.17
CA GLY C 843 6.06 43.68 41.30
C GLY C 843 6.63 42.69 42.30
N HIS C 844 6.75 41.42 41.93
CA HIS C 844 7.31 40.39 42.83
C HIS C 844 8.70 40.74 43.39
N TYR C 845 9.55 41.36 42.56
CA TYR C 845 10.89 41.74 42.99
C TYR C 845 10.93 43.07 43.77
N GLN C 846 9.85 43.86 43.66
CA GLN C 846 9.75 45.16 44.34
C GLN C 846 8.92 45.12 45.63
N ALA C 847 8.14 44.05 45.81
CA ALA C 847 7.14 43.95 46.89
C ALA C 847 7.67 44.28 48.28
N GLU C 848 6.91 45.10 49.00
CA GLU C 848 7.26 45.56 50.35
C GLU C 848 6.43 44.84 51.42
N ALA C 849 7.09 44.25 52.41
CA ALA C 849 6.38 43.63 53.54
C ALA C 849 5.72 44.70 54.42
N ALA C 850 4.41 44.57 54.62
CA ALA C 850 3.68 45.42 55.57
C ALA C 850 3.18 44.55 56.71
N LEU C 851 3.47 44.98 57.94
CA LEU C 851 3.09 44.24 59.14
C LEU C 851 1.62 44.44 59.44
N LEU C 852 0.90 43.33 59.61
CA LEU C 852 -0.51 43.35 59.95
C LEU C 852 -0.73 43.02 61.41
N GLN C 853 0.17 42.25 62.00
CA GLN C 853 0.03 41.74 63.36
C GLN C 853 1.37 41.25 63.87
N CYS C 854 1.69 41.58 65.12
CA CYS C 854 2.86 41.04 65.81
C CYS C 854 2.58 40.96 67.30
N THR C 855 2.34 39.75 67.79
CA THR C 855 1.94 39.55 69.18
C THR C 855 2.80 38.50 69.89
N ALA C 856 2.88 38.61 71.21
CA ALA C 856 3.58 37.63 72.04
C ALA C 856 2.70 37.10 73.14
N ASP C 857 2.86 35.82 73.46
CA ASP C 857 2.11 35.16 74.51
C ASP C 857 3.02 34.23 75.29
N THR C 858 2.68 34.02 76.57
CA THR C 858 3.44 33.11 77.40
C THR C 858 2.58 31.87 77.69
N LEU C 859 3.06 30.71 77.28
CA LEU C 859 2.41 29.43 77.57
C LEU C 859 3.02 28.82 78.83
N ALA C 860 2.56 27.63 79.19
CA ALA C 860 3.10 26.92 80.36
C ALA C 860 4.59 26.65 80.19
N ASP C 861 4.96 26.10 79.04
CA ASP C 861 6.33 25.66 78.77
C ASP C 861 6.99 26.34 77.57
N ALA C 862 6.40 27.43 77.07
CA ALA C 862 6.88 28.09 75.86
C ALA C 862 6.50 29.56 75.73
N VAL C 863 7.22 30.29 74.87
CA VAL C 863 6.80 31.62 74.42
C VAL C 863 6.31 31.50 72.97
N LEU C 864 5.18 32.12 72.67
CA LEU C 864 4.57 32.08 71.33
C LEU C 864 4.52 33.46 70.70
N ILE C 865 5.26 33.64 69.61
CA ILE C 865 5.18 34.87 68.79
C ILE C 865 4.30 34.60 67.56
N THR C 866 3.35 35.52 67.32
CA THR C 866 2.45 35.42 66.18
C THR C 866 2.60 36.64 65.27
N THR C 867 2.87 36.41 63.99
CA THR C 867 3.03 37.50 63.02
C THR C 867 2.13 37.33 61.79
N ALA C 868 1.83 38.45 61.14
CA ALA C 868 1.14 38.47 59.87
C ALA C 868 1.67 39.62 59.03
N HIS C 869 2.03 39.31 57.78
CA HIS C 869 2.54 40.32 56.86
C HIS C 869 1.80 40.24 55.53
N ALA C 870 1.62 41.40 54.89
CA ALA C 870 1.10 41.46 53.54
C ALA C 870 2.16 42.04 52.64
N TRP C 871 2.34 41.46 51.45
CA TRP C 871 3.22 42.02 50.44
C TRP C 871 2.40 42.67 49.36
N GLN C 872 2.69 43.94 49.11
CA GLN C 872 1.89 44.72 48.19
C GLN C 872 2.73 45.41 47.14
N HIS C 873 2.11 45.60 45.97
CA HIS C 873 2.70 46.38 44.91
C HIS C 873 1.59 47.19 44.27
N GLN C 874 1.74 48.51 44.30
CA GLN C 874 0.74 49.46 43.76
C GLN C 874 -0.70 49.15 44.22
N GLY C 875 -0.87 49.02 45.53
CA GLY C 875 -2.21 48.83 46.09
C GLY C 875 -2.73 47.41 46.04
N LYS C 876 -1.99 46.53 45.39
CA LYS C 876 -2.39 45.13 45.22
C LYS C 876 -1.65 44.22 46.21
N THR C 877 -2.41 43.43 46.96
CA THR C 877 -1.83 42.44 47.86
C THR C 877 -1.49 41.15 47.09
N LEU C 878 -0.20 40.84 47.02
CA LEU C 878 0.32 39.70 46.26
C LEU C 878 0.33 38.45 47.12
N PHE C 879 0.94 38.57 48.31
CA PHE C 879 1.10 37.46 49.24
C PHE C 879 0.78 37.91 50.66
N ILE C 880 0.24 36.99 51.45
CA ILE C 880 0.07 37.19 52.88
C ILE C 880 0.75 36.02 53.60
N SER C 881 1.55 36.33 54.61
CA SER C 881 2.25 35.31 55.39
C SER C 881 1.83 35.38 56.86
N ARG C 882 1.30 34.28 57.37
CA ARG C 882 0.92 34.19 58.78
C ARG C 882 1.82 33.16 59.44
N LYS C 883 2.51 33.58 60.50
CA LYS C 883 3.47 32.71 61.18
C LYS C 883 3.26 32.63 62.68
N THR C 884 3.65 31.49 63.25
CA THR C 884 3.84 31.39 64.69
C THR C 884 5.26 30.86 64.96
N TYR C 885 5.91 31.43 65.97
CA TYR C 885 7.20 30.99 66.43
C TYR C 885 7.03 30.48 67.86
N ARG C 886 7.40 29.24 68.09
CA ARG C 886 7.20 28.63 69.40
C ARG C 886 8.52 28.19 69.99
N ILE C 887 8.98 28.94 70.99
CA ILE C 887 10.26 28.65 71.64
C ILE C 887 10.04 27.93 72.97
N ASP C 888 10.58 26.73 73.10
CA ASP C 888 10.39 25.92 74.32
C ASP C 888 11.66 25.76 75.18
N GLY C 889 11.53 25.06 76.31
CA GLY C 889 12.62 24.84 77.27
C GLY C 889 13.89 24.20 76.73
N SER C 890 13.76 23.46 75.64
CA SER C 890 14.91 22.83 75.00
C SER C 890 15.68 23.78 74.06
N GLY C 891 15.12 24.96 73.82
CA GLY C 891 15.78 25.96 72.96
C GLY C 891 15.47 25.75 71.50
N GLN C 892 14.43 24.95 71.23
CA GLN C 892 13.95 24.70 69.89
C GLN C 892 12.92 25.76 69.54
N MET C 893 13.05 26.33 68.36
CA MET C 893 12.09 27.28 67.85
C MET C 893 11.30 26.63 66.72
N ALA C 894 10.02 26.38 66.97
CA ALA C 894 9.15 25.81 65.96
C ALA C 894 8.46 26.94 65.20
N ILE C 895 8.72 27.00 63.89
CA ILE C 895 8.13 28.02 63.03
C ILE C 895 7.07 27.38 62.12
N THR C 896 5.85 27.89 62.24
CA THR C 896 4.75 27.45 61.40
C THR C 896 4.39 28.61 60.48
N VAL C 897 4.40 28.36 59.17
CA VAL C 897 4.12 29.39 58.19
C VAL C 897 2.93 29.00 57.30
N ASP C 898 1.98 29.91 57.17
CA ASP C 898 0.85 29.73 56.29
C ASP C 898 0.76 30.94 55.34
N VAL C 899 0.88 30.65 54.05
CA VAL C 899 0.98 31.68 53.02
C VAL C 899 -0.24 31.69 52.09
N GLU C 900 -0.77 32.88 51.84
CA GLU C 900 -1.82 33.08 50.84
C GLU C 900 -1.22 33.76 49.64
N VAL C 901 -1.51 33.23 48.45
CA VAL C 901 -1.04 33.82 47.20
C VAL C 901 -2.25 34.20 46.33
N ALA C 902 -2.36 35.48 46.02
CA ALA C 902 -3.44 35.94 45.14
C ALA C 902 -3.49 35.10 43.86
N SER C 903 -4.67 34.61 43.53
CA SER C 903 -4.84 33.72 42.38
C SER C 903 -4.53 34.37 41.02
N ASP C 904 -4.60 35.70 40.96
CA ASP C 904 -4.41 36.46 39.72
C ASP C 904 -3.01 37.00 39.54
N THR C 905 -2.17 36.83 40.56
CA THR C 905 -0.75 37.14 40.43
C THR C 905 -0.05 35.91 39.81
N PRO C 906 0.99 36.13 38.99
CA PRO C 906 1.74 34.99 38.46
C PRO C 906 2.27 34.10 39.58
N HIS C 907 2.20 32.79 39.40
CA HIS C 907 2.65 31.87 40.46
C HIS C 907 4.10 32.18 40.85
N PRO C 908 4.38 32.26 42.17
CA PRO C 908 5.70 32.68 42.65
C PRO C 908 6.76 31.61 42.40
N ALA C 909 8.02 32.05 42.27
CA ALA C 909 9.14 31.13 42.09
C ALA C 909 9.38 30.23 43.29
N ARG C 910 9.03 30.71 44.49
CA ARG C 910 9.23 29.95 45.72
C ARG C 910 8.35 30.47 46.86
N ILE C 911 8.16 29.64 47.87
CA ILE C 911 7.55 30.09 49.12
C ILE C 911 8.45 29.63 50.25
N GLY C 912 9.17 30.57 50.84
CA GLY C 912 10.14 30.21 51.85
C GLY C 912 10.64 31.37 52.69
N LEU C 913 11.71 31.08 53.43
CA LEU C 913 12.36 32.04 54.29
C LEU C 913 13.80 32.17 53.88
N ASN C 914 14.37 33.35 54.12
CA ASN C 914 15.80 33.52 53.96
C ASN C 914 16.41 34.42 55.03
N CYS C 915 17.69 34.22 55.28
CA CYS C 915 18.45 35.05 56.20
C CYS C 915 19.92 34.93 55.85
N GLN C 916 20.70 35.90 56.31
CA GLN C 916 22.14 35.82 56.21
C GLN C 916 22.68 35.44 57.58
N LEU C 917 23.29 34.27 57.67
CA LEU C 917 23.88 33.81 58.92
C LEU C 917 25.26 34.44 59.10
N ALA C 918 25.65 34.67 60.35
CA ALA C 918 26.98 35.22 60.67
C ALA C 918 28.07 34.16 60.53
N GLN C 919 27.69 32.90 60.70
CA GLN C 919 28.58 31.75 60.62
C GLN C 919 29.03 31.47 59.18
N VAL C 920 30.33 31.19 59.03
CA VAL C 920 30.88 30.59 57.82
C VAL C 920 31.49 29.26 58.25
N ALA C 921 30.85 28.15 57.87
CA ALA C 921 31.35 26.82 58.23
C ALA C 921 31.86 26.08 57.00
N GLU C 922 32.66 25.05 57.23
CA GLU C 922 33.33 24.33 56.14
C GLU C 922 32.46 23.27 55.50
N ARG C 923 31.58 22.66 56.30
CA ARG C 923 30.79 21.51 55.88
C ARG C 923 29.28 21.79 55.94
N VAL C 924 28.54 21.10 55.07
CA VAL C 924 27.08 21.13 55.09
C VAL C 924 26.59 19.69 55.14
N ASN C 925 25.73 19.39 56.12
CA ASN C 925 25.30 18.04 56.38
C ASN C 925 23.76 17.97 56.37
N TRP C 926 23.19 17.13 55.51
CA TRP C 926 21.73 17.06 55.42
C TRP C 926 21.16 15.66 55.20
N LEU C 927 19.96 15.44 55.72
CA LEU C 927 19.18 14.25 55.42
C LEU C 927 18.12 14.63 54.38
N GLY C 928 18.36 14.25 53.14
CA GLY C 928 17.45 14.56 52.05
C GLY C 928 18.01 14.11 50.72
N LEU C 929 17.47 14.67 49.64
CA LEU C 929 17.87 14.28 48.29
C LEU C 929 19.23 14.87 47.93
N GLY C 930 20.12 14.03 47.44
CA GLY C 930 21.47 14.44 47.14
C GLY C 930 22.29 13.39 46.41
N PRO C 931 23.61 13.60 46.32
CA PRO C 931 24.34 14.73 46.88
C PRO C 931 24.27 16.02 46.04
N GLN C 932 23.88 15.90 44.77
CA GLN C 932 23.97 17.04 43.85
C GLN C 932 22.74 17.91 43.89
N GLU C 933 22.90 19.13 43.40
CA GLU C 933 21.80 20.04 43.16
C GLU C 933 20.62 19.33 42.51
N ASN C 934 19.43 19.50 43.09
CA ASN C 934 18.21 18.93 42.55
C ASN C 934 17.02 19.87 42.76
N TYR C 935 16.11 19.91 41.77
CA TYR C 935 14.91 20.74 41.80
C TYR C 935 13.65 19.87 41.63
N PRO C 936 12.46 20.41 41.96
CA PRO C 936 11.27 19.54 41.94
C PRO C 936 11.02 18.78 40.64
N ASP C 937 11.29 19.39 39.48
CA ASP C 937 11.16 18.68 38.19
C ASP C 937 12.48 18.12 37.66
N ARG C 938 13.50 18.11 38.52
CA ARG C 938 14.76 17.46 38.22
C ARG C 938 15.38 16.89 39.50
N LEU C 939 14.75 15.85 40.05
CA LEU C 939 15.25 15.23 41.27
C LEU C 939 15.24 13.72 41.23
N THR C 940 14.90 13.11 40.11
CA THR C 940 14.79 11.64 40.04
C THR C 940 16.16 10.97 40.29
N ALA C 941 17.22 11.61 39.81
CA ALA C 941 18.59 11.12 39.96
C ALA C 941 19.09 11.18 41.40
N ALA C 942 18.61 12.17 42.16
CA ALA C 942 18.96 12.33 43.55
C ALA C 942 18.42 11.19 44.40
N CYS C 943 19.22 10.78 45.38
CA CYS C 943 18.80 9.77 46.35
C CYS C 943 18.61 10.39 47.72
N PHE C 944 17.69 9.83 48.47
CA PHE C 944 17.49 10.22 49.85
C PHE C 944 18.49 9.46 50.70
N ASP C 945 19.33 10.20 51.40
CA ASP C 945 20.34 9.65 52.29
C ASP C 945 20.93 10.77 53.14
N ARG C 946 21.97 10.45 53.91
CA ARG C 946 22.71 11.40 54.73
C ARG C 946 23.92 11.88 53.94
N TRP C 947 23.95 13.18 53.63
CA TRP C 947 25.01 13.72 52.79
C TRP C 947 25.82 14.75 53.56
N ASP C 948 27.12 14.80 53.28
CA ASP C 948 28.01 15.74 53.93
C ASP C 948 29.00 16.24 52.87
N LEU C 949 28.94 17.53 52.58
CA LEU C 949 29.79 18.11 51.54
C LEU C 949 30.45 19.37 52.05
N PRO C 950 31.57 19.77 51.41
CA PRO C 950 32.10 21.12 51.68
C PRO C 950 31.11 22.18 51.20
N LEU C 951 31.13 23.36 51.82
CA LEU C 951 30.17 24.41 51.48
C LEU C 951 30.24 24.84 50.01
N SER C 952 31.42 24.80 49.42
CA SER C 952 31.60 25.19 48.03
C SER C 952 30.85 24.28 47.06
N ASP C 953 30.70 23.01 47.42
CA ASP C 953 29.94 22.03 46.61
C ASP C 953 28.43 22.28 46.58
N MET C 954 27.96 23.17 47.46
CA MET C 954 26.53 23.50 47.57
C MET C 954 26.20 24.72 46.72
N TYR C 955 27.21 25.16 45.98
CA TYR C 955 27.07 26.22 45.00
C TYR C 955 27.42 25.64 43.62
N THR C 956 26.53 25.85 42.65
CA THR C 956 26.82 25.43 41.27
C THR C 956 27.27 26.63 40.43
N PRO C 957 28.53 26.62 39.96
CA PRO C 957 29.11 27.79 39.28
C PRO C 957 28.70 27.95 37.82
N TYR C 958 27.40 28.05 37.58
CA TYR C 958 26.89 28.40 36.26
C TYR C 958 27.56 29.69 35.79
N VAL C 959 27.98 29.71 34.52
CA VAL C 959 28.72 30.85 34.00
C VAL C 959 27.88 32.12 34.07
N PHE C 960 26.62 32.02 33.65
CA PHE C 960 25.64 33.06 33.93
C PHE C 960 24.96 32.72 35.27
N PRO C 961 25.21 33.54 36.32
CA PRO C 961 24.71 33.21 37.67
C PRO C 961 23.20 33.30 37.82
N SER C 962 22.64 32.40 38.61
CA SER C 962 21.20 32.37 38.88
C SER C 962 20.99 31.60 40.19
N GLU C 963 19.74 31.49 40.61
CA GLU C 963 19.37 30.52 41.64
C GLU C 963 20.01 29.17 41.26
N ASN C 964 20.63 28.54 42.24
CA ASN C 964 21.43 27.34 42.05
C ASN C 964 21.58 26.63 43.39
N GLY C 965 21.95 25.35 43.35
CA GLY C 965 22.37 24.65 44.54
C GLY C 965 21.26 24.11 45.43
N LEU C 966 20.02 24.21 44.97
CA LEU C 966 18.91 23.70 45.75
C LEU C 966 19.00 22.19 45.93
N ARG C 967 18.58 21.75 47.12
CA ARG C 967 18.43 20.35 47.44
C ARG C 967 17.02 20.19 48.00
N CYS C 968 16.30 19.17 47.52
CA CYS C 968 14.89 19.01 47.84
C CYS C 968 14.66 17.87 48.81
N GLY C 969 13.42 17.71 49.27
CA GLY C 969 13.02 16.60 50.13
C GLY C 969 13.92 16.43 51.33
N THR C 970 14.29 17.54 51.95
CA THR C 970 15.22 17.54 53.07
C THR C 970 14.48 17.58 54.40
N ARG C 971 14.85 16.67 55.30
CA ARG C 971 14.19 16.51 56.60
C ARG C 971 15.04 17.09 57.72
N GLU C 972 16.34 17.17 57.48
CA GLU C 972 17.27 17.73 58.47
C GLU C 972 18.45 18.37 57.75
N LEU C 973 18.81 19.57 58.19
CA LEU C 973 19.95 20.29 57.66
C LEU C 973 20.81 20.77 58.81
N ASN C 974 22.13 20.56 58.71
CA ASN C 974 23.08 21.00 59.73
C ASN C 974 24.15 21.89 59.14
N TYR C 975 24.41 23.00 59.81
CA TYR C 975 25.43 23.95 59.40
C TYR C 975 25.96 24.65 60.63
N GLY C 976 27.26 24.49 60.88
CA GLY C 976 27.89 24.99 62.09
C GLY C 976 27.12 24.54 63.32
N PRO C 977 26.71 25.51 64.16
CA PRO C 977 25.93 25.17 65.36
C PRO C 977 24.43 25.00 65.10
N HIS C 978 23.98 25.20 63.86
CA HIS C 978 22.54 25.21 63.56
C HIS C 978 21.99 23.87 63.05
N GLN C 979 20.74 23.60 63.40
CA GLN C 979 20.01 22.49 62.82
C GLN C 979 18.58 22.90 62.50
N TRP C 980 18.16 22.62 61.27
CA TRP C 980 16.78 22.82 60.86
C TRP C 980 16.15 21.49 60.55
N ARG C 981 14.96 21.26 61.08
CA ARG C 981 14.19 20.06 60.77
C ARG C 981 12.84 20.41 60.18
N GLY C 982 12.30 19.49 59.36
CA GLY C 982 11.00 19.67 58.73
C GLY C 982 10.90 18.83 57.47
N ASP C 983 10.32 19.43 56.43
CA ASP C 983 10.22 18.81 55.10
C ASP C 983 10.31 19.95 54.09
N PHE C 984 11.54 20.26 53.68
CA PHE C 984 11.80 21.50 52.96
C PHE C 984 12.82 21.33 51.84
N GLN C 985 12.98 22.39 51.06
CA GLN C 985 14.06 22.47 50.08
C GLN C 985 14.92 23.63 50.53
N PHE C 986 16.22 23.59 50.21
CA PHE C 986 17.13 24.62 50.68
C PHE C 986 18.30 24.82 49.74
N ASN C 987 18.84 26.03 49.73
CA ASN C 987 20.19 26.23 49.27
C ASN C 987 20.97 27.04 50.29
N ILE C 988 22.29 26.97 50.21
CA ILE C 988 23.17 27.58 51.19
C ILE C 988 24.51 27.95 50.51
N SER C 989 24.87 29.23 50.60
CA SER C 989 26.05 29.74 49.93
C SER C 989 26.45 31.10 50.45
N ARG C 990 27.56 31.63 49.93
CA ARG C 990 28.05 32.96 50.28
C ARG C 990 27.49 34.03 49.34
N TYR C 991 26.49 33.69 48.53
CA TYR C 991 25.93 34.67 47.58
C TYR C 991 24.44 34.84 47.79
N SER C 992 24.01 36.08 48.00
CA SER C 992 22.60 36.40 48.14
C SER C 992 21.88 36.22 46.80
N GLN C 993 20.57 36.05 46.82
CA GLN C 993 19.79 36.01 45.59
C GLN C 993 19.97 37.31 44.82
N GLN C 994 20.07 38.41 45.57
CA GLN C 994 20.27 39.74 44.97
C GLN C 994 21.56 39.81 44.14
N GLN C 995 22.68 39.38 44.72
CA GLN C 995 23.95 39.38 43.99
C GLN C 995 23.90 38.50 42.73
N LEU C 996 23.41 37.26 42.89
CA LEU C 996 23.25 36.34 41.75
C LEU C 996 22.40 36.96 40.64
N MET C 997 21.42 37.78 41.04
CA MET C 997 20.48 38.42 40.14
C MET C 997 21.10 39.62 39.43
N GLU C 998 22.08 40.25 40.07
CA GLU C 998 22.69 41.45 39.54
C GLU C 998 24.01 41.20 38.83
N THR C 999 24.52 39.97 38.92
CA THR C 999 25.82 39.62 38.37
C THR C 999 25.72 38.77 37.10
N SER C 1000 26.38 39.21 36.04
CA SER C 1000 26.23 38.58 34.73
C SER C 1000 27.22 37.42 34.48
N HIS C 1001 28.31 37.37 35.25
CA HIS C 1001 29.37 36.38 35.07
C HIS C 1001 29.87 35.84 36.39
N ARG C 1002 30.01 34.53 36.50
CA ARG C 1002 30.41 33.88 37.75
C ARG C 1002 31.72 34.42 38.34
N HIS C 1003 32.66 34.82 37.49
CA HIS C 1003 33.97 35.29 37.95
C HIS C 1003 33.89 36.65 38.68
N LEU C 1004 32.76 37.34 38.54
CA LEU C 1004 32.56 38.65 39.19
C LEU C 1004 31.89 38.54 40.56
N LEU C 1005 31.46 37.34 40.93
CA LEU C 1005 30.83 37.10 42.21
C LEU C 1005 31.83 37.31 43.35
N HIS C 1006 31.36 37.87 44.45
CA HIS C 1006 32.19 38.01 45.64
C HIS C 1006 31.47 37.38 46.83
N ALA C 1007 32.20 36.54 47.56
CA ALA C 1007 31.64 35.94 48.76
C ALA C 1007 31.26 37.06 49.73
N GLU C 1008 30.02 37.02 50.22
CA GLU C 1008 29.53 38.03 51.13
C GLU C 1008 29.90 37.62 52.55
N GLU C 1009 29.72 38.52 53.51
CA GLU C 1009 29.99 38.22 54.91
C GLU C 1009 29.00 37.13 55.32
N GLY C 1010 29.46 36.11 56.03
CA GLY C 1010 28.55 35.04 56.45
C GLY C 1010 27.99 34.17 55.32
N THR C 1011 26.89 33.50 55.61
CA THR C 1011 26.31 32.48 54.74
C THR C 1011 24.82 32.75 54.51
N TRP C 1012 24.43 32.90 53.25
CA TRP C 1012 23.03 33.08 52.91
C TRP C 1012 22.32 31.74 52.85
N LEU C 1013 21.21 31.64 53.56
CA LEU C 1013 20.39 30.44 53.59
C LEU C 1013 19.01 30.73 53.05
N ASN C 1014 18.58 29.94 52.07
CA ASN C 1014 17.23 30.00 51.56
C ASN C 1014 16.58 28.66 51.89
N ILE C 1015 15.58 28.68 52.78
CA ILE C 1015 14.83 27.47 53.11
C ILE C 1015 13.40 27.61 52.62
N ASP C 1016 12.99 26.72 51.73
CA ASP C 1016 11.71 26.82 51.05
C ASP C 1016 10.78 25.72 51.49
N GLY C 1017 9.55 26.08 51.81
CA GLY C 1017 8.50 25.08 51.94
C GLY C 1017 8.19 24.51 50.57
N PHE C 1018 8.30 25.37 49.54
CA PHE C 1018 7.91 25.05 48.18
C PHE C 1018 8.78 25.83 47.20
N HIS C 1019 9.10 25.19 46.08
CA HIS C 1019 9.91 25.81 45.04
C HIS C 1019 9.38 25.39 43.68
N MET C 1020 9.36 26.34 42.75
CA MET C 1020 8.82 26.10 41.40
C MET C 1020 9.79 25.23 40.59
N GLY C 1021 9.24 24.46 39.65
CA GLY C 1021 10.09 23.75 38.70
C GLY C 1021 10.99 24.68 37.91
N ILE C 1022 12.02 24.12 37.28
CA ILE C 1022 12.99 24.91 36.51
C ILE C 1022 12.69 24.93 35.01
N GLY C 1023 11.88 23.98 34.55
CA GLY C 1023 11.57 23.85 33.12
C GLY C 1023 12.80 23.51 32.27
N GLY C 1024 12.72 23.82 30.98
CA GLY C 1024 13.82 23.52 30.06
C GLY C 1024 13.41 22.83 28.77
N ASP C 1025 12.16 22.40 28.65
CA ASP C 1025 11.67 21.85 27.37
C ASP C 1025 12.18 22.71 26.21
N ASP C 1026 12.16 24.03 26.40
CA ASP C 1026 13.01 24.94 25.65
C ASP C 1026 13.41 26.06 26.60
N SER C 1027 14.29 26.97 26.18
CA SER C 1027 14.71 28.09 27.03
C SER C 1027 14.37 29.47 26.47
N TRP C 1028 13.27 29.56 25.72
CA TRP C 1028 12.87 30.82 25.11
C TRP C 1028 11.35 31.06 25.16
N SER C 1029 10.68 30.25 25.98
CA SER C 1029 9.25 30.38 26.23
C SER C 1029 8.97 29.74 27.61
N PRO C 1030 7.81 30.03 28.22
CA PRO C 1030 7.50 29.34 29.48
C PRO C 1030 7.53 27.83 29.29
N SER C 1031 8.28 27.14 30.14
CA SER C 1031 8.52 25.70 29.95
C SER C 1031 8.31 24.86 31.21
N VAL C 1032 7.87 25.48 32.30
CA VAL C 1032 7.62 24.74 33.54
C VAL C 1032 6.22 24.16 33.48
N SER C 1033 6.14 22.83 33.54
CA SER C 1033 4.86 22.12 33.46
C SER C 1033 3.94 22.58 34.59
N ALA C 1034 2.63 22.52 34.35
CA ALA C 1034 1.64 22.99 35.34
C ALA C 1034 1.77 22.37 36.74
N GLU C 1035 2.11 21.08 36.81
CA GLU C 1035 2.19 20.38 38.10
C GLU C 1035 3.39 20.80 38.96
N PHE C 1036 4.29 21.59 38.38
CA PHE C 1036 5.46 22.09 39.10
C PHE C 1036 5.40 23.61 39.32
N GLN C 1037 4.26 24.20 38.98
CA GLN C 1037 3.99 25.60 39.29
C GLN C 1037 3.32 25.76 40.65
N LEU C 1038 3.59 26.88 41.33
CA LEU C 1038 3.05 27.10 42.68
C LEU C 1038 1.68 27.80 42.65
N SER C 1039 0.66 27.01 42.30
CA SER C 1039 -0.66 27.54 41.94
C SER C 1039 -1.76 27.22 42.95
N ALA C 1040 -1.40 26.58 44.06
CA ALA C 1040 -2.40 26.12 45.03
C ALA C 1040 -3.11 27.22 45.83
N GLY C 1041 -2.58 28.45 45.81
CA GLY C 1041 -3.21 29.57 46.51
C GLY C 1041 -2.91 29.65 47.99
N ARG C 1042 -2.97 28.51 48.68
CA ARG C 1042 -2.65 28.46 50.11
C ARG C 1042 -1.59 27.38 50.38
N TYR C 1043 -0.57 27.76 51.14
CA TYR C 1043 0.57 26.89 51.39
C TYR C 1043 0.93 26.82 52.87
N HIS C 1044 1.21 25.61 53.33
CA HIS C 1044 1.63 25.42 54.70
C HIS C 1044 2.96 24.68 54.78
N TYR C 1045 3.89 25.22 55.55
CA TYR C 1045 5.11 24.50 55.93
C TYR C 1045 5.51 24.80 57.37
N GLN C 1046 6.29 23.90 57.96
CA GLN C 1046 6.80 24.09 59.31
C GLN C 1046 8.24 23.67 59.44
N LEU C 1047 8.99 24.46 60.20
CA LEU C 1047 10.40 24.21 60.45
C LEU C 1047 10.68 24.25 61.94
N VAL C 1048 11.66 23.48 62.39
CA VAL C 1048 12.19 23.64 63.74
C VAL C 1048 13.65 24.04 63.64
N TRP C 1049 13.98 25.20 64.21
CA TRP C 1049 15.34 25.69 64.29
C TRP C 1049 15.86 25.45 65.70
N CYS C 1050 16.97 24.72 65.82
CA CYS C 1050 17.58 24.48 67.13
C CYS C 1050 19.09 24.36 67.01
N GLN C 1051 19.75 23.89 68.07
CA GLN C 1051 21.19 23.63 68.03
C GLN C 1051 21.53 22.20 67.59
N LYS C 1052 22.58 22.09 66.77
CA LYS C 1052 23.04 20.83 66.14
C LYS C 1052 23.22 19.69 67.16
N VAL D 38 -43.60 -35.21 16.91
CA VAL D 38 -42.19 -34.90 16.49
C VAL D 38 -41.53 -33.88 17.41
N VAL D 39 -42.33 -33.00 17.99
CA VAL D 39 -41.88 -31.85 18.76
C VAL D 39 -41.07 -32.26 19.99
N LEU D 40 -41.63 -33.14 20.82
CA LEU D 40 -40.95 -33.62 22.02
C LEU D 40 -39.79 -34.57 21.72
N GLN D 41 -39.88 -35.27 20.59
CA GLN D 41 -38.85 -36.26 20.21
C GLN D 41 -37.59 -35.64 19.61
N ARG D 42 -37.75 -34.61 18.79
CA ARG D 42 -36.61 -33.96 18.15
C ARG D 42 -35.74 -33.14 19.09
N ARG D 43 -36.38 -32.45 20.04
CA ARG D 43 -35.68 -31.56 20.98
C ARG D 43 -34.84 -30.55 20.19
N ASP D 44 -35.54 -29.71 19.42
CA ASP D 44 -34.90 -28.72 18.57
C ASP D 44 -34.16 -27.64 19.36
N TRP D 45 -34.52 -27.48 20.63
CA TRP D 45 -33.90 -26.48 21.50
C TRP D 45 -32.59 -26.96 22.13
N GLU D 46 -32.12 -28.13 21.69
CA GLU D 46 -30.82 -28.67 22.11
C GLU D 46 -30.01 -29.08 20.89
N ASN D 47 -30.12 -28.25 19.85
CA ASN D 47 -29.52 -28.51 18.56
C ASN D 47 -29.23 -27.17 17.87
N PRO D 48 -27.95 -26.73 17.89
CA PRO D 48 -27.55 -25.48 17.27
C PRO D 48 -27.68 -25.49 15.75
N GLY D 49 -27.84 -26.68 15.18
CA GLY D 49 -28.07 -26.84 13.74
C GLY D 49 -29.49 -26.49 13.33
N VAL D 50 -30.41 -26.52 14.30
CA VAL D 50 -31.79 -26.13 14.05
C VAL D 50 -32.09 -24.85 14.82
N THR D 51 -32.17 -23.75 14.11
CA THR D 51 -32.41 -22.45 14.75
C THR D 51 -33.80 -21.96 14.38
N GLN D 52 -34.42 -22.67 13.44
CA GLN D 52 -35.76 -22.35 12.97
C GLN D 52 -36.33 -23.50 12.14
N LEU D 53 -37.65 -23.56 12.06
CA LEU D 53 -38.36 -24.45 11.12
C LEU D 53 -39.52 -23.67 10.55
N ASN D 54 -39.61 -23.65 9.22
CA ASN D 54 -40.66 -22.94 8.49
C ASN D 54 -40.71 -21.42 8.67
N ARG D 55 -39.64 -20.83 9.20
CA ARG D 55 -39.56 -19.38 9.35
C ARG D 55 -39.33 -18.68 8.01
N LEU D 56 -40.03 -17.56 7.80
CA LEU D 56 -39.88 -16.77 6.58
C LEU D 56 -38.62 -15.93 6.62
N ALA D 57 -38.15 -15.53 5.44
CA ALA D 57 -36.97 -14.69 5.28
C ALA D 57 -37.10 -13.34 5.99
N ALA D 58 -35.98 -12.85 6.51
CA ALA D 58 -35.93 -11.55 7.19
C ALA D 58 -35.96 -10.44 6.15
N HIS D 59 -36.42 -9.26 6.57
CA HIS D 59 -36.62 -8.14 5.66
C HIS D 59 -36.78 -6.85 6.46
N PRO D 60 -36.72 -5.70 5.77
CA PRO D 60 -36.96 -4.42 6.44
C PRO D 60 -38.43 -4.29 6.84
N PRO D 61 -38.76 -3.37 7.77
CA PRO D 61 -40.16 -3.30 8.23
C PRO D 61 -41.16 -3.10 7.10
N PHE D 62 -42.20 -3.94 7.09
CA PHE D 62 -43.26 -3.90 6.07
C PHE D 62 -44.61 -3.53 6.70
N ALA D 63 -45.48 -2.93 5.90
CA ALA D 63 -46.84 -2.64 6.37
C ALA D 63 -47.91 -2.97 5.31
N SER D 64 -47.45 -3.33 4.11
CA SER D 64 -48.32 -3.68 2.98
C SER D 64 -49.47 -2.69 2.78
N TRP D 65 -49.14 -1.42 2.58
CA TRP D 65 -50.15 -0.41 2.27
C TRP D 65 -50.75 -0.70 0.90
N ARG D 66 -52.02 -0.40 0.74
CA ARG D 66 -52.69 -0.51 -0.56
C ARG D 66 -53.11 0.88 -1.01
N ASN D 67 -52.51 1.88 -0.37
CA ASN D 67 -52.69 3.25 -0.74
C ASN D 67 -51.35 3.98 -0.60
N SER D 68 -50.93 4.62 -1.68
CA SER D 68 -49.61 5.25 -1.77
C SER D 68 -49.44 6.41 -0.80
N GLU D 69 -50.51 7.18 -0.60
CA GLU D 69 -50.50 8.34 0.27
C GLU D 69 -50.41 7.95 1.75
N GLU D 70 -50.95 6.79 2.10
CA GLU D 70 -50.85 6.28 3.46
C GLU D 70 -49.41 5.81 3.74
N ALA D 71 -48.76 5.26 2.70
CA ALA D 71 -47.37 4.82 2.78
C ALA D 71 -46.47 6.02 2.96
N ARG D 72 -46.74 7.07 2.20
CA ARG D 72 -45.97 8.29 2.26
C ARG D 72 -46.06 8.92 3.65
N THR D 73 -47.27 9.00 4.20
CA THR D 73 -47.49 9.67 5.48
C THR D 73 -47.11 8.85 6.71
N ASP D 74 -46.82 7.56 6.51
CA ASP D 74 -46.50 6.62 7.60
C ASP D 74 -47.68 6.41 8.55
N ARG D 75 -48.89 6.54 8.00
CA ARG D 75 -50.12 6.33 8.77
C ARG D 75 -50.41 4.84 8.86
N PRO D 76 -51.31 4.44 9.78
CA PRO D 76 -51.63 3.02 9.96
C PRO D 76 -52.09 2.33 8.69
N SER D 77 -51.70 1.07 8.57
CA SER D 77 -52.10 0.24 7.44
C SER D 77 -53.13 -0.80 7.89
N GLN D 78 -54.22 -0.92 7.12
CA GLN D 78 -55.26 -1.91 7.40
C GLN D 78 -54.74 -3.36 7.31
N GLN D 79 -53.63 -3.54 6.60
CA GLN D 79 -53.05 -4.86 6.38
C GLN D 79 -52.05 -5.27 7.45
N LEU D 80 -51.76 -4.37 8.39
CA LEU D 80 -50.89 -4.68 9.53
C LEU D 80 -51.68 -4.55 10.84
N ARG D 81 -51.86 -5.67 11.51
CA ARG D 81 -52.70 -5.77 12.71
C ARG D 81 -51.91 -6.17 13.92
N SER D 82 -52.07 -5.43 15.01
CA SER D 82 -51.45 -5.82 16.28
C SER D 82 -52.29 -6.89 17.00
N LEU D 83 -51.61 -7.91 17.53
CA LEU D 83 -52.24 -8.91 18.39
C LEU D 83 -51.82 -8.72 19.83
N ASN D 84 -51.27 -7.55 20.14
CA ASN D 84 -50.97 -7.16 21.51
C ASN D 84 -52.26 -7.01 22.31
N GLY D 85 -52.21 -7.35 23.59
CA GLY D 85 -53.39 -7.26 24.47
C GLY D 85 -53.48 -8.44 25.41
N GLU D 86 -54.71 -8.81 25.77
CA GLU D 86 -54.93 -9.91 26.71
C GLU D 86 -54.84 -11.29 26.03
N TRP D 87 -53.95 -12.11 26.57
CA TRP D 87 -53.70 -13.46 26.07
C TRP D 87 -53.95 -14.43 27.21
N ARG D 88 -53.93 -15.73 26.92
CA ARG D 88 -54.06 -16.76 27.94
C ARG D 88 -52.69 -17.40 28.19
N PHE D 89 -52.35 -17.58 29.45
CA PHE D 89 -51.01 -18.06 29.82
C PHE D 89 -51.04 -19.08 30.94
N ALA D 90 -50.28 -20.16 30.76
CA ALA D 90 -50.02 -21.15 31.81
C ALA D 90 -48.53 -21.47 31.83
N TRP D 91 -47.99 -21.67 33.02
CA TRP D 91 -46.57 -21.96 33.22
C TRP D 91 -46.39 -23.42 33.56
N PHE D 92 -45.32 -24.01 33.04
CA PHE D 92 -44.97 -25.40 33.33
C PHE D 92 -43.47 -25.48 33.65
N PRO D 93 -43.02 -26.52 34.39
CA PRO D 93 -41.60 -26.64 34.72
C PRO D 93 -40.73 -27.26 33.62
N ALA D 94 -41.38 -27.74 32.56
CA ALA D 94 -40.71 -28.40 31.44
C ALA D 94 -41.70 -28.57 30.28
N PRO D 95 -41.20 -28.76 29.04
CA PRO D 95 -42.10 -29.02 27.91
C PRO D 95 -42.81 -30.38 27.98
N GLU D 96 -42.24 -31.32 28.73
CA GLU D 96 -42.88 -32.64 28.91
C GLU D 96 -44.15 -32.56 29.77
N ALA D 97 -44.25 -31.51 30.57
CA ALA D 97 -45.39 -31.29 31.47
C ALA D 97 -46.56 -30.58 30.80
N VAL D 98 -46.40 -30.20 29.55
CA VAL D 98 -47.48 -29.53 28.81
C VAL D 98 -48.47 -30.57 28.29
N PRO D 99 -49.75 -30.48 28.72
CA PRO D 99 -50.79 -31.40 28.25
C PRO D 99 -51.16 -31.18 26.79
N GLU D 100 -51.38 -32.28 26.07
CA GLU D 100 -51.66 -32.24 24.63
C GLU D 100 -52.99 -31.60 24.29
N SER D 101 -53.86 -31.44 25.28
CA SER D 101 -55.17 -30.79 25.11
C SER D 101 -55.01 -29.31 24.84
N TRP D 102 -53.93 -28.73 25.35
CA TRP D 102 -53.64 -27.32 25.19
C TRP D 102 -53.55 -26.89 23.72
N LEU D 103 -53.14 -27.81 22.85
CA LEU D 103 -53.11 -27.54 21.40
C LEU D 103 -54.49 -27.24 20.85
N GLU D 104 -55.50 -27.96 21.33
CA GLU D 104 -56.85 -27.88 20.77
C GLU D 104 -57.76 -26.82 21.40
N CYS D 105 -57.66 -26.64 22.72
CA CYS D 105 -58.50 -25.63 23.39
C CYS D 105 -57.90 -25.13 24.71
N ASP D 106 -58.42 -23.99 25.17
CA ASP D 106 -57.91 -23.28 26.34
C ASP D 106 -57.87 -24.14 27.61
N LEU D 107 -56.72 -24.12 28.30
CA LEU D 107 -56.63 -24.71 29.62
C LEU D 107 -57.35 -23.79 30.60
N PRO D 108 -58.31 -24.34 31.37
CA PRO D 108 -59.06 -23.53 32.34
C PRO D 108 -58.23 -23.02 33.53
N GLU D 109 -57.13 -23.70 33.86
CA GLU D 109 -56.25 -23.27 34.95
C GLU D 109 -55.40 -22.05 34.59
N ALA D 110 -55.26 -21.80 33.28
CA ALA D 110 -54.46 -20.68 32.77
C ALA D 110 -55.03 -19.31 33.15
N ASP D 111 -54.15 -18.32 33.21
CA ASP D 111 -54.54 -16.96 33.54
C ASP D 111 -54.62 -16.08 32.30
N THR D 112 -55.37 -14.99 32.39
CA THR D 112 -55.38 -13.98 31.35
C THR D 112 -54.28 -12.97 31.70
N VAL D 113 -53.36 -12.73 30.76
CA VAL D 113 -52.24 -11.81 30.96
C VAL D 113 -52.03 -10.85 29.78
N VAL D 114 -51.35 -9.74 30.04
CA VAL D 114 -50.98 -8.80 28.99
C VAL D 114 -49.76 -9.30 28.23
N VAL D 115 -49.82 -9.18 26.90
CA VAL D 115 -48.72 -9.49 26.00
C VAL D 115 -48.52 -8.25 25.13
N PRO D 116 -47.26 -7.79 24.93
CA PRO D 116 -45.99 -8.41 25.33
C PRO D 116 -45.67 -8.32 26.83
N SER D 117 -44.95 -9.32 27.34
CA SER D 117 -44.53 -9.35 28.73
C SER D 117 -43.41 -10.36 28.93
N ASN D 118 -42.67 -10.18 30.02
CA ASN D 118 -41.79 -11.23 30.55
C ASN D 118 -42.56 -11.87 31.70
N TRP D 119 -42.65 -13.19 31.70
CA TRP D 119 -43.49 -13.86 32.69
C TRP D 119 -42.94 -13.83 34.10
N GLN D 120 -41.65 -13.51 34.22
CA GLN D 120 -41.02 -13.28 35.52
C GLN D 120 -41.57 -12.01 36.18
N MET D 121 -42.02 -11.08 35.34
CA MET D 121 -42.59 -9.82 35.83
C MET D 121 -44.03 -9.99 36.31
N HIS D 122 -44.66 -11.09 35.91
CA HIS D 122 -45.98 -11.45 36.40
C HIS D 122 -45.91 -12.37 37.64
N GLY D 123 -44.71 -12.79 38.00
CA GLY D 123 -44.47 -13.56 39.22
C GLY D 123 -44.43 -15.08 39.07
N TYR D 124 -44.56 -15.58 37.84
CA TYR D 124 -44.61 -17.04 37.59
C TYR D 124 -43.32 -17.79 37.93
N ASP D 125 -42.18 -17.13 37.76
CA ASP D 125 -40.90 -17.61 38.29
C ASP D 125 -39.92 -16.45 38.51
N ALA D 126 -38.72 -16.77 38.97
CA ALA D 126 -37.77 -15.74 39.37
C ALA D 126 -36.89 -15.27 38.20
N PRO D 127 -36.77 -13.94 38.03
CA PRO D 127 -35.74 -13.41 37.15
C PRO D 127 -34.36 -13.68 37.77
N ILE D 128 -33.36 -13.98 36.96
CA ILE D 128 -32.02 -14.31 37.44
C ILE D 128 -31.01 -13.26 37.00
N TYR D 129 -30.27 -12.70 37.95
CA TYR D 129 -29.15 -11.82 37.57
C TYR D 129 -27.80 -12.52 37.75
N THR D 130 -27.16 -12.82 36.63
CA THR D 130 -25.79 -13.34 36.63
C THR D 130 -24.98 -12.62 35.54
N ASN D 131 -23.71 -12.33 35.84
CA ASN D 131 -22.85 -11.61 34.92
C ASN D 131 -22.22 -12.52 33.85
N VAL D 132 -21.14 -13.19 34.22
CA VAL D 132 -20.37 -14.00 33.29
C VAL D 132 -20.86 -15.43 33.29
N THR D 133 -20.92 -16.04 34.47
CA THR D 133 -21.28 -17.44 34.59
C THR D 133 -22.67 -17.69 34.04
N TYR D 134 -22.79 -18.67 33.14
CA TYR D 134 -24.07 -19.03 32.54
C TYR D 134 -25.10 -19.40 33.60
N PRO D 135 -26.38 -19.03 33.40
CA PRO D 135 -27.44 -19.39 34.34
C PRO D 135 -27.81 -20.87 34.27
N ILE D 136 -27.23 -21.60 33.33
CA ILE D 136 -27.39 -23.05 33.20
C ILE D 136 -26.02 -23.72 33.24
N THR D 137 -25.97 -25.01 33.54
CA THR D 137 -24.73 -25.79 33.47
C THR D 137 -24.17 -25.69 32.05
N VAL D 138 -22.86 -25.50 31.93
CA VAL D 138 -22.23 -25.37 30.62
C VAL D 138 -21.98 -26.76 30.04
N ASN D 139 -22.84 -27.15 29.10
CA ASN D 139 -22.76 -28.46 28.47
C ASN D 139 -23.45 -28.39 27.11
N PRO D 140 -22.88 -27.59 26.19
CA PRO D 140 -23.48 -27.38 24.86
C PRO D 140 -23.63 -28.70 24.09
N PRO D 141 -24.76 -28.87 23.38
CA PRO D 141 -25.86 -27.94 23.21
C PRO D 141 -26.99 -28.08 24.23
N PHE D 142 -26.76 -28.85 25.29
CA PHE D 142 -27.83 -29.24 26.22
C PHE D 142 -28.26 -28.16 27.21
N VAL D 143 -29.56 -28.16 27.50
CA VAL D 143 -30.12 -27.30 28.54
C VAL D 143 -30.71 -28.17 29.65
N PRO D 144 -31.08 -27.58 30.80
CA PRO D 144 -31.62 -28.39 31.88
C PRO D 144 -32.95 -29.04 31.51
N THR D 145 -33.18 -30.25 32.02
CA THR D 145 -34.47 -30.92 31.83
C THR D 145 -35.59 -30.12 32.51
N GLU D 146 -35.25 -29.45 33.62
CA GLU D 146 -36.15 -28.46 34.23
C GLU D 146 -36.03 -27.15 33.47
N ASN D 147 -36.92 -26.95 32.51
CA ASN D 147 -36.86 -25.85 31.57
C ASN D 147 -38.19 -25.12 31.58
N PRO D 148 -38.30 -24.05 32.40
CA PRO D 148 -39.54 -23.29 32.53
C PRO D 148 -40.17 -22.99 31.18
N THR D 149 -41.43 -23.40 31.01
CA THR D 149 -42.11 -23.32 29.73
C THR D 149 -43.36 -22.46 29.84
N GLY D 150 -43.47 -21.49 28.93
CA GLY D 150 -44.61 -20.58 28.89
C GLY D 150 -45.55 -20.88 27.75
N CYS D 151 -46.74 -21.34 28.08
CA CYS D 151 -47.76 -21.66 27.10
C CYS D 151 -48.71 -20.48 26.93
N TYR D 152 -48.60 -19.82 25.79
CA TYR D 152 -49.42 -18.66 25.47
C TYR D 152 -50.45 -19.06 24.43
N SER D 153 -51.62 -18.44 24.48
CA SER D 153 -52.65 -18.72 23.50
C SER D 153 -53.55 -17.52 23.26
N LEU D 154 -54.10 -17.45 22.06
CA LEU D 154 -54.98 -16.35 21.69
C LEU D 154 -56.09 -16.82 20.75
N THR D 155 -57.32 -16.42 21.08
CA THR D 155 -58.45 -16.62 20.20
C THR D 155 -58.74 -15.30 19.51
N PHE D 156 -58.75 -15.33 18.17
CA PHE D 156 -58.85 -14.11 17.39
C PHE D 156 -59.65 -14.36 16.13
N ASN D 157 -60.21 -13.28 15.58
CA ASN D 157 -60.94 -13.32 14.33
C ASN D 157 -60.11 -12.73 13.19
N VAL D 158 -60.33 -13.26 11.99
CA VAL D 158 -59.66 -12.76 10.80
C VAL D 158 -60.71 -12.24 9.80
N ASP D 159 -60.47 -11.04 9.28
CA ASP D 159 -61.30 -10.47 8.21
C ASP D 159 -61.44 -11.44 7.05
N GLU D 160 -62.66 -11.56 6.54
CA GLU D 160 -63.00 -12.54 5.51
C GLU D 160 -62.15 -12.42 4.25
N SER D 161 -61.84 -11.19 3.86
CA SER D 161 -61.06 -10.91 2.64
C SER D 161 -59.64 -11.48 2.67
N TRP D 162 -59.08 -11.67 3.87
CA TRP D 162 -57.73 -12.24 4.06
C TRP D 162 -57.67 -13.74 3.79
N LEU D 163 -58.82 -14.40 3.78
CA LEU D 163 -58.90 -15.84 3.62
C LEU D 163 -59.02 -16.24 2.15
N GLN D 164 -59.66 -15.39 1.36
CA GLN D 164 -59.91 -15.66 -0.05
C GLN D 164 -58.71 -15.37 -0.94
N GLU D 165 -57.98 -14.30 -0.63
CA GLU D 165 -56.84 -13.88 -1.43
C GLU D 165 -55.64 -13.50 -0.56
N GLY D 166 -54.46 -13.54 -1.17
CA GLY D 166 -53.22 -13.08 -0.54
C GLY D 166 -52.57 -13.99 0.49
N GLN D 167 -51.61 -13.42 1.20
CA GLN D 167 -50.83 -14.17 2.19
C GLN D 167 -50.93 -13.51 3.56
N THR D 168 -51.26 -14.29 4.58
CA THR D 168 -51.29 -13.80 5.94
C THR D 168 -50.15 -14.43 6.74
N ARG D 169 -49.32 -13.58 7.35
CA ARG D 169 -48.23 -14.04 8.19
C ARG D 169 -48.35 -13.50 9.59
N ILE D 170 -47.82 -14.25 10.55
CA ILE D 170 -47.72 -13.77 11.92
C ILE D 170 -46.27 -13.41 12.23
N ILE D 171 -46.07 -12.26 12.87
CA ILE D 171 -44.75 -11.79 13.23
C ILE D 171 -44.62 -11.70 14.74
N PHE D 172 -43.63 -12.41 15.29
CA PHE D 172 -43.27 -12.30 16.71
C PHE D 172 -41.95 -11.52 16.76
N ASP D 173 -42.01 -10.26 17.15
CA ASP D 173 -40.85 -9.39 17.14
C ASP D 173 -39.81 -9.79 18.17
N GLY D 174 -40.22 -10.55 19.18
CA GLY D 174 -39.31 -11.00 20.22
C GLY D 174 -39.91 -12.04 21.15
N VAL D 175 -39.23 -13.19 21.20
CA VAL D 175 -39.63 -14.32 22.03
C VAL D 175 -38.36 -14.92 22.63
N ASN D 176 -38.34 -15.01 23.96
CA ASN D 176 -37.14 -15.35 24.70
C ASN D 176 -37.37 -16.67 25.43
N SER D 177 -36.63 -17.74 25.11
CA SER D 177 -35.53 -17.74 24.13
C SER D 177 -35.76 -18.56 22.85
N ALA D 178 -36.76 -19.44 22.89
CA ALA D 178 -37.13 -20.30 21.75
C ALA D 178 -38.61 -20.67 21.86
N PHE D 179 -39.24 -21.04 20.74
CA PHE D 179 -40.67 -21.36 20.74
C PHE D 179 -41.15 -22.20 19.56
N HIS D 180 -42.19 -23.00 19.82
CA HIS D 180 -42.94 -23.69 18.79
C HIS D 180 -44.28 -23.00 18.60
N LEU D 181 -44.80 -23.01 17.37
CA LEU D 181 -46.07 -22.37 17.07
C LEU D 181 -47.10 -23.34 16.48
N TRP D 182 -48.32 -23.26 17.01
CA TRP D 182 -49.46 -24.01 16.50
C TRP D 182 -50.57 -23.04 16.16
N CYS D 183 -51.30 -23.33 15.08
CA CYS D 183 -52.47 -22.55 14.70
C CYS D 183 -53.63 -23.50 14.39
N ASN D 184 -54.69 -23.38 15.18
CA ASN D 184 -55.87 -24.28 15.10
C ASN D 184 -55.50 -25.76 15.24
N GLY D 185 -54.65 -26.05 16.22
CA GLY D 185 -54.25 -27.43 16.51
C GLY D 185 -53.10 -27.98 15.68
N ARG D 186 -52.78 -27.30 14.58
CA ARG D 186 -51.73 -27.77 13.66
C ARG D 186 -50.41 -27.04 13.87
N TRP D 187 -49.31 -27.79 13.83
CA TRP D 187 -47.96 -27.23 14.01
C TRP D 187 -47.53 -26.39 12.82
N VAL D 188 -47.06 -25.17 13.10
CA VAL D 188 -46.64 -24.21 12.07
C VAL D 188 -45.12 -24.18 11.92
N GLY D 189 -44.41 -23.91 13.01
CA GLY D 189 -42.97 -23.81 12.96
C GLY D 189 -42.29 -23.56 14.30
N TYR D 190 -41.02 -23.19 14.21
CA TYR D 190 -40.14 -23.07 15.37
C TYR D 190 -39.20 -21.89 15.16
N GLY D 191 -38.84 -21.21 16.25
CA GLY D 191 -37.94 -20.05 16.15
C GLY D 191 -36.96 -19.88 17.28
N GLN D 192 -35.75 -19.43 16.95
CA GLN D 192 -34.74 -19.04 17.95
C GLN D 192 -34.23 -17.61 17.71
N ASP D 193 -33.34 -17.15 18.60
CA ASP D 193 -32.84 -15.77 18.68
C ASP D 193 -33.89 -14.85 19.28
N SER D 194 -33.66 -14.48 20.53
CA SER D 194 -34.63 -13.74 21.33
C SER D 194 -34.88 -12.32 20.85
N ARG D 195 -33.97 -11.79 20.03
CA ARG D 195 -33.97 -10.34 19.79
C ARG D 195 -34.26 -9.88 18.36
N LEU D 196 -34.68 -10.83 17.51
CA LEU D 196 -35.09 -10.53 16.14
C LEU D 196 -36.45 -11.19 15.83
N PRO D 197 -37.25 -10.58 14.94
CA PRO D 197 -38.57 -11.14 14.61
C PRO D 197 -38.54 -12.52 13.95
N SER D 198 -39.42 -13.40 14.39
CA SER D 198 -39.70 -14.67 13.72
C SER D 198 -41.07 -14.57 13.06
N GLU D 199 -41.14 -14.88 11.78
CA GLU D 199 -42.36 -14.73 10.99
C GLU D 199 -42.73 -16.04 10.32
N PHE D 200 -44.03 -16.35 10.30
CA PHE D 200 -44.53 -17.62 9.78
C PHE D 200 -45.78 -17.39 8.95
N ASP D 201 -45.85 -18.09 7.81
CA ASP D 201 -47.00 -17.99 6.91
C ASP D 201 -48.17 -18.77 7.52
N LEU D 202 -49.30 -18.09 7.71
CA LEU D 202 -50.49 -18.73 8.28
C LEU D 202 -51.64 -18.95 7.29
N SER D 203 -51.40 -18.61 6.01
CA SER D 203 -52.44 -18.65 4.99
C SER D 203 -53.16 -19.99 4.94
N ALA D 204 -52.40 -21.07 5.07
CA ALA D 204 -52.95 -22.43 4.98
C ALA D 204 -53.54 -22.96 6.29
N PHE D 205 -53.46 -22.16 7.36
CA PHE D 205 -53.86 -22.61 8.70
C PHE D 205 -55.12 -21.93 9.21
N LEU D 206 -55.40 -20.74 8.70
CA LEU D 206 -56.51 -19.92 9.17
C LEU D 206 -57.86 -20.40 8.62
N ARG D 207 -58.94 -20.00 9.28
CA ARG D 207 -60.30 -20.30 8.83
C ARG D 207 -61.24 -19.15 9.14
N ALA D 208 -62.43 -19.18 8.53
CA ALA D 208 -63.48 -18.22 8.84
C ALA D 208 -63.92 -18.38 10.31
N GLY D 209 -64.14 -17.25 10.98
CA GLY D 209 -64.56 -17.26 12.37
C GLY D 209 -63.42 -17.15 13.37
N GLU D 210 -63.53 -17.94 14.46
CA GLU D 210 -62.53 -17.93 15.52
C GLU D 210 -61.35 -18.83 15.20
N ASN D 211 -60.15 -18.32 15.47
CA ASN D 211 -58.91 -19.10 15.33
C ASN D 211 -58.18 -19.09 16.66
N ARG D 212 -57.38 -20.12 16.90
CA ARG D 212 -56.58 -20.18 18.13
C ARG D 212 -55.10 -20.43 17.88
N LEU D 213 -54.27 -19.47 18.33
CA LEU D 213 -52.83 -19.61 18.34
C LEU D 213 -52.39 -20.27 19.63
N ALA D 214 -51.44 -21.19 19.52
CA ALA D 214 -50.80 -21.75 20.71
C ALA D 214 -49.29 -21.62 20.53
N VAL D 215 -48.63 -21.01 21.52
CA VAL D 215 -47.19 -20.75 21.46
C VAL D 215 -46.51 -21.30 22.70
N MET D 216 -45.64 -22.28 22.51
CA MET D 216 -44.88 -22.85 23.61
C MET D 216 -43.49 -22.23 23.68
N VAL D 217 -43.28 -21.36 24.66
CA VAL D 217 -42.01 -20.67 24.81
C VAL D 217 -41.11 -21.36 25.83
N LEU D 218 -39.88 -21.68 25.42
CA LEU D 218 -38.88 -22.29 26.31
C LEU D 218 -37.93 -21.25 26.86
N ARG D 219 -37.70 -21.29 28.18
CA ARG D 219 -36.76 -20.35 28.78
C ARG D 219 -35.33 -20.61 28.29
N TRP D 220 -34.94 -21.88 28.25
CA TRP D 220 -33.58 -22.28 27.88
C TRP D 220 -33.56 -23.06 26.57
N SER D 221 -32.61 -22.70 25.70
CA SER D 221 -32.42 -23.39 24.44
C SER D 221 -30.95 -23.39 24.09
N ASP D 222 -30.59 -24.02 22.97
CA ASP D 222 -29.20 -23.97 22.53
C ASP D 222 -28.84 -22.51 22.18
N GLY D 223 -29.86 -21.71 21.90
CA GLY D 223 -29.72 -20.27 21.70
C GLY D 223 -29.22 -19.51 22.92
N SER D 224 -29.49 -20.06 24.11
CA SER D 224 -29.06 -19.44 25.35
C SER D 224 -27.53 -19.35 25.48
N TYR D 225 -26.81 -20.24 24.79
CA TYR D 225 -25.36 -20.23 24.82
C TYR D 225 -24.79 -18.99 24.11
N LEU D 226 -25.59 -18.40 23.23
CA LEU D 226 -25.20 -17.15 22.55
C LEU D 226 -25.87 -15.93 23.16
N GLU D 227 -26.48 -16.10 24.33
CA GLU D 227 -27.24 -15.02 24.97
C GLU D 227 -26.83 -14.79 26.43
N ASP D 228 -25.52 -14.69 26.65
CA ASP D 228 -24.94 -14.54 27.99
C ASP D 228 -24.60 -13.09 28.35
N GLN D 229 -25.39 -12.15 27.84
CA GLN D 229 -25.25 -10.74 28.21
C GLN D 229 -25.36 -10.56 29.73
N ASP D 230 -24.58 -9.62 30.24
CA ASP D 230 -24.62 -9.24 31.65
C ASP D 230 -25.88 -8.43 31.94
N MET D 231 -26.97 -9.15 32.19
CA MET D 231 -28.28 -8.56 32.43
C MET D 231 -29.18 -9.60 33.10
N TRP D 232 -30.37 -9.18 33.51
CA TRP D 232 -31.37 -10.11 34.03
C TRP D 232 -31.74 -11.13 32.96
N ARG D 233 -31.86 -12.39 33.39
CA ARG D 233 -32.27 -13.45 32.50
C ARG D 233 -33.75 -13.70 32.71
N MET D 234 -34.53 -13.35 31.70
CA MET D 234 -35.99 -13.46 31.70
C MET D 234 -36.42 -14.28 30.49
N SER D 235 -37.73 -14.42 30.29
CA SER D 235 -38.26 -15.15 29.14
C SER D 235 -39.68 -14.74 28.85
N GLY D 236 -40.18 -15.17 27.70
CA GLY D 236 -41.55 -14.90 27.28
C GLY D 236 -41.71 -14.19 25.95
N ILE D 237 -42.95 -13.88 25.60
CA ILE D 237 -43.25 -13.11 24.40
C ILE D 237 -43.19 -11.64 24.78
N PHE D 238 -41.99 -11.06 24.66
CA PHE D 238 -41.71 -9.74 25.25
C PHE D 238 -41.70 -8.56 24.26
N ARG D 239 -41.88 -8.82 22.97
CA ARG D 239 -42.07 -7.76 21.98
C ARG D 239 -43.35 -7.98 21.19
N ASP D 240 -43.75 -7.00 20.39
CA ASP D 240 -45.00 -7.02 19.63
C ASP D 240 -45.28 -8.36 18.93
N VAL D 241 -46.58 -8.65 18.77
CA VAL D 241 -47.06 -9.74 17.95
C VAL D 241 -48.03 -9.12 16.98
N SER D 242 -47.88 -9.42 15.70
CA SER D 242 -48.74 -8.82 14.70
C SER D 242 -49.07 -9.77 13.54
N LEU D 243 -50.09 -9.40 12.78
CA LEU D 243 -50.47 -10.11 11.57
C LEU D 243 -50.28 -9.18 10.39
N LEU D 244 -49.67 -9.69 9.33
CA LEU D 244 -49.42 -8.89 8.15
C LEU D 244 -49.97 -9.60 6.92
N HIS D 245 -50.81 -8.88 6.18
CA HIS D 245 -51.42 -9.43 4.97
C HIS D 245 -50.87 -8.77 3.70
N LYS D 246 -50.14 -9.55 2.92
CA LYS D 246 -49.55 -9.08 1.67
C LYS D 246 -50.29 -9.76 0.52
N PRO D 247 -50.22 -9.19 -0.70
CA PRO D 247 -50.67 -9.94 -1.88
C PRO D 247 -49.70 -11.08 -2.18
N THR D 248 -50.10 -11.98 -3.09
CA THR D 248 -49.26 -13.11 -3.48
C THR D 248 -48.08 -12.60 -4.31
N THR D 249 -48.39 -11.63 -5.17
CA THR D 249 -47.39 -10.89 -5.91
C THR D 249 -47.03 -9.70 -5.03
N GLN D 250 -45.82 -9.71 -4.48
CA GLN D 250 -45.47 -8.83 -3.37
C GLN D 250 -44.03 -8.36 -3.38
N ILE D 251 -43.78 -7.17 -2.81
CA ILE D 251 -42.44 -6.71 -2.48
C ILE D 251 -41.94 -7.56 -1.33
N SER D 252 -40.87 -8.30 -1.57
CA SER D 252 -40.31 -9.22 -0.58
C SER D 252 -39.05 -8.68 0.11
N ASP D 253 -38.46 -7.65 -0.48
CA ASP D 253 -37.28 -7.00 0.11
C ASP D 253 -37.01 -5.71 -0.65
N PHE D 254 -36.40 -4.75 0.02
CA PHE D 254 -35.86 -3.57 -0.66
C PHE D 254 -34.72 -2.96 0.14
N HIS D 255 -33.67 -2.54 -0.58
CA HIS D 255 -32.48 -1.93 0.02
C HIS D 255 -32.31 -0.52 -0.52
N VAL D 256 -32.08 0.43 0.38
CA VAL D 256 -31.81 1.80 -0.03
C VAL D 256 -30.36 2.14 0.24
N ALA D 257 -29.71 2.72 -0.77
CA ALA D 257 -28.36 3.27 -0.65
C ALA D 257 -28.30 4.70 -1.18
N THR D 258 -27.44 5.51 -0.59
CA THR D 258 -27.17 6.86 -1.05
C THR D 258 -25.67 7.07 -1.31
N ARG D 259 -25.32 7.43 -2.55
CA ARG D 259 -23.94 7.79 -2.90
C ARG D 259 -23.83 9.26 -3.23
N PHE D 260 -22.62 9.82 -3.06
CA PHE D 260 -22.40 11.26 -3.15
C PHE D 260 -21.18 11.61 -3.98
N ASN D 261 -21.19 12.82 -4.56
CA ASN D 261 -19.97 13.41 -5.09
C ASN D 261 -19.09 14.04 -3.98
N ASP D 262 -17.93 14.56 -4.37
CA ASP D 262 -16.89 14.99 -3.41
C ASP D 262 -17.34 16.01 -2.36
N ASP D 263 -18.17 16.98 -2.77
CA ASP D 263 -18.65 18.00 -1.84
C ASP D 263 -20.12 17.85 -1.43
N PHE D 264 -20.68 16.66 -1.65
CA PHE D 264 -22.04 16.33 -1.19
C PHE D 264 -23.13 17.22 -1.77
N SER D 265 -22.87 17.78 -2.96
CA SER D 265 -23.83 18.65 -3.63
C SER D 265 -24.71 17.86 -4.59
N ARG D 266 -24.31 16.63 -4.87
CA ARG D 266 -25.09 15.72 -5.69
C ARG D 266 -25.14 14.34 -5.04
N ALA D 267 -26.29 13.70 -5.13
CA ALA D 267 -26.45 12.35 -4.61
C ALA D 267 -27.19 11.46 -5.58
N VAL D 268 -26.92 10.16 -5.50
CA VAL D 268 -27.70 9.16 -6.19
C VAL D 268 -28.31 8.24 -5.14
N LEU D 269 -29.64 8.18 -5.12
CA LEU D 269 -30.34 7.18 -4.33
C LEU D 269 -30.54 5.96 -5.21
N GLU D 270 -30.02 4.83 -4.74
CA GLU D 270 -30.14 3.57 -5.43
C GLU D 270 -30.98 2.61 -4.59
N ALA D 271 -32.09 2.16 -5.15
CA ALA D 271 -33.02 1.27 -4.45
C ALA D 271 -33.16 -0.05 -5.19
N GLU D 272 -32.75 -1.14 -4.55
CA GLU D 272 -32.95 -2.46 -5.12
C GLU D 272 -34.22 -3.04 -4.51
N VAL D 273 -35.12 -3.50 -5.37
CA VAL D 273 -36.40 -4.06 -4.96
C VAL D 273 -36.54 -5.50 -5.46
N GLN D 274 -36.91 -6.40 -4.54
CA GLN D 274 -37.10 -7.80 -4.88
C GLN D 274 -38.57 -8.18 -4.71
N MET D 275 -39.05 -9.04 -5.59
CA MET D 275 -40.44 -9.47 -5.51
C MET D 275 -40.56 -10.99 -5.35
N CYS D 276 -41.70 -11.42 -4.81
CA CYS D 276 -42.12 -12.82 -4.85
C CYS D 276 -43.45 -12.87 -5.57
N GLY D 277 -43.79 -14.04 -6.11
CA GLY D 277 -45.05 -14.22 -6.85
C GLY D 277 -44.82 -14.50 -8.31
N GLU D 278 -45.88 -14.36 -9.09
CA GLU D 278 -45.81 -14.65 -10.52
C GLU D 278 -45.33 -13.44 -11.29
N LEU D 279 -44.25 -13.61 -12.06
CA LEU D 279 -43.71 -12.53 -12.89
C LEU D 279 -44.54 -12.32 -14.15
N ARG D 280 -44.87 -11.06 -14.41
CA ARG D 280 -45.64 -10.70 -15.58
C ARG D 280 -45.07 -9.43 -16.18
N ASP D 281 -45.15 -9.31 -17.51
CA ASP D 281 -44.53 -8.22 -18.25
C ASP D 281 -45.07 -6.83 -17.88
N TYR D 282 -46.30 -6.77 -17.40
CA TYR D 282 -46.93 -5.49 -17.08
C TYR D 282 -46.49 -4.96 -15.69
N LEU D 283 -45.81 -5.79 -14.91
CA LEU D 283 -45.36 -5.38 -13.58
C LEU D 283 -44.31 -4.27 -13.67
N ARG D 284 -44.37 -3.36 -12.71
CA ARG D 284 -43.46 -2.23 -12.61
C ARG D 284 -43.18 -1.95 -11.13
N VAL D 285 -42.04 -1.31 -10.87
CA VAL D 285 -41.76 -0.72 -9.57
C VAL D 285 -41.49 0.76 -9.79
N THR D 286 -42.08 1.59 -8.93
CA THR D 286 -41.78 3.01 -8.88
C THR D 286 -41.24 3.31 -7.48
N VAL D 287 -40.09 3.98 -7.43
CA VAL D 287 -39.58 4.49 -6.18
C VAL D 287 -39.63 6.01 -6.25
N SER D 288 -40.36 6.60 -5.30
CA SER D 288 -40.54 8.04 -5.20
C SER D 288 -39.88 8.53 -3.95
N LEU D 289 -39.23 9.69 -4.04
CA LEU D 289 -38.58 10.31 -2.91
C LEU D 289 -39.27 11.64 -2.59
N TRP D 290 -39.63 11.80 -1.32
CA TRP D 290 -40.43 12.93 -0.88
C TRP D 290 -39.73 13.74 0.22
N GLN D 291 -39.92 15.05 0.18
CA GLN D 291 -39.60 15.94 1.30
C GLN D 291 -40.90 16.64 1.66
N GLY D 292 -41.53 16.19 2.75
CA GLY D 292 -42.86 16.66 3.10
C GLY D 292 -43.85 16.24 2.03
N GLU D 293 -44.58 17.21 1.47
CA GLU D 293 -45.55 16.93 0.41
C GLU D 293 -44.96 17.17 -0.98
N THR D 294 -43.66 17.44 -1.05
CA THR D 294 -42.97 17.63 -2.32
C THR D 294 -42.27 16.36 -2.76
N GLN D 295 -42.60 15.90 -3.97
CA GLN D 295 -41.85 14.81 -4.59
C GLN D 295 -40.62 15.42 -5.24
N VAL D 296 -39.45 14.91 -4.87
CA VAL D 296 -38.19 15.45 -5.41
C VAL D 296 -37.63 14.63 -6.55
N ALA D 297 -37.90 13.32 -6.55
CA ALA D 297 -37.35 12.41 -7.54
C ALA D 297 -38.24 11.20 -7.66
N SER D 298 -38.17 10.55 -8.82
CA SER D 298 -38.94 9.35 -9.10
C SER D 298 -38.26 8.51 -10.15
N GLY D 299 -38.40 7.20 -10.02
CA GLY D 299 -37.89 6.25 -11.00
C GLY D 299 -38.85 5.09 -11.16
N THR D 300 -39.03 4.66 -12.40
CA THR D 300 -39.92 3.56 -12.73
C THR D 300 -39.24 2.62 -13.72
N ALA D 301 -39.37 1.33 -13.46
CA ALA D 301 -38.79 0.30 -14.30
C ALA D 301 -39.60 -0.99 -14.20
N PRO D 302 -39.56 -1.82 -15.26
CA PRO D 302 -40.07 -3.17 -15.15
C PRO D 302 -39.06 -4.04 -14.40
N PHE D 303 -39.50 -5.21 -13.95
CA PHE D 303 -38.58 -6.16 -13.33
C PHE D 303 -37.60 -6.72 -14.35
N GLY D 304 -36.44 -7.14 -13.84
CA GLY D 304 -35.36 -7.64 -14.67
C GLY D 304 -34.12 -6.85 -14.38
N GLY D 305 -33.26 -7.41 -13.53
CA GLY D 305 -32.00 -6.77 -13.17
C GLY D 305 -30.97 -6.99 -14.26
N GLU D 306 -29.87 -6.27 -14.16
CA GLU D 306 -28.73 -6.43 -15.08
C GLU D 306 -28.19 -7.86 -15.04
N ILE D 307 -27.57 -8.28 -16.13
CA ILE D 307 -26.84 -9.55 -16.20
C ILE D 307 -25.74 -9.55 -15.13
N ILE D 308 -25.64 -10.64 -14.36
CA ILE D 308 -24.58 -10.73 -13.34
C ILE D 308 -23.62 -11.91 -13.53
N ASP D 309 -24.07 -12.99 -14.15
CA ASP D 309 -23.17 -14.10 -14.48
C ASP D 309 -23.53 -14.77 -15.80
N GLU D 310 -22.96 -15.95 -16.04
CA GLU D 310 -23.17 -16.69 -17.27
C GLU D 310 -24.63 -17.12 -17.47
N ARG D 311 -25.39 -17.19 -16.37
CA ARG D 311 -26.79 -17.65 -16.41
C ARG D 311 -27.80 -16.52 -16.41
N GLY D 312 -27.31 -15.28 -16.49
CA GLY D 312 -28.18 -14.11 -16.59
C GLY D 312 -28.20 -13.22 -15.36
N GLY D 313 -29.39 -12.71 -15.03
CA GLY D 313 -29.59 -11.81 -13.90
C GLY D 313 -30.82 -12.21 -13.13
N TYR D 314 -31.29 -11.32 -12.24
CA TYR D 314 -32.48 -11.58 -11.45
C TYR D 314 -33.71 -11.02 -12.15
N ALA D 315 -34.55 -11.93 -12.65
CA ALA D 315 -35.80 -11.53 -13.30
C ALA D 315 -36.79 -10.98 -12.28
N ASP D 316 -36.60 -11.37 -11.01
CA ASP D 316 -37.46 -10.95 -9.90
C ASP D 316 -36.93 -9.76 -9.11
N ARG D 317 -35.95 -9.04 -9.67
CA ARG D 317 -35.43 -7.84 -9.02
C ARG D 317 -35.31 -6.70 -10.00
N VAL D 318 -35.30 -5.49 -9.47
CA VAL D 318 -35.09 -4.29 -10.25
C VAL D 318 -34.36 -3.29 -9.35
N THR D 319 -33.53 -2.44 -9.95
CA THR D 319 -32.82 -1.41 -9.22
C THR D 319 -33.14 -0.07 -9.84
N LEU D 320 -33.67 0.84 -9.03
CA LEU D 320 -34.01 2.19 -9.50
C LEU D 320 -32.94 3.16 -9.01
N ARG D 321 -32.58 4.11 -9.87
CA ARG D 321 -31.63 5.16 -9.49
C ARG D 321 -32.25 6.54 -9.62
N LEU D 322 -32.29 7.26 -8.51
CA LEU D 322 -32.81 8.64 -8.49
C LEU D 322 -31.69 9.65 -8.24
N ASN D 323 -31.66 10.70 -9.05
CA ASN D 323 -30.72 11.81 -8.86
C ASN D 323 -31.31 12.85 -7.92
N VAL D 324 -30.52 13.26 -6.93
CA VAL D 324 -30.92 14.30 -5.99
C VAL D 324 -29.85 15.40 -5.96
N GLU D 325 -30.20 16.59 -6.43
CA GLU D 325 -29.31 17.75 -6.35
C GLU D 325 -29.41 18.39 -4.96
N ASN D 326 -28.25 18.76 -4.42
CA ASN D 326 -28.17 19.42 -3.11
C ASN D 326 -29.02 18.76 -2.03
N PRO D 327 -28.78 17.46 -1.77
CA PRO D 327 -29.58 16.77 -0.77
C PRO D 327 -29.39 17.38 0.63
N LYS D 328 -30.47 17.43 1.40
CA LYS D 328 -30.39 17.76 2.81
C LYS D 328 -29.81 16.54 3.52
N LEU D 329 -28.69 16.75 4.20
CA LEU D 329 -27.92 15.66 4.78
C LEU D 329 -28.39 15.30 6.18
N TRP D 330 -28.40 14.01 6.48
CA TRP D 330 -28.78 13.52 7.79
C TRP D 330 -27.58 13.42 8.74
N SER D 331 -27.78 13.88 9.98
CA SER D 331 -26.81 13.67 11.07
C SER D 331 -27.54 13.77 12.40
N ALA D 332 -26.84 13.48 13.50
CA ALA D 332 -27.41 13.64 14.83
C ALA D 332 -27.65 15.12 15.15
N GLU D 333 -26.89 16.00 14.52
CA GLU D 333 -27.07 17.44 14.70
C GLU D 333 -28.35 17.96 14.01
N ILE D 334 -28.54 17.57 12.75
CA ILE D 334 -29.77 17.87 12.01
C ILE D 334 -30.25 16.60 11.32
N PRO D 335 -31.26 15.92 11.91
CA PRO D 335 -31.71 14.66 11.34
C PRO D 335 -32.67 14.83 10.14
N ASN D 336 -32.18 15.48 9.08
CA ASN D 336 -32.94 15.64 7.84
C ASN D 336 -33.33 14.29 7.27
N LEU D 337 -34.63 14.12 7.03
CA LEU D 337 -35.14 12.88 6.48
C LEU D 337 -35.97 13.10 5.24
N TYR D 338 -35.89 12.13 4.34
CA TYR D 338 -36.76 12.07 3.19
C TYR D 338 -37.63 10.83 3.38
N ARG D 339 -38.73 10.76 2.63
CA ARG D 339 -39.57 9.59 2.61
C ARG D 339 -39.45 8.93 1.24
N ALA D 340 -39.11 7.65 1.24
CA ALA D 340 -39.11 6.87 0.02
C ALA D 340 -40.33 5.97 0.01
N VAL D 341 -41.09 6.00 -1.08
CA VAL D 341 -42.24 5.11 -1.25
C VAL D 341 -41.92 4.14 -2.37
N VAL D 342 -42.04 2.85 -2.08
CA VAL D 342 -41.79 1.80 -3.06
C VAL D 342 -43.13 1.21 -3.49
N GLU D 343 -43.49 1.41 -4.76
CA GLU D 343 -44.75 0.91 -5.31
C GLU D 343 -44.54 -0.24 -6.29
N LEU D 344 -45.09 -1.40 -5.92
CA LEU D 344 -45.28 -2.48 -6.87
C LEU D 344 -46.63 -2.22 -7.56
N HIS D 345 -46.59 -1.99 -8.87
CA HIS D 345 -47.77 -1.63 -9.64
C HIS D 345 -47.73 -2.17 -11.08
N THR D 346 -48.66 -1.71 -11.93
CA THR D 346 -48.73 -2.15 -13.31
C THR D 346 -48.42 -0.99 -14.26
N ALA D 347 -48.08 -1.34 -15.51
CA ALA D 347 -47.72 -0.35 -16.53
C ALA D 347 -48.82 0.69 -16.79
N ASP D 348 -50.07 0.27 -16.70
CA ASP D 348 -51.21 1.16 -16.91
C ASP D 348 -51.65 1.89 -15.63
N GLY D 349 -50.90 1.68 -14.55
CA GLY D 349 -51.04 2.51 -13.35
C GLY D 349 -52.03 1.99 -12.33
N THR D 350 -51.89 0.72 -11.96
CA THR D 350 -52.69 0.13 -10.91
C THR D 350 -51.77 -0.36 -9.81
N LEU D 351 -51.98 0.14 -8.59
CA LEU D 351 -51.20 -0.26 -7.43
C LEU D 351 -51.54 -1.68 -6.97
N ILE D 352 -50.50 -2.48 -6.71
CA ILE D 352 -50.66 -3.80 -6.08
C ILE D 352 -50.32 -3.69 -4.59
N GLU D 353 -49.16 -3.11 -4.27
CA GLU D 353 -48.83 -2.74 -2.89
C GLU D 353 -47.74 -1.68 -2.81
N ALA D 354 -47.66 -1.01 -1.66
CA ALA D 354 -46.67 0.02 -1.41
C ALA D 354 -45.97 -0.25 -0.09
N GLU D 355 -44.66 -0.10 -0.08
CA GLU D 355 -43.90 -0.12 1.16
C GLU D 355 -43.15 1.20 1.22
N ALA D 356 -42.53 1.49 2.35
CA ALA D 356 -41.90 2.80 2.53
C ALA D 356 -40.89 2.77 3.67
N CYS D 357 -39.99 3.75 3.66
CA CYS D 357 -39.05 3.95 4.76
C CYS D 357 -38.58 5.40 4.80
N ASP D 358 -38.10 5.82 5.96
CA ASP D 358 -37.42 7.11 6.07
C ASP D 358 -36.01 6.94 5.51
N VAL D 359 -35.54 7.96 4.79
CA VAL D 359 -34.22 7.94 4.17
C VAL D 359 -33.43 9.13 4.70
N GLY D 360 -32.27 8.85 5.27
CA GLY D 360 -31.35 9.92 5.64
C GLY D 360 -30.16 9.92 4.70
N PHE D 361 -29.94 11.04 4.01
CA PHE D 361 -28.76 11.17 3.16
C PHE D 361 -27.49 11.41 3.96
N ARG D 362 -26.71 10.35 4.14
CA ARG D 362 -25.44 10.46 4.83
C ARG D 362 -24.47 9.39 4.37
N GLU D 363 -23.19 9.76 4.35
CA GLU D 363 -22.12 8.82 4.01
C GLU D 363 -21.30 8.55 5.25
N VAL D 364 -21.04 7.26 5.50
CA VAL D 364 -20.17 6.85 6.59
C VAL D 364 -18.98 6.13 5.97
N ARG D 365 -17.77 6.65 6.21
CA ARG D 365 -16.55 5.99 5.76
C ARG D 365 -15.35 6.22 6.68
N ILE D 366 -14.41 5.29 6.62
CA ILE D 366 -13.16 5.46 7.33
C ILE D 366 -12.12 5.82 6.28
N GLU D 367 -11.50 6.99 6.43
CA GLU D 367 -10.45 7.43 5.53
C GLU D 367 -9.26 7.99 6.28
N ASN D 368 -8.08 7.47 5.96
CA ASN D 368 -6.83 7.91 6.56
C ASN D 368 -6.84 7.76 8.09
N GLY D 369 -7.51 6.72 8.56
CA GLY D 369 -7.60 6.45 10.00
C GLY D 369 -8.70 7.18 10.74
N LEU D 370 -9.52 7.95 10.01
CA LEU D 370 -10.62 8.68 10.64
C LEU D 370 -11.99 8.20 10.20
N LEU D 371 -12.91 8.10 11.15
CA LEU D 371 -14.31 7.82 10.87
C LEU D 371 -15.03 9.12 10.50
N LEU D 372 -15.49 9.19 9.26
CA LEU D 372 -16.12 10.40 8.74
C LEU D 372 -17.60 10.17 8.52
N LEU D 373 -18.39 11.17 8.93
CA LEU D 373 -19.79 11.24 8.53
C LEU D 373 -19.91 12.47 7.66
N ASN D 374 -20.41 12.27 6.45
CA ASN D 374 -20.53 13.35 5.47
C ASN D 374 -19.21 14.13 5.27
N GLY D 375 -18.11 13.39 5.32
CA GLY D 375 -16.76 13.96 5.09
C GLY D 375 -16.11 14.62 6.30
N LYS D 376 -16.80 14.60 7.45
CA LYS D 376 -16.27 15.24 8.65
C LYS D 376 -15.99 14.20 9.73
N PRO D 377 -14.91 14.39 10.51
CA PRO D 377 -14.57 13.42 11.56
C PRO D 377 -15.50 13.51 12.75
N LEU D 378 -16.13 12.40 13.10
CA LEU D 378 -17.07 12.34 14.20
C LEU D 378 -16.38 12.35 15.56
N LEU D 379 -17.01 13.00 16.53
CA LEU D 379 -16.64 12.81 17.92
C LEU D 379 -17.85 12.17 18.62
N ILE D 380 -17.70 10.88 18.93
CA ILE D 380 -18.78 10.07 19.48
C ILE D 380 -18.99 10.35 20.97
N ARG D 381 -20.11 11.02 21.28
CA ARG D 381 -20.56 11.25 22.63
C ARG D 381 -21.62 10.18 22.92
N GLY D 382 -21.16 8.95 23.12
CA GLY D 382 -22.06 7.82 23.18
C GLY D 382 -22.36 7.24 24.54
N VAL D 383 -23.36 6.37 24.57
CA VAL D 383 -23.69 5.59 25.74
C VAL D 383 -24.24 4.24 25.31
N ASN D 384 -23.95 3.21 26.10
CA ASN D 384 -24.54 1.90 25.95
C ASN D 384 -25.91 1.88 26.62
N ARG D 385 -26.92 1.34 25.93
CA ARG D 385 -28.27 1.31 26.47
C ARG D 385 -28.92 -0.06 26.32
N HIS D 386 -29.15 -0.71 27.45
CA HIS D 386 -29.96 -1.91 27.52
C HIS D 386 -31.44 -1.59 27.46
N GLU D 387 -32.24 -2.59 27.08
CA GLU D 387 -33.69 -2.44 27.13
C GLU D 387 -34.18 -2.91 28.49
N HIS D 388 -34.41 -1.94 29.37
CA HIS D 388 -34.76 -2.22 30.75
C HIS D 388 -35.83 -1.28 31.28
N HIS D 389 -36.85 -1.88 31.89
CA HIS D 389 -37.89 -1.16 32.59
C HIS D 389 -38.04 -1.78 33.98
N PRO D 390 -38.11 -0.94 35.03
CA PRO D 390 -38.11 -1.50 36.40
C PRO D 390 -39.36 -2.32 36.73
N LEU D 391 -40.46 -2.03 36.03
CA LEU D 391 -41.73 -2.73 36.25
C LEU D 391 -41.99 -3.80 35.19
N HIS D 392 -41.70 -3.47 33.93
CA HIS D 392 -42.00 -4.35 32.80
C HIS D 392 -40.84 -5.25 32.38
N GLY D 393 -39.69 -5.10 33.03
CA GLY D 393 -38.50 -5.89 32.71
C GLY D 393 -37.87 -5.49 31.39
N GLN D 394 -37.94 -6.39 30.41
CA GLN D 394 -37.28 -6.17 29.13
C GLN D 394 -38.27 -5.84 28.01
N VAL D 395 -39.51 -5.57 28.39
CA VAL D 395 -40.52 -5.02 27.49
C VAL D 395 -40.28 -3.51 27.34
N MET D 396 -40.25 -3.04 26.10
CA MET D 396 -40.05 -1.61 25.82
C MET D 396 -41.31 -0.99 25.26
N ASP D 397 -41.54 0.27 25.61
CA ASP D 397 -42.68 1.04 25.11
C ASP D 397 -42.18 2.37 24.55
N GLU D 398 -42.98 2.99 23.69
CA GLU D 398 -42.63 4.25 23.05
C GLU D 398 -42.28 5.34 24.06
N GLN D 399 -43.09 5.44 25.11
CA GLN D 399 -42.95 6.48 26.12
C GLN D 399 -41.56 6.45 26.77
N THR D 400 -41.12 5.26 27.16
CA THR D 400 -39.80 5.06 27.77
C THR D 400 -38.66 5.33 26.78
N MET D 401 -38.83 4.87 25.54
CA MET D 401 -37.88 5.13 24.46
C MET D 401 -37.69 6.63 24.24
N VAL D 402 -38.79 7.36 24.06
CA VAL D 402 -38.76 8.80 23.85
C VAL D 402 -38.12 9.51 25.05
N GLN D 403 -38.51 9.09 26.26
CA GLN D 403 -37.92 9.62 27.49
C GLN D 403 -36.38 9.45 27.49
N ASP D 404 -35.91 8.24 27.19
CA ASP D 404 -34.48 7.94 27.12
C ASP D 404 -33.75 8.84 26.12
N ILE D 405 -34.32 8.99 24.91
CA ILE D 405 -33.73 9.82 23.86
C ILE D 405 -33.66 11.30 24.24
N LEU D 406 -34.72 11.83 24.84
CA LEU D 406 -34.74 13.23 25.29
C LEU D 406 -33.66 13.50 26.35
N LEU D 407 -33.57 12.61 27.33
CA LEU D 407 -32.54 12.70 28.38
C LEU D 407 -31.12 12.57 27.82
N MET D 408 -30.90 11.61 26.94
CA MET D 408 -29.62 11.45 26.25
C MET D 408 -29.22 12.75 25.54
N LYS D 409 -30.12 13.28 24.71
CA LYS D 409 -29.84 14.49 23.94
C LYS D 409 -29.68 15.75 24.81
N GLN D 410 -30.52 15.89 25.83
CA GLN D 410 -30.40 17.00 26.79
C GLN D 410 -29.09 16.96 27.56
N ASN D 411 -28.48 15.77 27.61
CA ASN D 411 -27.21 15.62 28.30
C ASN D 411 -26.02 15.45 27.35
N ASN D 412 -26.19 15.98 26.13
CA ASN D 412 -25.11 16.09 25.15
C ASN D 412 -24.56 14.76 24.61
N PHE D 413 -25.38 13.71 24.67
CA PHE D 413 -25.09 12.48 23.96
C PHE D 413 -25.60 12.59 22.53
N ASN D 414 -24.84 12.02 21.59
CA ASN D 414 -25.22 11.99 20.18
C ASN D 414 -25.24 10.57 19.57
N ALA D 415 -24.93 9.57 20.39
CA ALA D 415 -24.79 8.19 19.93
C ALA D 415 -25.20 7.16 20.98
N VAL D 416 -25.66 6.02 20.49
CA VAL D 416 -26.11 4.93 21.35
C VAL D 416 -25.63 3.58 20.77
N ARG D 417 -25.12 2.72 21.65
CA ARG D 417 -24.80 1.34 21.28
C ARG D 417 -25.89 0.41 21.81
N CYS D 418 -26.46 -0.39 20.90
CA CYS D 418 -27.46 -1.39 21.25
C CYS D 418 -26.83 -2.58 21.97
N SER D 419 -26.43 -2.38 23.22
CA SER D 419 -25.80 -3.45 23.99
C SER D 419 -26.85 -4.41 24.54
N HIS D 420 -26.76 -5.71 24.22
CA HIS D 420 -25.89 -6.27 23.20
C HIS D 420 -26.74 -7.16 22.28
N TYR D 421 -27.66 -6.53 21.55
CA TYR D 421 -28.67 -7.24 20.74
C TYR D 421 -29.40 -6.23 19.89
N PRO D 422 -30.03 -6.68 18.78
CA PRO D 422 -30.88 -5.75 18.04
C PRO D 422 -32.06 -5.30 18.89
N ASN D 423 -32.41 -4.03 18.78
CA ASN D 423 -33.47 -3.45 19.59
C ASN D 423 -34.85 -3.64 19.00
N HIS D 424 -35.86 -3.31 19.81
CA HIS D 424 -37.23 -3.12 19.35
C HIS D 424 -37.18 -2.20 18.13
N PRO D 425 -37.87 -2.58 17.03
CA PRO D 425 -37.80 -1.85 15.77
C PRO D 425 -38.05 -0.34 15.88
N LEU D 426 -38.90 0.07 16.82
CA LEU D 426 -39.25 1.48 17.00
C LEU D 426 -38.04 2.34 17.38
N TRP D 427 -37.10 1.75 18.12
CA TRP D 427 -35.90 2.47 18.57
C TRP D 427 -35.15 3.13 17.41
N TYR D 428 -34.98 2.38 16.33
CA TYR D 428 -34.28 2.87 15.15
C TYR D 428 -35.06 3.98 14.44
N THR D 429 -36.39 3.86 14.46
CA THR D 429 -37.26 4.88 13.90
C THR D 429 -37.06 6.22 14.64
N LEU D 430 -37.10 6.15 15.97
CA LEU D 430 -36.88 7.31 16.83
C LEU D 430 -35.46 7.86 16.72
N CYS D 431 -34.47 6.98 16.62
CA CYS D 431 -33.09 7.45 16.42
C CYS D 431 -32.94 8.15 15.06
N ASP D 432 -33.64 7.65 14.04
CA ASP D 432 -33.69 8.30 12.72
C ASP D 432 -34.23 9.71 12.82
N ARG D 433 -35.35 9.84 13.55
CA ARG D 433 -36.13 11.09 13.61
C ARG D 433 -35.62 12.14 14.61
N TYR D 434 -35.12 11.69 15.76
CA TYR D 434 -34.56 12.62 16.74
C TYR D 434 -33.11 12.93 16.44
N GLY D 435 -32.40 11.98 15.84
CA GLY D 435 -31.00 12.16 15.49
C GLY D 435 -30.06 11.62 16.54
N LEU D 436 -29.82 10.30 16.50
CA LEU D 436 -28.74 9.66 17.24
C LEU D 436 -28.01 8.66 16.34
N TYR D 437 -26.69 8.61 16.46
CA TYR D 437 -25.88 7.61 15.76
C TYR D 437 -26.02 6.29 16.49
N VAL D 438 -26.25 5.21 15.74
CA VAL D 438 -26.52 3.90 16.35
C VAL D 438 -25.52 2.85 15.93
N VAL D 439 -24.99 2.13 16.92
CA VAL D 439 -24.25 0.90 16.69
C VAL D 439 -25.23 -0.27 16.87
N ASP D 440 -25.52 -0.97 15.77
CA ASP D 440 -26.47 -2.07 15.80
C ASP D 440 -25.69 -3.36 15.99
N GLU D 441 -26.05 -4.12 17.02
CA GLU D 441 -25.19 -5.21 17.49
C GLU D 441 -25.89 -6.56 17.48
N ALA D 442 -25.24 -7.56 16.87
CA ALA D 442 -25.76 -8.92 16.83
C ALA D 442 -25.99 -9.51 18.21
N ASN D 443 -27.08 -10.25 18.37
CA ASN D 443 -27.37 -10.97 19.60
C ASN D 443 -26.43 -12.18 19.78
N ILE D 444 -25.14 -11.90 19.99
CA ILE D 444 -24.14 -12.96 20.26
C ILE D 444 -23.23 -12.55 21.42
N GLU D 445 -23.37 -13.24 22.55
CA GLU D 445 -22.43 -13.15 23.65
C GLU D 445 -22.22 -14.51 24.32
N THR D 446 -20.97 -14.96 24.31
CA THR D 446 -20.61 -16.26 24.85
C THR D 446 -19.59 -16.11 25.97
N HIS D 447 -19.74 -15.05 26.76
CA HIS D 447 -18.79 -14.66 27.81
C HIS D 447 -18.38 -15.80 28.74
N GLY D 448 -19.37 -16.62 29.14
CA GLY D 448 -19.16 -17.68 30.13
C GLY D 448 -18.36 -18.89 29.68
N MET D 449 -18.08 -18.97 28.37
CA MET D 449 -17.26 -20.05 27.80
C MET D 449 -15.78 -19.97 28.22
N VAL D 450 -15.13 -21.11 28.29
CA VAL D 450 -13.69 -21.16 28.62
C VAL D 450 -12.97 -21.96 27.55
N PRO D 451 -12.11 -21.30 26.74
CA PRO D 451 -11.90 -19.85 26.68
C PRO D 451 -13.10 -19.17 26.02
N MET D 452 -13.10 -17.83 25.99
CA MET D 452 -14.28 -17.07 25.52
C MET D 452 -14.66 -17.34 24.05
N ASN D 453 -13.73 -17.93 23.28
CA ASN D 453 -13.99 -18.19 21.86
C ASN D 453 -14.32 -19.65 21.53
N ARG D 454 -14.56 -20.47 22.54
CA ARG D 454 -14.79 -21.90 22.31
C ARG D 454 -15.89 -22.16 21.28
N LEU D 455 -16.96 -21.38 21.32
CA LEU D 455 -18.05 -21.54 20.37
C LEU D 455 -17.81 -20.77 19.08
N THR D 456 -17.37 -19.51 19.19
CA THR D 456 -17.18 -18.65 18.03
C THR D 456 -16.02 -19.06 17.09
N ASP D 457 -15.16 -19.97 17.54
CA ASP D 457 -14.09 -20.50 16.70
C ASP D 457 -14.43 -21.90 16.17
N ASP D 458 -15.61 -22.38 16.53
CA ASP D 458 -16.10 -23.70 16.17
C ASP D 458 -17.04 -23.58 14.97
N PRO D 459 -16.68 -24.21 13.84
CA PRO D 459 -17.48 -24.11 12.61
C PRO D 459 -18.90 -24.64 12.76
N ARG D 460 -19.11 -25.53 13.73
CA ARG D 460 -20.43 -26.10 13.96
C ARG D 460 -21.41 -25.10 14.56
N TRP D 461 -20.88 -24.01 15.10
CA TRP D 461 -21.69 -22.92 15.62
C TRP D 461 -21.81 -21.75 14.63
N LEU D 462 -21.13 -21.85 13.49
CA LEU D 462 -21.22 -20.79 12.48
C LEU D 462 -22.66 -20.53 11.99
N PRO D 463 -23.45 -21.58 11.67
CA PRO D 463 -24.83 -21.35 11.23
C PRO D 463 -25.68 -20.54 12.20
N ALA D 464 -25.73 -20.97 13.46
CA ALA D 464 -26.47 -20.25 14.50
C ALA D 464 -25.99 -18.80 14.61
N MET D 465 -24.67 -18.61 14.62
CA MET D 465 -24.07 -17.29 14.64
C MET D 465 -24.40 -16.45 13.42
N SER D 466 -24.29 -17.05 12.24
CA SER D 466 -24.53 -16.33 10.98
C SER D 466 -25.95 -15.77 10.89
N GLU D 467 -26.93 -16.46 11.45
CA GLU D 467 -28.30 -15.97 11.39
C GLU D 467 -28.52 -14.75 12.26
N ARG D 468 -27.80 -14.68 13.37
CA ARG D 468 -27.90 -13.54 14.28
C ARG D 468 -27.31 -12.27 13.67
N VAL D 469 -26.26 -12.43 12.86
CA VAL D 469 -25.68 -11.30 12.13
C VAL D 469 -26.53 -10.94 10.90
N THR D 470 -26.74 -11.90 10.02
CA THR D 470 -27.36 -11.65 8.71
C THR D 470 -28.80 -11.14 8.81
N ARG D 471 -29.58 -11.73 9.71
CA ARG D 471 -30.98 -11.32 9.87
C ARG D 471 -31.10 -9.94 10.52
N MET D 472 -30.11 -9.56 11.32
CA MET D 472 -30.03 -8.17 11.81
C MET D 472 -29.84 -7.18 10.65
N VAL D 473 -28.81 -7.43 9.83
CA VAL D 473 -28.53 -6.61 8.66
C VAL D 473 -29.75 -6.53 7.71
N GLN D 474 -30.35 -7.68 7.41
CA GLN D 474 -31.51 -7.72 6.53
C GLN D 474 -32.67 -6.86 7.08
N ARG D 475 -32.78 -6.79 8.40
CA ARG D 475 -33.85 -6.01 9.04
C ARG D 475 -33.58 -4.51 9.12
N ASP D 476 -32.34 -4.14 9.42
CA ASP D 476 -32.05 -2.76 9.84
C ASP D 476 -31.24 -1.94 8.85
N ARG D 477 -30.90 -2.51 7.70
CA ARG D 477 -29.98 -1.87 6.75
C ARG D 477 -30.46 -0.58 6.11
N ASN D 478 -31.76 -0.28 6.21
CA ASN D 478 -32.29 0.95 5.63
C ASN D 478 -32.39 2.11 6.63
N HIS D 479 -32.04 1.85 7.89
CA HIS D 479 -32.10 2.90 8.90
C HIS D 479 -30.86 3.81 8.83
N PRO D 480 -31.05 5.10 8.54
CA PRO D 480 -29.92 6.04 8.52
C PRO D 480 -29.17 6.16 9.86
N SER D 481 -29.90 5.98 10.97
CA SER D 481 -29.29 6.12 12.30
C SER D 481 -28.24 5.07 12.56
N VAL D 482 -28.42 3.87 11.99
CA VAL D 482 -27.40 2.83 12.11
C VAL D 482 -26.21 3.23 11.24
N ILE D 483 -25.06 3.47 11.89
CA ILE D 483 -23.86 3.90 11.18
C ILE D 483 -22.75 2.85 11.23
N ILE D 484 -22.83 1.97 12.23
CA ILE D 484 -21.83 0.92 12.43
C ILE D 484 -22.55 -0.39 12.78
N TRP D 485 -22.09 -1.50 12.20
CA TRP D 485 -22.53 -2.83 12.62
C TRP D 485 -21.54 -3.43 13.63
N SER D 486 -22.08 -4.12 14.63
CA SER D 486 -21.26 -4.88 15.56
C SER D 486 -21.57 -6.37 15.51
N LEU D 487 -20.51 -7.18 15.59
CA LEU D 487 -20.62 -8.63 15.50
C LEU D 487 -21.10 -9.29 16.80
N GLY D 488 -21.32 -8.47 17.83
CA GLY D 488 -21.77 -8.98 19.11
C GLY D 488 -20.89 -8.51 20.24
N ASN D 489 -20.83 -9.29 21.30
CA ASN D 489 -20.08 -8.89 22.49
C ASN D 489 -19.44 -10.07 23.20
N GLU D 490 -18.26 -9.83 23.77
CA GLU D 490 -17.61 -10.76 24.69
C GLU D 490 -17.78 -12.22 24.29
N SER D 491 -17.23 -12.55 23.13
CA SER D 491 -17.28 -13.91 22.62
C SER D 491 -15.90 -14.29 22.10
N GLY D 492 -14.87 -13.72 22.71
CA GLY D 492 -13.48 -13.90 22.26
C GLY D 492 -13.34 -13.51 20.80
N HIS D 493 -12.33 -14.06 20.13
CA HIS D 493 -12.21 -13.94 18.68
C HIS D 493 -12.06 -15.30 18.03
N GLY D 494 -13.02 -15.66 17.18
CA GLY D 494 -12.98 -16.93 16.48
C GLY D 494 -13.12 -16.75 14.99
N ALA D 495 -12.83 -17.80 14.22
CA ALA D 495 -12.90 -17.75 12.77
C ALA D 495 -14.28 -17.36 12.27
N ASN D 496 -15.33 -17.71 13.02
CA ASN D 496 -16.70 -17.36 12.64
C ASN D 496 -16.90 -15.84 12.63
N HIS D 497 -16.15 -15.13 13.47
CA HIS D 497 -16.18 -13.67 13.48
C HIS D 497 -15.61 -13.10 12.17
N ASP D 498 -14.52 -13.69 11.69
CA ASP D 498 -13.88 -13.23 10.46
C ASP D 498 -14.77 -13.48 9.24
N ALA D 499 -15.38 -14.66 9.19
CA ALA D 499 -16.32 -15.01 8.15
C ALA D 499 -17.47 -14.01 8.10
N LEU D 500 -18.06 -13.71 9.27
CA LEU D 500 -19.22 -12.82 9.33
C LEU D 500 -18.86 -11.36 9.18
N TYR D 501 -17.66 -10.99 9.63
CA TYR D 501 -17.13 -9.67 9.32
C TYR D 501 -17.15 -9.47 7.80
N ARG D 502 -16.59 -10.44 7.07
CA ARG D 502 -16.47 -10.32 5.63
C ARG D 502 -17.82 -10.31 4.96
N TRP D 503 -18.76 -11.10 5.48
CA TRP D 503 -20.10 -11.18 4.93
C TRP D 503 -20.73 -9.80 4.89
N ILE D 504 -20.68 -9.08 6.01
CA ILE D 504 -21.25 -7.74 6.10
C ILE D 504 -20.57 -6.77 5.16
N LYS D 505 -19.25 -6.80 5.12
CA LYS D 505 -18.48 -5.89 4.25
C LYS D 505 -18.86 -6.14 2.79
N SER D 506 -19.25 -7.38 2.50
CA SER D 506 -19.64 -7.77 1.15
C SER D 506 -21.07 -7.31 0.79
N VAL D 507 -22.04 -7.53 1.69
CA VAL D 507 -23.42 -7.16 1.39
C VAL D 507 -23.75 -5.68 1.65
N ASP D 508 -23.03 -5.05 2.57
CA ASP D 508 -23.27 -3.65 2.89
C ASP D 508 -21.95 -2.88 3.10
N PRO D 509 -21.38 -2.35 2.01
CA PRO D 509 -20.14 -1.58 2.10
C PRO D 509 -20.32 -0.18 2.71
N SER D 510 -21.55 0.20 3.02
CA SER D 510 -21.87 1.54 3.48
C SER D 510 -21.60 1.82 4.97
N ARG D 511 -21.38 0.76 5.76
CA ARG D 511 -21.12 0.91 7.20
C ARG D 511 -19.87 0.14 7.64
N PRO D 512 -19.04 0.74 8.49
CA PRO D 512 -17.93 -0.01 9.08
C PRO D 512 -18.46 -1.12 9.99
N VAL D 513 -17.68 -2.18 10.15
CA VAL D 513 -18.01 -3.22 11.10
C VAL D 513 -17.05 -3.15 12.26
N GLN D 514 -17.56 -3.29 13.48
CA GLN D 514 -16.71 -3.32 14.66
C GLN D 514 -17.02 -4.51 15.55
N TYR D 515 -16.01 -4.94 16.31
CA TYR D 515 -16.15 -6.01 17.27
C TYR D 515 -14.96 -6.02 18.24
N GLU D 516 -15.26 -5.99 19.54
CA GLU D 516 -14.24 -5.83 20.58
C GLU D 516 -13.53 -7.13 20.98
N GLY D 517 -14.20 -8.27 20.82
CA GLY D 517 -13.67 -9.54 21.33
C GLY D 517 -12.27 -9.87 20.82
N GLY D 518 -11.49 -10.54 21.66
CA GLY D 518 -10.16 -11.00 21.27
C GLY D 518 -9.09 -9.92 21.23
N GLY D 519 -9.38 -8.77 21.86
CA GLY D 519 -8.35 -7.75 22.05
C GLY D 519 -8.58 -6.39 21.40
N ALA D 520 -9.82 -6.14 20.95
CA ALA D 520 -10.28 -4.83 20.45
C ALA D 520 -9.70 -4.35 19.10
N ASP D 521 -8.67 -5.04 18.62
CA ASP D 521 -7.99 -4.63 17.39
C ASP D 521 -7.72 -5.79 16.41
N THR D 522 -8.57 -6.81 16.46
CA THR D 522 -8.42 -7.98 15.59
C THR D 522 -8.72 -7.68 14.12
N THR D 523 -8.60 -8.71 13.29
CA THR D 523 -8.92 -8.64 11.87
C THR D 523 -10.43 -8.61 11.59
N ALA D 524 -11.24 -8.70 12.66
CA ALA D 524 -12.71 -8.67 12.49
C ALA D 524 -13.30 -7.32 12.90
N THR D 525 -12.45 -6.28 12.94
CA THR D 525 -12.94 -4.94 13.28
C THR D 525 -12.28 -3.85 12.43
N ASP D 526 -13.07 -2.85 12.00
CA ASP D 526 -12.57 -1.67 11.30
C ASP D 526 -12.18 -0.56 12.27
N ILE D 527 -12.56 -0.72 13.53
CA ILE D 527 -12.37 0.31 14.53
C ILE D 527 -11.76 -0.33 15.75
N ILE D 528 -10.67 0.24 16.25
CA ILE D 528 -10.14 -0.18 17.55
C ILE D 528 -11.17 0.22 18.59
N CYS D 529 -11.83 -0.76 19.18
CA CYS D 529 -12.97 -0.50 20.05
C CYS D 529 -12.84 -1.18 21.41
N PRO D 530 -11.83 -0.78 22.21
CA PRO D 530 -11.65 -1.42 23.50
C PRO D 530 -12.74 -1.10 24.50
N MET D 531 -12.87 -1.96 25.50
CA MET D 531 -13.70 -1.65 26.64
C MET D 531 -12.81 -1.38 27.86
N TYR D 532 -12.99 -0.18 28.43
CA TYR D 532 -12.30 0.24 29.68
C TYR D 532 -10.78 0.32 29.57
N ALA D 533 -10.28 0.52 28.35
CA ALA D 533 -8.89 0.91 28.15
C ALA D 533 -8.74 2.31 28.75
N ARG D 534 -7.64 2.55 29.43
CA ARG D 534 -7.45 3.82 30.13
C ARG D 534 -6.79 4.88 29.26
N VAL D 535 -6.81 6.12 29.72
CA VAL D 535 -6.27 7.24 28.94
C VAL D 535 -4.76 7.16 28.82
N ASP D 536 -4.09 7.00 29.95
CA ASP D 536 -2.63 7.10 30.03
C ASP D 536 -1.95 5.82 30.50
N GLU D 537 -2.71 5.00 31.23
CA GLU D 537 -2.17 3.81 31.88
C GLU D 537 -2.41 2.55 31.04
N ASP D 538 -1.32 1.84 30.73
CA ASP D 538 -1.41 0.52 30.13
C ASP D 538 -1.92 -0.53 31.13
N GLN D 539 -2.67 -1.50 30.61
CA GLN D 539 -3.06 -2.68 31.37
C GLN D 539 -2.63 -3.90 30.55
N PRO D 540 -1.37 -4.33 30.72
CA PRO D 540 -0.78 -5.28 29.80
C PRO D 540 -1.16 -6.74 30.10
N PHE D 541 -2.46 -7.04 30.10
CA PHE D 541 -2.92 -8.42 30.26
C PHE D 541 -2.35 -9.30 29.15
N PRO D 542 -2.01 -10.55 29.49
CA PRO D 542 -1.53 -11.45 28.44
C PRO D 542 -2.60 -11.63 27.35
N ALA D 543 -2.16 -11.67 26.09
CA ALA D 543 -3.01 -11.97 24.93
C ALA D 543 -3.99 -10.85 24.55
N VAL D 544 -4.68 -10.31 25.55
CA VAL D 544 -5.67 -9.25 25.31
C VAL D 544 -5.36 -7.98 26.12
N PRO D 545 -4.17 -7.38 25.92
CA PRO D 545 -3.86 -6.17 26.70
C PRO D 545 -4.85 -5.04 26.43
N LYS D 546 -4.98 -4.14 27.40
CA LYS D 546 -5.72 -2.90 27.22
C LYS D 546 -4.70 -1.78 27.31
N TRP D 547 -4.17 -1.39 26.15
CA TRP D 547 -3.19 -0.31 26.09
C TRP D 547 -3.85 1.03 26.41
N SER D 548 -3.06 1.95 26.97
CA SER D 548 -3.41 3.36 26.95
C SER D 548 -4.01 3.66 25.58
N ILE D 549 -5.10 4.42 25.52
CA ILE D 549 -5.73 4.70 24.23
C ILE D 549 -4.85 5.57 23.32
N LYS D 550 -4.08 6.46 23.94
CA LYS D 550 -3.14 7.31 23.22
C LYS D 550 -2.02 6.47 22.58
N LYS D 551 -1.54 5.48 23.33
CA LYS D 551 -0.48 4.58 22.84
C LYS D 551 -0.98 3.57 21.79
N TRP D 552 -2.19 3.05 21.98
CA TRP D 552 -2.78 2.06 21.08
C TRP D 552 -2.78 2.56 19.63
N LEU D 553 -3.19 3.81 19.44
CA LEU D 553 -3.26 4.46 18.14
C LEU D 553 -1.94 4.40 17.35
N SER D 554 -0.81 4.53 18.04
CA SER D 554 0.48 4.64 17.35
C SER D 554 1.37 3.38 17.40
N LEU D 555 0.80 2.27 17.87
CA LEU D 555 1.49 0.99 17.83
C LEU D 555 1.91 0.69 16.40
N PRO D 556 3.11 0.10 16.21
CA PRO D 556 3.67 -0.11 14.87
C PRO D 556 2.67 -0.76 13.92
N GLY D 557 2.44 -0.12 12.77
CA GLY D 557 1.51 -0.63 11.77
C GLY D 557 0.04 -0.30 11.96
N GLU D 558 -0.29 0.31 13.11
CA GLU D 558 -1.71 0.59 13.42
C GLU D 558 -2.15 1.90 12.79
N THR D 559 -3.29 1.86 12.11
CA THR D 559 -3.80 3.02 11.37
C THR D 559 -5.27 3.34 11.66
N ARG D 560 -6.00 2.40 12.26
CA ARG D 560 -7.44 2.53 12.50
C ARG D 560 -7.84 3.59 13.54
N PRO D 561 -9.09 4.09 13.46
CA PRO D 561 -9.58 4.98 14.52
C PRO D 561 -9.92 4.21 15.79
N LEU D 562 -9.86 4.90 16.93
CA LEU D 562 -10.17 4.27 18.22
C LEU D 562 -11.43 4.89 18.80
N ILE D 563 -12.44 4.05 19.03
CA ILE D 563 -13.66 4.44 19.71
C ILE D 563 -13.97 3.34 20.72
N LEU D 564 -14.00 3.69 22.01
CA LEU D 564 -14.28 2.69 23.05
C LEU D 564 -15.74 2.22 22.97
N CYS D 565 -15.95 0.92 22.78
CA CYS D 565 -17.31 0.38 22.79
C CYS D 565 -17.92 0.50 24.18
N GLU D 566 -17.07 0.52 25.21
CA GLU D 566 -17.45 0.78 26.60
C GLU D 566 -16.32 1.48 27.37
N TYR D 567 -16.67 2.54 28.10
CA TYR D 567 -15.72 3.21 29.01
C TYR D 567 -16.45 3.91 30.15
N ALA D 568 -15.72 4.32 31.18
CA ALA D 568 -16.28 5.07 32.31
C ALA D 568 -17.46 4.35 32.96
N HIS D 569 -17.17 3.16 33.49
CA HIS D 569 -18.16 2.33 34.17
C HIS D 569 -18.83 3.11 35.30
N ALA D 570 -20.09 3.46 35.08
CA ALA D 570 -20.82 4.41 35.91
C ALA D 570 -21.53 3.78 37.11
N MET D 571 -20.94 2.72 37.68
CA MET D 571 -21.56 1.97 38.77
C MET D 571 -21.56 2.75 40.09
N GLY D 572 -22.76 3.10 40.54
CA GLY D 572 -22.93 3.83 41.79
C GLY D 572 -22.25 5.19 41.76
N ASN D 573 -21.51 5.50 42.82
CA ASN D 573 -20.79 6.75 42.91
C ASN D 573 -19.52 6.65 42.07
N SER D 574 -19.62 7.06 40.80
CA SER D 574 -18.57 6.81 39.82
C SER D 574 -18.40 7.94 38.80
N LEU D 575 -17.74 7.62 37.67
CA LEU D 575 -17.37 8.58 36.63
C LEU D 575 -16.20 9.49 37.04
N GLY D 576 -15.43 9.05 38.04
CA GLY D 576 -14.16 9.71 38.37
C GLY D 576 -13.19 9.64 37.20
N GLY D 577 -12.60 10.79 36.86
CA GLY D 577 -11.63 10.86 35.77
C GLY D 577 -12.27 10.89 34.39
N PHE D 578 -13.55 11.26 34.33
CA PHE D 578 -14.27 11.34 33.07
C PHE D 578 -13.67 12.45 32.19
N ALA D 579 -13.30 13.56 32.82
CA ALA D 579 -12.71 14.71 32.12
C ALA D 579 -11.41 14.36 31.40
N LYS D 580 -10.71 13.35 31.91
CA LYS D 580 -9.46 12.92 31.32
C LYS D 580 -9.67 12.23 29.95
N TYR D 581 -10.76 11.48 29.82
CA TYR D 581 -11.12 10.90 28.53
C TYR D 581 -11.41 11.99 27.51
N TRP D 582 -12.23 12.96 27.90
CA TRP D 582 -12.64 14.01 26.98
C TRP D 582 -11.54 14.96 26.53
N GLN D 583 -10.60 15.22 27.43
CA GLN D 583 -9.41 15.98 27.09
C GLN D 583 -8.65 15.25 25.98
N ALA D 584 -8.47 13.95 26.16
CA ALA D 584 -7.76 13.12 25.19
C ALA D 584 -8.52 13.00 23.86
N PHE D 585 -9.84 12.77 23.93
CA PHE D 585 -10.67 12.78 22.71
C PHE D 585 -10.49 14.06 21.91
N ARG D 586 -10.38 15.21 22.56
CA ARG D 586 -10.30 16.48 21.84
C ARG D 586 -8.90 16.76 21.28
N GLN D 587 -7.88 16.24 21.96
CA GLN D 587 -6.50 16.48 21.54
C GLN D 587 -6.07 15.61 20.35
N TYR D 588 -6.50 14.35 20.34
CA TYR D 588 -6.06 13.34 19.36
C TYR D 588 -7.11 13.07 18.29
N PRO D 589 -6.85 13.48 17.03
CA PRO D 589 -7.84 13.29 15.96
C PRO D 589 -8.40 11.86 15.86
N ARG D 590 -7.54 10.85 15.93
CA ARG D 590 -7.98 9.47 15.78
C ARG D 590 -8.63 8.86 17.02
N LEU D 591 -8.63 9.57 18.15
CA LEU D 591 -9.44 9.19 19.31
C LEU D 591 -10.80 9.84 19.12
N GLN D 592 -11.79 9.06 18.71
CA GLN D 592 -13.05 9.65 18.31
C GLN D 592 -14.17 9.40 19.30
N GLY D 593 -13.79 9.13 20.55
CA GLY D 593 -14.73 9.07 21.67
C GLY D 593 -15.10 7.67 22.12
N GLY D 594 -16.34 7.50 22.54
CA GLY D 594 -16.81 6.20 23.00
C GLY D 594 -18.20 6.16 23.60
N PHE D 595 -18.55 5.00 24.16
CA PHE D 595 -19.85 4.76 24.74
C PHE D 595 -19.73 4.48 26.25
N VAL D 596 -20.27 5.39 27.07
CA VAL D 596 -20.32 5.18 28.52
C VAL D 596 -21.03 3.86 28.83
N TRP D 597 -20.52 3.10 29.81
CA TRP D 597 -21.29 2.01 30.37
C TRP D 597 -21.84 2.38 31.75
N ASP D 598 -23.17 2.57 31.88
CA ASP D 598 -24.12 2.57 30.77
C ASP D 598 -25.28 3.51 31.10
N TRP D 599 -26.39 3.40 30.38
CA TRP D 599 -27.47 4.38 30.52
C TRP D 599 -28.27 4.26 31.81
N VAL D 600 -28.81 3.07 32.08
CA VAL D 600 -29.80 2.92 33.14
C VAL D 600 -29.54 1.72 34.06
N ASP D 601 -29.64 1.93 35.37
CA ASP D 601 -29.58 0.86 36.37
C ASP D 601 -30.56 -0.26 36.03
N GLN D 602 -30.09 -1.50 36.08
CA GLN D 602 -30.97 -2.66 35.90
C GLN D 602 -31.54 -3.14 37.25
N SER D 603 -32.21 -2.23 37.95
CA SER D 603 -32.87 -2.58 39.19
C SER D 603 -34.34 -2.88 38.89
N LEU D 604 -34.88 -3.89 39.56
CA LEU D 604 -36.30 -4.21 39.44
C LEU D 604 -37.05 -3.79 40.69
N ILE D 605 -38.31 -3.39 40.53
CA ILE D 605 -39.16 -3.03 41.66
C ILE D 605 -39.72 -4.26 42.38
N LYS D 606 -39.55 -4.26 43.70
CA LYS D 606 -40.22 -5.21 44.59
C LYS D 606 -41.05 -4.45 45.63
N TYR D 607 -41.95 -5.17 46.31
CA TYR D 607 -42.80 -4.57 47.34
C TYR D 607 -42.60 -5.24 48.70
N ASP D 608 -42.64 -4.43 49.76
CA ASP D 608 -42.60 -4.94 51.13
C ASP D 608 -44.03 -5.21 51.62
N GLU D 609 -44.15 -5.72 52.84
CA GLU D 609 -45.45 -6.09 53.42
C GLU D 609 -46.50 -4.97 53.42
N ASN D 610 -46.03 -3.72 53.52
CA ASN D 610 -46.89 -2.54 53.46
C ASN D 610 -47.32 -2.14 52.04
N GLY D 611 -46.84 -2.87 51.04
CA GLY D 611 -47.10 -2.57 49.63
C GLY D 611 -46.30 -1.38 49.11
N ASN D 612 -45.22 -1.03 49.82
CA ASN D 612 -44.34 0.06 49.42
C ASN D 612 -43.25 -0.42 48.46
N PRO D 613 -43.07 0.29 47.33
CA PRO D 613 -42.09 -0.14 46.33
C PRO D 613 -40.64 0.09 46.78
N TRP D 614 -39.76 -0.82 46.39
CA TRP D 614 -38.32 -0.63 46.55
C TRP D 614 -37.49 -1.24 45.40
N SER D 615 -36.31 -0.69 45.18
CA SER D 615 -35.43 -1.16 44.12
C SER D 615 -34.60 -2.37 44.50
N ALA D 616 -34.71 -3.41 43.68
CA ALA D 616 -34.07 -4.68 43.93
C ALA D 616 -33.01 -4.99 42.88
N TYR D 617 -32.03 -5.80 43.26
CA TYR D 617 -30.98 -6.24 42.35
C TYR D 617 -30.70 -7.74 42.50
N GLY D 618 -29.56 -8.19 41.99
CA GLY D 618 -29.19 -9.61 42.05
C GLY D 618 -29.30 -10.20 43.44
N GLY D 619 -30.00 -11.33 43.55
CA GLY D 619 -30.18 -12.02 44.83
C GLY D 619 -31.56 -11.87 45.46
N ASP D 620 -32.23 -10.77 45.14
CA ASP D 620 -33.47 -10.38 45.81
C ASP D 620 -34.71 -11.15 45.35
N PHE D 621 -34.51 -12.12 44.46
CA PHE D 621 -35.61 -12.94 43.97
C PHE D 621 -35.35 -14.41 44.26
N GLY D 622 -34.45 -14.65 45.21
CA GLY D 622 -34.01 -16.01 45.55
C GLY D 622 -33.10 -16.58 44.48
N ASP D 623 -32.84 -15.78 43.45
CA ASP D 623 -31.99 -16.17 42.32
C ASP D 623 -30.56 -16.44 42.76
N THR D 624 -30.05 -17.62 42.44
CA THR D 624 -28.75 -18.07 42.91
C THR D 624 -28.12 -19.15 42.00
N PRO D 625 -26.81 -19.07 41.73
CA PRO D 625 -25.92 -17.97 42.13
C PRO D 625 -26.24 -16.67 41.39
N ASN D 626 -25.83 -15.53 41.96
CA ASN D 626 -26.11 -14.22 41.40
C ASN D 626 -24.94 -13.26 41.60
N ASP D 627 -24.99 -12.12 40.91
CA ASP D 627 -23.90 -11.16 40.97
C ASP D 627 -24.30 -9.80 41.56
N ARG D 628 -25.35 -9.84 42.39
CA ARG D 628 -25.73 -8.74 43.28
C ARG D 628 -25.97 -7.43 42.54
N GLN D 629 -25.33 -6.35 42.99
CA GLN D 629 -25.61 -5.00 42.50
C GLN D 629 -24.88 -4.65 41.19
N PHE D 630 -24.17 -5.63 40.63
CA PHE D 630 -23.36 -5.39 39.44
C PHE D 630 -24.20 -5.15 38.17
N CYS D 631 -25.51 -5.31 38.29
CA CYS D 631 -26.46 -5.01 37.22
C CYS D 631 -26.85 -3.53 37.20
N MET D 632 -26.45 -2.81 38.24
CA MET D 632 -26.72 -1.37 38.32
C MET D 632 -25.47 -0.56 37.96
N ASN D 633 -25.38 -0.13 36.71
CA ASN D 633 -24.23 0.64 36.23
C ASN D 633 -24.62 1.92 35.48
N GLY D 634 -25.85 2.38 35.72
CA GLY D 634 -26.41 3.44 34.91
C GLY D 634 -26.07 4.86 35.32
N LEU D 635 -26.22 5.77 34.36
CA LEU D 635 -26.13 7.20 34.58
C LEU D 635 -27.44 7.70 35.18
N VAL D 636 -28.52 6.94 34.95
CA VAL D 636 -29.82 7.24 35.54
C VAL D 636 -30.33 6.05 36.35
N PHE D 637 -31.13 6.34 37.37
CA PHE D 637 -31.86 5.29 38.11
C PHE D 637 -32.82 4.61 37.15
N ALA D 638 -33.31 3.43 37.52
CA ALA D 638 -34.24 2.67 36.67
C ALA D 638 -35.48 3.46 36.25
N ASP D 639 -35.91 4.40 37.09
CA ASP D 639 -37.06 5.25 36.74
C ASP D 639 -36.64 6.52 36.00
N ARG D 640 -35.41 6.54 35.48
CA ARG D 640 -34.86 7.64 34.65
C ARG D 640 -34.53 8.94 35.40
N THR D 641 -34.54 8.88 36.72
CA THR D 641 -34.00 9.93 37.57
C THR D 641 -32.47 9.95 37.41
N PRO D 642 -31.88 11.14 37.21
CA PRO D 642 -30.42 11.20 37.04
C PRO D 642 -29.60 10.87 38.29
N HIS D 643 -28.56 10.05 38.13
CA HIS D 643 -27.45 9.98 39.09
C HIS D 643 -26.65 11.27 38.92
N PRO D 644 -25.89 11.67 39.95
CA PRO D 644 -25.11 12.93 39.80
C PRO D 644 -24.04 12.87 38.70
N ALA D 645 -23.56 11.68 38.37
CA ALA D 645 -22.59 11.51 37.28
C ALA D 645 -23.08 12.04 35.92
N LEU D 646 -24.40 12.11 35.73
CA LEU D 646 -24.98 12.56 34.45
C LEU D 646 -24.58 14.00 34.12
N THR D 647 -24.63 14.90 35.11
CA THR D 647 -24.22 16.31 34.88
C THR D 647 -22.74 16.43 34.47
N GLU D 648 -21.88 15.56 35.00
CA GLU D 648 -20.47 15.51 34.59
C GLU D 648 -20.30 15.08 33.12
N ALA D 649 -21.07 14.08 32.71
CA ALA D 649 -21.07 13.66 31.31
C ALA D 649 -21.58 14.76 30.38
N LYS D 650 -22.66 15.44 30.78
CA LYS D 650 -23.21 16.57 30.04
C LYS D 650 -22.16 17.65 29.80
N HIS D 651 -21.48 18.06 30.88
CA HIS D 651 -20.45 19.10 30.84
C HIS D 651 -19.27 18.69 29.94
N GLN D 652 -18.76 17.48 30.12
CA GLN D 652 -17.57 17.07 29.33
C GLN D 652 -17.88 16.88 27.84
N GLN D 653 -19.15 16.57 27.55
CA GLN D 653 -19.63 16.35 26.18
C GLN D 653 -20.23 17.59 25.52
N GLN D 654 -20.01 18.76 26.11
CA GLN D 654 -20.51 20.02 25.56
C GLN D 654 -20.02 20.22 24.12
N PHE D 655 -20.82 20.92 23.32
CA PHE D 655 -20.47 21.15 21.93
C PHE D 655 -19.82 22.53 21.72
N PHE D 656 -19.72 23.30 22.80
CA PHE D 656 -19.01 24.58 22.76
C PHE D 656 -17.85 24.56 23.73
N GLN D 657 -16.69 25.03 23.27
CA GLN D 657 -15.49 25.12 24.10
C GLN D 657 -15.15 26.58 24.31
N PHE D 658 -14.58 26.88 25.47
CA PHE D 658 -14.36 28.26 25.86
C PHE D 658 -12.92 28.53 26.24
N ARG D 659 -12.41 29.70 25.86
CA ARG D 659 -11.14 30.20 26.38
C ARG D 659 -11.34 31.64 26.81
N LEU D 660 -10.66 32.04 27.88
CA LEU D 660 -10.70 33.42 28.36
C LEU D 660 -9.32 34.06 28.26
N SER D 661 -9.28 35.29 27.76
CA SER D 661 -8.04 36.05 27.65
C SER D 661 -8.34 37.53 27.84
N GLY D 662 -7.95 38.06 29.00
CA GLY D 662 -8.28 39.44 29.38
C GLY D 662 -9.78 39.63 29.49
N GLN D 663 -10.34 40.41 28.58
CA GLN D 663 -11.78 40.68 28.55
C GLN D 663 -12.52 39.77 27.58
N THR D 664 -11.74 38.98 26.83
CA THR D 664 -12.25 38.27 25.66
C THR D 664 -12.56 36.80 25.93
N ILE D 665 -13.81 36.42 25.65
CA ILE D 665 -14.23 35.04 25.64
C ILE D 665 -14.20 34.50 24.21
N GLU D 666 -13.43 33.45 24.01
CA GLU D 666 -13.39 32.76 22.74
C GLU D 666 -14.29 31.52 22.79
N VAL D 667 -15.34 31.53 21.98
CA VAL D 667 -16.25 30.38 21.85
C VAL D 667 -15.90 29.61 20.59
N THR D 668 -15.60 28.32 20.75
CA THR D 668 -15.37 27.41 19.63
C THR D 668 -16.50 26.40 19.54
N SER D 669 -17.04 26.22 18.33
CA SER D 669 -18.07 25.22 18.09
C SER D 669 -17.46 23.87 17.75
N GLU D 670 -18.03 22.81 18.32
CA GLU D 670 -17.66 21.45 17.96
C GLU D 670 -18.75 20.76 17.15
N TYR D 671 -19.72 21.53 16.69
CA TYR D 671 -20.64 21.06 15.68
C TYR D 671 -19.91 20.89 14.36
N LEU D 672 -20.25 19.83 13.64
CA LEU D 672 -19.63 19.52 12.37
C LEU D 672 -20.45 20.09 11.23
N PHE D 673 -21.76 20.20 11.43
CA PHE D 673 -22.69 20.55 10.35
C PHE D 673 -23.53 21.79 10.60
N ARG D 674 -24.09 21.93 11.81
CA ARG D 674 -24.97 23.05 12.11
C ARG D 674 -24.29 24.32 12.63
N HIS D 675 -24.91 25.44 12.32
CA HIS D 675 -24.57 26.74 12.84
C HIS D 675 -25.32 26.89 14.17
N SER D 676 -24.79 27.71 15.08
CA SER D 676 -25.41 27.93 16.38
C SER D 676 -26.62 28.87 16.26
N ASP D 677 -27.71 28.36 15.69
CA ASP D 677 -28.88 29.19 15.35
C ASP D 677 -29.97 29.25 16.44
N ASN D 678 -29.70 28.62 17.58
CA ASN D 678 -30.64 28.57 18.71
C ASN D 678 -29.82 28.56 20.00
N GLU D 679 -28.95 29.56 20.13
CA GLU D 679 -27.98 29.62 21.21
C GLU D 679 -27.69 31.07 21.58
N LEU D 680 -27.75 31.37 22.87
CA LEU D 680 -27.19 32.64 23.35
C LEU D 680 -26.28 32.44 24.55
N LEU D 681 -25.31 33.34 24.69
CA LEU D 681 -24.37 33.26 25.79
C LEU D 681 -24.82 34.18 26.92
N HIS D 682 -25.05 33.59 28.10
CA HIS D 682 -25.24 34.35 29.32
C HIS D 682 -23.91 34.39 30.07
N TRP D 683 -23.51 35.58 30.51
CA TRP D 683 -22.35 35.70 31.39
C TRP D 683 -22.71 36.35 32.73
N MET D 684 -21.92 36.04 33.77
CA MET D 684 -22.17 36.51 35.13
C MET D 684 -20.87 36.59 35.93
N VAL D 685 -20.61 37.76 36.50
CA VAL D 685 -19.51 37.92 37.45
C VAL D 685 -20.10 38.01 38.86
N ALA D 686 -19.56 37.22 39.77
CA ALA D 686 -19.94 37.25 41.17
C ALA D 686 -18.72 37.29 42.08
N LEU D 687 -18.83 38.04 43.17
CA LEU D 687 -17.80 38.05 44.21
C LEU D 687 -18.28 37.14 45.33
N ASP D 688 -17.62 36.00 45.48
CA ASP D 688 -18.02 34.98 46.45
C ASP D 688 -19.53 34.83 46.55
N GLY D 689 -20.17 34.54 45.41
CA GLY D 689 -21.60 34.27 45.36
C GLY D 689 -22.50 35.49 45.17
N LYS D 690 -21.96 36.68 45.47
CA LYS D 690 -22.72 37.93 45.33
C LYS D 690 -22.66 38.48 43.90
N PRO D 691 -23.80 38.43 43.17
CA PRO D 691 -23.79 38.90 41.77
C PRO D 691 -23.40 40.36 41.64
N LEU D 692 -22.55 40.66 40.65
CA LEU D 692 -21.99 41.98 40.47
C LEU D 692 -22.37 42.57 39.11
N ALA D 693 -22.13 41.80 38.05
CA ALA D 693 -22.52 42.17 36.69
C ALA D 693 -22.97 40.93 35.91
N SER D 694 -23.87 41.14 34.94
CA SER D 694 -24.34 40.06 34.08
C SER D 694 -24.89 40.61 32.77
N GLY D 695 -24.69 39.85 31.71
CA GLY D 695 -25.20 40.21 30.39
C GLY D 695 -25.51 38.98 29.55
N GLU D 696 -25.84 39.22 28.28
CA GLU D 696 -26.07 38.16 27.32
C GLU D 696 -25.72 38.63 25.91
N VAL D 697 -25.24 37.68 25.11
CA VAL D 697 -24.79 37.95 23.75
C VAL D 697 -25.23 36.79 22.88
N PRO D 698 -25.82 37.07 21.70
CA PRO D 698 -26.20 35.97 20.81
C PRO D 698 -24.96 35.24 20.28
N LEU D 699 -25.08 33.92 20.11
CA LEU D 699 -24.01 33.12 19.52
C LEU D 699 -24.18 32.96 18.02
N ASP D 700 -23.14 33.32 17.28
CA ASP D 700 -23.14 33.19 15.83
C ASP D 700 -21.84 32.49 15.39
N VAL D 701 -21.79 31.18 15.61
CA VAL D 701 -20.61 30.38 15.30
C VAL D 701 -20.94 29.33 14.26
N ALA D 702 -20.16 29.30 13.17
CA ALA D 702 -20.29 28.25 12.16
C ALA D 702 -19.74 26.94 12.74
N PRO D 703 -20.06 25.80 12.11
CA PRO D 703 -19.47 24.55 12.56
C PRO D 703 -17.95 24.62 12.53
N GLN D 704 -17.31 24.17 13.61
CA GLN D 704 -15.86 24.26 13.81
C GLN D 704 -15.35 25.70 13.90
N GLY D 705 -16.26 26.66 13.86
CA GLY D 705 -15.90 28.07 13.89
C GLY D 705 -15.59 28.62 15.28
N LYS D 706 -15.17 29.89 15.32
CA LYS D 706 -14.85 30.58 16.56
C LYS D 706 -15.58 31.91 16.62
N GLN D 707 -16.03 32.30 17.81
CA GLN D 707 -16.56 33.65 18.02
C GLN D 707 -15.86 34.31 19.22
N LEU D 708 -15.41 35.55 19.02
CA LEU D 708 -14.85 36.34 20.12
C LEU D 708 -15.93 37.25 20.71
N ILE D 709 -16.08 37.18 22.03
CA ILE D 709 -17.04 38.01 22.74
C ILE D 709 -16.28 38.86 23.74
N GLU D 710 -16.40 40.18 23.61
CA GLU D 710 -15.71 41.14 24.46
C GLU D 710 -16.62 41.57 25.62
N LEU D 711 -16.19 41.27 26.84
CA LEU D 711 -16.95 41.66 28.03
C LEU D 711 -16.81 43.16 28.27
N PRO D 712 -17.91 43.83 28.66
CA PRO D 712 -17.81 45.25 29.04
C PRO D 712 -16.92 45.43 30.26
N GLU D 713 -16.40 46.64 30.45
CA GLU D 713 -15.51 46.92 31.58
C GLU D 713 -16.19 46.54 32.89
N LEU D 714 -15.54 45.64 33.62
CA LEU D 714 -16.08 45.11 34.86
C LEU D 714 -15.70 46.00 36.03
N PRO D 715 -16.69 46.42 36.84
CA PRO D 715 -16.39 47.27 37.98
C PRO D 715 -15.67 46.51 39.11
N GLN D 716 -14.61 47.11 39.63
CA GLN D 716 -13.86 46.53 40.75
C GLN D 716 -14.69 46.70 42.03
N PRO D 717 -14.77 45.64 42.85
CA PRO D 717 -15.59 45.72 44.07
C PRO D 717 -14.87 46.42 45.23
N GLU D 718 -15.65 47.02 46.12
CA GLU D 718 -15.13 47.62 47.35
C GLU D 718 -15.21 46.61 48.51
N SER D 719 -14.71 45.40 48.25
CA SER D 719 -14.81 44.29 49.18
C SER D 719 -13.78 43.22 48.82
N ALA D 720 -13.21 42.58 49.84
CA ALA D 720 -12.26 41.49 49.65
C ALA D 720 -12.96 40.25 49.11
N GLY D 721 -12.19 39.35 48.47
CA GLY D 721 -12.72 38.08 47.97
C GLY D 721 -12.36 37.76 46.54
N GLN D 722 -12.84 36.61 46.06
CA GLN D 722 -12.55 36.15 44.70
C GLN D 722 -13.71 36.43 43.73
N LEU D 723 -13.40 37.16 42.66
CA LEU D 723 -14.35 37.34 41.55
C LEU D 723 -14.34 36.11 40.65
N TRP D 724 -15.53 35.59 40.37
CA TRP D 724 -15.71 34.45 39.48
C TRP D 724 -16.56 34.81 38.28
N LEU D 725 -16.14 34.38 37.11
CA LEU D 725 -16.93 34.51 35.89
C LEU D 725 -17.57 33.17 35.53
N THR D 726 -18.88 33.20 35.28
CA THR D 726 -19.60 32.02 34.83
C THR D 726 -20.25 32.32 33.47
N VAL D 727 -20.01 31.45 32.49
CA VAL D 727 -20.70 31.55 31.21
C VAL D 727 -21.59 30.34 31.00
N ARG D 728 -22.73 30.56 30.35
CA ARG D 728 -23.57 29.44 29.98
C ARG D 728 -24.22 29.68 28.63
N VAL D 729 -24.38 28.61 27.87
CA VAL D 729 -25.08 28.66 26.60
C VAL D 729 -26.52 28.21 26.83
N VAL D 730 -27.46 29.04 26.40
CA VAL D 730 -28.87 28.79 26.60
C VAL D 730 -29.55 28.71 25.24
N GLN D 731 -30.45 27.75 25.10
CA GLN D 731 -31.28 27.62 23.90
C GLN D 731 -32.62 28.34 24.13
N PRO D 732 -32.80 29.53 23.54
CA PRO D 732 -34.00 30.33 23.81
C PRO D 732 -35.28 29.63 23.37
N ASN D 733 -35.20 28.90 22.27
CA ASN D 733 -36.37 28.25 21.67
C ASN D 733 -36.39 26.75 21.94
N ALA D 734 -37.59 26.21 22.12
CA ALA D 734 -37.78 24.77 22.29
C ALA D 734 -37.36 24.01 21.02
N THR D 735 -37.00 22.75 21.18
CA THR D 735 -36.74 21.85 20.04
C THR D 735 -37.59 20.61 20.19
N ALA D 736 -37.42 19.64 19.30
CA ALA D 736 -38.07 18.34 19.44
C ALA D 736 -37.62 17.59 20.71
N TRP D 737 -36.47 17.96 21.26
CA TRP D 737 -35.84 17.15 22.30
C TRP D 737 -35.57 17.95 23.58
N SER D 738 -35.88 19.24 23.56
CA SER D 738 -35.59 20.12 24.69
C SER D 738 -36.58 21.28 24.84
N GLU D 739 -36.63 21.83 26.05
CA GLU D 739 -37.49 22.95 26.38
C GLU D 739 -36.79 24.28 26.15
N ALA D 740 -37.57 25.34 26.05
CA ALA D 740 -37.05 26.70 25.96
C ALA D 740 -36.29 27.03 27.23
N GLY D 741 -35.10 27.62 27.07
CA GLY D 741 -34.26 27.96 28.21
C GLY D 741 -33.28 26.86 28.62
N HIS D 742 -33.27 25.77 27.86
CA HIS D 742 -32.36 24.65 28.08
C HIS D 742 -30.91 25.13 28.06
N ILE D 743 -30.13 24.69 29.05
CA ILE D 743 -28.72 25.04 29.16
C ILE D 743 -27.90 23.90 28.58
N SER D 744 -27.09 24.21 27.56
CA SER D 744 -26.38 23.16 26.82
C SER D 744 -24.90 23.10 27.15
N ALA D 745 -24.35 24.21 27.63
CA ALA D 745 -22.94 24.31 27.98
C ALA D 745 -22.68 25.37 29.04
N TRP D 746 -21.64 25.16 29.83
CA TRP D 746 -21.19 26.16 30.80
C TRP D 746 -19.69 26.05 31.09
N GLN D 747 -19.11 27.16 31.58
CA GLN D 747 -17.72 27.19 32.03
C GLN D 747 -17.52 28.30 33.07
N GLN D 748 -16.57 28.08 33.97
CA GLN D 748 -16.22 29.06 35.02
C GLN D 748 -14.76 29.44 34.96
N TRP D 749 -14.45 30.67 35.34
CA TRP D 749 -13.06 31.13 35.50
C TRP D 749 -12.95 32.04 36.71
N ARG D 750 -11.82 31.94 37.41
CA ARG D 750 -11.44 32.94 38.39
C ARG D 750 -10.96 34.19 37.69
N LEU D 751 -11.46 35.34 38.14
CA LEU D 751 -10.94 36.62 37.70
C LEU D 751 -10.06 37.20 38.82
N ALA D 752 -10.22 38.49 39.10
CA ALA D 752 -9.42 39.14 40.13
C ALA D 752 -9.74 38.62 41.53
N GLU D 753 -8.71 38.57 42.37
CA GLU D 753 -8.88 38.27 43.79
C GLU D 753 -8.32 39.44 44.61
N ASN D 754 -9.09 39.89 45.58
CA ASN D 754 -8.60 40.84 46.57
C ASN D 754 -8.47 40.10 47.88
N LEU D 755 -7.23 39.88 48.32
CA LEU D 755 -7.00 39.20 49.58
C LEU D 755 -7.32 40.13 50.75
N SER D 756 -8.01 39.59 51.74
CA SER D 756 -8.36 40.36 52.94
C SER D 756 -7.13 40.62 53.80
N VAL D 757 -6.86 41.90 54.05
CA VAL D 757 -5.73 42.29 54.89
C VAL D 757 -6.20 42.94 56.21
N THR D 758 -7.45 43.40 56.22
CA THR D 758 -8.01 44.10 57.38
C THR D 758 -8.17 43.16 58.57
N LEU D 759 -7.68 43.61 59.72
CA LEU D 759 -7.75 42.85 60.97
C LEU D 759 -9.21 42.70 61.44
N PRO D 760 -9.55 41.53 62.01
CA PRO D 760 -10.88 41.35 62.59
C PRO D 760 -11.10 42.28 63.80
N ALA D 761 -12.31 42.82 63.93
CA ALA D 761 -12.67 43.77 64.99
C ALA D 761 -12.41 43.20 66.39
N ALA D 762 -11.56 43.88 67.16
CA ALA D 762 -11.16 43.44 68.50
C ALA D 762 -12.34 43.38 69.45
N SER D 763 -12.46 42.26 70.17
CA SER D 763 -13.56 42.03 71.11
C SER D 763 -13.18 42.45 72.53
N HIS D 764 -14.20 42.67 73.37
CA HIS D 764 -13.98 43.07 74.75
C HIS D 764 -13.87 41.86 75.68
N ALA D 765 -14.72 40.86 75.45
CA ALA D 765 -14.75 39.64 76.26
C ALA D 765 -13.55 38.72 76.03
N ILE D 766 -13.17 37.99 77.08
CA ILE D 766 -12.10 36.99 77.03
C ILE D 766 -12.68 35.64 77.49
N PRO D 767 -12.45 34.57 76.71
CA PRO D 767 -12.98 33.25 77.08
C PRO D 767 -12.31 32.74 78.34
N HIS D 768 -13.06 31.99 79.15
CA HIS D 768 -12.55 31.51 80.42
C HIS D 768 -12.37 30.00 80.47
N LEU D 769 -11.14 29.58 80.80
CA LEU D 769 -10.80 28.16 80.91
C LEU D 769 -11.06 27.61 82.31
N THR D 770 -11.79 26.50 82.35
CA THR D 770 -12.13 25.80 83.59
C THR D 770 -11.59 24.38 83.50
N THR D 771 -10.78 24.00 84.49
CA THR D 771 -10.11 22.70 84.48
C THR D 771 -10.74 21.68 85.45
N SER D 772 -10.78 20.44 85.00
CA SER D 772 -11.24 19.30 85.79
C SER D 772 -10.34 18.12 85.46
N GLU D 773 -10.43 17.05 86.24
CA GLU D 773 -9.66 15.84 85.95
C GLU D 773 -10.16 15.19 84.65
N MET D 774 -11.45 15.33 84.37
CA MET D 774 -12.09 14.74 83.19
C MET D 774 -12.25 15.66 81.96
N ASP D 775 -12.27 16.97 82.16
CA ASP D 775 -12.60 17.91 81.09
C ASP D 775 -11.84 19.23 81.13
N PHE D 776 -11.61 19.81 79.95
CA PHE D 776 -11.32 21.23 79.82
C PHE D 776 -12.61 21.91 79.33
N CYS D 777 -13.03 22.96 80.02
CA CYS D 777 -14.24 23.70 79.62
C CYS D 777 -13.92 25.17 79.37
N ILE D 778 -14.45 25.69 78.27
CA ILE D 778 -14.26 27.09 77.89
C ILE D 778 -15.63 27.73 77.85
N GLU D 779 -15.75 28.91 78.48
CA GLU D 779 -17.00 29.66 78.49
C GLU D 779 -16.78 31.07 77.94
N LEU D 780 -17.71 31.50 77.09
CA LEU D 780 -17.75 32.86 76.58
C LEU D 780 -19.21 33.25 76.38
N GLY D 781 -19.66 34.23 77.16
CA GLY D 781 -21.07 34.60 77.18
C GLY D 781 -21.92 33.36 77.40
N ASN D 782 -22.83 33.09 76.47
CA ASN D 782 -23.77 31.96 76.60
C ASN D 782 -23.29 30.66 75.94
N LYS D 783 -22.05 30.65 75.48
CA LYS D 783 -21.50 29.50 74.77
C LYS D 783 -20.51 28.73 75.63
N ARG D 784 -20.59 27.41 75.57
CA ARG D 784 -19.65 26.53 76.28
C ARG D 784 -19.07 25.47 75.35
N TRP D 785 -17.76 25.22 75.48
CA TRP D 785 -17.07 24.12 74.80
C TRP D 785 -16.47 23.17 75.82
N GLN D 786 -16.68 21.88 75.62
CA GLN D 786 -16.14 20.85 76.52
C GLN D 786 -15.23 19.88 75.78
N PHE D 787 -13.99 19.76 76.27
CA PHE D 787 -12.99 18.85 75.73
C PHE D 787 -12.71 17.72 76.73
N ASN D 788 -13.04 16.49 76.37
CA ASN D 788 -12.77 15.34 77.21
C ASN D 788 -11.27 15.06 77.30
N ARG D 789 -10.75 14.97 78.51
CA ARG D 789 -9.30 14.82 78.73
C ARG D 789 -8.82 13.38 78.63
N GLN D 790 -9.75 12.43 78.63
CA GLN D 790 -9.43 11.01 78.50
C GLN D 790 -9.41 10.59 77.02
N SER D 791 -10.34 11.13 76.24
CA SER D 791 -10.42 10.86 74.81
C SER D 791 -9.60 11.87 73.99
N GLY D 792 -9.58 13.13 74.40
CA GLY D 792 -8.86 14.19 73.70
C GLY D 792 -9.65 14.89 72.61
N PHE D 793 -10.97 14.67 72.60
CA PHE D 793 -11.86 15.26 71.59
C PHE D 793 -12.87 16.24 72.19
N LEU D 794 -13.26 17.23 71.40
CA LEU D 794 -14.39 18.10 71.72
C LEU D 794 -15.62 17.23 71.80
N SER D 795 -16.12 17.05 73.03
CA SER D 795 -17.20 16.10 73.30
C SER D 795 -18.58 16.74 73.38
N GLN D 796 -18.63 18.05 73.62
CA GLN D 796 -19.89 18.76 73.75
C GLN D 796 -19.73 20.27 73.56
N MET D 797 -20.80 20.90 73.09
CA MET D 797 -20.89 22.36 72.97
C MET D 797 -22.28 22.79 73.34
N TRP D 798 -22.40 23.94 74.00
CA TRP D 798 -23.71 24.47 74.38
C TRP D 798 -23.92 25.89 73.88
N ILE D 799 -25.13 26.18 73.41
CA ILE D 799 -25.61 27.54 73.22
C ILE D 799 -26.74 27.72 74.23
N GLY D 800 -26.45 28.44 75.31
CA GLY D 800 -27.33 28.47 76.47
C GLY D 800 -27.28 27.13 77.15
N ASP D 801 -28.43 26.47 77.24
CA ASP D 801 -28.53 25.15 77.89
C ASP D 801 -28.84 24.03 76.90
N LYS D 802 -28.85 24.36 75.61
CA LYS D 802 -29.04 23.36 74.57
C LYS D 802 -27.69 22.80 74.10
N LYS D 803 -27.55 21.48 74.18
CA LYS D 803 -26.36 20.80 73.67
C LYS D 803 -26.35 20.76 72.14
N GLN D 804 -25.15 20.82 71.55
CA GLN D 804 -25.01 20.91 70.09
C GLN D 804 -24.57 19.60 69.44
N LEU D 805 -23.94 18.71 70.21
CA LEU D 805 -23.42 17.45 69.69
C LEU D 805 -24.08 16.23 70.34
N LEU D 806 -24.25 15.18 69.53
CA LEU D 806 -24.73 13.88 70.01
C LEU D 806 -23.58 12.88 70.01
N THR D 807 -22.56 13.16 69.20
CA THR D 807 -21.35 12.35 69.15
C THR D 807 -20.20 13.35 69.07
N PRO D 808 -19.09 13.08 69.79
CA PRO D 808 -17.95 13.99 69.78
C PRO D 808 -17.33 14.20 68.38
N LEU D 809 -16.66 15.33 68.23
CA LEU D 809 -15.90 15.66 67.03
C LEU D 809 -14.61 14.85 66.98
N ARG D 810 -14.54 13.91 66.04
CA ARG D 810 -13.42 12.97 65.95
C ARG D 810 -12.87 12.90 64.54
N ASP D 811 -11.57 12.59 64.41
CA ASP D 811 -10.96 12.37 63.09
C ASP D 811 -11.57 11.16 62.39
N GLN D 812 -11.69 11.25 61.07
CA GLN D 812 -12.15 10.13 60.28
C GLN D 812 -11.21 9.93 59.10
N PHE D 813 -10.78 8.70 58.89
CA PHE D 813 -9.84 8.39 57.81
C PHE D 813 -10.40 7.37 56.81
N THR D 814 -11.65 6.99 56.99
CA THR D 814 -12.28 5.96 56.16
C THR D 814 -13.57 6.48 55.55
N ARG D 815 -14.04 5.80 54.51
CA ARG D 815 -15.36 6.09 53.97
C ARG D 815 -16.14 4.80 53.81
N ALA D 816 -17.47 4.90 53.87
CA ALA D 816 -18.35 3.80 53.52
C ALA D 816 -18.06 3.45 52.05
N PRO D 817 -17.60 2.22 51.81
CA PRO D 817 -17.03 1.87 50.50
C PRO D 817 -17.97 2.07 49.32
N LEU D 818 -17.47 2.77 48.30
CA LEU D 818 -18.16 2.89 47.01
C LEU D 818 -18.06 1.57 46.27
N ASP D 819 -18.89 1.40 45.24
CA ASP D 819 -18.83 0.21 44.41
C ASP D 819 -17.48 0.07 43.72
N ASN D 820 -16.90 1.21 43.32
CA ASN D 820 -15.54 1.23 42.79
C ASN D 820 -14.47 0.78 43.81
N ASP D 821 -14.59 1.24 45.06
CA ASP D 821 -13.71 0.79 46.17
C ASP D 821 -13.81 -0.71 46.38
N ILE D 822 -15.03 -1.25 46.27
CA ILE D 822 -15.30 -2.66 46.52
C ILE D 822 -14.70 -3.53 45.42
N ALA D 823 -14.79 -3.04 44.17
CA ALA D 823 -14.14 -3.65 43.01
C ALA D 823 -14.47 -5.13 42.80
N VAL D 824 -15.77 -5.41 42.73
CA VAL D 824 -16.26 -6.76 42.43
C VAL D 824 -17.14 -6.74 41.17
N SER D 825 -16.89 -7.68 40.25
CA SER D 825 -17.69 -7.83 39.04
C SER D 825 -18.37 -9.19 39.01
N GLU D 826 -17.72 -10.19 39.60
CA GLU D 826 -18.32 -11.49 39.86
C GLU D 826 -18.27 -11.73 41.37
N ALA D 827 -19.45 -11.93 41.97
CA ALA D 827 -19.58 -12.06 43.44
C ALA D 827 -18.61 -13.04 44.10
N THR D 828 -18.17 -14.06 43.35
CA THR D 828 -17.21 -15.04 43.85
C THR D 828 -15.79 -14.48 43.94
N ARG D 829 -15.37 -13.71 42.94
CA ARG D 829 -13.99 -13.23 42.84
C ARG D 829 -13.68 -11.97 43.67
N ILE D 830 -12.64 -12.07 44.49
CA ILE D 830 -12.12 -10.96 45.29
C ILE D 830 -10.71 -10.59 44.82
N ASP D 831 -10.50 -9.31 44.53
CA ASP D 831 -9.18 -8.79 44.19
C ASP D 831 -8.55 -8.17 45.44
N PRO D 832 -7.47 -8.79 45.96
CA PRO D 832 -6.82 -8.28 47.16
C PRO D 832 -6.24 -6.86 46.98
N ASN D 833 -6.02 -6.45 45.73
CA ASN D 833 -5.55 -5.09 45.44
C ASN D 833 -6.65 -4.03 45.53
N ALA D 834 -7.91 -4.46 45.60
CA ALA D 834 -9.05 -3.55 45.77
C ALA D 834 -8.88 -2.64 46.98
N TRP D 835 -9.22 -1.37 46.81
CA TRP D 835 -9.09 -0.39 47.87
C TRP D 835 -9.72 -0.81 49.20
N VAL D 836 -10.94 -1.35 49.15
CA VAL D 836 -11.64 -1.77 50.37
C VAL D 836 -10.89 -2.91 51.07
N GLU D 837 -10.30 -3.81 50.28
CA GLU D 837 -9.57 -4.96 50.82
C GLU D 837 -8.28 -4.50 51.49
N ARG D 838 -7.60 -3.55 50.84
CA ARG D 838 -6.36 -3.02 51.36
C ARG D 838 -6.61 -2.26 52.66
N TRP D 839 -7.68 -1.46 52.70
CA TRP D 839 -8.06 -0.73 53.93
C TRP D 839 -8.42 -1.67 55.07
N LYS D 840 -9.12 -2.76 54.74
CA LYS D 840 -9.54 -3.74 55.74
C LYS D 840 -8.35 -4.50 56.31
N ALA D 841 -7.55 -5.08 55.43
CA ALA D 841 -6.35 -5.82 55.84
C ALA D 841 -5.36 -4.98 56.66
N ALA D 842 -5.42 -3.66 56.50
CA ALA D 842 -4.48 -2.75 57.17
C ALA D 842 -5.05 -2.18 58.48
N GLY D 843 -6.32 -2.45 58.72
CA GLY D 843 -6.96 -2.10 59.98
C GLY D 843 -7.63 -0.74 59.99
N HIS D 844 -7.70 -0.10 58.82
CA HIS D 844 -8.26 1.25 58.71
C HIS D 844 -9.65 1.38 59.34
N TYR D 845 -10.49 0.38 59.12
CA TYR D 845 -11.85 0.36 59.67
C TYR D 845 -11.89 -0.07 61.15
N GLN D 846 -10.81 -0.65 61.64
CA GLN D 846 -10.72 -1.14 63.03
C GLN D 846 -9.90 -0.20 63.95
N ALA D 847 -9.11 0.69 63.34
CA ALA D 847 -8.14 1.52 64.07
C ALA D 847 -8.76 2.38 65.17
N GLU D 848 -8.18 2.28 66.36
CA GLU D 848 -8.65 3.02 67.53
C GLU D 848 -7.72 4.18 67.85
N ALA D 849 -8.31 5.31 68.21
CA ALA D 849 -7.57 6.51 68.58
C ALA D 849 -6.94 6.35 69.97
N ALA D 850 -5.62 6.51 70.03
CA ALA D 850 -4.88 6.56 71.29
C ALA D 850 -4.43 7.99 71.55
N LEU D 851 -4.77 8.51 72.74
CA LEU D 851 -4.36 9.86 73.12
C LEU D 851 -2.89 9.92 73.47
N LEU D 852 -2.20 10.93 72.92
CA LEU D 852 -0.79 11.15 73.19
C LEU D 852 -0.57 12.39 74.03
N GLN D 853 -1.45 13.37 73.85
CA GLN D 853 -1.33 14.68 74.48
C GLN D 853 -2.67 15.41 74.47
N CYS D 854 -2.98 16.03 75.61
CA CYS D 854 -4.12 16.93 75.73
C CYS D 854 -3.79 18.00 76.77
N THR D 855 -3.52 19.22 76.29
CA THR D 855 -3.13 20.34 77.15
C THR D 855 -4.00 21.58 76.89
N ALA D 856 -4.15 22.43 77.90
CA ALA D 856 -4.88 23.69 77.77
C ALA D 856 -4.03 24.87 78.22
N ASP D 857 -4.14 25.96 77.49
CA ASP D 857 -3.34 27.16 77.74
C ASP D 857 -4.20 28.41 77.58
N THR D 858 -3.95 29.39 78.43
CA THR D 858 -4.65 30.67 78.35
C THR D 858 -3.77 31.73 77.68
N LEU D 859 -4.29 32.31 76.61
CA LEU D 859 -3.61 33.39 75.89
C LEU D 859 -4.25 34.73 76.25
N ALA D 860 -3.74 35.81 75.66
CA ALA D 860 -4.23 37.16 75.90
C ALA D 860 -5.74 37.30 75.67
N ASP D 861 -6.21 36.80 74.53
CA ASP D 861 -7.61 36.94 74.13
C ASP D 861 -8.22 35.62 73.66
N ALA D 862 -7.65 34.51 74.13
CA ALA D 862 -8.01 33.18 73.64
C ALA D 862 -7.62 32.04 74.57
N VAL D 863 -8.30 30.90 74.44
CA VAL D 863 -7.89 29.66 75.08
C VAL D 863 -7.42 28.70 73.98
N LEU D 864 -6.27 28.09 74.19
CA LEU D 864 -5.67 27.18 73.23
C LEU D 864 -5.60 25.73 73.74
N ILE D 865 -6.37 24.84 73.10
CA ILE D 865 -6.37 23.40 73.41
C ILE D 865 -5.50 22.69 72.37
N THR D 866 -4.48 21.97 72.85
CA THR D 866 -3.55 21.24 72.00
C THR D 866 -3.74 19.74 72.19
N THR D 867 -3.98 19.02 71.09
CA THR D 867 -4.16 17.56 71.14
C THR D 867 -3.21 16.82 70.20
N ALA D 868 -3.08 15.52 70.44
CA ALA D 868 -2.30 14.62 69.60
C ALA D 868 -2.80 13.19 69.80
N HIS D 869 -3.13 12.51 68.70
CA HIS D 869 -3.62 11.13 68.73
C HIS D 869 -2.84 10.24 67.77
N ALA D 870 -2.77 8.95 68.11
CA ALA D 870 -2.25 7.93 67.21
C ALA D 870 -3.34 6.89 66.94
N TRP D 871 -3.51 6.52 65.67
CA TRP D 871 -4.39 5.40 65.31
C TRP D 871 -3.55 4.21 64.99
N GLN D 872 -3.83 3.10 65.66
CA GLN D 872 -2.97 1.93 65.58
C GLN D 872 -3.76 0.68 65.27
N HIS D 873 -3.09 -0.27 64.63
CA HIS D 873 -3.67 -1.60 64.41
C HIS D 873 -2.56 -2.62 64.60
N GLN D 874 -2.75 -3.50 65.58
CA GLN D 874 -1.77 -4.53 65.92
C GLN D 874 -0.33 -4.01 66.08
N GLY D 875 -0.19 -2.91 66.82
CA GLY D 875 1.11 -2.33 67.13
C GLY D 875 1.68 -1.40 66.06
N LYS D 876 0.99 -1.34 64.92
CA LYS D 876 1.40 -0.47 63.81
C LYS D 876 0.66 0.87 63.86
N THR D 877 1.41 1.97 63.88
CA THR D 877 0.82 3.30 63.85
C THR D 877 0.49 3.69 62.41
N LEU D 878 -0.80 3.91 62.15
CA LEU D 878 -1.29 4.21 60.81
C LEU D 878 -1.32 5.72 60.56
N PHE D 879 -1.89 6.45 61.50
CA PHE D 879 -2.03 7.89 61.39
C PHE D 879 -1.70 8.57 62.71
N ILE D 880 -1.22 9.81 62.62
CA ILE D 880 -1.07 10.68 63.76
C ILE D 880 -1.80 11.99 63.44
N SER D 881 -2.65 12.43 64.36
CA SER D 881 -3.32 13.72 64.22
C SER D 881 -2.92 14.67 65.34
N ARG D 882 -2.37 15.83 64.97
CA ARG D 882 -2.01 16.88 65.92
C ARG D 882 -2.87 18.11 65.66
N LYS D 883 -3.55 18.59 66.69
CA LYS D 883 -4.48 19.71 66.53
C LYS D 883 -4.21 20.87 67.49
N THR D 884 -4.69 22.05 67.11
CA THR D 884 -4.92 23.13 68.05
C THR D 884 -6.33 23.64 67.84
N TYR D 885 -7.05 23.83 68.94
CA TYR D 885 -8.35 24.51 68.92
C TYR D 885 -8.14 25.84 69.61
N ARG D 886 -8.39 26.93 68.89
CA ARG D 886 -8.24 28.27 69.44
C ARG D 886 -9.60 28.95 69.48
N ILE D 887 -10.04 29.24 70.71
CA ILE D 887 -11.33 29.91 70.93
C ILE D 887 -11.10 31.32 71.43
N ASP D 888 -11.49 32.31 70.62
CA ASP D 888 -11.23 33.72 70.94
C ASP D 888 -12.43 34.47 71.54
N GLY D 889 -12.25 35.76 71.78
CA GLY D 889 -13.31 36.61 72.34
C GLY D 889 -14.53 36.82 71.45
N SER D 890 -14.42 36.50 70.16
CA SER D 890 -15.54 36.64 69.23
C SER D 890 -16.32 35.34 69.01
N GLY D 891 -16.03 34.33 69.83
CA GLY D 891 -16.78 33.07 69.82
C GLY D 891 -16.43 32.11 68.68
N GLN D 892 -15.35 32.39 67.98
CA GLN D 892 -14.92 31.55 66.87
C GLN D 892 -13.93 30.50 67.34
N MET D 893 -14.17 29.25 66.97
CA MET D 893 -13.22 28.18 67.25
C MET D 893 -12.41 27.82 65.99
N ALA D 894 -11.14 28.19 65.99
CA ALA D 894 -10.22 27.87 64.90
C ALA D 894 -9.54 26.52 65.17
N ILE D 895 -9.81 25.56 64.30
CA ILE D 895 -9.23 24.23 64.40
C ILE D 895 -8.14 24.02 63.34
N THR D 896 -6.91 23.87 63.79
CA THR D 896 -5.77 23.60 62.93
C THR D 896 -5.38 22.13 63.07
N VAL D 897 -5.42 21.40 61.95
CA VAL D 897 -5.14 19.95 61.96
C VAL D 897 -3.93 19.60 61.09
N ASP D 898 -2.99 18.85 61.66
CA ASP D 898 -1.85 18.29 60.92
C ASP D 898 -1.79 16.78 61.12
N VAL D 899 -1.84 16.05 60.02
CA VAL D 899 -1.91 14.59 60.03
C VAL D 899 -0.67 13.98 59.37
N GLU D 900 -0.16 12.91 59.98
CA GLU D 900 0.85 12.06 59.38
C GLU D 900 0.18 10.76 59.00
N VAL D 901 0.47 10.29 57.79
CA VAL D 901 0.01 8.99 57.33
C VAL D 901 1.26 8.17 57.03
N ALA D 902 1.39 7.03 57.68
CA ALA D 902 2.51 6.13 57.45
C ALA D 902 2.57 5.76 55.97
N SER D 903 3.75 5.92 55.37
CA SER D 903 3.94 5.77 53.93
C SER D 903 3.66 4.35 53.41
N ASP D 904 3.67 3.36 54.30
CA ASP D 904 3.44 1.96 53.92
C ASP D 904 2.04 1.44 54.22
N THR D 905 1.19 2.28 54.80
CA THR D 905 -0.23 1.95 54.88
C THR D 905 -0.90 2.35 53.55
N PRO D 906 -1.96 1.62 53.14
CA PRO D 906 -2.66 2.07 51.92
C PRO D 906 -3.17 3.49 52.10
N HIS D 907 -3.06 4.30 51.05
CA HIS D 907 -3.49 5.69 51.12
C HIS D 907 -4.96 5.76 51.56
N PRO D 908 -5.26 6.60 52.57
CA PRO D 908 -6.59 6.68 53.20
C PRO D 908 -7.64 7.30 52.31
N ALA D 909 -8.91 6.96 52.56
CA ALA D 909 -10.03 7.39 51.73
C ALA D 909 -10.35 8.86 51.91
N ARG D 910 -10.05 9.37 53.11
CA ARG D 910 -10.31 10.77 53.47
C ARG D 910 -9.40 11.18 54.61
N ILE D 911 -9.26 12.48 54.80
CA ILE D 911 -8.56 13.03 55.95
C ILE D 911 -9.40 14.20 56.44
N GLY D 912 -10.20 13.94 57.46
CA GLY D 912 -11.12 14.94 57.99
C GLY D 912 -11.66 14.61 59.36
N LEU D 913 -12.76 15.28 59.70
CA LEU D 913 -13.43 15.12 60.98
C LEU D 913 -14.89 14.76 60.75
N ASN D 914 -15.50 14.14 61.76
CA ASN D 914 -16.94 13.94 61.77
C ASN D 914 -17.54 14.06 63.16
N CYS D 915 -18.84 14.34 63.20
CA CYS D 915 -19.58 14.40 64.44
C CYS D 915 -21.06 14.31 64.10
N GLN D 916 -21.85 13.90 65.08
CA GLN D 916 -23.30 13.93 64.96
C GLN D 916 -23.79 15.18 65.66
N LEU D 917 -24.45 16.05 64.90
CA LEU D 917 -25.06 17.26 65.44
C LEU D 917 -26.46 16.95 65.99
N ALA D 918 -26.85 17.65 67.06
CA ALA D 918 -28.22 17.53 67.61
C ALA D 918 -29.25 18.16 66.68
N GLN D 919 -28.83 19.24 66.01
CA GLN D 919 -29.65 20.01 65.09
C GLN D 919 -30.11 19.20 63.88
N VAL D 920 -31.41 19.27 63.60
CA VAL D 920 -31.94 18.85 62.30
C VAL D 920 -32.54 20.09 61.65
N ALA D 921 -31.86 20.62 60.65
CA ALA D 921 -32.34 21.79 59.95
C ALA D 921 -32.90 21.42 58.58
N GLU D 922 -33.72 22.29 58.02
CA GLU D 922 -34.39 21.98 56.75
C GLU D 922 -33.49 22.24 55.55
N ARG D 923 -32.58 23.20 55.68
CA ARG D 923 -31.76 23.68 54.56
C ARG D 923 -30.26 23.56 54.83
N VAL D 924 -29.50 23.43 53.74
CA VAL D 924 -28.05 23.48 53.79
C VAL D 924 -27.59 24.56 52.81
N ASN D 925 -26.77 25.47 53.31
CA ASN D 925 -26.34 26.62 52.55
C ASN D 925 -24.82 26.60 52.52
N TRP D 926 -24.24 26.62 51.33
CA TRP D 926 -22.77 26.62 51.22
C TRP D 926 -22.24 27.47 50.07
N LEU D 927 -21.04 27.99 50.28
CA LEU D 927 -20.28 28.69 49.25
C LEU D 927 -19.16 27.75 48.81
N GLY D 928 -19.35 27.12 47.65
CA GLY D 928 -18.40 26.15 47.15
C GLY D 928 -18.91 25.52 45.87
N LEU D 929 -18.44 24.31 45.58
CA LEU D 929 -18.78 23.67 44.32
C LEU D 929 -20.13 23.00 44.45
N GLY D 930 -20.98 23.20 43.45
CA GLY D 930 -22.33 22.65 43.48
C GLY D 930 -23.14 22.93 42.21
N PRO D 931 -24.46 22.64 42.26
CA PRO D 931 -25.19 22.24 43.47
C PRO D 931 -25.11 20.75 43.80
N GLN D 932 -24.80 19.94 42.80
CA GLN D 932 -24.90 18.49 42.94
C GLN D 932 -23.67 17.88 43.56
N GLU D 933 -23.82 16.63 44.00
CA GLU D 933 -22.71 15.82 44.47
C GLU D 933 -21.49 15.93 43.54
N ASN D 934 -20.33 16.18 44.11
CA ASN D 934 -19.08 16.25 43.35
C ASN D 934 -17.88 15.81 44.18
N TYR D 935 -16.98 15.05 43.55
CA TYR D 935 -15.77 14.51 44.20
C TYR D 935 -14.53 15.01 43.47
N PRO D 936 -13.34 14.91 44.10
CA PRO D 936 -12.17 15.57 43.52
C PRO D 936 -11.87 15.19 42.05
N ASP D 937 -12.14 13.94 41.69
CA ASP D 937 -11.97 13.50 40.28
C ASP D 937 -13.28 13.48 39.51
N ARG D 938 -14.33 14.07 40.09
CA ARG D 938 -15.58 14.28 39.37
C ARG D 938 -16.22 15.60 39.79
N LEU D 939 -15.52 16.70 39.56
CA LEU D 939 -16.03 18.01 39.97
C LEU D 939 -16.02 19.07 38.88
N THR D 940 -15.70 18.69 37.64
CA THR D 940 -15.58 19.70 36.58
C THR D 940 -16.92 20.36 36.24
N ALA D 941 -18.02 19.60 36.35
CA ALA D 941 -19.37 20.12 36.05
C ALA D 941 -19.88 21.11 37.12
N ALA D 942 -19.43 20.92 38.36
CA ALA D 942 -19.88 21.75 39.48
C ALA D 942 -19.36 23.17 39.30
N CYS D 943 -20.11 24.13 39.81
CA CYS D 943 -19.71 25.53 39.76
C CYS D 943 -19.54 26.13 41.17
N PHE D 944 -18.57 27.02 41.32
CA PHE D 944 -18.38 27.75 42.57
C PHE D 944 -19.39 28.88 42.69
N ASP D 945 -20.21 28.82 43.74
CA ASP D 945 -21.27 29.82 43.97
C ASP D 945 -21.93 29.60 45.33
N ARG D 946 -22.97 30.38 45.60
CA ARG D 946 -23.77 30.24 46.81
C ARG D 946 -24.93 29.29 46.53
N TRP D 947 -24.87 28.11 47.13
CA TRP D 947 -25.89 27.11 46.93
C TRP D 947 -26.68 26.93 48.22
N ASP D 948 -27.97 26.62 48.04
CA ASP D 948 -28.90 26.46 49.14
C ASP D 948 -29.93 25.40 48.73
N LEU D 949 -29.83 24.23 49.35
CA LEU D 949 -30.72 23.12 49.04
C LEU D 949 -31.40 22.58 50.30
N PRO D 950 -32.53 21.85 50.15
CA PRO D 950 -33.05 21.13 51.32
C PRO D 950 -32.06 20.02 51.72
N LEU D 951 -32.08 19.62 52.98
CA LEU D 951 -31.14 18.64 53.51
C LEU D 951 -31.15 17.32 52.73
N SER D 952 -32.35 16.87 52.33
CA SER D 952 -32.49 15.62 51.58
C SER D 952 -31.74 15.59 50.23
N ASP D 953 -31.55 16.76 49.60
CA ASP D 953 -30.78 16.87 48.35
C ASP D 953 -29.28 16.65 48.55
N MET D 954 -28.83 16.71 49.81
CA MET D 954 -27.42 16.54 50.16
C MET D 954 -27.08 15.09 50.40
N TYR D 955 -28.06 14.23 50.13
CA TYR D 955 -27.88 12.79 50.13
C TYR D 955 -28.29 12.24 48.76
N THR D 956 -27.41 11.42 48.18
CA THR D 956 -27.70 10.75 46.91
C THR D 956 -28.15 9.33 47.19
N PRO D 957 -29.38 8.99 46.78
CA PRO D 957 -29.99 7.67 47.09
C PRO D 957 -29.51 6.50 46.21
N TYR D 958 -28.20 6.26 46.20
CA TYR D 958 -27.66 5.10 45.48
C TYR D 958 -28.30 3.84 46.01
N VAL D 959 -28.79 2.99 45.11
CA VAL D 959 -29.54 1.80 45.54
C VAL D 959 -28.71 0.94 46.49
N PHE D 960 -27.44 0.71 46.14
CA PHE D 960 -26.49 0.19 47.09
C PHE D 960 -25.82 1.37 47.79
N PRO D 961 -26.08 1.55 49.09
CA PRO D 961 -25.59 2.72 49.82
C PRO D 961 -24.07 2.74 49.97
N SER D 962 -23.51 3.95 49.98
CA SER D 962 -22.07 4.17 50.11
C SER D 962 -21.83 5.62 50.50
N GLU D 963 -20.57 5.97 50.74
CA GLU D 963 -20.17 7.38 50.78
C GLU D 963 -20.85 8.10 49.62
N ASN D 964 -21.43 9.26 49.89
CA ASN D 964 -22.22 9.98 48.91
C ASN D 964 -22.45 11.42 49.35
N GLY D 965 -22.83 12.26 48.40
CA GLY D 965 -23.29 13.60 48.72
C GLY D 965 -22.21 14.65 48.94
N LEU D 966 -20.94 14.27 48.81
CA LEU D 966 -19.85 15.22 49.03
C LEU D 966 -19.93 16.40 48.08
N ARG D 967 -19.45 17.54 48.56
CA ARG D 967 -19.27 18.75 47.78
C ARG D 967 -17.89 19.25 48.10
N CYS D 968 -17.10 19.55 47.07
CA CYS D 968 -15.73 19.95 47.25
C CYS D 968 -15.57 21.46 47.14
N GLY D 969 -14.36 21.94 47.42
CA GLY D 969 -13.98 23.34 47.22
C GLY D 969 -14.84 24.32 47.99
N THR D 970 -15.23 23.94 49.20
CA THR D 970 -16.15 24.75 49.98
C THR D 970 -15.41 25.64 50.97
N ARG D 971 -15.76 26.93 50.96
CA ARG D 971 -15.14 27.92 51.83
C ARG D 971 -16.02 28.27 53.03
N GLU D 972 -17.32 27.98 52.91
CA GLU D 972 -18.28 28.31 53.96
C GLU D 972 -19.47 27.36 53.92
N LEU D 973 -19.73 26.71 55.04
CA LEU D 973 -20.92 25.88 55.21
C LEU D 973 -21.81 26.42 56.32
N ASN D 974 -23.11 26.50 56.05
CA ASN D 974 -24.10 26.97 57.04
C ASN D 974 -25.18 25.93 57.26
N TYR D 975 -25.42 25.60 58.52
CA TYR D 975 -26.44 24.62 58.89
C TYR D 975 -27.03 24.95 60.25
N GLY D 976 -28.32 25.34 60.26
CA GLY D 976 -28.97 25.86 61.45
C GLY D 976 -28.16 27.03 61.98
N PRO D 977 -27.74 26.96 63.25
CA PRO D 977 -26.98 28.05 63.86
C PRO D 977 -25.49 28.01 63.49
N HIS D 978 -25.05 26.88 62.94
CA HIS D 978 -23.62 26.62 62.70
C HIS D 978 -23.09 27.21 61.41
N GLN D 979 -21.88 27.75 61.49
CA GLN D 979 -21.11 28.11 60.32
C GLN D 979 -19.69 27.54 60.45
N TRP D 980 -19.26 26.81 59.43
CA TRP D 980 -17.88 26.39 59.27
C TRP D 980 -17.26 27.11 58.09
N ARG D 981 -16.04 27.62 58.28
CA ARG D 981 -15.29 28.29 57.22
C ARG D 981 -13.90 27.68 57.06
N GLY D 982 -13.40 27.68 55.82
CA GLY D 982 -12.05 27.20 55.53
C GLY D 982 -11.90 26.87 54.06
N ASP D 983 -11.38 25.67 53.77
CA ASP D 983 -11.24 25.18 52.40
C ASP D 983 -11.33 23.66 52.43
N PHE D 984 -12.55 23.16 52.35
CA PHE D 984 -12.82 21.77 52.70
C PHE D 984 -13.82 21.10 51.78
N GLN D 985 -13.98 19.80 51.98
CA GLN D 985 -15.00 19.02 51.31
C GLN D 985 -15.92 18.52 52.42
N PHE D 986 -17.21 18.38 52.13
CA PHE D 986 -18.16 17.97 53.16
C PHE D 986 -19.30 17.18 52.58
N ASN D 987 -19.85 16.28 53.40
CA ASN D 987 -21.20 15.80 53.18
C ASN D 987 -22.00 15.91 54.49
N ILE D 988 -23.32 15.97 54.36
CA ILE D 988 -24.19 16.21 55.51
C ILE D 988 -25.51 15.48 55.30
N SER D 989 -25.87 14.62 56.26
CA SER D 989 -27.03 13.75 56.12
C SER D 989 -27.46 13.16 57.45
N ARG D 990 -28.57 12.43 57.41
CA ARG D 990 -29.09 11.72 58.57
C ARG D 990 -28.54 10.30 58.69
N TYR D 991 -27.58 9.94 57.84
CA TYR D 991 -27.00 8.58 57.85
C TYR D 991 -25.51 8.60 58.09
N SER D 992 -25.08 7.88 59.12
CA SER D 992 -23.66 7.78 59.47
C SER D 992 -22.93 6.95 58.41
N GLN D 993 -21.62 7.19 58.27
CA GLN D 993 -20.78 6.36 57.42
C GLN D 993 -20.92 4.90 57.82
N GLN D 994 -20.97 4.64 59.12
CA GLN D 994 -21.18 3.29 59.65
C GLN D 994 -22.46 2.63 59.15
N GLN D 995 -23.57 3.37 59.16
CA GLN D 995 -24.83 2.80 58.67
C GLN D 995 -24.79 2.54 57.16
N LEU D 996 -24.24 3.49 56.40
CA LEU D 996 -24.12 3.36 54.95
C LEU D 996 -23.29 2.12 54.59
N MET D 997 -22.24 1.88 55.38
CA MET D 997 -21.32 0.75 55.27
C MET D 997 -21.98 -0.60 55.55
N GLU D 998 -23.03 -0.59 56.37
CA GLU D 998 -23.65 -1.82 56.86
C GLU D 998 -24.95 -2.18 56.15
N THR D 999 -25.47 -1.26 55.34
CA THR D 999 -26.77 -1.44 54.69
C THR D 999 -26.63 -1.68 53.19
N SER D 1000 -27.24 -2.77 52.71
CA SER D 1000 -27.07 -3.21 51.32
C SER D 1000 -28.07 -2.58 50.36
N HIS D 1001 -29.15 -2.02 50.90
CA HIS D 1001 -30.21 -1.42 50.11
C HIS D 1001 -30.64 -0.08 50.69
N ARG D 1002 -30.90 0.90 49.82
CA ARG D 1002 -31.27 2.24 50.25
C ARG D 1002 -32.59 2.31 51.02
N HIS D 1003 -33.49 1.37 50.75
CA HIS D 1003 -34.81 1.35 51.38
C HIS D 1003 -34.74 0.87 52.84
N LEU D 1004 -33.63 0.22 53.20
CA LEU D 1004 -33.44 -0.27 54.57
C LEU D 1004 -32.74 0.75 55.48
N LEU D 1005 -32.37 1.89 54.91
CA LEU D 1005 -31.77 3.01 55.67
C LEU D 1005 -32.81 3.69 56.54
N HIS D 1006 -32.36 4.14 57.71
CA HIS D 1006 -33.23 4.89 58.62
C HIS D 1006 -32.52 6.16 59.09
N ALA D 1007 -33.24 7.27 59.14
CA ALA D 1007 -32.70 8.53 59.64
C ALA D 1007 -32.31 8.37 61.10
N GLU D 1008 -31.07 8.75 61.41
CA GLU D 1008 -30.56 8.71 62.76
C GLU D 1008 -30.94 10.03 63.43
N GLU D 1009 -30.86 10.07 64.76
CA GLU D 1009 -31.11 11.29 65.52
C GLU D 1009 -30.13 12.38 65.07
N GLY D 1010 -30.64 13.58 64.82
CA GLY D 1010 -29.77 14.67 64.38
C GLY D 1010 -29.12 14.43 63.03
N THR D 1011 -27.98 15.08 62.82
CA THR D 1011 -27.35 15.13 61.50
C THR D 1011 -25.87 14.76 61.55
N TRP D 1012 -25.46 13.82 60.70
CA TRP D 1012 -24.05 13.45 60.59
C TRP D 1012 -23.31 14.37 59.64
N LEU D 1013 -22.28 15.02 60.17
CA LEU D 1013 -21.41 15.90 59.38
C LEU D 1013 -20.03 15.29 59.21
N ASN D 1014 -19.63 15.11 57.95
CA ASN D 1014 -18.25 14.76 57.62
C ASN D 1014 -17.62 15.95 56.91
N ILE D 1015 -16.61 16.55 57.53
CA ILE D 1015 -15.86 17.65 56.92
C ILE D 1015 -14.42 17.18 56.70
N ASP D 1016 -13.98 17.23 55.45
CA ASP D 1016 -12.69 16.71 55.07
C ASP D 1016 -11.79 17.83 54.61
N GLY D 1017 -10.52 17.76 55.02
CA GLY D 1017 -9.50 18.60 54.40
C GLY D 1017 -9.14 18.01 53.04
N PHE D 1018 -9.23 16.69 52.95
CA PHE D 1018 -8.83 15.93 51.76
C PHE D 1018 -9.70 14.70 51.62
N HIS D 1019 -10.05 14.39 50.37
CA HIS D 1019 -10.83 13.20 50.06
C HIS D 1019 -10.23 12.50 48.84
N MET D 1020 -10.27 11.18 48.82
CA MET D 1020 -9.74 10.39 47.71
C MET D 1020 -10.69 10.42 46.51
N GLY D 1021 -10.14 10.29 45.30
CA GLY D 1021 -10.95 10.18 44.11
C GLY D 1021 -11.84 8.94 44.18
N ILE D 1022 -12.87 8.91 43.35
CA ILE D 1022 -13.82 7.79 43.34
C ILE D 1022 -13.47 6.76 42.26
N GLY D 1023 -12.69 7.20 41.27
CA GLY D 1023 -12.32 6.37 40.12
C GLY D 1023 -13.49 5.96 39.24
N GLY D 1024 -13.33 4.86 38.52
CA GLY D 1024 -14.42 4.34 37.69
C GLY D 1024 -14.06 3.97 36.27
N ASP D 1025 -12.79 4.10 35.89
CA ASP D 1025 -12.31 3.60 34.59
C ASP D 1025 -12.84 2.19 34.40
N ASP D 1026 -12.75 1.40 35.47
CA ASP D 1026 -13.60 0.23 35.66
C ASP D 1026 -14.01 0.11 37.12
N SER D 1027 -14.79 -0.93 37.44
CA SER D 1027 -15.29 -1.13 38.79
C SER D 1027 -14.94 -2.49 39.35
N TRP D 1028 -13.84 -3.07 38.88
CA TRP D 1028 -13.43 -4.42 39.28
C TRP D 1028 -11.94 -4.53 39.49
N SER D 1029 -11.30 -3.37 39.65
CA SER D 1029 -9.87 -3.25 39.94
C SER D 1029 -9.63 -1.82 40.45
N PRO D 1030 -8.47 -1.57 41.09
CA PRO D 1030 -8.15 -0.20 41.51
C PRO D 1030 -8.19 0.76 40.32
N SER D 1031 -9.03 1.78 40.38
CA SER D 1031 -9.25 2.66 39.23
C SER D 1031 -9.10 4.15 39.55
N VAL D 1032 -8.58 4.46 40.73
CA VAL D 1032 -8.37 5.85 41.12
C VAL D 1032 -6.98 6.26 40.68
N SER D 1033 -6.90 7.34 39.91
CA SER D 1033 -5.66 7.81 39.34
C SER D 1033 -4.74 8.33 40.44
N ALA D 1034 -3.43 8.13 40.28
CA ALA D 1034 -2.43 8.46 41.32
C ALA D 1034 -2.56 9.87 41.88
N GLU D 1035 -2.84 10.84 41.02
CA GLU D 1035 -2.96 12.25 41.41
C GLU D 1035 -4.20 12.53 42.29
N PHE D 1036 -5.08 11.54 42.41
CA PHE D 1036 -6.25 11.66 43.27
C PHE D 1036 -6.20 10.75 44.50
N GLN D 1037 -5.05 10.12 44.71
CA GLN D 1037 -4.82 9.30 45.89
C GLN D 1037 -4.16 10.16 46.95
N LEU D 1038 -4.46 9.87 48.21
CA LEU D 1038 -3.94 10.68 49.30
C LEU D 1038 -2.59 10.14 49.75
N SER D 1039 -1.56 10.44 48.96
CA SER D 1039 -0.23 9.85 49.12
C SER D 1039 0.89 10.79 49.65
N ALA D 1040 0.53 12.03 49.99
CA ALA D 1040 1.51 13.05 50.38
C ALA D 1040 2.24 12.80 51.71
N GLY D 1041 1.68 11.97 52.57
CA GLY D 1041 2.32 11.65 53.86
C GLY D 1041 1.97 12.61 54.98
N ARG D 1042 2.08 13.91 54.71
CA ARG D 1042 1.72 14.93 55.69
C ARG D 1042 0.67 15.86 55.10
N TYR D 1043 -0.37 16.10 55.90
CA TYR D 1043 -1.54 16.85 55.46
C TYR D 1043 -1.90 17.95 56.45
N HIS D 1044 -2.31 19.10 55.92
CA HIS D 1044 -2.70 20.24 56.75
C HIS D 1044 -4.01 20.82 56.27
N TYR D 1045 -4.90 21.10 57.22
CA TYR D 1045 -6.11 21.89 56.95
C TYR D 1045 -6.55 22.65 58.18
N GLN D 1046 -7.37 23.68 57.97
CA GLN D 1046 -7.92 24.47 59.05
C GLN D 1046 -9.39 24.75 58.86
N LEU D 1047 -10.14 24.66 59.96
CA LEU D 1047 -11.55 25.00 59.99
C LEU D 1047 -11.80 26.06 61.04
N VAL D 1048 -12.72 26.97 60.74
CA VAL D 1048 -13.24 27.87 61.77
C VAL D 1048 -14.72 27.57 61.97
N TRP D 1049 -15.06 27.20 63.21
CA TRP D 1049 -16.44 26.89 63.62
C TRP D 1049 -16.98 28.05 64.47
N CYS D 1050 -18.15 28.56 64.12
CA CYS D 1050 -18.78 29.65 64.87
C CYS D 1050 -20.30 29.65 64.70
N GLN D 1051 -20.94 30.71 65.20
CA GLN D 1051 -22.40 30.81 65.15
C GLN D 1051 -22.92 31.94 64.26
N LYS D 1052 -23.62 31.55 63.19
CA LYS D 1052 -24.25 32.49 62.26
C LYS D 1052 -25.32 33.30 62.98
#